data_2BJX
#
_entry.id   2BJX
#
_cell.length_a   1.000
_cell.length_b   1.000
_cell.length_c   1.000
_cell.angle_alpha   90.00
_cell.angle_beta   90.00
_cell.angle_gamma   90.00
#
_symmetry.space_group_name_H-M   'P 1'
#
_entity_poly.entity_id   1
_entity_poly.type   'polypeptide(L)'
_entity_poly.pdbx_seq_one_letter_code
;AATTLPDGAAAESLVESSEVAVIGFFKDVESDSAKQFLQAAEAIDDIPFGITSNSDVFSKYQLDKDGVVLFKKFDEGRNN
FEGEVTKENLLDFIKHNQLPLVIEFTEQTA
;
_entity_poly.pdbx_strand_id   A
#
# COMPACT_ATOMS: atom_id res chain seq x y z
N ALA A 1 4.94 -4.00 10.08
CA ALA A 1 6.25 -4.20 9.40
C ALA A 1 6.03 -4.47 7.91
N ALA A 2 6.95 -4.06 7.08
CA ALA A 2 6.79 -4.31 5.62
C ALA A 2 7.74 -5.41 5.16
N THR A 3 7.30 -6.25 4.27
CA THR A 3 8.17 -7.36 3.78
C THR A 3 9.05 -6.88 2.63
N THR A 4 9.99 -7.67 2.22
CA THR A 4 10.88 -7.26 1.09
C THR A 4 10.49 -8.00 -0.19
N LEU A 5 9.85 -7.32 -1.10
CA LEU A 5 9.44 -8.00 -2.36
C LEU A 5 10.64 -8.07 -3.32
N PRO A 6 10.90 -9.24 -3.85
CA PRO A 6 12.04 -9.41 -4.78
C PRO A 6 11.71 -8.78 -6.14
N ASP A 7 10.53 -9.01 -6.64
CA ASP A 7 10.16 -8.41 -7.97
C ASP A 7 8.65 -8.32 -8.10
N GLY A 8 8.19 -8.02 -9.29
CA GLY A 8 6.71 -7.92 -9.52
C GLY A 8 6.06 -9.26 -9.20
N ALA A 9 6.81 -10.32 -9.27
CA ALA A 9 6.23 -11.68 -8.98
C ALA A 9 5.61 -11.68 -7.58
N ALA A 10 6.14 -10.91 -6.67
CA ALA A 10 5.57 -10.88 -5.29
C ALA A 10 4.45 -9.85 -5.20
N ALA A 11 4.53 -8.80 -5.96
CA ALA A 11 3.46 -7.76 -5.93
C ALA A 11 2.12 -8.38 -6.29
N GLU A 12 2.13 -9.38 -7.13
CA GLU A 12 0.86 -10.04 -7.53
C GLU A 12 0.49 -11.15 -6.53
N SER A 13 1.47 -11.87 -6.06
CA SER A 13 1.20 -12.96 -5.09
C SER A 13 0.85 -12.37 -3.72
N LEU A 14 1.40 -11.23 -3.41
CA LEU A 14 1.10 -10.60 -2.08
C LEU A 14 -0.39 -10.29 -1.97
N VAL A 15 -0.93 -9.55 -2.90
CA VAL A 15 -2.39 -9.22 -2.84
C VAL A 15 -3.21 -10.50 -2.76
N GLU A 16 -2.68 -11.59 -3.25
CA GLU A 16 -3.44 -12.88 -3.22
C GLU A 16 -3.26 -13.56 -1.85
N SER A 17 -2.14 -13.34 -1.21
CA SER A 17 -1.90 -13.98 0.11
C SER A 17 -2.97 -13.52 1.13
N SER A 18 -3.46 -12.32 0.98
CA SER A 18 -4.49 -11.82 1.93
C SER A 18 -5.47 -10.90 1.22
N GLU A 19 -6.64 -10.72 1.77
CA GLU A 19 -7.64 -9.82 1.11
C GLU A 19 -7.12 -8.37 1.09
N VAL A 20 -6.50 -7.95 2.15
CA VAL A 20 -5.97 -6.55 2.19
C VAL A 20 -4.44 -6.57 2.24
N ALA A 21 -3.80 -5.84 1.36
CA ALA A 21 -2.31 -5.82 1.35
C ALA A 21 -1.83 -4.54 0.65
N VAL A 22 -0.73 -3.99 1.09
CA VAL A 22 -0.22 -2.74 0.45
C VAL A 22 1.23 -2.94 0.00
N ILE A 23 1.62 -2.25 -1.03
CA ILE A 23 3.01 -2.37 -1.52
C ILE A 23 3.52 -1.01 -1.99
N GLY A 24 4.56 -0.50 -1.40
CA GLY A 24 5.09 0.83 -1.81
C GLY A 24 6.13 0.66 -2.91
N PHE A 25 6.46 1.72 -3.58
CA PHE A 25 7.48 1.64 -4.67
C PHE A 25 8.51 2.75 -4.47
N PHE A 26 9.31 2.66 -3.45
CA PHE A 26 10.33 3.74 -3.21
C PHE A 26 11.63 3.44 -3.94
N LYS A 27 12.16 4.42 -4.61
CA LYS A 27 13.44 4.21 -5.35
C LYS A 27 14.62 4.20 -4.36
N ASP A 28 14.48 4.89 -3.26
CA ASP A 28 15.58 4.92 -2.25
C ASP A 28 15.03 4.53 -0.88
N VAL A 29 14.74 3.28 -0.68
CA VAL A 29 14.20 2.84 0.65
C VAL A 29 15.10 3.31 1.79
N GLU A 30 16.36 3.59 1.50
CA GLU A 30 17.28 4.05 2.57
C GLU A 30 17.19 5.57 2.76
N SER A 31 16.18 6.20 2.20
CA SER A 31 16.04 7.67 2.35
C SER A 31 15.05 8.00 3.47
N ASP A 32 14.56 9.21 3.51
CA ASP A 32 13.58 9.58 4.58
C ASP A 32 12.16 9.18 4.15
N SER A 33 11.80 9.45 2.92
CA SER A 33 10.43 9.08 2.45
C SER A 33 10.14 7.60 2.75
N ALA A 34 11.16 6.79 2.80
CA ALA A 34 10.95 5.34 3.08
C ALA A 34 10.89 5.10 4.60
N LYS A 35 11.67 5.85 5.35
CA LYS A 35 11.66 5.66 6.82
C LYS A 35 10.23 5.79 7.37
N GLN A 36 9.54 6.83 7.00
CA GLN A 36 8.14 7.01 7.49
C GLN A 36 7.28 5.79 7.11
N PHE A 37 7.49 5.27 5.93
CA PHE A 37 6.69 4.09 5.49
C PHE A 37 6.77 2.98 6.55
N LEU A 38 7.94 2.46 6.78
CA LEU A 38 8.09 1.38 7.79
C LEU A 38 7.50 1.82 9.13
N GLN A 39 7.90 2.97 9.62
CA GLN A 39 7.37 3.45 10.91
C GLN A 39 5.84 3.44 10.89
N ALA A 40 5.24 4.00 9.88
CA ALA A 40 3.75 4.00 9.80
C ALA A 40 3.24 2.57 9.63
N ALA A 41 4.03 1.72 9.01
CA ALA A 41 3.60 0.31 8.82
C ALA A 41 3.66 -0.45 10.14
N GLU A 42 4.61 -0.13 10.98
CA GLU A 42 4.72 -0.82 12.28
C GLU A 42 3.42 -0.68 13.07
N ALA A 43 2.64 0.32 12.76
CA ALA A 43 1.35 0.50 13.50
C ALA A 43 0.46 -0.73 13.33
N ILE A 44 0.25 -1.15 12.11
CA ILE A 44 -0.61 -2.35 11.88
C ILE A 44 0.26 -3.58 11.63
N ASP A 45 -0.11 -4.71 12.17
CA ASP A 45 0.70 -5.95 11.96
C ASP A 45 -0.11 -7.01 11.21
N ASP A 46 -1.41 -6.91 11.26
CA ASP A 46 -2.26 -7.92 10.56
C ASP A 46 -2.24 -7.68 9.05
N ILE A 47 -1.70 -6.57 8.60
CA ILE A 47 -1.66 -6.30 7.13
C ILE A 47 -0.26 -6.63 6.57
N PRO A 48 -0.22 -7.38 5.51
CA PRO A 48 1.08 -7.76 4.89
C PRO A 48 1.67 -6.58 4.12
N PHE A 49 2.27 -5.64 4.81
CA PHE A 49 2.87 -4.47 4.11
C PHE A 49 4.10 -4.93 3.31
N GLY A 50 4.27 -4.43 2.12
CA GLY A 50 5.45 -4.84 1.31
C GLY A 50 6.12 -3.59 0.71
N ILE A 51 7.41 -3.65 0.50
CA ILE A 51 8.11 -2.46 -0.08
C ILE A 51 9.31 -2.89 -0.92
N THR A 52 9.50 -2.28 -2.05
CA THR A 52 10.66 -2.65 -2.92
C THR A 52 11.13 -1.46 -3.74
N SER A 53 12.35 -1.51 -4.16
CA SER A 53 12.91 -0.41 -4.99
C SER A 53 13.32 -0.97 -6.36
N ASN A 54 13.13 -2.24 -6.58
CA ASN A 54 13.51 -2.83 -7.90
C ASN A 54 12.88 -2.04 -9.04
N SER A 55 13.07 -2.45 -10.26
CA SER A 55 12.47 -1.72 -11.42
C SER A 55 11.31 -2.52 -12.00
N ASP A 56 11.42 -3.83 -12.01
CA ASP A 56 10.31 -4.65 -12.56
C ASP A 56 9.02 -4.36 -11.80
N VAL A 57 9.12 -4.02 -10.54
CA VAL A 57 7.90 -3.71 -9.75
C VAL A 57 7.40 -2.32 -10.11
N PHE A 58 8.28 -1.44 -10.48
CA PHE A 58 7.86 -0.06 -10.86
C PHE A 58 7.26 -0.07 -12.26
N SER A 59 8.01 -0.52 -13.24
CA SER A 59 7.49 -0.57 -14.63
C SER A 59 6.15 -1.32 -14.66
N LYS A 60 5.92 -2.17 -13.69
CA LYS A 60 4.64 -2.93 -13.67
C LYS A 60 3.45 -1.98 -13.63
N TYR A 61 3.39 -1.12 -12.64
CA TYR A 61 2.25 -0.16 -12.54
C TYR A 61 2.59 1.14 -13.28
N GLN A 62 3.57 1.12 -14.14
CA GLN A 62 3.93 2.35 -14.89
C GLN A 62 4.19 3.49 -13.92
N LEU A 63 5.22 3.39 -13.12
CA LEU A 63 5.53 4.48 -12.15
C LEU A 63 6.79 5.24 -12.59
N ASP A 64 6.63 6.38 -13.19
CA ASP A 64 7.81 7.16 -13.64
C ASP A 64 8.74 7.43 -12.45
N LYS A 65 8.20 7.45 -11.26
CA LYS A 65 9.05 7.69 -10.06
C LYS A 65 8.54 6.87 -8.88
N ASP A 66 8.98 7.18 -7.69
CA ASP A 66 8.52 6.41 -6.50
C ASP A 66 7.04 6.69 -6.23
N GLY A 67 6.40 5.86 -5.45
CA GLY A 67 4.96 6.09 -5.15
C GLY A 67 4.42 4.93 -4.31
N VAL A 68 3.53 5.21 -3.39
CA VAL A 68 2.97 4.12 -2.54
C VAL A 68 1.49 3.91 -2.84
N VAL A 69 1.09 2.70 -3.10
CA VAL A 69 -0.34 2.42 -3.39
C VAL A 69 -0.80 1.20 -2.57
N LEU A 70 -2.08 0.99 -2.43
CA LEU A 70 -2.55 -0.18 -1.64
C LEU A 70 -3.20 -1.21 -2.58
N PHE A 71 -3.33 -2.43 -2.14
CA PHE A 71 -3.95 -3.46 -3.01
C PHE A 71 -5.08 -4.19 -2.26
N LYS A 72 -6.25 -4.21 -2.83
CA LYS A 72 -7.39 -4.90 -2.15
C LYS A 72 -8.21 -5.70 -3.18
N LYS A 73 -8.99 -6.63 -2.72
CA LYS A 73 -9.80 -7.45 -3.65
C LYS A 73 -11.18 -6.81 -3.84
N PHE A 74 -11.64 -6.08 -2.88
CA PHE A 74 -12.99 -5.44 -3.01
C PHE A 74 -12.86 -4.03 -3.61
N ASP A 75 -13.95 -3.33 -3.72
CA ASP A 75 -13.92 -1.94 -4.29
C ASP A 75 -13.13 -1.93 -5.60
N GLU A 76 -12.59 -0.81 -5.93
CA GLU A 76 -11.80 -0.69 -7.19
C GLU A 76 -10.72 -1.77 -7.24
N GLY A 77 -9.88 -1.82 -6.25
CA GLY A 77 -8.80 -2.85 -6.23
C GLY A 77 -7.44 -2.16 -6.15
N ARG A 78 -7.36 -0.94 -6.60
CA ARG A 78 -6.05 -0.21 -6.56
C ARG A 78 -6.27 1.22 -6.05
N ASN A 79 -5.22 1.87 -5.60
CA ASN A 79 -5.37 3.26 -5.09
C ASN A 79 -4.29 4.16 -5.67
N ASN A 80 -3.93 5.20 -4.97
CA ASN A 80 -2.87 6.11 -5.47
C ASN A 80 -2.55 7.18 -4.42
N PHE A 81 -1.63 6.88 -3.53
CA PHE A 81 -1.26 7.87 -2.48
C PHE A 81 -0.72 9.15 -3.11
N GLU A 82 -1.07 10.30 -2.58
CA GLU A 82 -0.58 11.58 -3.15
C GLU A 82 -0.02 12.45 -2.03
N GLY A 83 -0.06 13.74 -2.19
CA GLY A 83 0.48 14.64 -1.13
C GLY A 83 1.90 14.23 -0.76
N GLU A 84 2.27 14.39 0.48
CA GLU A 84 3.65 14.00 0.90
C GLU A 84 3.60 12.67 1.67
N VAL A 85 4.70 11.97 1.74
CA VAL A 85 4.72 10.67 2.46
C VAL A 85 5.07 10.89 3.94
N THR A 86 4.14 10.62 4.82
CA THR A 86 4.42 10.81 6.28
C THR A 86 3.61 9.81 7.10
N LYS A 87 4.13 9.38 8.22
CA LYS A 87 3.40 8.41 9.08
C LYS A 87 1.94 8.83 9.27
N GLU A 88 1.72 10.06 9.65
CA GLU A 88 0.32 10.52 9.85
C GLU A 88 -0.50 10.33 8.57
N ASN A 89 0.09 10.57 7.44
CA ASN A 89 -0.64 10.41 6.16
C ASN A 89 -0.84 8.92 5.86
N LEU A 90 0.19 8.13 6.02
CA LEU A 90 0.07 6.67 5.74
C LEU A 90 -1.08 6.08 6.55
N LEU A 91 -1.08 6.26 7.84
CA LEU A 91 -2.18 5.70 8.68
C LEU A 91 -3.53 6.15 8.13
N ASP A 92 -3.58 7.28 7.50
CA ASP A 92 -4.87 7.77 6.93
C ASP A 92 -5.15 7.03 5.62
N PHE A 93 -4.18 6.95 4.75
CA PHE A 93 -4.39 6.23 3.46
C PHE A 93 -4.93 4.82 3.74
N ILE A 94 -4.23 4.06 4.52
CA ILE A 94 -4.71 2.69 4.85
C ILE A 94 -6.16 2.73 5.32
N LYS A 95 -6.36 3.34 6.45
CA LYS A 95 -7.76 3.44 7.01
C LYS A 95 -8.72 3.97 5.93
N HIS A 96 -8.22 4.70 4.98
CA HIS A 96 -9.11 5.25 3.91
C HIS A 96 -9.22 4.26 2.74
N ASN A 97 -8.35 3.28 2.69
CA ASN A 97 -8.41 2.30 1.56
C ASN A 97 -9.33 1.13 1.95
N GLN A 98 -8.83 0.18 2.67
CA GLN A 98 -9.67 -0.99 3.06
C GLN A 98 -10.86 -0.52 3.90
N LEU A 99 -11.72 -1.42 4.29
CA LEU A 99 -12.91 -1.03 5.11
C LEU A 99 -13.69 0.08 4.40
N PRO A 100 -14.77 -0.30 3.75
CA PRO A 100 -15.61 0.69 3.04
C PRO A 100 -16.35 1.57 4.05
N LEU A 101 -17.18 2.46 3.57
CA LEU A 101 -17.94 3.35 4.50
C LEU A 101 -18.82 2.51 5.43
N VAL A 102 -19.74 3.13 6.09
CA VAL A 102 -20.63 2.37 7.02
C VAL A 102 -22.01 3.03 7.09
N ILE A 103 -23.05 2.25 7.08
CA ILE A 103 -24.42 2.84 7.15
C ILE A 103 -24.68 3.43 8.54
N GLU A 104 -24.15 4.58 8.81
CA GLU A 104 -24.36 5.20 10.15
C GLU A 104 -24.16 6.71 10.07
N PHE A 105 -24.91 7.47 10.81
CA PHE A 105 -24.76 8.96 10.78
C PHE A 105 -24.84 9.46 9.34
N THR A 106 -24.53 10.71 9.12
CA THR A 106 -24.60 11.26 7.73
C THR A 106 -23.63 12.44 7.59
N GLU A 107 -22.64 12.51 8.42
CA GLU A 107 -21.66 13.65 8.34
C GLU A 107 -22.41 14.98 8.35
N GLN A 108 -23.11 15.27 9.41
CA GLN A 108 -23.86 16.57 9.49
C GLN A 108 -22.88 17.74 9.35
N THR A 109 -22.73 18.27 8.17
CA THR A 109 -21.80 19.42 7.97
C THR A 109 -22.42 20.44 7.01
N ALA A 110 -22.68 20.04 5.80
CA ALA A 110 -23.28 20.98 4.81
C ALA A 110 -24.70 21.35 5.23
N ALA A 1 6.39 -5.22 10.76
CA ALA A 1 7.21 -4.47 9.78
C ALA A 1 6.79 -4.85 8.36
N ALA A 2 7.41 -4.25 7.36
CA ALA A 2 7.05 -4.58 5.96
C ALA A 2 7.97 -5.67 5.41
N THR A 3 7.57 -6.34 4.35
CA THR A 3 8.42 -7.41 3.79
C THR A 3 9.20 -6.89 2.57
N THR A 4 10.14 -7.66 2.08
CA THR A 4 10.93 -7.20 0.90
C THR A 4 10.53 -8.01 -0.34
N LEU A 5 10.07 -7.36 -1.37
CA LEU A 5 9.67 -8.09 -2.60
C LEU A 5 10.78 -8.00 -3.65
N PRO A 6 11.07 -9.12 -4.29
CA PRO A 6 12.13 -9.14 -5.33
C PRO A 6 11.64 -8.44 -6.60
N ASP A 7 10.51 -8.83 -7.11
CA ASP A 7 9.98 -8.18 -8.36
C ASP A 7 8.46 -8.10 -8.33
N GLY A 8 7.88 -7.73 -9.43
CA GLY A 8 6.40 -7.62 -9.50
C GLY A 8 5.75 -8.96 -9.15
N ALA A 9 6.43 -10.04 -9.43
CA ALA A 9 5.86 -11.38 -9.12
C ALA A 9 5.37 -11.44 -7.67
N ALA A 10 6.07 -10.81 -6.77
CA ALA A 10 5.65 -10.83 -5.35
C ALA A 10 4.59 -9.74 -5.11
N ALA A 11 4.64 -8.67 -5.85
CA ALA A 11 3.64 -7.59 -5.66
C ALA A 11 2.23 -8.10 -6.00
N GLU A 12 2.14 -9.08 -6.86
CA GLU A 12 0.81 -9.63 -7.23
C GLU A 12 0.43 -10.76 -6.27
N SER A 13 1.31 -11.69 -6.06
CA SER A 13 1.01 -12.82 -5.13
C SER A 13 0.67 -12.28 -3.74
N LEU A 14 1.29 -11.20 -3.35
CA LEU A 14 1.01 -10.63 -2.00
C LEU A 14 -0.47 -10.28 -1.88
N VAL A 15 -0.99 -9.52 -2.81
CA VAL A 15 -2.44 -9.15 -2.74
C VAL A 15 -3.30 -10.41 -2.73
N GLU A 16 -2.92 -11.41 -3.47
CA GLU A 16 -3.71 -12.67 -3.51
C GLU A 16 -3.53 -13.47 -2.22
N SER A 17 -2.65 -13.05 -1.35
CA SER A 17 -2.44 -13.81 -0.07
C SER A 17 -3.43 -13.34 1.00
N SER A 18 -3.96 -12.15 0.87
CA SER A 18 -4.92 -11.66 1.90
C SER A 18 -5.93 -10.71 1.27
N GLU A 19 -7.03 -10.47 1.94
CA GLU A 19 -8.05 -9.54 1.39
C GLU A 19 -7.55 -8.10 1.48
N VAL A 20 -6.55 -7.85 2.28
CA VAL A 20 -6.01 -6.47 2.41
C VAL A 20 -4.47 -6.51 2.37
N ALA A 21 -3.87 -5.57 1.70
CA ALA A 21 -2.37 -5.55 1.62
C ALA A 21 -1.90 -4.27 0.93
N VAL A 22 -0.76 -3.75 1.31
CA VAL A 22 -0.26 -2.52 0.67
C VAL A 22 1.19 -2.72 0.23
N ILE A 23 1.61 -2.01 -0.78
CA ILE A 23 3.02 -2.16 -1.26
C ILE A 23 3.61 -0.79 -1.62
N GLY A 24 4.64 -0.38 -0.94
CA GLY A 24 5.25 0.94 -1.24
C GLY A 24 6.19 0.79 -2.44
N PHE A 25 6.19 1.75 -3.33
CA PHE A 25 7.08 1.67 -4.52
C PHE A 25 8.14 2.77 -4.45
N PHE A 26 9.17 2.59 -3.67
CA PHE A 26 10.21 3.65 -3.58
C PHE A 26 11.49 3.22 -4.30
N LYS A 27 12.20 4.17 -4.84
CA LYS A 27 13.47 3.83 -5.55
C LYS A 27 14.66 3.86 -4.59
N ASP A 28 14.57 4.67 -3.57
CA ASP A 28 15.68 4.75 -2.59
C ASP A 28 15.17 4.36 -1.19
N VAL A 29 15.10 3.09 -0.92
CA VAL A 29 14.61 2.63 0.41
C VAL A 29 15.36 3.32 1.54
N GLU A 30 16.54 3.82 1.28
CA GLU A 30 17.32 4.50 2.35
C GLU A 30 17.02 6.00 2.37
N SER A 31 15.93 6.40 1.77
CA SER A 31 15.58 7.86 1.76
C SER A 31 14.71 8.20 2.97
N ASP A 32 14.04 9.33 2.93
CA ASP A 32 13.17 9.72 4.09
C ASP A 32 11.76 9.18 3.90
N SER A 33 11.19 9.38 2.74
CA SER A 33 9.81 8.88 2.49
C SER A 33 9.71 7.40 2.84
N ALA A 34 10.78 6.67 2.70
CA ALA A 34 10.75 5.22 3.03
C ALA A 34 10.86 5.02 4.55
N LYS A 35 11.50 5.92 5.22
CA LYS A 35 11.64 5.79 6.71
C LYS A 35 10.26 5.81 7.36
N GLN A 36 9.48 6.83 7.08
CA GLN A 36 8.12 6.90 7.67
C GLN A 36 7.31 5.65 7.28
N PHE A 37 7.48 5.19 6.07
CA PHE A 37 6.73 3.98 5.61
C PHE A 37 6.89 2.86 6.63
N LEU A 38 8.09 2.43 6.89
CA LEU A 38 8.31 1.33 7.87
C LEU A 38 7.59 1.64 9.18
N GLN A 39 7.78 2.82 9.71
CA GLN A 39 7.10 3.18 10.98
C GLN A 39 5.59 2.95 10.87
N ALA A 40 4.96 3.52 9.88
CA ALA A 40 3.50 3.31 9.71
C ALA A 40 3.19 1.83 9.50
N ALA A 41 4.00 1.15 8.73
CA ALA A 41 3.77 -0.30 8.48
C ALA A 41 3.99 -1.09 9.78
N GLU A 42 4.80 -0.58 10.67
CA GLU A 42 5.05 -1.30 11.95
C GLU A 42 3.94 -1.00 12.95
N ALA A 43 3.36 0.17 12.89
CA ALA A 43 2.26 0.50 13.83
C ALA A 43 1.18 -0.57 13.79
N ILE A 44 0.88 -1.08 12.63
CA ILE A 44 -0.18 -2.13 12.53
C ILE A 44 0.45 -3.53 12.53
N ASP A 45 -0.30 -4.52 12.92
CA ASP A 45 0.27 -5.90 12.93
C ASP A 45 -0.72 -6.90 12.30
N ASP A 46 -1.69 -6.41 11.58
CA ASP A 46 -2.68 -7.33 10.94
C ASP A 46 -2.72 -7.12 9.42
N ILE A 47 -1.81 -6.35 8.88
CA ILE A 47 -1.81 -6.11 7.41
C ILE A 47 -0.44 -6.47 6.81
N PRO A 48 -0.45 -7.14 5.69
CA PRO A 48 0.82 -7.54 5.03
C PRO A 48 1.45 -6.34 4.30
N PHE A 49 2.30 -5.62 4.96
CA PHE A 49 2.96 -4.45 4.31
C PHE A 49 4.21 -4.92 3.56
N GLY A 50 4.36 -4.52 2.33
CA GLY A 50 5.57 -4.95 1.55
C GLY A 50 6.17 -3.74 0.82
N ILE A 51 7.44 -3.80 0.51
CA ILE A 51 8.09 -2.66 -0.19
C ILE A 51 9.24 -3.15 -1.06
N THR A 52 9.53 -2.46 -2.14
CA THR A 52 10.65 -2.89 -3.03
C THR A 52 11.15 -1.71 -3.86
N SER A 53 12.37 -1.82 -4.31
CA SER A 53 12.95 -0.76 -5.15
C SER A 53 13.35 -1.33 -6.51
N ASN A 54 13.11 -2.61 -6.73
CA ASN A 54 13.46 -3.21 -8.04
C ASN A 54 12.67 -2.55 -9.17
N SER A 55 13.34 -2.12 -10.20
CA SER A 55 12.63 -1.45 -11.33
C SER A 55 11.57 -2.40 -11.93
N ASP A 56 11.79 -3.68 -11.86
CA ASP A 56 10.81 -4.63 -12.42
C ASP A 56 9.43 -4.40 -11.79
N VAL A 57 9.38 -4.02 -10.55
CA VAL A 57 8.07 -3.77 -9.88
C VAL A 57 7.54 -2.39 -10.28
N PHE A 58 8.42 -1.49 -10.64
CA PHE A 58 7.96 -0.12 -11.04
C PHE A 58 7.47 -0.14 -12.49
N SER A 59 8.28 -0.64 -13.39
CA SER A 59 7.85 -0.69 -14.81
C SER A 59 6.51 -1.42 -14.94
N LYS A 60 6.19 -2.26 -13.97
CA LYS A 60 4.90 -3.01 -14.03
C LYS A 60 3.73 -2.04 -13.81
N TYR A 61 3.79 -1.24 -12.77
CA TYR A 61 2.69 -0.29 -12.51
C TYR A 61 2.94 1.05 -13.23
N GLN A 62 3.94 1.11 -14.06
CA GLN A 62 4.23 2.39 -14.78
C GLN A 62 4.35 3.55 -13.79
N LEU A 63 5.24 3.44 -12.84
CA LEU A 63 5.40 4.54 -11.84
C LEU A 63 6.58 5.44 -12.23
N ASP A 64 6.32 6.57 -12.82
CA ASP A 64 7.42 7.50 -13.22
C ASP A 64 8.30 7.81 -12.00
N LYS A 65 7.75 7.74 -10.82
CA LYS A 65 8.56 8.02 -9.61
C LYS A 65 8.07 7.15 -8.43
N ASP A 66 8.46 7.47 -7.24
CA ASP A 66 8.00 6.66 -6.07
C ASP A 66 6.49 6.76 -5.92
N GLY A 67 5.88 5.86 -5.18
CA GLY A 67 4.41 5.93 -5.01
C GLY A 67 3.95 4.93 -3.94
N VAL A 68 3.02 5.32 -3.13
CA VAL A 68 2.51 4.40 -2.06
C VAL A 68 1.09 3.95 -2.41
N VAL A 69 0.97 2.87 -3.11
CA VAL A 69 -0.39 2.37 -3.49
C VAL A 69 -0.79 1.20 -2.60
N LEU A 70 -2.06 1.05 -2.32
CA LEU A 70 -2.51 -0.08 -1.47
C LEU A 70 -3.24 -1.11 -2.34
N PHE A 71 -3.33 -2.33 -1.88
CA PHE A 71 -4.02 -3.36 -2.71
C PHE A 71 -5.16 -4.01 -1.93
N LYS A 72 -6.26 -4.26 -2.57
CA LYS A 72 -7.42 -4.90 -1.88
C LYS A 72 -8.17 -5.82 -2.85
N LYS A 73 -9.03 -6.65 -2.35
CA LYS A 73 -9.77 -7.58 -3.22
C LYS A 73 -11.00 -6.88 -3.80
N PHE A 74 -11.64 -6.05 -3.02
CA PHE A 74 -12.85 -5.34 -3.52
C PHE A 74 -12.47 -4.00 -4.14
N ASP A 75 -13.45 -3.21 -4.45
CA ASP A 75 -13.18 -1.87 -5.07
C ASP A 75 -12.31 -2.02 -6.31
N GLU A 76 -11.67 -0.97 -6.72
CA GLU A 76 -10.80 -1.03 -7.93
C GLU A 76 -9.66 -2.03 -7.70
N GLY A 77 -9.24 -2.21 -6.48
CA GLY A 77 -8.15 -3.17 -6.20
C GLY A 77 -6.86 -2.40 -5.91
N ARG A 78 -6.76 -1.18 -6.35
CA ARG A 78 -5.52 -0.39 -6.09
C ARG A 78 -5.86 1.07 -5.76
N ASN A 79 -4.87 1.83 -5.37
CA ASN A 79 -5.13 3.26 -5.02
C ASN A 79 -4.05 4.12 -5.66
N ASN A 80 -3.71 5.22 -5.03
CA ASN A 80 -2.65 6.09 -5.61
C ASN A 80 -2.31 7.23 -4.63
N PHE A 81 -1.48 6.94 -3.67
CA PHE A 81 -1.10 8.00 -2.68
C PHE A 81 -0.21 9.05 -3.36
N GLU A 82 -0.61 10.29 -3.31
CA GLU A 82 0.20 11.36 -3.95
C GLU A 82 0.25 12.59 -3.05
N GLY A 83 1.42 13.00 -2.68
CA GLY A 83 1.56 14.19 -1.79
C GLY A 83 2.73 13.98 -0.83
N GLU A 84 2.61 14.46 0.38
CA GLU A 84 3.72 14.29 1.35
C GLU A 84 3.63 12.91 2.02
N VAL A 85 4.57 12.05 1.76
CA VAL A 85 4.53 10.70 2.39
C VAL A 85 4.93 10.78 3.85
N THR A 86 3.99 10.58 4.74
CA THR A 86 4.31 10.66 6.20
C THR A 86 3.43 9.70 6.99
N LYS A 87 3.91 9.21 8.11
CA LYS A 87 3.11 8.27 8.93
C LYS A 87 1.68 8.78 9.12
N GLU A 88 1.53 9.98 9.61
CA GLU A 88 0.16 10.53 9.83
C GLU A 88 -0.65 10.49 8.53
N ASN A 89 0.01 10.54 7.40
CA ASN A 89 -0.73 10.49 6.11
C ASN A 89 -0.98 9.04 5.69
N LEU A 90 0.01 8.20 5.79
CA LEU A 90 -0.16 6.77 5.40
C LEU A 90 -1.30 6.13 6.18
N LEU A 91 -1.26 6.18 7.48
CA LEU A 91 -2.35 5.57 8.30
C LEU A 91 -3.72 6.06 7.81
N ASP A 92 -3.90 7.34 7.68
CA ASP A 92 -5.22 7.86 7.22
C ASP A 92 -5.58 7.29 5.85
N PHE A 93 -4.62 7.13 4.99
CA PHE A 93 -4.91 6.57 3.63
C PHE A 93 -5.42 5.13 3.75
N ILE A 94 -4.64 4.25 4.29
CA ILE A 94 -5.08 2.83 4.43
C ILE A 94 -6.43 2.73 5.14
N LYS A 95 -6.58 3.43 6.24
CA LYS A 95 -7.87 3.38 6.98
C LYS A 95 -9.05 3.64 6.05
N HIS A 96 -8.83 4.31 4.95
CA HIS A 96 -9.94 4.61 4.02
C HIS A 96 -10.00 3.56 2.89
N ASN A 97 -8.95 2.82 2.70
CA ASN A 97 -8.93 1.82 1.61
C ASN A 97 -9.36 0.43 2.12
N GLN A 98 -8.93 0.04 3.28
CA GLN A 98 -9.32 -1.30 3.80
C GLN A 98 -10.61 -1.22 4.63
N LEU A 99 -11.37 -0.17 4.44
CA LEU A 99 -12.64 -0.03 5.22
C LEU A 99 -13.70 0.66 4.35
N PRO A 100 -14.00 0.06 3.22
CA PRO A 100 -15.01 0.63 2.29
C PRO A 100 -16.41 0.46 2.89
N LEU A 101 -17.31 1.35 2.58
CA LEU A 101 -18.69 1.24 3.12
C LEU A 101 -19.62 0.59 2.09
N VAL A 102 -20.17 -0.54 2.41
CA VAL A 102 -21.08 -1.23 1.45
C VAL A 102 -22.52 -0.79 1.69
N ILE A 103 -23.36 -0.90 0.69
CA ILE A 103 -24.78 -0.48 0.86
C ILE A 103 -25.70 -1.68 0.67
N GLU A 104 -26.84 -1.68 1.32
CA GLU A 104 -27.79 -2.82 1.18
C GLU A 104 -27.08 -4.14 1.45
N PHE A 105 -27.05 -4.57 2.69
CA PHE A 105 -26.37 -5.86 3.02
C PHE A 105 -26.94 -6.99 2.16
N THR A 106 -26.34 -8.16 2.21
CA THR A 106 -26.85 -9.30 1.40
C THR A 106 -27.45 -10.38 2.31
N GLU A 107 -28.02 -11.40 1.75
CA GLU A 107 -28.61 -12.48 2.58
C GLU A 107 -27.51 -13.30 3.26
N GLN A 108 -26.71 -12.68 4.07
CA GLN A 108 -25.62 -13.42 4.75
C GLN A 108 -25.38 -12.86 6.16
N THR A 109 -25.12 -11.58 6.26
CA THR A 109 -24.88 -10.97 7.60
C THR A 109 -25.31 -9.50 7.59
N ALA A 110 -25.40 -8.89 8.74
CA ALA A 110 -25.82 -7.46 8.80
C ALA A 110 -24.91 -6.68 9.75
N ALA A 1 7.97 -4.69 10.13
CA ALA A 1 8.27 -3.93 8.88
C ALA A 1 7.51 -4.57 7.69
N ALA A 2 7.94 -4.29 6.49
CA ALA A 2 7.26 -4.87 5.30
C ALA A 2 8.10 -6.00 4.71
N THR A 3 7.49 -6.90 3.97
CA THR A 3 8.26 -8.02 3.38
C THR A 3 9.08 -7.52 2.19
N THR A 4 9.97 -8.34 1.69
CA THR A 4 10.82 -7.90 0.53
C THR A 4 10.30 -8.50 -0.77
N LEU A 5 9.94 -7.67 -1.72
CA LEU A 5 9.43 -8.20 -3.02
C LEU A 5 10.54 -8.11 -4.08
N PRO A 6 10.94 -9.24 -4.60
CA PRO A 6 12.00 -9.27 -5.64
C PRO A 6 11.50 -8.68 -6.96
N ASP A 7 10.22 -8.61 -7.14
CA ASP A 7 9.68 -8.04 -8.41
C ASP A 7 8.16 -8.04 -8.43
N GLY A 8 7.61 -7.76 -9.57
CA GLY A 8 6.12 -7.74 -9.71
C GLY A 8 5.56 -9.13 -9.38
N ALA A 9 6.33 -10.16 -9.64
CA ALA A 9 5.84 -11.54 -9.35
C ALA A 9 5.37 -11.64 -7.89
N ALA A 10 5.96 -10.86 -7.01
CA ALA A 10 5.54 -10.91 -5.58
C ALA A 10 4.41 -9.91 -5.34
N ALA A 11 4.44 -8.79 -6.01
CA ALA A 11 3.37 -7.78 -5.81
C ALA A 11 2.01 -8.38 -6.15
N GLU A 12 1.94 -9.19 -7.17
CA GLU A 12 0.64 -9.81 -7.54
C GLU A 12 0.31 -10.96 -6.59
N SER A 13 1.23 -11.86 -6.38
CA SER A 13 0.96 -13.00 -5.46
C SER A 13 0.59 -12.48 -4.07
N LEU A 14 0.94 -11.28 -3.76
CA LEU A 14 0.61 -10.71 -2.42
C LEU A 14 -0.85 -10.27 -2.37
N VAL A 15 -1.29 -9.53 -3.35
CA VAL A 15 -2.71 -9.06 -3.35
C VAL A 15 -3.67 -10.27 -3.35
N GLU A 16 -3.27 -11.35 -3.95
CA GLU A 16 -4.14 -12.54 -3.99
C GLU A 16 -3.93 -13.38 -2.71
N SER A 17 -2.80 -13.24 -2.08
CA SER A 17 -2.54 -14.01 -0.83
C SER A 17 -3.64 -13.74 0.20
N SER A 18 -3.76 -12.52 0.64
CA SER A 18 -4.82 -12.20 1.65
C SER A 18 -5.83 -11.22 1.05
N GLU A 19 -6.78 -10.78 1.83
CA GLU A 19 -7.80 -9.82 1.31
C GLU A 19 -7.20 -8.42 1.22
N VAL A 20 -6.35 -8.06 2.14
CA VAL A 20 -5.73 -6.70 2.10
C VAL A 20 -4.21 -6.81 2.02
N ALA A 21 -3.57 -5.86 1.38
CA ALA A 21 -2.08 -5.92 1.26
C ALA A 21 -1.58 -4.64 0.59
N VAL A 22 -0.59 -4.00 1.16
CA VAL A 22 -0.06 -2.75 0.55
C VAL A 22 1.42 -2.93 0.19
N ILE A 23 1.86 -2.26 -0.85
CA ILE A 23 3.29 -2.38 -1.25
C ILE A 23 3.85 -0.99 -1.58
N GLY A 24 4.78 -0.53 -0.79
CA GLY A 24 5.37 0.81 -1.05
C GLY A 24 6.42 0.71 -2.15
N PHE A 25 6.33 1.54 -3.17
CA PHE A 25 7.32 1.49 -4.26
C PHE A 25 8.42 2.52 -4.02
N PHE A 26 9.33 2.23 -3.13
CA PHE A 26 10.41 3.20 -2.84
C PHE A 26 11.68 2.86 -3.62
N LYS A 27 12.34 3.86 -4.14
CA LYS A 27 13.60 3.60 -4.90
C LYS A 27 14.77 3.52 -3.93
N ASP A 28 14.67 4.18 -2.82
CA ASP A 28 15.77 4.15 -1.81
C ASP A 28 15.17 4.01 -0.40
N VAL A 29 14.77 2.82 -0.03
CA VAL A 29 14.17 2.61 1.32
C VAL A 29 15.06 3.22 2.41
N GLU A 30 16.33 3.37 2.14
CA GLU A 30 17.24 3.95 3.15
C GLU A 30 17.22 5.49 3.10
N SER A 31 16.29 6.06 2.38
CA SER A 31 16.23 7.55 2.30
C SER A 31 15.36 8.10 3.44
N ASP A 32 14.90 9.31 3.32
CA ASP A 32 14.05 9.90 4.39
C ASP A 32 12.57 9.60 4.12
N SER A 33 12.14 9.72 2.89
CA SER A 33 10.71 9.45 2.57
C SER A 33 10.35 8.01 2.94
N ALA A 34 11.31 7.12 2.89
CA ALA A 34 11.02 5.69 3.24
C ALA A 34 10.96 5.53 4.76
N LYS A 35 11.71 6.31 5.48
CA LYS A 35 11.70 6.20 6.96
C LYS A 35 10.28 6.43 7.48
N GLN A 36 9.49 7.16 6.75
CA GLN A 36 8.09 7.43 7.20
C GLN A 36 7.23 6.18 6.99
N PHE A 37 7.33 5.57 5.85
CA PHE A 37 6.51 4.35 5.57
C PHE A 37 6.65 3.34 6.73
N LEU A 38 7.86 2.95 7.03
CA LEU A 38 8.07 1.98 8.14
C LEU A 38 7.32 2.43 9.40
N GLN A 39 7.53 3.65 9.81
CA GLN A 39 6.83 4.15 11.03
C GLN A 39 5.32 3.90 10.92
N ALA A 40 4.74 4.22 9.79
CA ALA A 40 3.27 4.00 9.63
C ALA A 40 2.96 2.51 9.54
N ALA A 41 3.78 1.75 8.86
CA ALA A 41 3.54 0.29 8.73
C ALA A 41 3.63 -0.38 10.10
N GLU A 42 4.39 0.18 10.99
CA GLU A 42 4.52 -0.43 12.35
C GLU A 42 3.16 -0.47 13.04
N ALA A 43 2.43 0.61 13.02
CA ALA A 43 1.10 0.62 13.68
C ALA A 43 0.25 -0.54 13.18
N ILE A 44 0.37 -0.89 11.92
CA ILE A 44 -0.43 -2.02 11.37
C ILE A 44 0.34 -3.34 11.55
N ASP A 45 -0.15 -4.22 12.39
CA ASP A 45 0.54 -5.52 12.60
C ASP A 45 -0.32 -6.68 12.09
N ASP A 46 -1.34 -6.39 11.32
CA ASP A 46 -2.21 -7.48 10.81
C ASP A 46 -2.29 -7.41 9.29
N ILE A 47 -1.38 -6.72 8.65
CA ILE A 47 -1.42 -6.63 7.16
C ILE A 47 -0.05 -7.00 6.59
N PRO A 48 -0.06 -7.72 5.48
CA PRO A 48 1.20 -8.13 4.83
C PRO A 48 1.84 -6.95 4.11
N PHE A 49 2.41 -6.02 4.84
CA PHE A 49 3.05 -4.85 4.20
C PHE A 49 4.27 -5.29 3.39
N GLY A 50 4.40 -4.83 2.18
CA GLY A 50 5.57 -5.24 1.34
C GLY A 50 6.31 -3.99 0.86
N ILE A 51 7.58 -4.11 0.59
CA ILE A 51 8.37 -2.94 0.11
C ILE A 51 9.49 -3.39 -0.82
N THR A 52 9.73 -2.67 -1.89
CA THR A 52 10.81 -3.06 -2.84
C THR A 52 11.24 -1.87 -3.68
N SER A 53 12.42 -1.93 -4.19
CA SER A 53 12.94 -0.85 -5.05
C SER A 53 13.34 -1.42 -6.42
N ASN A 54 13.12 -2.70 -6.63
CA ASN A 54 13.50 -3.30 -7.94
C ASN A 54 12.78 -2.57 -9.08
N SER A 55 13.52 -2.07 -10.03
CA SER A 55 12.87 -1.34 -11.17
C SER A 55 11.74 -2.18 -11.76
N ASP A 56 11.88 -3.48 -11.75
CA ASP A 56 10.81 -4.34 -12.32
C ASP A 56 9.46 -4.00 -11.66
N VAL A 57 9.50 -3.62 -10.41
CA VAL A 57 8.22 -3.26 -9.71
C VAL A 57 7.78 -1.86 -10.12
N PHE A 58 8.69 -1.03 -10.54
CA PHE A 58 8.32 0.35 -10.96
C PHE A 58 7.90 0.35 -12.43
N SER A 59 8.65 -0.32 -13.26
CA SER A 59 8.29 -0.36 -14.71
C SER A 59 7.04 -1.21 -14.94
N LYS A 60 6.56 -1.88 -13.92
CA LYS A 60 5.35 -2.73 -14.09
C LYS A 60 4.10 -1.87 -13.85
N TYR A 61 4.09 -1.12 -12.78
CA TYR A 61 2.91 -0.26 -12.49
C TYR A 61 3.08 1.12 -13.13
N GLN A 62 4.04 1.27 -14.00
CA GLN A 62 4.24 2.60 -14.67
C GLN A 62 4.35 3.71 -13.62
N LEU A 63 5.41 3.71 -12.84
CA LEU A 63 5.56 4.77 -11.81
C LEU A 63 6.79 5.63 -12.12
N ASP A 64 6.57 6.81 -12.64
CA ASP A 64 7.73 7.70 -12.96
C ASP A 64 8.67 7.84 -11.75
N LYS A 65 8.14 7.66 -10.57
CA LYS A 65 8.99 7.77 -9.35
C LYS A 65 8.44 6.87 -8.25
N ASP A 66 8.93 7.01 -7.04
CA ASP A 66 8.43 6.15 -5.93
C ASP A 66 6.95 6.43 -5.67
N GLY A 67 6.28 5.54 -4.99
CA GLY A 67 4.84 5.76 -4.72
C GLY A 67 4.34 4.74 -3.68
N VAL A 68 3.18 4.96 -3.13
CA VAL A 68 2.64 4.00 -2.12
C VAL A 68 1.16 3.70 -2.41
N VAL A 69 0.86 2.49 -2.74
CA VAL A 69 -0.56 2.13 -3.04
C VAL A 69 -0.98 0.92 -2.21
N LEU A 70 -2.24 0.79 -1.92
CA LEU A 70 -2.72 -0.37 -1.12
C LEU A 70 -3.50 -1.31 -2.04
N PHE A 71 -3.31 -2.60 -1.92
CA PHE A 71 -4.03 -3.53 -2.82
C PHE A 71 -5.06 -4.35 -2.05
N LYS A 72 -6.24 -4.50 -2.61
CA LYS A 72 -7.30 -5.29 -1.92
C LYS A 72 -8.22 -5.93 -2.96
N LYS A 73 -8.93 -6.96 -2.58
CA LYS A 73 -9.85 -7.62 -3.54
C LYS A 73 -11.19 -6.89 -3.61
N PHE A 74 -11.51 -6.16 -2.58
CA PHE A 74 -12.82 -5.41 -2.57
C PHE A 74 -12.63 -4.01 -3.17
N ASP A 75 -13.69 -3.25 -3.21
CA ASP A 75 -13.61 -1.87 -3.77
C ASP A 75 -12.90 -1.89 -5.13
N GLU A 76 -12.39 -0.77 -5.54
CA GLU A 76 -11.69 -0.71 -6.85
C GLU A 76 -10.48 -1.65 -6.87
N GLY A 77 -9.87 -1.87 -5.73
CA GLY A 77 -8.70 -2.77 -5.67
C GLY A 77 -7.45 -1.98 -5.31
N ARG A 78 -7.28 -0.82 -5.89
CA ARG A 78 -6.06 -0.01 -5.57
C ARG A 78 -6.47 1.37 -5.04
N ASN A 79 -5.51 2.18 -4.68
CA ASN A 79 -5.84 3.53 -4.12
C ASN A 79 -4.95 4.59 -4.77
N ASN A 80 -3.70 4.27 -5.02
CA ASN A 80 -2.77 5.27 -5.64
C ASN A 80 -2.69 6.53 -4.75
N PHE A 81 -1.87 6.49 -3.74
CA PHE A 81 -1.74 7.67 -2.84
C PHE A 81 -1.13 8.85 -3.59
N GLU A 82 -1.87 9.91 -3.76
CA GLU A 82 -1.34 11.09 -4.47
C GLU A 82 -1.26 12.29 -3.53
N GLY A 83 -0.24 12.35 -2.72
CA GLY A 83 -0.09 13.49 -1.77
C GLY A 83 1.30 13.45 -1.14
N GLU A 84 1.46 14.06 0.01
CA GLU A 84 2.79 14.08 0.66
C GLU A 84 3.04 12.75 1.38
N VAL A 85 4.10 12.07 1.05
CA VAL A 85 4.39 10.77 1.71
C VAL A 85 4.86 11.01 3.15
N THR A 86 3.98 10.81 4.10
CA THR A 86 4.37 11.03 5.52
C THR A 86 3.56 10.11 6.43
N LYS A 87 4.10 9.74 7.56
CA LYS A 87 3.36 8.85 8.51
C LYS A 87 1.94 9.36 8.74
N GLU A 88 1.81 10.62 9.03
CA GLU A 88 0.45 11.19 9.26
C GLU A 88 -0.45 10.96 8.05
N ASN A 89 0.08 11.10 6.87
CA ASN A 89 -0.74 10.88 5.64
C ASN A 89 -0.86 9.39 5.34
N LEU A 90 0.23 8.68 5.36
CA LEU A 90 0.17 7.21 5.08
C LEU A 90 -0.85 6.54 6.01
N LEU A 91 -0.68 6.69 7.30
CA LEU A 91 -1.63 6.07 8.26
C LEU A 91 -3.07 6.47 7.92
N ASP A 92 -3.25 7.63 7.37
CA ASP A 92 -4.63 8.08 7.02
C ASP A 92 -5.11 7.37 5.75
N PHE A 93 -4.28 7.31 4.76
CA PHE A 93 -4.67 6.64 3.49
C PHE A 93 -5.09 5.19 3.76
N ILE A 94 -4.19 4.39 4.24
CA ILE A 94 -4.53 2.96 4.51
C ILE A 94 -5.79 2.87 5.39
N LYS A 95 -5.88 3.70 6.40
CA LYS A 95 -7.09 3.66 7.29
C LYS A 95 -8.38 3.82 6.48
N HIS A 96 -8.28 4.36 5.29
CA HIS A 96 -9.51 4.54 4.46
C HIS A 96 -9.50 3.59 3.25
N ASN A 97 -8.61 2.64 3.23
CA ASN A 97 -8.55 1.71 2.07
C ASN A 97 -9.42 0.47 2.33
N GLN A 98 -9.07 -0.32 3.31
CA GLN A 98 -9.86 -1.55 3.60
C GLN A 98 -11.34 -1.21 3.79
N LEU A 99 -11.64 -0.14 4.46
CA LEU A 99 -13.08 0.23 4.68
C LEU A 99 -13.76 0.54 3.34
N PRO A 100 -14.68 -0.31 2.94
CA PRO A 100 -15.40 -0.11 1.67
C PRO A 100 -16.47 0.97 1.83
N LEU A 101 -17.35 1.11 0.86
CA LEU A 101 -18.42 2.14 0.96
C LEU A 101 -19.60 1.59 1.76
N VAL A 102 -19.76 2.02 2.97
CA VAL A 102 -20.90 1.53 3.79
C VAL A 102 -21.53 2.68 4.57
N ILE A 103 -21.79 3.78 3.91
CA ILE A 103 -22.41 4.95 4.60
C ILE A 103 -23.91 4.73 4.76
N GLU A 104 -24.32 4.11 5.84
CA GLU A 104 -25.78 3.87 6.06
C GLU A 104 -26.16 4.20 7.50
N PHE A 105 -25.76 3.38 8.43
CA PHE A 105 -26.09 3.63 9.86
C PHE A 105 -24.84 4.06 10.63
N THR A 106 -24.92 4.12 11.93
CA THR A 106 -23.73 4.53 12.73
C THR A 106 -23.34 3.41 13.70
N GLU A 107 -22.08 3.11 13.79
CA GLU A 107 -21.63 2.03 14.71
C GLU A 107 -21.06 2.64 15.99
N GLN A 108 -20.35 3.73 15.88
CA GLN A 108 -19.76 4.37 17.09
C GLN A 108 -20.76 5.34 17.72
N THR A 109 -21.46 4.90 18.73
CA THR A 109 -22.45 5.80 19.38
C THR A 109 -21.74 6.84 20.25
N ALA A 110 -21.87 8.09 19.93
CA ALA A 110 -21.20 9.14 20.74
C ALA A 110 -21.87 9.27 22.12
N ALA A 1 7.56 -5.05 11.00
CA ALA A 1 8.10 -4.36 9.78
C ALA A 1 7.36 -4.84 8.54
N ALA A 2 7.81 -4.45 7.38
CA ALA A 2 7.14 -4.88 6.13
C ALA A 2 7.98 -5.95 5.41
N THR A 3 7.48 -6.50 4.33
CA THR A 3 8.25 -7.54 3.60
C THR A 3 9.00 -6.90 2.42
N THR A 4 9.93 -7.62 1.83
CA THR A 4 10.68 -7.06 0.68
C THR A 4 10.37 -7.86 -0.59
N LEU A 5 9.57 -7.32 -1.46
CA LEU A 5 9.24 -8.04 -2.72
C LEU A 5 10.40 -7.92 -3.73
N PRO A 6 10.87 -9.05 -4.21
CA PRO A 6 11.99 -9.04 -5.19
C PRO A 6 11.51 -8.52 -6.55
N ASP A 7 10.34 -8.92 -6.96
CA ASP A 7 9.83 -8.45 -8.28
C ASP A 7 8.31 -8.46 -8.30
N GLY A 8 7.74 -8.25 -9.47
CA GLY A 8 6.26 -8.24 -9.59
C GLY A 8 5.69 -9.60 -9.17
N ALA A 9 6.44 -10.65 -9.36
CA ALA A 9 5.95 -12.00 -8.97
C ALA A 9 5.46 -12.00 -7.53
N ALA A 10 6.04 -11.17 -6.69
CA ALA A 10 5.61 -11.13 -5.27
C ALA A 10 4.50 -10.11 -5.09
N ALA A 11 4.59 -9.00 -5.78
CA ALA A 11 3.52 -7.95 -5.65
C ALA A 11 2.15 -8.57 -5.95
N GLU A 12 2.12 -9.62 -6.71
CA GLU A 12 0.81 -10.26 -7.03
C GLU A 12 0.44 -11.27 -5.93
N SER A 13 1.30 -12.20 -5.65
CA SER A 13 0.99 -13.20 -4.59
C SER A 13 0.73 -12.51 -3.25
N LEU A 14 1.15 -11.28 -3.12
CA LEU A 14 0.92 -10.54 -1.84
C LEU A 14 -0.55 -10.15 -1.73
N VAL A 15 -1.04 -9.39 -2.67
CA VAL A 15 -2.46 -8.97 -2.64
C VAL A 15 -3.38 -10.20 -2.49
N GLU A 16 -3.02 -11.28 -3.12
CA GLU A 16 -3.87 -12.51 -3.01
C GLU A 16 -3.71 -13.15 -1.63
N SER A 17 -2.60 -12.93 -0.98
CA SER A 17 -2.39 -13.52 0.36
C SER A 17 -3.55 -13.15 1.29
N SER A 18 -3.91 -11.90 1.34
CA SER A 18 -5.05 -11.49 2.23
C SER A 18 -5.97 -10.53 1.49
N GLU A 19 -7.08 -10.17 2.09
CA GLU A 19 -8.03 -9.24 1.42
C GLU A 19 -7.39 -7.86 1.26
N VAL A 20 -6.69 -7.40 2.25
CA VAL A 20 -6.03 -6.06 2.16
C VAL A 20 -4.51 -6.20 2.13
N ALA A 21 -3.83 -5.28 1.49
CA ALA A 21 -2.34 -5.37 1.44
C ALA A 21 -1.79 -4.11 0.75
N VAL A 22 -0.72 -3.56 1.27
CA VAL A 22 -0.14 -2.34 0.67
C VAL A 22 1.32 -2.57 0.30
N ILE A 23 1.78 -1.96 -0.76
CA ILE A 23 3.20 -2.14 -1.18
C ILE A 23 3.80 -0.78 -1.54
N GLY A 24 4.78 -0.32 -0.81
CA GLY A 24 5.40 0.99 -1.13
C GLY A 24 6.38 0.84 -2.28
N PHE A 25 6.33 1.72 -3.24
CA PHE A 25 7.26 1.63 -4.40
C PHE A 25 8.37 2.68 -4.24
N PHE A 26 9.27 2.49 -3.31
CA PHE A 26 10.37 3.48 -3.13
C PHE A 26 11.58 3.12 -3.95
N LYS A 27 12.16 4.10 -4.57
CA LYS A 27 13.36 3.88 -5.41
C LYS A 27 14.63 4.04 -4.57
N ASP A 28 14.57 4.91 -3.60
CA ASP A 28 15.76 5.13 -2.73
C ASP A 28 15.74 4.18 -1.54
N VAL A 29 14.58 3.98 -0.97
CA VAL A 29 14.41 3.07 0.20
C VAL A 29 15.01 3.69 1.47
N GLU A 30 16.23 4.14 1.40
CA GLU A 30 16.86 4.76 2.60
C GLU A 30 16.61 6.27 2.62
N SER A 31 15.77 6.77 1.76
CA SER A 31 15.49 8.23 1.75
C SER A 31 14.68 8.61 2.99
N ASP A 32 14.10 9.77 2.99
CA ASP A 32 13.29 10.20 4.17
C ASP A 32 11.83 9.78 4.00
N SER A 33 11.36 9.73 2.79
CA SER A 33 9.95 9.32 2.56
C SER A 33 9.76 7.84 2.90
N ALA A 34 10.81 7.08 2.83
CA ALA A 34 10.69 5.62 3.15
C ALA A 34 10.79 5.41 4.67
N LYS A 35 11.58 6.21 5.33
CA LYS A 35 11.73 6.05 6.81
C LYS A 35 10.35 6.08 7.48
N GLN A 36 9.51 6.98 7.10
CA GLN A 36 8.15 7.05 7.72
C GLN A 36 7.34 5.81 7.35
N PHE A 37 7.49 5.32 6.14
CA PHE A 37 6.73 4.11 5.73
C PHE A 37 6.91 2.99 6.75
N LEU A 38 8.12 2.58 6.99
CA LEU A 38 8.37 1.49 7.97
C LEU A 38 7.66 1.79 9.30
N GLN A 39 7.90 2.93 9.86
CA GLN A 39 7.24 3.28 11.16
C GLN A 39 5.72 3.06 11.05
N ALA A 40 5.17 3.21 9.89
CA ALA A 40 3.70 3.00 9.73
C ALA A 40 3.39 1.50 9.74
N ALA A 41 3.98 0.75 8.86
CA ALA A 41 3.72 -0.71 8.82
C ALA A 41 3.98 -1.32 10.21
N GLU A 42 4.94 -0.80 10.93
CA GLU A 42 5.25 -1.36 12.27
C GLU A 42 4.07 -1.10 13.23
N ALA A 43 3.34 -0.04 13.00
CA ALA A 43 2.18 0.27 13.89
C ALA A 43 1.11 -0.83 13.78
N ILE A 44 0.84 -1.28 12.60
CA ILE A 44 -0.19 -2.36 12.42
C ILE A 44 0.49 -3.73 12.42
N ASP A 45 -0.28 -4.78 12.59
CA ASP A 45 0.32 -6.14 12.60
C ASP A 45 -0.64 -7.15 11.96
N ASP A 46 -1.59 -6.69 11.20
CA ASP A 46 -2.55 -7.63 10.55
C ASP A 46 -2.59 -7.41 9.04
N ILE A 47 -1.70 -6.61 8.50
CA ILE A 47 -1.69 -6.38 7.04
C ILE A 47 -0.30 -6.69 6.46
N PRO A 48 -0.27 -7.36 5.34
CA PRO A 48 1.02 -7.72 4.70
C PRO A 48 1.68 -6.49 4.08
N PHE A 49 2.30 -5.66 4.87
CA PHE A 49 2.98 -4.45 4.31
C PHE A 49 4.23 -4.87 3.52
N GLY A 50 4.33 -4.46 2.28
CA GLY A 50 5.52 -4.86 1.48
C GLY A 50 6.23 -3.61 0.95
N ILE A 51 7.49 -3.73 0.65
CA ILE A 51 8.25 -2.55 0.12
C ILE A 51 9.38 -3.04 -0.80
N THR A 52 9.64 -2.32 -1.86
CA THR A 52 10.73 -2.75 -2.79
C THR A 52 11.11 -1.61 -3.72
N SER A 53 12.29 -1.69 -4.25
CA SER A 53 12.77 -0.65 -5.19
C SER A 53 13.17 -1.31 -6.52
N ASN A 54 12.97 -2.59 -6.64
CA ASN A 54 13.34 -3.29 -7.90
C ASN A 54 12.66 -2.62 -9.10
N SER A 55 13.43 -2.15 -10.05
CA SER A 55 12.83 -1.49 -11.24
C SER A 55 11.74 -2.37 -11.86
N ASP A 56 11.88 -3.66 -11.77
CA ASP A 56 10.84 -4.56 -12.35
C ASP A 56 9.47 -4.20 -11.78
N VAL A 57 9.43 -3.78 -10.55
CA VAL A 57 8.13 -3.40 -9.93
C VAL A 57 7.73 -1.99 -10.39
N PHE A 58 8.68 -1.20 -10.77
CA PHE A 58 8.38 0.18 -11.23
C PHE A 58 7.88 0.15 -12.68
N SER A 59 8.65 -0.43 -13.56
CA SER A 59 8.23 -0.50 -14.98
C SER A 59 6.99 -1.39 -15.14
N LYS A 60 6.67 -2.17 -14.14
CA LYS A 60 5.47 -3.04 -14.25
C LYS A 60 4.20 -2.26 -13.93
N TYR A 61 4.22 -1.46 -12.90
CA TYR A 61 3.01 -0.66 -12.54
C TYR A 61 3.04 0.70 -13.24
N GLN A 62 3.98 0.92 -14.13
CA GLN A 62 4.04 2.23 -14.83
C GLN A 62 4.01 3.39 -13.82
N LEU A 63 5.03 3.54 -13.04
CA LEU A 63 5.06 4.65 -12.05
C LEU A 63 6.08 5.71 -12.47
N ASP A 64 5.65 6.94 -12.60
CA ASP A 64 6.61 8.02 -12.99
C ASP A 64 7.70 8.16 -11.92
N LYS A 65 7.48 7.61 -10.76
CA LYS A 65 8.51 7.72 -9.67
C LYS A 65 8.06 6.90 -8.47
N ASP A 66 8.56 7.21 -7.30
CA ASP A 66 8.15 6.44 -6.09
C ASP A 66 6.71 6.78 -5.73
N GLY A 67 6.06 5.95 -4.96
CA GLY A 67 4.65 6.25 -4.58
C GLY A 67 4.13 5.16 -3.64
N VAL A 68 2.95 5.36 -3.10
CA VAL A 68 2.38 4.33 -2.17
C VAL A 68 0.98 3.93 -2.64
N VAL A 69 0.85 2.73 -3.17
CA VAL A 69 -0.49 2.27 -3.64
C VAL A 69 -1.00 1.14 -2.75
N LEU A 70 -2.29 1.04 -2.57
CA LEU A 70 -2.82 -0.06 -1.73
C LEU A 70 -3.50 -1.11 -2.61
N PHE A 71 -3.39 -2.36 -2.26
CA PHE A 71 -4.02 -3.42 -3.11
C PHE A 71 -5.13 -4.14 -2.34
N LYS A 72 -6.34 -4.06 -2.82
CA LYS A 72 -7.46 -4.76 -2.13
C LYS A 72 -8.26 -5.58 -3.14
N LYS A 73 -9.07 -6.49 -2.66
CA LYS A 73 -9.89 -7.34 -3.59
C LYS A 73 -11.21 -6.64 -3.90
N PHE A 74 -11.67 -5.81 -3.01
CA PHE A 74 -12.96 -5.10 -3.24
C PHE A 74 -12.73 -3.76 -3.95
N ASP A 75 -13.77 -3.00 -4.14
CA ASP A 75 -13.64 -1.68 -4.82
C ASP A 75 -12.78 -1.79 -6.08
N GLU A 76 -12.24 -0.69 -6.53
CA GLU A 76 -11.39 -0.71 -7.75
C GLU A 76 -10.31 -1.79 -7.63
N GLY A 77 -9.52 -1.74 -6.60
CA GLY A 77 -8.46 -2.78 -6.43
C GLY A 77 -7.09 -2.10 -6.27
N ARG A 78 -6.96 -0.89 -6.73
CA ARG A 78 -5.64 -0.20 -6.62
C ARG A 78 -5.84 1.29 -6.33
N ASN A 79 -4.86 1.94 -5.75
CA ASN A 79 -4.98 3.39 -5.44
C ASN A 79 -3.74 4.13 -5.92
N ASN A 80 -3.57 5.35 -5.51
CA ASN A 80 -2.38 6.13 -5.93
C ASN A 80 -2.10 7.25 -4.92
N PHE A 81 -1.46 6.93 -3.82
CA PHE A 81 -1.17 7.97 -2.80
C PHE A 81 -0.48 9.18 -3.46
N GLU A 82 -1.06 10.34 -3.33
CA GLU A 82 -0.46 11.56 -3.94
C GLU A 82 -0.27 12.63 -2.88
N GLY A 83 0.88 12.67 -2.25
CA GLY A 83 1.13 13.71 -1.21
C GLY A 83 2.36 13.32 -0.39
N GLU A 84 2.75 14.15 0.53
CA GLU A 84 3.95 13.83 1.37
C GLU A 84 3.78 12.48 2.05
N VAL A 85 4.49 11.48 1.60
CA VAL A 85 4.36 10.13 2.22
C VAL A 85 4.85 10.18 3.67
N THR A 86 3.96 9.98 4.61
CA THR A 86 4.37 10.03 6.04
C THR A 86 3.47 9.12 6.88
N LYS A 87 3.95 8.68 8.02
CA LYS A 87 3.12 7.79 8.89
C LYS A 87 1.73 8.39 9.10
N GLU A 88 1.65 9.63 9.51
CA GLU A 88 0.32 10.26 9.73
C GLU A 88 -0.53 10.18 8.46
N ASN A 89 0.08 10.39 7.33
CA ASN A 89 -0.69 10.33 6.05
C ASN A 89 -0.94 8.88 5.64
N LEU A 90 0.09 8.07 5.67
CA LEU A 90 -0.10 6.63 5.28
C LEU A 90 -1.23 6.00 6.09
N LEU A 91 -1.13 6.01 7.39
CA LEU A 91 -2.20 5.41 8.23
C LEU A 91 -3.56 6.00 7.86
N ASP A 92 -3.59 7.16 7.28
CA ASP A 92 -4.89 7.78 6.91
C ASP A 92 -5.37 7.21 5.57
N PHE A 93 -4.53 7.19 4.58
CA PHE A 93 -4.94 6.65 3.26
C PHE A 93 -5.38 5.18 3.38
N ILE A 94 -4.53 4.34 3.90
CA ILE A 94 -4.89 2.90 4.06
C ILE A 94 -6.19 2.76 4.86
N LYS A 95 -6.29 3.42 5.98
CA LYS A 95 -7.52 3.30 6.81
C LYS A 95 -8.77 3.56 5.96
N HIS A 96 -8.64 4.32 4.91
CA HIS A 96 -9.82 4.61 4.04
C HIS A 96 -9.97 3.52 2.96
N ASN A 97 -8.88 2.87 2.62
CA ASN A 97 -8.95 1.82 1.58
C ASN A 97 -9.26 0.45 2.20
N GLN A 98 -8.79 0.21 3.39
CA GLN A 98 -9.05 -1.10 4.06
C GLN A 98 -10.35 -1.04 4.87
N LEU A 99 -11.20 -0.10 4.59
CA LEU A 99 -12.48 0.01 5.35
C LEU A 99 -13.63 0.36 4.42
N PRO A 100 -14.06 -0.59 3.64
CA PRO A 100 -15.18 -0.35 2.69
C PRO A 100 -16.50 -0.22 3.44
N LEU A 101 -17.58 0.00 2.74
CA LEU A 101 -18.90 0.14 3.42
C LEU A 101 -19.81 -1.05 3.08
N VAL A 102 -20.19 -1.81 4.07
CA VAL A 102 -21.07 -2.99 3.79
C VAL A 102 -22.53 -2.64 4.12
N ILE A 103 -23.46 -3.21 3.41
CA ILE A 103 -24.90 -2.90 3.69
C ILE A 103 -25.12 -1.39 3.68
N GLU A 104 -25.34 -0.82 2.53
CA GLU A 104 -25.58 0.65 2.46
C GLU A 104 -26.23 1.02 1.12
N PHE A 105 -27.50 1.31 1.13
CA PHE A 105 -28.19 1.69 -0.14
C PHE A 105 -27.69 3.05 -0.62
N THR A 106 -27.33 3.17 -1.87
CA THR A 106 -26.84 4.46 -2.40
C THR A 106 -27.64 4.89 -3.62
N GLU A 107 -28.61 5.75 -3.44
CA GLU A 107 -29.43 6.20 -4.59
C GLU A 107 -28.94 7.56 -5.09
N GLN A 108 -29.14 8.60 -4.33
CA GLN A 108 -28.68 9.94 -4.76
C GLN A 108 -27.61 10.47 -3.79
N THR A 109 -26.71 11.28 -4.27
CA THR A 109 -25.65 11.83 -3.38
C THR A 109 -26.16 13.06 -2.63
N ALA A 110 -27.04 13.81 -3.25
CA ALA A 110 -27.58 15.02 -2.57
C ALA A 110 -28.89 15.46 -3.24
N ALA A 1 8.43 -4.55 10.56
CA ALA A 1 8.77 -3.84 9.30
C ALA A 1 7.72 -4.15 8.22
N ALA A 2 8.09 -4.05 6.98
CA ALA A 2 7.11 -4.34 5.88
C ALA A 2 7.51 -5.61 5.13
N THR A 3 6.86 -5.88 4.03
CA THR A 3 7.20 -7.11 3.25
C THR A 3 8.13 -6.75 2.09
N THR A 4 9.41 -6.90 2.28
CA THR A 4 10.36 -6.57 1.18
C THR A 4 10.09 -7.47 -0.03
N LEU A 5 9.48 -6.95 -1.05
CA LEU A 5 9.19 -7.78 -2.26
C LEU A 5 10.41 -7.84 -3.18
N PRO A 6 10.70 -9.01 -3.69
CA PRO A 6 11.86 -9.18 -4.59
C PRO A 6 11.56 -8.57 -5.95
N ASP A 7 10.36 -8.73 -6.45
CA ASP A 7 10.01 -8.15 -7.78
C ASP A 7 8.50 -7.95 -7.90
N GLY A 8 8.06 -7.67 -9.09
CA GLY A 8 6.60 -7.46 -9.31
C GLY A 8 5.86 -8.78 -9.09
N ALA A 9 6.49 -9.88 -9.38
CA ALA A 9 5.82 -11.19 -9.18
C ALA A 9 5.29 -11.30 -7.75
N ALA A 10 5.90 -10.61 -6.83
CA ALA A 10 5.42 -10.67 -5.41
C ALA A 10 4.35 -9.61 -5.18
N ALA A 11 4.46 -8.49 -5.85
CA ALA A 11 3.44 -7.42 -5.68
C ALA A 11 2.04 -7.96 -5.99
N GLU A 12 1.92 -8.75 -7.02
CA GLU A 12 0.59 -9.32 -7.37
C GLU A 12 0.20 -10.42 -6.38
N SER A 13 1.07 -11.37 -6.17
CA SER A 13 0.75 -12.48 -5.22
C SER A 13 0.35 -11.89 -3.87
N LEU A 14 1.02 -10.86 -3.43
CA LEU A 14 0.68 -10.24 -2.12
C LEU A 14 -0.80 -9.89 -2.08
N VAL A 15 -1.28 -9.20 -3.08
CA VAL A 15 -2.72 -8.82 -3.11
C VAL A 15 -3.61 -10.07 -2.93
N GLU A 16 -3.16 -11.20 -3.41
CA GLU A 16 -3.97 -12.44 -3.28
C GLU A 16 -3.65 -13.14 -1.95
N SER A 17 -2.43 -13.03 -1.48
CA SER A 17 -2.06 -13.69 -0.20
C SER A 17 -3.06 -13.30 0.90
N SER A 18 -3.38 -12.04 1.01
CA SER A 18 -4.34 -11.60 2.06
C SER A 18 -5.40 -10.67 1.46
N GLU A 19 -6.48 -10.46 2.15
CA GLU A 19 -7.55 -9.56 1.61
C GLU A 19 -7.02 -8.14 1.45
N VAL A 20 -6.29 -7.65 2.43
CA VAL A 20 -5.74 -6.27 2.34
C VAL A 20 -4.21 -6.30 2.36
N ALA A 21 -3.59 -5.38 1.69
CA ALA A 21 -2.10 -5.35 1.65
C ALA A 21 -1.61 -4.11 0.91
N VAL A 22 -0.76 -3.32 1.51
CA VAL A 22 -0.26 -2.10 0.84
C VAL A 22 1.11 -2.36 0.20
N ILE A 23 1.40 -1.72 -0.90
CA ILE A 23 2.72 -1.91 -1.55
C ILE A 23 3.22 -0.58 -2.10
N GLY A 24 4.22 -0.01 -1.48
CA GLY A 24 4.75 1.29 -1.97
C GLY A 24 5.76 1.05 -3.09
N PHE A 25 6.06 2.06 -3.84
CA PHE A 25 7.04 1.92 -4.95
C PHE A 25 8.13 2.99 -4.82
N PHE A 26 8.98 2.86 -3.83
CA PHE A 26 10.06 3.88 -3.65
C PHE A 26 11.37 3.41 -4.28
N LYS A 27 12.13 4.33 -4.81
CA LYS A 27 13.43 3.96 -5.43
C LYS A 27 14.55 4.02 -4.39
N ASP A 28 14.40 4.86 -3.40
CA ASP A 28 15.44 4.97 -2.34
C ASP A 28 14.89 4.46 -1.00
N VAL A 29 14.94 3.18 -0.79
CA VAL A 29 14.43 2.60 0.49
C VAL A 29 15.28 3.06 1.67
N GLU A 30 16.43 3.63 1.43
CA GLU A 30 17.30 4.08 2.55
C GLU A 30 17.14 5.59 2.79
N SER A 31 16.24 6.23 2.08
CA SER A 31 16.06 7.71 2.28
C SER A 31 15.07 7.96 3.41
N ASP A 32 14.48 9.13 3.45
CA ASP A 32 13.51 9.44 4.53
C ASP A 32 12.11 9.02 4.12
N SER A 33 11.79 9.16 2.85
CA SER A 33 10.43 8.76 2.38
C SER A 33 10.13 7.31 2.76
N ALA A 34 11.14 6.47 2.79
CA ALA A 34 10.91 5.05 3.15
C ALA A 34 10.89 4.89 4.67
N LYS A 35 11.66 5.68 5.38
CA LYS A 35 11.67 5.58 6.86
C LYS A 35 10.25 5.68 7.42
N GLN A 36 9.52 6.69 7.01
CA GLN A 36 8.12 6.85 7.50
C GLN A 36 7.31 5.60 7.19
N PHE A 37 7.47 5.05 6.01
CA PHE A 37 6.70 3.83 5.64
C PHE A 37 6.88 2.75 6.72
N LEU A 38 8.10 2.38 6.99
CA LEU A 38 8.35 1.34 8.03
C LEU A 38 7.66 1.73 9.34
N GLN A 39 7.95 2.91 9.85
CA GLN A 39 7.32 3.36 11.11
C GLN A 39 5.81 3.13 11.07
N ALA A 40 5.15 3.52 10.01
CA ALA A 40 3.68 3.30 9.92
C ALA A 40 3.38 1.81 9.88
N ALA A 41 4.13 1.06 9.11
CA ALA A 41 3.89 -0.40 9.04
C ALA A 41 4.06 -1.04 10.42
N GLU A 42 4.96 -0.53 11.20
CA GLU A 42 5.17 -1.09 12.57
C GLU A 42 3.96 -0.80 13.45
N ALA A 43 3.27 0.29 13.19
CA ALA A 43 2.08 0.64 14.02
C ALA A 43 1.04 -0.49 13.95
N ILE A 44 0.53 -0.76 12.78
CA ILE A 44 -0.48 -1.84 12.64
C ILE A 44 0.22 -3.18 12.37
N ASP A 45 -0.36 -4.27 12.81
CA ASP A 45 0.29 -5.59 12.56
C ASP A 45 -0.65 -6.49 11.74
N ASP A 46 -1.93 -6.33 11.89
CA ASP A 46 -2.88 -7.18 11.11
C ASP A 46 -2.83 -6.83 9.62
N ILE A 47 -2.23 -5.72 9.27
CA ILE A 47 -2.16 -5.33 7.83
C ILE A 47 -0.78 -5.71 7.25
N PRO A 48 -0.79 -6.49 6.19
CA PRO A 48 0.47 -6.91 5.56
C PRO A 48 0.96 -5.83 4.59
N PHE A 49 2.00 -5.13 4.95
CA PHE A 49 2.52 -4.04 4.06
C PHE A 49 3.72 -4.55 3.25
N GLY A 50 3.97 -3.99 2.10
CA GLY A 50 5.12 -4.44 1.29
C GLY A 50 5.84 -3.22 0.71
N ILE A 51 7.14 -3.27 0.60
CA ILE A 51 7.90 -2.12 0.04
C ILE A 51 9.06 -2.60 -0.82
N THR A 52 9.15 -2.15 -2.04
CA THR A 52 10.26 -2.59 -2.92
C THR A 52 10.74 -1.46 -3.81
N SER A 53 11.95 -1.58 -4.27
CA SER A 53 12.53 -0.55 -5.17
C SER A 53 13.05 -1.24 -6.43
N ASN A 54 12.84 -2.52 -6.57
CA ASN A 54 13.33 -3.25 -7.77
C ASN A 54 12.68 -2.68 -9.04
N SER A 55 13.46 -2.33 -10.02
CA SER A 55 12.89 -1.76 -11.27
C SER A 55 11.80 -2.69 -11.83
N ASP A 56 11.96 -3.97 -11.66
CA ASP A 56 10.93 -4.91 -12.17
C ASP A 56 9.54 -4.54 -11.62
N VAL A 57 9.49 -4.05 -10.41
CA VAL A 57 8.18 -3.65 -9.82
C VAL A 57 7.76 -2.30 -10.39
N PHE A 58 8.70 -1.49 -10.78
CA PHE A 58 8.36 -0.16 -11.35
C PHE A 58 7.99 -0.30 -12.82
N SER A 59 8.72 -1.09 -13.55
CA SER A 59 8.40 -1.28 -15.00
C SER A 59 7.12 -2.09 -15.18
N LYS A 60 6.57 -2.62 -14.11
CA LYS A 60 5.31 -3.41 -14.22
C LYS A 60 4.12 -2.46 -14.09
N TYR A 61 4.16 -1.59 -13.13
CA TYR A 61 3.06 -0.64 -12.93
C TYR A 61 3.28 0.65 -13.75
N GLN A 62 4.31 0.68 -14.55
CA GLN A 62 4.57 1.89 -15.38
C GLN A 62 4.60 3.15 -14.50
N LEU A 63 5.46 3.19 -13.53
CA LEU A 63 5.53 4.40 -12.66
C LEU A 63 6.67 5.32 -13.12
N ASP A 64 6.41 6.58 -13.30
CA ASP A 64 7.48 7.50 -13.75
C ASP A 64 8.26 8.04 -12.53
N LYS A 65 8.05 7.47 -11.37
CA LYS A 65 8.77 7.94 -10.15
C LYS A 65 8.33 7.12 -8.94
N ASP A 66 8.59 7.60 -7.76
CA ASP A 66 8.18 6.83 -6.54
C ASP A 66 6.75 7.20 -6.15
N GLY A 67 6.07 6.33 -5.45
CA GLY A 67 4.68 6.64 -5.03
C GLY A 67 4.14 5.49 -4.16
N VAL A 68 3.22 5.78 -3.28
CA VAL A 68 2.67 4.71 -2.42
C VAL A 68 1.27 4.30 -2.89
N VAL A 69 1.06 3.02 -3.08
CA VAL A 69 -0.27 2.54 -3.54
C VAL A 69 -0.70 1.33 -2.71
N LEU A 70 -1.98 1.12 -2.55
CA LEU A 70 -2.43 -0.05 -1.75
C LEU A 70 -3.15 -1.06 -2.65
N PHE A 71 -3.23 -2.29 -2.24
CA PHE A 71 -3.90 -3.30 -3.09
C PHE A 71 -4.96 -4.06 -2.28
N LYS A 72 -6.15 -4.17 -2.79
CA LYS A 72 -7.22 -4.90 -2.06
C LYS A 72 -8.02 -5.78 -3.02
N LYS A 73 -8.81 -6.67 -2.52
CA LYS A 73 -9.62 -7.55 -3.40
C LYS A 73 -10.95 -6.89 -3.73
N PHE A 74 -11.49 -6.16 -2.81
CA PHE A 74 -12.80 -5.46 -3.06
C PHE A 74 -12.57 -4.06 -3.64
N ASP A 75 -13.62 -3.30 -3.79
CA ASP A 75 -13.48 -1.92 -4.35
C ASP A 75 -12.72 -1.97 -5.66
N GLU A 76 -12.17 -0.85 -6.05
CA GLU A 76 -11.41 -0.78 -7.33
C GLU A 76 -10.30 -1.85 -7.33
N GLY A 77 -9.46 -1.84 -6.34
CA GLY A 77 -8.36 -2.84 -6.28
C GLY A 77 -7.04 -2.13 -6.05
N ARG A 78 -6.85 -0.98 -6.65
CA ARG A 78 -5.57 -0.24 -6.46
C ARG A 78 -5.86 1.21 -6.07
N ASN A 79 -4.87 1.91 -5.58
CA ASN A 79 -5.08 3.33 -5.18
C ASN A 79 -4.01 4.22 -5.83
N ASN A 80 -3.68 5.31 -5.19
CA ASN A 80 -2.64 6.21 -5.77
C ASN A 80 -2.31 7.33 -4.79
N PHE A 81 -1.52 7.05 -3.79
CA PHE A 81 -1.15 8.10 -2.80
C PHE A 81 -0.48 9.27 -3.52
N GLU A 82 -1.07 10.43 -3.44
CA GLU A 82 -0.47 11.62 -4.13
C GLU A 82 -0.28 12.76 -3.13
N GLY A 83 0.13 12.46 -1.93
CA GLY A 83 0.34 13.53 -0.92
C GLY A 83 1.72 13.37 -0.30
N GLU A 84 1.88 13.76 0.93
CA GLU A 84 3.22 13.62 1.58
C GLU A 84 3.32 12.26 2.29
N VAL A 85 3.93 11.29 1.65
CA VAL A 85 4.05 9.95 2.28
C VAL A 85 4.63 10.08 3.69
N THR A 86 3.81 9.98 4.69
CA THR A 86 4.32 10.09 6.09
C THR A 86 3.59 9.10 6.99
N LYS A 87 4.25 8.64 8.02
CA LYS A 87 3.63 7.66 8.96
C LYS A 87 2.21 8.11 9.36
N GLU A 88 1.99 9.40 9.41
CA GLU A 88 0.63 9.90 9.79
C GLU A 88 -0.31 9.83 8.59
N ASN A 89 0.19 10.02 7.41
CA ASN A 89 -0.68 9.96 6.21
C ASN A 89 -0.87 8.50 5.76
N LEU A 90 0.19 7.76 5.67
CA LEU A 90 0.08 6.33 5.24
C LEU A 90 -0.96 5.60 6.10
N LEU A 91 -0.88 5.74 7.39
CA LEU A 91 -1.87 5.05 8.27
C LEU A 91 -3.29 5.51 7.93
N ASP A 92 -3.43 6.72 7.47
CA ASP A 92 -4.79 7.23 7.13
C ASP A 92 -5.23 6.69 5.76
N PHE A 93 -4.31 6.52 4.85
CA PHE A 93 -4.67 5.99 3.51
C PHE A 93 -5.23 4.57 3.64
N ILE A 94 -4.43 3.65 4.10
CA ILE A 94 -4.91 2.24 4.25
C ILE A 94 -6.24 2.21 5.01
N LYS A 95 -6.30 2.87 6.14
CA LYS A 95 -7.55 2.87 6.95
C LYS A 95 -8.76 3.20 6.07
N HIS A 96 -8.56 3.89 4.98
CA HIS A 96 -9.70 4.23 4.08
C HIS A 96 -9.82 3.22 2.93
N ASN A 97 -8.80 2.44 2.70
CA ASN A 97 -8.87 1.46 1.58
C ASN A 97 -9.16 0.05 2.11
N GLN A 98 -8.83 -0.21 3.35
CA GLN A 98 -9.09 -1.57 3.91
C GLN A 98 -10.52 -1.66 4.48
N LEU A 99 -11.31 -0.64 4.30
CA LEU A 99 -12.70 -0.68 4.83
C LEU A 99 -13.71 -0.36 3.72
N PRO A 100 -14.41 -1.38 3.26
CA PRO A 100 -15.41 -1.17 2.18
C PRO A 100 -16.62 -0.41 2.72
N LEU A 101 -17.20 0.44 1.91
CA LEU A 101 -18.39 1.21 2.38
C LEU A 101 -19.67 0.46 2.03
N VAL A 102 -20.80 1.12 2.12
CA VAL A 102 -22.08 0.44 1.80
C VAL A 102 -23.10 1.45 1.26
N ILE A 103 -22.78 2.13 0.20
CA ILE A 103 -23.73 3.13 -0.37
C ILE A 103 -24.22 2.68 -1.74
N GLU A 104 -25.30 3.25 -2.21
CA GLU A 104 -25.83 2.85 -3.55
C GLU A 104 -25.59 3.98 -4.56
N PHE A 105 -25.24 3.64 -5.77
CA PHE A 105 -25.00 4.70 -6.80
C PHE A 105 -26.16 4.73 -7.80
N THR A 106 -26.08 5.59 -8.78
CA THR A 106 -27.18 5.69 -9.78
C THR A 106 -26.77 5.02 -11.10
N GLU A 107 -26.87 3.73 -11.17
CA GLU A 107 -26.48 3.02 -12.42
C GLU A 107 -27.72 2.76 -13.29
N GLN A 108 -28.37 3.81 -13.73
CA GLN A 108 -29.58 3.63 -14.58
C GLN A 108 -30.59 2.71 -13.87
N THR A 109 -31.37 3.26 -12.98
CA THR A 109 -32.36 2.43 -12.25
C THR A 109 -33.29 1.71 -13.24
N ALA A 110 -32.97 0.50 -13.61
CA ALA A 110 -33.84 -0.23 -14.58
C ALA A 110 -34.87 -1.09 -13.83
N ALA A 1 6.92 -3.18 10.56
CA ALA A 1 7.92 -3.45 9.49
C ALA A 1 7.20 -3.69 8.16
N ALA A 2 7.92 -4.08 7.14
CA ALA A 2 7.29 -4.32 5.82
C ALA A 2 7.78 -5.65 5.23
N THR A 3 7.36 -5.97 4.04
CA THR A 3 7.80 -7.24 3.40
C THR A 3 8.53 -6.94 2.09
N THR A 4 9.81 -7.21 2.05
CA THR A 4 10.60 -6.94 0.81
C THR A 4 10.16 -7.90 -0.31
N LEU A 5 10.13 -7.43 -1.53
CA LEU A 5 9.71 -8.31 -2.65
C LEU A 5 10.81 -8.32 -3.74
N PRO A 6 10.97 -9.47 -4.36
CA PRO A 6 12.00 -9.61 -5.42
C PRO A 6 11.55 -8.86 -6.69
N ASP A 7 10.29 -8.96 -7.03
CA ASP A 7 9.79 -8.26 -8.24
C ASP A 7 8.26 -8.31 -8.30
N GLY A 8 7.72 -7.92 -9.41
CA GLY A 8 6.24 -7.94 -9.56
C GLY A 8 5.70 -9.34 -9.25
N ALA A 9 6.49 -10.34 -9.47
CA ALA A 9 6.02 -11.73 -9.20
C ALA A 9 5.48 -11.84 -7.76
N ALA A 10 6.02 -11.07 -6.85
CA ALA A 10 5.52 -11.14 -5.45
C ALA A 10 4.38 -10.14 -5.24
N ALA A 11 4.48 -9.00 -5.86
CA ALA A 11 3.40 -7.98 -5.71
C ALA A 11 2.06 -8.56 -6.17
N GLU A 12 2.09 -9.43 -7.15
CA GLU A 12 0.82 -10.03 -7.64
C GLU A 12 0.32 -11.08 -6.63
N SER A 13 1.15 -11.99 -6.24
CA SER A 13 0.73 -13.04 -5.26
C SER A 13 0.42 -12.39 -3.91
N LEU A 14 1.08 -11.32 -3.59
CA LEU A 14 0.82 -10.64 -2.28
C LEU A 14 -0.63 -10.20 -2.20
N VAL A 15 -1.12 -9.54 -3.22
CA VAL A 15 -2.54 -9.08 -3.21
C VAL A 15 -3.47 -10.28 -2.98
N GLU A 16 -3.33 -11.32 -3.75
CA GLU A 16 -4.20 -12.51 -3.59
C GLU A 16 -3.94 -13.18 -2.23
N SER A 17 -2.80 -12.92 -1.65
CA SER A 17 -2.48 -13.52 -0.33
C SER A 17 -3.60 -13.28 0.66
N SER A 18 -4.02 -12.04 0.81
CA SER A 18 -5.12 -11.72 1.77
C SER A 18 -6.09 -10.73 1.15
N GLU A 19 -7.02 -10.23 1.93
CA GLU A 19 -7.99 -9.25 1.39
C GLU A 19 -7.34 -7.88 1.22
N VAL A 20 -6.51 -7.49 2.16
CA VAL A 20 -5.84 -6.16 2.05
C VAL A 20 -4.31 -6.34 2.01
N ALA A 21 -3.63 -5.48 1.30
CA ALA A 21 -2.14 -5.62 1.22
C ALA A 21 -1.54 -4.39 0.54
N VAL A 22 -0.65 -3.69 1.21
CA VAL A 22 -0.04 -2.48 0.60
C VAL A 22 1.40 -2.79 0.15
N ILE A 23 1.85 -2.15 -0.89
CA ILE A 23 3.24 -2.40 -1.37
C ILE A 23 3.95 -1.07 -1.64
N GLY A 24 4.88 -0.70 -0.80
CA GLY A 24 5.61 0.58 -1.02
C GLY A 24 6.62 0.41 -2.16
N PHE A 25 6.50 1.22 -3.18
CA PHE A 25 7.46 1.10 -4.32
C PHE A 25 8.53 2.19 -4.22
N PHE A 26 9.37 2.13 -3.23
CA PHE A 26 10.43 3.16 -3.09
C PHE A 26 11.73 2.70 -3.73
N LYS A 27 12.48 3.60 -4.30
CA LYS A 27 13.77 3.23 -4.93
C LYS A 27 14.90 3.34 -3.91
N ASP A 28 14.78 4.26 -2.99
CA ASP A 28 15.83 4.44 -1.95
C ASP A 28 15.21 4.30 -0.56
N VAL A 29 14.80 3.11 -0.20
CA VAL A 29 14.17 2.92 1.14
C VAL A 29 15.10 3.44 2.25
N GLU A 30 16.36 3.56 1.97
CA GLU A 30 17.30 4.08 3.01
C GLU A 30 17.23 5.61 3.12
N SER A 31 16.34 6.23 2.40
CA SER A 31 16.23 7.72 2.47
C SER A 31 15.30 8.13 3.60
N ASP A 32 14.85 9.36 3.60
CA ASP A 32 13.93 9.82 4.68
C ASP A 32 12.47 9.56 4.27
N SER A 33 12.14 9.80 3.04
CA SER A 33 10.73 9.56 2.59
C SER A 33 10.34 8.12 2.89
N ALA A 34 11.28 7.22 2.90
CA ALA A 34 10.96 5.80 3.20
C ALA A 34 10.81 5.60 4.70
N LYS A 35 11.59 6.30 5.49
CA LYS A 35 11.48 6.16 6.97
C LYS A 35 10.03 6.32 7.42
N GLN A 36 9.34 7.30 6.90
CA GLN A 36 7.92 7.51 7.29
C GLN A 36 7.15 6.22 7.05
N PHE A 37 7.30 5.62 5.90
CA PHE A 37 6.58 4.35 5.61
C PHE A 37 6.84 3.34 6.73
N LEU A 38 8.09 3.04 7.00
CA LEU A 38 8.41 2.08 8.09
C LEU A 38 7.69 2.47 9.38
N GLN A 39 7.94 3.66 9.86
CA GLN A 39 7.26 4.12 11.12
C GLN A 39 5.75 3.87 11.03
N ALA A 40 5.16 4.15 9.90
CA ALA A 40 3.70 3.93 9.76
C ALA A 40 3.40 2.43 9.62
N ALA A 41 4.35 1.68 9.13
CA ALA A 41 4.12 0.21 8.97
C ALA A 41 4.32 -0.49 10.32
N GLU A 42 5.14 0.05 11.17
CA GLU A 42 5.37 -0.59 12.50
C GLU A 42 4.06 -0.60 13.31
N ALA A 43 3.29 0.46 13.21
CA ALA A 43 2.01 0.51 13.97
C ALA A 43 1.03 -0.55 13.43
N ILE A 44 1.14 -0.86 12.16
CA ILE A 44 0.23 -1.89 11.56
C ILE A 44 0.86 -3.27 11.69
N ASP A 45 0.18 -4.19 12.33
CA ASP A 45 0.74 -5.57 12.49
C ASP A 45 -0.23 -6.61 11.92
N ASP A 46 -1.34 -6.19 11.37
CA ASP A 46 -2.30 -7.18 10.81
C ASP A 46 -2.31 -7.10 9.27
N ILE A 47 -1.84 -6.01 8.72
CA ILE A 47 -1.83 -5.88 7.24
C ILE A 47 -0.49 -6.37 6.68
N PRO A 48 -0.54 -6.96 5.51
CA PRO A 48 0.67 -7.48 4.86
C PRO A 48 1.40 -6.36 4.11
N PHE A 49 2.12 -5.54 4.80
CA PHE A 49 2.84 -4.41 4.15
C PHE A 49 4.03 -4.93 3.33
N GLY A 50 4.10 -4.57 2.07
CA GLY A 50 5.23 -5.05 1.22
C GLY A 50 6.03 -3.84 0.72
N ILE A 51 7.27 -4.05 0.36
CA ILE A 51 8.10 -2.91 -0.14
C ILE A 51 9.15 -3.41 -1.14
N THR A 52 9.40 -2.64 -2.16
CA THR A 52 10.43 -3.06 -3.16
C THR A 52 10.94 -1.85 -3.94
N SER A 53 12.11 -1.97 -4.45
CA SER A 53 12.72 -0.86 -5.23
C SER A 53 13.18 -1.39 -6.59
N ASN A 54 12.85 -2.62 -6.91
CA ASN A 54 13.28 -3.18 -8.22
C ASN A 54 12.57 -2.47 -9.36
N SER A 55 13.31 -1.85 -10.25
CA SER A 55 12.68 -1.13 -11.39
C SER A 55 11.65 -2.04 -12.09
N ASP A 56 11.84 -3.33 -12.03
CA ASP A 56 10.87 -4.24 -12.69
C ASP A 56 9.46 -3.96 -12.18
N VAL A 57 9.33 -3.73 -10.89
CA VAL A 57 7.99 -3.43 -10.33
C VAL A 57 7.61 -1.98 -10.62
N PHE A 58 8.59 -1.14 -10.83
CA PHE A 58 8.30 0.29 -11.13
C PHE A 58 7.73 0.42 -12.54
N SER A 59 8.40 -0.14 -13.51
CA SER A 59 7.89 -0.06 -14.91
C SER A 59 6.64 -0.93 -15.08
N LYS A 60 6.42 -1.84 -14.16
CA LYS A 60 5.22 -2.72 -14.26
C LYS A 60 3.95 -1.92 -13.93
N TYR A 61 3.93 -1.26 -12.81
CA TYR A 61 2.73 -0.46 -12.43
C TYR A 61 2.85 0.98 -12.95
N GLN A 62 3.65 1.20 -13.96
CA GLN A 62 3.81 2.58 -14.50
C GLN A 62 4.20 3.54 -13.38
N LEU A 63 5.29 3.27 -12.71
CA LEU A 63 5.74 4.17 -11.61
C LEU A 63 7.04 4.86 -11.99
N ASP A 64 6.98 6.07 -12.50
CA ASP A 64 8.22 6.78 -12.89
C ASP A 64 9.09 7.04 -11.66
N LYS A 65 8.53 6.97 -10.49
CA LYS A 65 9.33 7.21 -9.25
C LYS A 65 8.73 6.46 -8.07
N ASP A 66 9.04 6.86 -6.86
CA ASP A 66 8.47 6.17 -5.67
C ASP A 66 6.94 6.12 -5.78
N GLY A 67 6.32 5.13 -5.18
CA GLY A 67 4.83 5.05 -5.26
C GLY A 67 4.28 4.31 -4.06
N VAL A 68 3.22 4.81 -3.48
CA VAL A 68 2.62 4.13 -2.30
C VAL A 68 1.17 3.77 -2.60
N VAL A 69 0.95 2.64 -3.23
CA VAL A 69 -0.45 2.23 -3.56
C VAL A 69 -0.86 1.02 -2.73
N LEU A 70 -2.12 0.89 -2.43
CA LEU A 70 -2.58 -0.28 -1.64
C LEU A 70 -3.33 -1.23 -2.57
N PHE A 71 -3.32 -2.51 -2.29
CA PHE A 71 -4.02 -3.46 -3.19
C PHE A 71 -5.09 -4.22 -2.41
N LYS A 72 -6.32 -4.05 -2.77
CA LYS A 72 -7.42 -4.77 -2.06
C LYS A 72 -8.25 -5.58 -3.05
N LYS A 73 -9.13 -6.42 -2.56
CA LYS A 73 -9.97 -7.23 -3.48
C LYS A 73 -11.29 -6.52 -3.76
N PHE A 74 -11.71 -5.65 -2.89
CA PHE A 74 -12.99 -4.91 -3.13
C PHE A 74 -12.73 -3.60 -3.86
N ASP A 75 -13.75 -2.80 -3.98
CA ASP A 75 -13.61 -1.48 -4.70
C ASP A 75 -12.89 -1.67 -6.02
N GLU A 76 -12.25 -0.65 -6.50
CA GLU A 76 -11.52 -0.74 -7.79
C GLU A 76 -10.35 -1.73 -7.66
N GLY A 77 -9.62 -1.66 -6.59
CA GLY A 77 -8.47 -2.60 -6.41
C GLY A 77 -7.22 -1.81 -6.02
N ARG A 78 -7.01 -0.67 -6.60
CA ARG A 78 -5.81 0.14 -6.25
C ARG A 78 -6.23 1.48 -5.63
N ASN A 79 -5.28 2.27 -5.20
CA ASN A 79 -5.63 3.57 -4.56
C ASN A 79 -4.74 4.70 -5.08
N ASN A 80 -3.45 4.45 -5.17
CA ASN A 80 -2.51 5.52 -5.65
C ASN A 80 -2.47 6.69 -4.68
N PHE A 81 -1.60 6.62 -3.71
CA PHE A 81 -1.51 7.72 -2.71
C PHE A 81 -1.24 9.07 -3.40
N GLU A 82 -2.08 10.04 -3.18
CA GLU A 82 -1.89 11.36 -3.82
C GLU A 82 -1.74 12.45 -2.76
N GLY A 83 -0.53 12.88 -2.49
CA GLY A 83 -0.33 13.94 -1.47
C GLY A 83 1.06 13.81 -0.86
N GLU A 84 1.27 14.36 0.30
CA GLU A 84 2.61 14.26 0.96
C GLU A 84 2.76 12.91 1.66
N VAL A 85 3.72 12.13 1.25
CA VAL A 85 3.92 10.81 1.91
C VAL A 85 4.42 11.00 3.35
N THR A 86 3.55 10.82 4.30
CA THR A 86 3.96 10.99 5.72
C THR A 86 3.34 9.90 6.57
N LYS A 87 4.00 9.48 7.62
CA LYS A 87 3.43 8.43 8.50
C LYS A 87 2.00 8.77 8.91
N GLU A 88 1.73 10.02 9.17
CA GLU A 88 0.35 10.41 9.57
C GLU A 88 -0.61 10.22 8.39
N ASN A 89 -0.18 10.55 7.21
CA ASN A 89 -1.05 10.38 6.02
C ASN A 89 -1.07 8.91 5.59
N LEU A 90 0.01 8.20 5.81
CA LEU A 90 0.07 6.77 5.42
C LEU A 90 -0.92 5.96 6.25
N LEU A 91 -0.83 6.03 7.55
CA LEU A 91 -1.78 5.26 8.41
C LEU A 91 -3.22 5.62 8.08
N ASP A 92 -3.44 6.80 7.55
CA ASP A 92 -4.83 7.20 7.20
C ASP A 92 -5.23 6.59 5.85
N PHE A 93 -4.39 6.72 4.87
CA PHE A 93 -4.72 6.15 3.53
C PHE A 93 -5.12 4.67 3.66
N ILE A 94 -4.26 3.86 4.20
CA ILE A 94 -4.59 2.41 4.36
C ILE A 94 -5.93 2.25 5.07
N LYS A 95 -6.06 2.88 6.20
CA LYS A 95 -7.34 2.77 6.97
C LYS A 95 -8.53 3.12 6.08
N HIS A 96 -8.35 4.01 5.14
CA HIS A 96 -9.48 4.39 4.25
C HIS A 96 -9.73 3.32 3.19
N ASN A 97 -8.80 2.43 2.99
CA ASN A 97 -8.99 1.36 1.97
C ASN A 97 -9.29 0.02 2.64
N GLN A 98 -8.63 -0.29 3.72
CA GLN A 98 -8.88 -1.59 4.41
C GLN A 98 -10.32 -1.63 4.92
N LEU A 99 -10.91 -0.49 5.18
CA LEU A 99 -12.31 -0.47 5.68
C LEU A 99 -13.14 0.53 4.86
N PRO A 100 -13.50 0.11 3.67
CA PRO A 100 -14.31 1.00 2.78
C PRO A 100 -15.75 1.10 3.30
N LEU A 101 -16.25 2.29 3.42
CA LEU A 101 -17.65 2.46 3.91
C LEU A 101 -18.63 1.74 2.99
N VAL A 102 -19.12 0.60 3.40
CA VAL A 102 -20.08 -0.16 2.54
C VAL A 102 -21.42 -0.32 3.25
N ILE A 103 -22.48 0.17 2.66
CA ILE A 103 -23.82 0.04 3.30
C ILE A 103 -24.69 -0.94 2.51
N GLU A 104 -25.91 -1.12 2.94
CA GLU A 104 -26.81 -2.06 2.21
C GLU A 104 -28.24 -1.95 2.73
N PHE A 105 -29.19 -2.47 2.02
CA PHE A 105 -30.61 -2.39 2.47
C PHE A 105 -31.02 -0.93 2.68
N THR A 106 -32.29 -0.67 2.85
CA THR A 106 -32.75 0.73 3.06
C THR A 106 -33.23 0.92 4.50
N GLU A 107 -32.31 0.94 5.44
CA GLU A 107 -32.71 1.13 6.86
C GLU A 107 -31.58 1.80 7.64
N GLN A 108 -31.25 3.02 7.30
CA GLN A 108 -30.15 3.72 8.02
C GLN A 108 -30.51 3.86 9.51
N THR A 109 -29.59 4.37 10.29
CA THR A 109 -29.88 4.55 11.75
C THR A 109 -29.23 5.83 12.27
N ALA A 110 -29.40 6.92 11.56
CA ALA A 110 -28.80 8.20 12.01
C ALA A 110 -29.83 9.33 11.94
N ALA A 1 7.42 -5.48 10.93
CA ALA A 1 8.07 -4.67 9.86
C ALA A 1 7.26 -4.76 8.57
N ALA A 2 7.91 -4.64 7.44
CA ALA A 2 7.17 -4.72 6.15
C ALA A 2 7.55 -5.98 5.37
N THR A 3 7.04 -6.14 4.19
CA THR A 3 7.38 -7.35 3.39
C THR A 3 8.35 -6.98 2.26
N THR A 4 9.54 -7.52 2.29
CA THR A 4 10.52 -7.19 1.23
C THR A 4 10.22 -7.98 -0.05
N LEU A 5 9.93 -7.30 -1.12
CA LEU A 5 9.62 -8.01 -2.40
C LEU A 5 10.84 -7.98 -3.33
N PRO A 6 11.24 -9.14 -3.82
CA PRO A 6 12.39 -9.21 -4.74
C PRO A 6 12.02 -8.64 -6.11
N ASP A 7 10.77 -8.72 -6.48
CA ASP A 7 10.34 -8.18 -7.80
C ASP A 7 8.82 -8.05 -7.86
N GLY A 8 8.33 -7.77 -9.03
CA GLY A 8 6.86 -7.61 -9.20
C GLY A 8 6.17 -8.93 -8.91
N ALA A 9 6.85 -10.03 -9.08
CA ALA A 9 6.22 -11.35 -8.82
C ALA A 9 5.74 -11.43 -7.37
N ALA A 10 6.39 -10.75 -6.48
CA ALA A 10 5.95 -10.78 -5.06
C ALA A 10 4.85 -9.75 -4.84
N ALA A 11 4.77 -8.77 -5.70
CA ALA A 11 3.72 -7.72 -5.55
C ALA A 11 2.40 -8.21 -6.12
N GLU A 12 2.44 -9.16 -7.03
CA GLU A 12 1.17 -9.68 -7.61
C GLU A 12 0.58 -10.78 -6.71
N SER A 13 1.42 -11.58 -6.11
CA SER A 13 0.91 -12.66 -5.23
C SER A 13 0.49 -12.10 -3.87
N LEU A 14 1.15 -11.07 -3.41
CA LEU A 14 0.78 -10.47 -2.09
C LEU A 14 -0.67 -10.01 -2.11
N VAL A 15 -1.03 -9.21 -3.08
CA VAL A 15 -2.45 -8.72 -3.16
C VAL A 15 -3.42 -9.91 -3.17
N GLU A 16 -3.04 -10.97 -3.84
CA GLU A 16 -3.94 -12.16 -3.89
C GLU A 16 -3.74 -13.03 -2.65
N SER A 17 -2.61 -12.91 -1.99
CA SER A 17 -2.37 -13.73 -0.77
C SER A 17 -3.34 -13.31 0.34
N SER A 18 -3.37 -12.06 0.67
CA SER A 18 -4.29 -11.60 1.75
C SER A 18 -5.35 -10.64 1.19
N GLU A 19 -6.46 -10.50 1.85
CA GLU A 19 -7.52 -9.59 1.35
C GLU A 19 -6.97 -8.16 1.23
N VAL A 20 -6.28 -7.69 2.23
CA VAL A 20 -5.73 -6.31 2.18
C VAL A 20 -4.19 -6.36 2.28
N ALA A 21 -3.51 -5.79 1.31
CA ALA A 21 -2.03 -5.79 1.35
C ALA A 21 -1.50 -4.57 0.59
N VAL A 22 -0.76 -3.71 1.25
CA VAL A 22 -0.24 -2.51 0.55
C VAL A 22 1.21 -2.73 0.12
N ILE A 23 1.56 -2.21 -1.02
CA ILE A 23 2.96 -2.37 -1.51
C ILE A 23 3.48 -1.02 -2.03
N GLY A 24 4.47 -0.48 -1.38
CA GLY A 24 5.00 0.83 -1.83
C GLY A 24 6.00 0.65 -2.98
N PHE A 25 6.28 1.70 -3.68
CA PHE A 25 7.23 1.63 -4.83
C PHE A 25 8.32 2.69 -4.66
N PHE A 26 9.10 2.60 -3.62
CA PHE A 26 10.16 3.63 -3.40
C PHE A 26 11.39 3.34 -4.24
N LYS A 27 11.90 4.34 -4.89
CA LYS A 27 13.12 4.17 -5.72
C LYS A 27 14.35 4.15 -4.83
N ASP A 28 14.27 4.79 -3.71
CA ASP A 28 15.42 4.82 -2.76
C ASP A 28 14.96 4.38 -1.37
N VAL A 29 15.18 3.14 -1.02
CA VAL A 29 14.75 2.65 0.31
C VAL A 29 15.48 3.39 1.43
N GLU A 30 16.52 4.12 1.12
CA GLU A 30 17.27 4.85 2.18
C GLU A 30 16.91 6.35 2.17
N SER A 31 15.85 6.71 1.50
CA SER A 31 15.46 8.15 1.46
C SER A 31 14.64 8.51 2.70
N ASP A 32 13.98 9.63 2.67
CA ASP A 32 13.16 10.04 3.85
C ASP A 32 11.74 9.51 3.72
N SER A 33 11.33 9.13 2.53
CA SER A 33 9.95 8.60 2.35
C SER A 33 9.89 7.11 2.71
N ALA A 34 11.00 6.43 2.59
CA ALA A 34 11.00 4.97 2.93
C ALA A 34 11.11 4.78 4.44
N LYS A 35 11.80 5.66 5.10
CA LYS A 35 11.95 5.54 6.59
C LYS A 35 10.57 5.60 7.25
N GLN A 36 9.77 6.58 6.92
CA GLN A 36 8.42 6.69 7.53
C GLN A 36 7.62 5.42 7.25
N PHE A 37 7.69 4.90 6.06
CA PHE A 37 6.93 3.65 5.73
C PHE A 37 7.18 2.58 6.80
N LEU A 38 8.41 2.23 7.04
CA LEU A 38 8.72 1.19 8.06
C LEU A 38 8.02 1.52 9.37
N GLN A 39 8.26 2.68 9.92
CA GLN A 39 7.60 3.06 11.20
C GLN A 39 6.08 2.88 11.09
N ALA A 40 5.49 3.39 10.05
CA ALA A 40 4.02 3.24 9.89
C ALA A 40 3.64 1.75 9.87
N ALA A 41 4.33 0.97 9.09
CA ALA A 41 4.02 -0.49 9.04
C ALA A 41 4.27 -1.14 10.40
N GLU A 42 5.16 -0.58 11.17
CA GLU A 42 5.46 -1.15 12.51
C GLU A 42 4.32 -0.83 13.49
N ALA A 43 3.62 0.25 13.27
CA ALA A 43 2.51 0.62 14.19
C ALA A 43 1.38 -0.41 14.10
N ILE A 44 0.99 -0.77 12.91
CA ILE A 44 -0.11 -1.77 12.76
C ILE A 44 0.48 -3.15 12.48
N ASP A 45 -0.19 -4.20 12.90
CA ASP A 45 0.33 -5.57 12.67
C ASP A 45 -0.69 -6.44 11.92
N ASP A 46 -1.92 -6.00 11.83
CA ASP A 46 -2.94 -6.82 11.13
C ASP A 46 -2.94 -6.53 9.62
N ILE A 47 -2.00 -5.73 9.14
CA ILE A 47 -1.96 -5.43 7.69
C ILE A 47 -0.55 -5.68 7.13
N PRO A 48 -0.47 -6.49 6.10
CA PRO A 48 0.84 -6.81 5.49
C PRO A 48 1.28 -5.68 4.54
N PHE A 49 2.30 -4.95 4.91
CA PHE A 49 2.78 -3.83 4.02
C PHE A 49 4.04 -4.29 3.29
N GLY A 50 4.06 -4.18 1.98
CA GLY A 50 5.27 -4.60 1.23
C GLY A 50 6.01 -3.37 0.72
N ILE A 51 7.29 -3.49 0.48
CA ILE A 51 8.07 -2.33 -0.01
C ILE A 51 9.23 -2.79 -0.90
N THR A 52 9.40 -2.18 -2.05
CA THR A 52 10.51 -2.59 -2.95
C THR A 52 10.96 -1.42 -3.82
N SER A 53 12.16 -1.49 -4.29
CA SER A 53 12.69 -0.44 -5.17
C SER A 53 13.19 -1.06 -6.48
N ASN A 54 13.02 -2.35 -6.64
CA ASN A 54 13.50 -3.02 -7.88
C ASN A 54 12.71 -2.49 -9.09
N SER A 55 13.39 -2.08 -10.13
CA SER A 55 12.68 -1.57 -11.33
C SER A 55 11.65 -2.58 -11.82
N ASP A 56 11.89 -3.85 -11.57
CA ASP A 56 10.92 -4.89 -12.01
C ASP A 56 9.53 -4.57 -11.47
N VAL A 57 9.45 -4.13 -10.25
CA VAL A 57 8.11 -3.80 -9.66
C VAL A 57 7.63 -2.45 -10.21
N PHE A 58 8.53 -1.61 -10.62
CA PHE A 58 8.12 -0.28 -11.18
C PHE A 58 7.61 -0.45 -12.61
N SER A 59 8.35 -1.13 -13.44
CA SER A 59 7.90 -1.33 -14.85
C SER A 59 6.47 -1.89 -14.87
N LYS A 60 6.14 -2.71 -13.92
CA LYS A 60 4.77 -3.29 -13.87
C LYS A 60 3.72 -2.17 -13.89
N TYR A 61 3.80 -1.25 -12.96
CA TYR A 61 2.82 -0.14 -12.92
C TYR A 61 3.34 1.07 -13.70
N GLN A 62 4.46 0.95 -14.38
CA GLN A 62 5.01 2.10 -15.15
C GLN A 62 5.06 3.35 -14.27
N LEU A 63 5.86 3.34 -13.25
CA LEU A 63 5.95 4.54 -12.36
C LEU A 63 7.22 5.34 -12.68
N ASP A 64 7.07 6.60 -12.98
CA ASP A 64 8.26 7.44 -13.30
C ASP A 64 8.96 7.88 -12.01
N LYS A 65 8.46 7.49 -10.86
CA LYS A 65 9.11 7.89 -9.58
C LYS A 65 8.47 7.13 -8.41
N ASP A 66 8.84 7.44 -7.21
CA ASP A 66 8.25 6.72 -6.04
C ASP A 66 6.72 6.82 -6.09
N GLY A 67 6.04 5.91 -5.44
CA GLY A 67 4.55 5.95 -5.45
C GLY A 67 4.00 4.88 -4.50
N VAL A 68 3.28 5.30 -3.49
CA VAL A 68 2.73 4.30 -2.52
C VAL A 68 1.29 3.94 -2.91
N VAL A 69 0.99 2.67 -3.01
CA VAL A 69 -0.39 2.25 -3.39
C VAL A 69 -0.84 1.07 -2.53
N LEU A 70 -2.11 0.96 -2.26
CA LEU A 70 -2.60 -0.19 -1.44
C LEU A 70 -3.39 -1.12 -2.35
N PHE A 71 -3.22 -2.41 -2.19
CA PHE A 71 -3.95 -3.35 -3.08
C PHE A 71 -5.00 -4.15 -2.30
N LYS A 72 -6.22 -4.12 -2.75
CA LYS A 72 -7.29 -4.88 -2.04
C LYS A 72 -8.12 -5.70 -3.04
N LYS A 73 -8.91 -6.62 -2.56
CA LYS A 73 -9.74 -7.45 -3.49
C LYS A 73 -11.09 -6.77 -3.73
N PHE A 74 -11.59 -6.07 -2.76
CA PHE A 74 -12.91 -5.39 -2.94
C PHE A 74 -12.72 -3.97 -3.48
N ASP A 75 -13.78 -3.21 -3.56
CA ASP A 75 -13.68 -1.82 -4.10
C ASP A 75 -12.98 -1.83 -5.46
N GLU A 76 -12.46 -0.71 -5.85
CA GLU A 76 -11.75 -0.62 -7.16
C GLU A 76 -10.55 -1.55 -7.18
N GLY A 77 -9.72 -1.49 -6.17
CA GLY A 77 -8.53 -2.38 -6.13
C GLY A 77 -7.31 -1.57 -5.66
N ARG A 78 -6.96 -0.53 -6.36
CA ARG A 78 -5.79 0.29 -5.95
C ARG A 78 -6.24 1.64 -5.40
N ASN A 79 -5.33 2.43 -4.91
CA ASN A 79 -5.70 3.76 -4.34
C ASN A 79 -4.79 4.87 -4.88
N ASN A 80 -3.54 4.58 -5.10
CA ASN A 80 -2.59 5.62 -5.61
C ASN A 80 -2.47 6.75 -4.59
N PHE A 81 -1.57 6.63 -3.66
CA PHE A 81 -1.41 7.69 -2.62
C PHE A 81 -1.09 9.03 -3.29
N GLU A 82 -1.87 10.04 -3.02
CA GLU A 82 -1.63 11.37 -3.64
C GLU A 82 -1.33 12.41 -2.55
N GLY A 83 -0.08 12.77 -2.39
CA GLY A 83 0.26 13.79 -1.35
C GLY A 83 1.65 13.47 -0.78
N GLU A 84 1.88 13.79 0.47
CA GLU A 84 3.21 13.51 1.08
C GLU A 84 3.17 12.20 1.87
N VAL A 85 4.04 11.28 1.54
CA VAL A 85 4.04 9.98 2.27
C VAL A 85 4.56 10.18 3.71
N THR A 86 3.71 9.98 4.68
CA THR A 86 4.14 10.15 6.09
C THR A 86 3.41 9.14 6.99
N LYS A 87 4.00 8.76 8.09
CA LYS A 87 3.34 7.79 9.00
C LYS A 87 1.89 8.21 9.27
N GLU A 88 1.68 9.47 9.52
CA GLU A 88 0.30 9.95 9.79
C GLU A 88 -0.57 9.76 8.55
N ASN A 89 -0.03 10.07 7.39
CA ASN A 89 -0.82 9.90 6.14
C ASN A 89 -1.00 8.42 5.82
N LEU A 90 0.05 7.65 5.93
CA LEU A 90 -0.05 6.19 5.64
C LEU A 90 -1.18 5.58 6.48
N LEU A 91 -1.15 5.82 7.76
CA LEU A 91 -2.23 5.26 8.64
C LEU A 91 -3.60 5.73 8.13
N ASP A 92 -3.64 6.90 7.55
CA ASP A 92 -4.93 7.42 7.02
C ASP A 92 -5.26 6.73 5.71
N PHE A 93 -4.25 6.47 4.90
CA PHE A 93 -4.50 5.79 3.60
C PHE A 93 -5.27 4.48 3.83
N ILE A 94 -4.66 3.55 4.54
CA ILE A 94 -5.35 2.25 4.80
C ILE A 94 -6.77 2.49 5.32
N LYS A 95 -6.90 3.21 6.39
CA LYS A 95 -8.26 3.49 6.95
C LYS A 95 -9.16 4.09 5.86
N HIS A 96 -8.60 4.86 4.98
CA HIS A 96 -9.43 5.48 3.89
C HIS A 96 -9.48 4.56 2.67
N ASN A 97 -8.71 3.50 2.66
CA ASN A 97 -8.70 2.59 1.49
C ASN A 97 -9.78 1.51 1.64
N GLN A 98 -9.51 0.50 2.42
CA GLN A 98 -10.52 -0.59 2.60
C GLN A 98 -11.75 -0.03 3.32
N LEU A 99 -12.69 -0.89 3.65
CA LEU A 99 -13.93 -0.40 4.34
C LEU A 99 -14.57 0.74 3.55
N PRO A 100 -15.45 0.39 2.64
CA PRO A 100 -16.13 1.42 1.82
C PRO A 100 -17.16 2.19 2.65
N LEU A 101 -17.94 3.03 2.03
CA LEU A 101 -18.95 3.82 2.80
C LEU A 101 -20.29 3.08 2.80
N VAL A 102 -20.40 2.02 3.54
CA VAL A 102 -21.68 1.26 3.60
C VAL A 102 -22.49 1.70 4.82
N ILE A 103 -23.09 2.85 4.77
CA ILE A 103 -23.90 3.33 5.93
C ILE A 103 -25.34 2.83 5.81
N GLU A 104 -25.62 1.66 6.31
CA GLU A 104 -27.01 1.12 6.22
C GLU A 104 -27.48 0.68 7.60
N PHE A 105 -28.34 -0.31 7.66
CA PHE A 105 -28.83 -0.79 8.98
C PHE A 105 -27.75 -1.59 9.69
N THR A 106 -27.09 -2.48 8.98
CA THR A 106 -26.00 -3.29 9.60
C THR A 106 -26.53 -4.05 10.83
N GLU A 107 -26.52 -3.43 11.98
CA GLU A 107 -27.03 -4.12 13.21
C GLU A 107 -26.27 -5.44 13.42
N GLN A 108 -25.08 -5.37 13.95
CA GLN A 108 -24.30 -6.62 14.17
C GLN A 108 -24.20 -7.43 12.87
N THR A 109 -23.57 -8.57 12.92
CA THR A 109 -23.44 -9.40 11.69
C THR A 109 -23.26 -10.88 12.07
N ALA A 110 -22.45 -11.15 13.04
CA ALA A 110 -22.24 -12.57 13.46
C ALA A 110 -23.09 -12.88 14.70
N ALA A 1 7.26 -5.54 10.58
CA ALA A 1 7.82 -4.65 9.53
C ALA A 1 7.31 -5.07 8.15
N ALA A 2 7.70 -4.37 7.11
CA ALA A 2 7.25 -4.74 5.74
C ALA A 2 8.15 -5.83 5.16
N THR A 3 7.75 -6.43 4.08
CA THR A 3 8.58 -7.51 3.46
C THR A 3 9.34 -6.95 2.25
N THR A 4 10.32 -7.69 1.77
CA THR A 4 11.11 -7.21 0.61
C THR A 4 10.74 -8.03 -0.63
N LEU A 5 9.99 -7.46 -1.54
CA LEU A 5 9.60 -8.20 -2.77
C LEU A 5 10.78 -8.24 -3.76
N PRO A 6 11.03 -9.41 -4.31
CA PRO A 6 12.14 -9.54 -5.29
C PRO A 6 11.76 -8.88 -6.62
N ASP A 7 10.51 -8.90 -6.97
CA ASP A 7 10.09 -8.27 -8.26
C ASP A 7 8.57 -8.15 -8.33
N GLY A 8 8.07 -7.78 -9.48
CA GLY A 8 6.60 -7.64 -9.64
C GLY A 8 5.92 -8.99 -9.39
N ALA A 9 6.62 -10.07 -9.64
CA ALA A 9 6.01 -11.41 -9.42
C ALA A 9 5.50 -11.53 -7.98
N ALA A 10 6.11 -10.85 -7.06
CA ALA A 10 5.66 -10.94 -5.64
C ALA A 10 4.53 -9.94 -5.38
N ALA A 11 4.54 -8.83 -6.08
CA ALA A 11 3.47 -7.82 -5.87
C ALA A 11 2.10 -8.42 -6.21
N GLU A 12 2.08 -9.44 -7.04
CA GLU A 12 0.79 -10.07 -7.41
C GLU A 12 0.43 -11.19 -6.42
N SER A 13 1.41 -11.92 -5.97
CA SER A 13 1.14 -13.02 -5.00
C SER A 13 0.80 -12.43 -3.62
N LEU A 14 1.27 -11.24 -3.36
CA LEU A 14 0.99 -10.60 -2.04
C LEU A 14 -0.48 -10.21 -1.95
N VAL A 15 -1.00 -9.58 -2.97
CA VAL A 15 -2.43 -9.17 -2.94
C VAL A 15 -3.34 -10.40 -2.85
N GLU A 16 -3.06 -11.41 -3.62
CA GLU A 16 -3.91 -12.64 -3.58
C GLU A 16 -3.64 -13.42 -2.29
N SER A 17 -2.52 -13.18 -1.66
CA SER A 17 -2.20 -13.91 -0.40
C SER A 17 -3.08 -13.40 0.75
N SER A 18 -3.62 -12.22 0.61
CA SER A 18 -4.48 -11.67 1.71
C SER A 18 -5.56 -10.75 1.12
N GLU A 19 -6.65 -10.60 1.80
CA GLU A 19 -7.74 -9.71 1.29
C GLU A 19 -7.20 -8.30 1.06
N VAL A 20 -6.31 -7.85 1.91
CA VAL A 20 -5.74 -6.48 1.75
C VAL A 20 -4.21 -6.51 1.84
N ALA A 21 -3.55 -5.67 1.10
CA ALA A 21 -2.06 -5.64 1.15
C ALA A 21 -1.54 -4.37 0.48
N VAL A 22 -0.57 -3.72 1.07
CA VAL A 22 -0.05 -2.47 0.45
C VAL A 22 1.42 -2.65 0.05
N ILE A 23 1.79 -2.13 -1.08
CA ILE A 23 3.20 -2.28 -1.54
C ILE A 23 3.77 -0.90 -1.91
N GLY A 24 4.68 -0.40 -1.13
CA GLY A 24 5.27 0.94 -1.44
C GLY A 24 6.30 0.81 -2.55
N PHE A 25 6.18 1.61 -3.58
CA PHE A 25 7.16 1.53 -4.71
C PHE A 25 8.24 2.60 -4.50
N PHE A 26 9.21 2.33 -3.66
CA PHE A 26 10.28 3.34 -3.43
C PHE A 26 11.55 2.97 -4.20
N LYS A 27 12.21 3.97 -4.73
CA LYS A 27 13.46 3.72 -5.49
C LYS A 27 14.65 3.81 -4.53
N ASP A 28 14.58 4.70 -3.58
CA ASP A 28 15.68 4.85 -2.59
C ASP A 28 15.11 4.65 -1.19
N VAL A 29 14.75 3.44 -0.86
CA VAL A 29 14.16 3.17 0.48
C VAL A 29 15.06 3.71 1.59
N GLU A 30 16.32 3.93 1.32
CA GLU A 30 17.22 4.46 2.37
C GLU A 30 16.99 5.96 2.60
N SER A 31 16.07 6.56 1.89
CA SER A 31 15.81 8.01 2.07
C SER A 31 14.82 8.24 3.22
N ASP A 32 14.15 9.36 3.21
CA ASP A 32 13.17 9.64 4.30
C ASP A 32 11.77 9.14 3.92
N SER A 33 11.33 9.42 2.72
CA SER A 33 9.97 8.96 2.30
C SER A 33 9.74 7.49 2.66
N ALA A 34 10.77 6.68 2.64
CA ALA A 34 10.59 5.24 3.00
C ALA A 34 10.58 5.09 4.52
N LYS A 35 11.39 5.85 5.22
CA LYS A 35 11.42 5.74 6.70
C LYS A 35 10.00 5.89 7.26
N GLN A 36 9.31 6.93 6.86
CA GLN A 36 7.92 7.14 7.36
C GLN A 36 7.08 5.87 7.13
N PHE A 37 7.25 5.24 5.98
CA PHE A 37 6.47 4.00 5.70
C PHE A 37 6.68 2.99 6.82
N LEU A 38 7.91 2.63 7.09
CA LEU A 38 8.19 1.65 8.17
C LEU A 38 7.54 2.10 9.48
N GLN A 39 7.84 3.30 9.90
CA GLN A 39 7.25 3.80 11.17
C GLN A 39 5.72 3.69 11.13
N ALA A 40 5.14 3.85 9.98
CA ALA A 40 3.65 3.75 9.88
C ALA A 40 3.22 2.28 9.88
N ALA A 41 4.00 1.42 9.29
CA ALA A 41 3.63 -0.03 9.26
C ALA A 41 3.84 -0.64 10.64
N GLU A 42 4.79 -0.15 11.39
CA GLU A 42 5.03 -0.72 12.75
C GLU A 42 3.84 -0.44 13.67
N ALA A 43 3.04 0.54 13.33
CA ALA A 43 1.86 0.86 14.19
C ALA A 43 0.72 -0.12 13.91
N ILE A 44 0.57 -0.52 12.67
CA ILE A 44 -0.53 -1.48 12.34
C ILE A 44 0.02 -2.92 12.29
N ASP A 45 -0.82 -3.88 12.50
CA ASP A 45 -0.34 -5.30 12.47
C ASP A 45 -1.39 -6.21 11.82
N ASP A 46 -2.28 -5.66 11.04
CA ASP A 46 -3.33 -6.50 10.39
C ASP A 46 -3.23 -6.39 8.86
N ILE A 47 -2.17 -5.82 8.36
CA ILE A 47 -2.03 -5.69 6.88
C ILE A 47 -0.61 -6.08 6.44
N PRO A 48 -0.52 -6.87 5.39
CA PRO A 48 0.81 -7.29 4.89
C PRO A 48 1.50 -6.14 4.15
N PHE A 49 2.39 -5.45 4.81
CA PHE A 49 3.09 -4.32 4.15
C PHE A 49 4.32 -4.82 3.40
N GLY A 50 4.43 -4.47 2.14
CA GLY A 50 5.61 -4.94 1.35
C GLY A 50 6.27 -3.74 0.67
N ILE A 51 7.54 -3.83 0.38
CA ILE A 51 8.24 -2.69 -0.29
C ILE A 51 9.39 -3.20 -1.15
N THR A 52 9.69 -2.48 -2.21
CA THR A 52 10.81 -2.91 -3.10
C THR A 52 11.27 -1.75 -3.96
N SER A 53 12.49 -1.83 -4.43
CA SER A 53 13.03 -0.76 -5.29
C SER A 53 13.52 -1.38 -6.62
N ASN A 54 13.30 -2.66 -6.80
CA ASN A 54 13.75 -3.30 -8.06
C ASN A 54 13.02 -2.71 -9.26
N SER A 55 13.74 -2.35 -10.29
CA SER A 55 13.08 -1.76 -11.49
C SER A 55 11.97 -2.69 -12.00
N ASP A 56 12.13 -3.97 -11.83
CA ASP A 56 11.08 -4.92 -12.30
C ASP A 56 9.72 -4.51 -11.71
N VAL A 57 9.72 -3.96 -10.54
CA VAL A 57 8.43 -3.53 -9.92
C VAL A 57 8.04 -2.16 -10.46
N PHE A 58 9.00 -1.38 -10.90
CA PHE A 58 8.69 -0.03 -11.45
C PHE A 58 8.13 -0.18 -12.86
N SER A 59 8.82 -0.87 -13.72
CA SER A 59 8.34 -1.05 -15.11
C SER A 59 7.01 -1.82 -15.13
N LYS A 60 6.66 -2.46 -14.05
CA LYS A 60 5.38 -3.22 -14.02
C LYS A 60 4.21 -2.27 -13.79
N TYR A 61 4.28 -1.45 -12.77
CA TYR A 61 3.17 -0.50 -12.51
C TYR A 61 3.44 0.85 -13.20
N GLN A 62 4.49 0.94 -13.96
CA GLN A 62 4.79 2.22 -14.66
C GLN A 62 4.87 3.39 -13.68
N LEU A 63 5.82 3.37 -12.79
CA LEU A 63 5.95 4.49 -11.81
C LEU A 63 7.27 5.22 -12.05
N ASP A 64 7.23 6.47 -12.45
CA ASP A 64 8.49 7.22 -12.68
C ASP A 64 9.03 7.80 -11.36
N LYS A 65 8.43 7.45 -10.25
CA LYS A 65 8.90 7.98 -8.94
C LYS A 65 8.35 7.12 -7.81
N ASP A 66 8.40 7.61 -6.60
CA ASP A 66 7.86 6.82 -5.45
C ASP A 66 6.33 6.80 -5.49
N GLY A 67 5.73 5.74 -5.06
CA GLY A 67 4.23 5.68 -5.08
C GLY A 67 3.73 4.66 -4.07
N VAL A 68 2.74 5.00 -3.30
CA VAL A 68 2.20 4.04 -2.29
C VAL A 68 0.77 3.64 -2.66
N VAL A 69 0.60 2.47 -3.23
CA VAL A 69 -0.76 2.02 -3.63
C VAL A 69 -1.22 0.86 -2.72
N LEU A 70 -2.49 0.79 -2.44
CA LEU A 70 -2.99 -0.33 -1.59
C LEU A 70 -3.81 -1.26 -2.46
N PHE A 71 -3.52 -2.54 -2.43
CA PHE A 71 -4.27 -3.48 -3.29
C PHE A 71 -5.34 -4.23 -2.50
N LYS A 72 -6.58 -4.09 -2.89
CA LYS A 72 -7.67 -4.79 -2.17
C LYS A 72 -8.59 -5.50 -3.17
N LYS A 73 -9.33 -6.48 -2.73
CA LYS A 73 -10.24 -7.20 -3.64
C LYS A 73 -11.56 -6.44 -3.80
N PHE A 74 -11.90 -5.64 -2.82
CA PHE A 74 -13.17 -4.86 -2.92
C PHE A 74 -12.90 -3.49 -3.55
N ASP A 75 -13.91 -2.65 -3.54
CA ASP A 75 -13.73 -1.28 -4.13
C ASP A 75 -13.16 -1.39 -5.55
N GLU A 76 -12.57 -0.32 -6.01
CA GLU A 76 -11.98 -0.33 -7.39
C GLU A 76 -10.80 -1.31 -7.45
N GLY A 77 -9.94 -1.26 -6.47
CA GLY A 77 -8.77 -2.19 -6.48
C GLY A 77 -7.53 -1.47 -5.95
N ARG A 78 -7.10 -0.44 -6.63
CA ARG A 78 -5.89 0.31 -6.16
C ARG A 78 -6.28 1.69 -5.65
N ASN A 79 -5.36 2.41 -5.06
CA ASN A 79 -5.68 3.76 -4.53
C ASN A 79 -4.69 4.80 -5.04
N ASN A 80 -3.45 4.42 -5.20
CA ASN A 80 -2.42 5.39 -5.70
C ASN A 80 -2.34 6.60 -4.75
N PHE A 81 -1.58 6.48 -3.70
CA PHE A 81 -1.46 7.60 -2.73
C PHE A 81 -0.95 8.86 -3.44
N GLU A 82 -1.71 9.92 -3.39
CA GLU A 82 -1.28 11.18 -4.07
C GLU A 82 -1.10 12.30 -3.05
N GLY A 83 0.11 12.58 -2.65
CA GLY A 83 0.35 13.66 -1.65
C GLY A 83 1.72 13.47 -1.00
N GLU A 84 1.91 13.99 0.18
CA GLU A 84 3.23 13.83 0.86
C GLU A 84 3.26 12.52 1.65
N VAL A 85 4.06 11.59 1.22
CA VAL A 85 4.13 10.29 1.95
C VAL A 85 4.67 10.50 3.37
N THR A 86 3.83 10.36 4.36
CA THR A 86 4.30 10.55 5.76
C THR A 86 3.52 9.62 6.69
N LYS A 87 4.12 9.23 7.79
CA LYS A 87 3.43 8.32 8.75
C LYS A 87 2.01 8.78 9.02
N GLU A 88 1.84 10.00 9.44
CA GLU A 88 0.47 10.50 9.73
C GLU A 88 -0.44 10.33 8.52
N ASN A 89 0.07 10.59 7.34
CA ASN A 89 -0.77 10.43 6.12
C ASN A 89 -0.97 8.95 5.80
N LEU A 90 0.11 8.20 5.78
CA LEU A 90 -0.02 6.75 5.48
C LEU A 90 -0.99 6.08 6.45
N LEU A 91 -0.75 6.21 7.73
CA LEU A 91 -1.67 5.59 8.73
C LEU A 91 -3.11 6.02 8.46
N ASP A 92 -3.30 7.14 7.82
CA ASP A 92 -4.68 7.61 7.51
C ASP A 92 -5.18 6.96 6.22
N PHE A 93 -4.34 6.93 5.21
CA PHE A 93 -4.75 6.32 3.92
C PHE A 93 -5.20 4.87 4.13
N ILE A 94 -4.36 4.05 4.69
CA ILE A 94 -4.73 2.62 4.92
C ILE A 94 -6.07 2.54 5.66
N LYS A 95 -6.28 3.43 6.59
CA LYS A 95 -7.55 3.42 7.36
C LYS A 95 -8.73 3.67 6.42
N HIS A 96 -8.59 4.58 5.49
CA HIS A 96 -9.71 4.87 4.55
C HIS A 96 -9.78 3.80 3.44
N ASN A 97 -8.82 2.90 3.39
CA ASN A 97 -8.85 1.85 2.35
C ASN A 97 -9.63 0.63 2.83
N GLN A 98 -9.02 -0.21 3.62
CA GLN A 98 -9.73 -1.42 4.11
C GLN A 98 -10.99 -1.02 4.89
N LEU A 99 -11.63 -1.96 5.53
CA LEU A 99 -12.87 -1.64 6.29
C LEU A 99 -13.88 -0.90 5.40
N PRO A 100 -14.36 -1.60 4.40
CA PRO A 100 -15.33 -0.99 3.47
C PRO A 100 -16.70 -0.86 4.14
N LEU A 101 -17.18 0.35 4.29
CA LEU A 101 -18.50 0.54 4.96
C LEU A 101 -19.40 1.44 4.09
N VAL A 102 -20.64 1.06 3.93
CA VAL A 102 -21.57 1.89 3.11
C VAL A 102 -22.36 2.84 3.99
N ILE A 103 -21.86 4.04 4.19
CA ILE A 103 -22.60 5.01 5.06
C ILE A 103 -23.30 6.06 4.19
N GLU A 104 -24.57 5.88 3.95
CA GLU A 104 -25.31 6.87 3.11
C GLU A 104 -26.72 7.08 3.66
N PHE A 105 -27.43 8.05 3.16
CA PHE A 105 -28.81 8.30 3.66
C PHE A 105 -29.82 8.19 2.50
N THR A 106 -31.07 7.95 2.81
CA THR A 106 -32.09 7.83 1.73
C THR A 106 -32.97 9.08 1.70
N GLU A 107 -32.78 9.92 0.72
CA GLU A 107 -33.59 11.17 0.61
C GLU A 107 -33.49 12.00 1.90
N GLN A 108 -34.29 11.72 2.88
CA GLN A 108 -34.22 12.49 4.15
C GLN A 108 -34.61 11.60 5.34
N THR A 109 -33.98 11.80 6.46
CA THR A 109 -34.32 10.97 7.67
C THR A 109 -34.24 9.48 7.31
N ALA A 110 -33.06 8.94 7.26
CA ALA A 110 -32.93 7.49 6.92
C ALA A 110 -33.60 6.63 8.01
N ALA A 1 8.12 -5.12 10.66
CA ALA A 1 8.36 -4.15 9.54
C ALA A 1 7.78 -4.70 8.24
N ALA A 2 7.78 -3.90 7.20
CA ALA A 2 7.23 -4.37 5.90
C ALA A 2 8.09 -5.52 5.35
N THR A 3 7.60 -6.22 4.36
CA THR A 3 8.39 -7.35 3.78
C THR A 3 9.19 -6.87 2.57
N THR A 4 10.15 -7.64 2.14
CA THR A 4 10.96 -7.21 0.97
C THR A 4 10.55 -8.02 -0.28
N LEU A 5 9.85 -7.40 -1.19
CA LEU A 5 9.43 -8.13 -2.41
C LEU A 5 10.62 -8.36 -3.34
N PRO A 6 10.86 -9.60 -3.69
CA PRO A 6 12.01 -9.92 -4.59
C PRO A 6 11.71 -9.43 -6.02
N ASP A 7 10.46 -9.26 -6.35
CA ASP A 7 10.11 -8.79 -7.72
C ASP A 7 8.60 -8.64 -7.90
N GLY A 8 8.20 -8.40 -9.11
CA GLY A 8 6.75 -8.25 -9.41
C GLY A 8 6.01 -9.54 -9.03
N ALA A 9 6.66 -10.66 -9.16
CA ALA A 9 5.99 -11.95 -8.80
C ALA A 9 5.39 -11.87 -7.40
N ALA A 10 6.01 -11.13 -6.53
CA ALA A 10 5.48 -11.00 -5.12
C ALA A 10 4.37 -9.94 -5.07
N ALA A 11 4.53 -8.87 -5.80
CA ALA A 11 3.49 -7.80 -5.79
C ALA A 11 2.11 -8.41 -6.08
N GLU A 12 2.07 -9.44 -6.88
CA GLU A 12 0.76 -10.07 -7.20
C GLU A 12 0.46 -11.19 -6.19
N SER A 13 1.43 -12.03 -5.92
CA SER A 13 1.20 -13.14 -4.95
C SER A 13 0.93 -12.56 -3.56
N LEU A 14 1.44 -11.39 -3.27
CA LEU A 14 1.21 -10.78 -1.95
C LEU A 14 -0.26 -10.34 -1.83
N VAL A 15 -0.68 -9.47 -2.70
CA VAL A 15 -2.10 -8.99 -2.66
C VAL A 15 -3.06 -10.18 -2.59
N GLU A 16 -2.66 -11.31 -3.11
CA GLU A 16 -3.54 -12.51 -3.06
C GLU A 16 -3.38 -13.28 -1.75
N SER A 17 -2.63 -12.73 -0.82
CA SER A 17 -2.44 -13.44 0.48
C SER A 17 -3.53 -13.02 1.48
N SER A 18 -4.04 -11.83 1.34
CA SER A 18 -5.10 -11.36 2.28
C SER A 18 -6.07 -10.42 1.55
N GLU A 19 -7.19 -10.13 2.15
CA GLU A 19 -8.16 -9.22 1.51
C GLU A 19 -7.59 -7.80 1.43
N VAL A 20 -6.51 -7.54 2.12
CA VAL A 20 -5.90 -6.18 2.09
C VAL A 20 -4.37 -6.28 1.99
N ALA A 21 -3.74 -5.32 1.38
CA ALA A 21 -2.26 -5.37 1.25
C ALA A 21 -1.73 -4.08 0.63
N VAL A 22 -0.60 -3.60 1.07
CA VAL A 22 -0.06 -2.33 0.50
C VAL A 22 1.41 -2.53 0.11
N ILE A 23 1.85 -1.85 -0.91
CA ILE A 23 3.27 -1.99 -1.35
C ILE A 23 3.85 -0.61 -1.68
N GLY A 24 4.81 -0.16 -0.91
CA GLY A 24 5.43 1.17 -1.20
C GLY A 24 6.46 1.01 -2.31
N PHE A 25 6.41 1.85 -3.31
CA PHE A 25 7.41 1.74 -4.42
C PHE A 25 8.50 2.80 -4.25
N PHE A 26 9.42 2.59 -3.35
CA PHE A 26 10.50 3.59 -3.14
C PHE A 26 11.74 3.23 -3.96
N LYS A 27 12.42 4.21 -4.47
CA LYS A 27 13.66 3.93 -5.26
C LYS A 27 14.87 3.91 -4.32
N ASP A 28 14.78 4.62 -3.23
CA ASP A 28 15.90 4.65 -2.25
C ASP A 28 15.34 4.47 -0.83
N VAL A 29 14.98 3.26 -0.48
CA VAL A 29 14.41 3.00 0.87
C VAL A 29 15.29 3.64 1.96
N GLU A 30 16.54 3.87 1.70
CA GLU A 30 17.43 4.47 2.71
C GLU A 30 17.24 5.99 2.78
N SER A 31 16.30 6.53 2.04
CA SER A 31 16.09 8.01 2.08
C SER A 31 15.30 8.40 3.33
N ASP A 32 14.79 9.59 3.35
CA ASP A 32 14.00 10.06 4.52
C ASP A 32 12.52 9.74 4.33
N SER A 33 12.09 9.59 3.12
CA SER A 33 10.65 9.28 2.86
C SER A 33 10.36 7.80 3.08
N ALA A 34 11.37 6.98 3.04
CA ALA A 34 11.16 5.52 3.25
C ALA A 34 11.13 5.19 4.74
N LYS A 35 11.87 5.91 5.53
CA LYS A 35 11.89 5.63 7.00
C LYS A 35 10.47 5.77 7.57
N GLN A 36 9.72 6.74 7.10
CA GLN A 36 8.33 6.92 7.61
C GLN A 36 7.48 5.69 7.28
N PHE A 37 7.54 5.22 6.06
CA PHE A 37 6.74 4.03 5.68
C PHE A 37 7.01 2.88 6.65
N LEU A 38 8.26 2.52 6.82
CA LEU A 38 8.61 1.42 7.75
C LEU A 38 7.93 1.62 9.10
N GLN A 39 8.13 2.75 9.71
CA GLN A 39 7.49 3.02 11.03
C GLN A 39 5.98 2.80 10.91
N ALA A 40 5.41 3.19 9.79
CA ALA A 40 3.95 3.01 9.61
C ALA A 40 3.62 1.51 9.56
N ALA A 41 4.29 0.78 8.71
CA ALA A 41 4.01 -0.68 8.62
C ALA A 41 4.20 -1.31 10.00
N GLU A 42 5.12 -0.82 10.77
CA GLU A 42 5.34 -1.38 12.13
C GLU A 42 4.12 -1.11 13.00
N ALA A 43 3.43 -0.04 12.75
CA ALA A 43 2.22 0.29 13.56
C ALA A 43 1.19 -0.83 13.43
N ILE A 44 0.91 -1.24 12.22
CA ILE A 44 -0.09 -2.34 12.01
C ILE A 44 0.64 -3.68 11.89
N ASP A 45 0.02 -4.75 12.31
CA ASP A 45 0.68 -6.09 12.20
C ASP A 45 -0.21 -7.08 11.46
N ASP A 46 -1.30 -6.63 10.89
CA ASP A 46 -2.19 -7.57 10.15
C ASP A 46 -2.13 -7.31 8.65
N ILE A 47 -1.63 -6.17 8.25
CA ILE A 47 -1.54 -5.85 6.79
C ILE A 47 -0.18 -6.30 6.24
N PRO A 48 -0.19 -6.97 5.12
CA PRO A 48 1.08 -7.45 4.51
C PRO A 48 1.83 -6.28 3.89
N PHE A 49 2.35 -5.41 4.70
CA PHE A 49 3.10 -4.24 4.16
C PHE A 49 4.35 -4.73 3.41
N GLY A 50 4.48 -4.38 2.16
CA GLY A 50 5.67 -4.83 1.39
C GLY A 50 6.37 -3.60 0.79
N ILE A 51 7.66 -3.68 0.59
CA ILE A 51 8.40 -2.52 0.00
C ILE A 51 9.48 -3.01 -0.97
N THR A 52 9.76 -2.25 -1.98
CA THR A 52 10.81 -2.67 -2.96
C THR A 52 11.24 -1.49 -3.83
N SER A 53 12.39 -1.60 -4.38
CA SER A 53 12.92 -0.54 -5.28
C SER A 53 13.26 -1.14 -6.64
N ASN A 54 13.03 -2.41 -6.82
CA ASN A 54 13.34 -3.05 -8.12
C ASN A 54 12.54 -2.39 -9.25
N SER A 55 13.20 -1.84 -10.22
CA SER A 55 12.48 -1.19 -11.35
C SER A 55 11.42 -2.12 -11.92
N ASP A 56 11.65 -3.41 -11.85
CA ASP A 56 10.65 -4.37 -12.39
C ASP A 56 9.28 -4.13 -11.73
N VAL A 57 9.27 -3.93 -10.45
CA VAL A 57 7.97 -3.68 -9.75
C VAL A 57 7.45 -2.28 -10.09
N PHE A 58 8.34 -1.38 -10.42
CA PHE A 58 7.91 0.01 -10.78
C PHE A 58 7.28 0.03 -12.17
N SER A 59 8.01 -0.44 -13.15
CA SER A 59 7.48 -0.46 -14.54
C SER A 59 6.20 -1.29 -14.61
N LYS A 60 5.99 -2.17 -13.67
CA LYS A 60 4.77 -3.01 -13.69
C LYS A 60 3.52 -2.13 -13.62
N TYR A 61 3.42 -1.30 -12.61
CA TYR A 61 2.22 -0.43 -12.47
C TYR A 61 2.46 0.91 -13.20
N GLN A 62 3.48 0.99 -14.02
CA GLN A 62 3.76 2.26 -14.75
C GLN A 62 3.81 3.44 -13.77
N LEU A 63 4.76 3.43 -12.88
CA LEU A 63 4.88 4.55 -11.92
C LEU A 63 5.90 5.57 -12.41
N ASP A 64 5.51 6.80 -12.55
CA ASP A 64 6.48 7.83 -13.03
C ASP A 64 7.66 7.95 -12.05
N LYS A 65 7.51 7.43 -10.86
CA LYS A 65 8.62 7.51 -9.87
C LYS A 65 8.24 6.73 -8.60
N ASP A 66 8.60 7.22 -7.45
CA ASP A 66 8.23 6.48 -6.20
C ASP A 66 6.84 6.89 -5.73
N GLY A 67 6.23 6.09 -4.91
CA GLY A 67 4.86 6.43 -4.41
C GLY A 67 4.33 5.28 -3.54
N VAL A 68 3.15 5.42 -3.02
CA VAL A 68 2.58 4.34 -2.16
C VAL A 68 1.13 4.05 -2.56
N VAL A 69 0.85 2.83 -2.97
CA VAL A 69 -0.54 2.48 -3.36
C VAL A 69 -1.04 1.31 -2.53
N LEU A 70 -2.32 1.07 -2.50
CA LEU A 70 -2.86 -0.07 -1.70
C LEU A 70 -3.45 -1.12 -2.63
N PHE A 71 -3.39 -2.37 -2.25
CA PHE A 71 -3.94 -3.44 -3.13
C PHE A 71 -4.99 -4.25 -2.37
N LYS A 72 -6.21 -4.23 -2.83
CA LYS A 72 -7.28 -5.01 -2.15
C LYS A 72 -8.11 -5.77 -3.17
N LYS A 73 -8.89 -6.71 -2.72
CA LYS A 73 -9.74 -7.50 -3.67
C LYS A 73 -11.09 -6.80 -3.88
N PHE A 74 -11.49 -5.99 -2.95
CA PHE A 74 -12.80 -5.28 -3.11
C PHE A 74 -12.62 -3.93 -3.81
N ASP A 75 -13.66 -3.16 -3.87
CA ASP A 75 -13.60 -1.82 -4.53
C ASP A 75 -12.91 -1.94 -5.90
N GLU A 76 -12.42 -0.84 -6.40
CA GLU A 76 -11.74 -0.86 -7.72
C GLU A 76 -10.61 -1.90 -7.73
N GLY A 77 -9.72 -1.82 -6.78
CA GLY A 77 -8.60 -2.81 -6.74
C GLY A 77 -7.29 -2.09 -6.36
N ARG A 78 -6.99 -1.01 -7.02
CA ARG A 78 -5.74 -0.26 -6.69
C ARG A 78 -6.05 1.19 -6.34
N ASN A 79 -5.07 1.92 -5.88
CA ASN A 79 -5.30 3.36 -5.51
C ASN A 79 -4.15 4.21 -6.01
N ASN A 80 -3.89 5.30 -5.34
CA ASN A 80 -2.77 6.19 -5.77
C ASN A 80 -2.59 7.34 -4.79
N PHE A 81 -2.01 7.08 -3.64
CA PHE A 81 -1.81 8.16 -2.64
C PHE A 81 -1.14 9.37 -3.28
N GLU A 82 -1.80 10.50 -3.27
CA GLU A 82 -1.22 11.72 -3.87
C GLU A 82 -0.93 12.76 -2.79
N GLY A 83 0.28 12.80 -2.30
CA GLY A 83 0.62 13.79 -1.24
C GLY A 83 1.92 13.36 -0.53
N GLU A 84 2.29 14.06 0.50
CA GLU A 84 3.54 13.69 1.23
C GLU A 84 3.41 12.28 1.82
N VAL A 85 4.44 11.48 1.69
CA VAL A 85 4.37 10.09 2.24
C VAL A 85 4.91 10.07 3.67
N THR A 86 4.02 9.98 4.63
CA THR A 86 4.48 9.94 6.04
C THR A 86 3.58 9.00 6.86
N LYS A 87 4.07 8.52 7.97
CA LYS A 87 3.25 7.60 8.81
C LYS A 87 1.85 8.16 9.05
N GLU A 88 1.77 9.39 9.49
CA GLU A 88 0.43 10.00 9.76
C GLU A 88 -0.41 10.03 8.47
N ASN A 89 0.23 10.16 7.34
CA ASN A 89 -0.54 10.20 6.06
C ASN A 89 -0.87 8.78 5.60
N LEU A 90 0.04 7.86 5.76
CA LEU A 90 -0.23 6.46 5.32
C LEU A 90 -1.42 5.88 6.09
N LEU A 91 -1.36 5.88 7.39
CA LEU A 91 -2.49 5.33 8.20
C LEU A 91 -3.81 5.99 7.78
N ASP A 92 -3.74 7.16 7.21
CA ASP A 92 -4.98 7.85 6.78
C ASP A 92 -5.50 7.26 5.47
N PHE A 93 -4.65 7.13 4.49
CA PHE A 93 -5.08 6.57 3.18
C PHE A 93 -5.70 5.19 3.38
N ILE A 94 -4.96 4.26 3.92
CA ILE A 94 -5.51 2.89 4.14
C ILE A 94 -6.87 2.95 4.85
N LYS A 95 -7.00 3.85 5.80
CA LYS A 95 -8.30 3.96 6.53
C LYS A 95 -9.43 4.27 5.55
N HIS A 96 -9.11 4.74 4.37
CA HIS A 96 -10.18 5.07 3.38
C HIS A 96 -10.33 3.93 2.36
N ASN A 97 -9.34 3.09 2.24
CA ASN A 97 -9.43 1.98 1.25
C ASN A 97 -9.88 0.67 1.92
N GLN A 98 -9.13 0.17 2.86
CA GLN A 98 -9.52 -1.09 3.53
C GLN A 98 -10.86 -0.93 4.24
N LEU A 99 -11.28 0.28 4.50
CA LEU A 99 -12.58 0.50 5.19
C LEU A 99 -13.46 1.45 4.37
N PRO A 100 -13.98 0.95 3.27
CA PRO A 100 -14.82 1.79 2.40
C PRO A 100 -16.20 2.00 3.02
N LEU A 101 -16.27 2.81 4.03
CA LEU A 101 -17.57 3.09 4.70
C LEU A 101 -18.30 1.79 5.04
N VAL A 102 -19.45 1.93 5.65
CA VAL A 102 -20.25 0.74 6.03
C VAL A 102 -21.75 1.06 5.90
N ILE A 103 -22.14 1.65 4.81
CA ILE A 103 -23.57 2.01 4.63
C ILE A 103 -24.46 0.78 4.85
N GLU A 104 -25.70 0.99 5.20
CA GLU A 104 -26.62 -0.16 5.43
C GLU A 104 -27.78 -0.12 4.44
N PHE A 105 -28.75 -0.97 4.61
CA PHE A 105 -29.91 -0.98 3.67
C PHE A 105 -29.41 -1.09 2.23
N THR A 106 -28.97 -2.25 1.83
CA THR A 106 -28.47 -2.42 0.43
C THR A 106 -29.61 -2.89 -0.48
N GLU A 107 -29.28 -3.47 -1.60
CA GLU A 107 -30.34 -3.94 -2.54
C GLU A 107 -30.98 -5.23 -2.01
N GLN A 108 -30.17 -6.21 -1.69
CA GLN A 108 -30.74 -7.50 -1.18
C GLN A 108 -31.08 -7.36 0.32
N THR A 109 -31.21 -8.47 1.00
CA THR A 109 -31.55 -8.40 2.45
C THR A 109 -30.44 -9.06 3.28
N ALA A 110 -29.50 -8.29 3.74
CA ALA A 110 -28.39 -8.87 4.56
C ALA A 110 -27.73 -10.02 3.80
N ALA A 1 6.51 -6.00 10.42
CA ALA A 1 7.34 -5.11 9.55
C ALA A 1 7.05 -5.38 8.08
N ALA A 2 7.25 -4.40 7.23
CA ALA A 2 6.98 -4.60 5.77
C ALA A 2 7.83 -5.76 5.25
N THR A 3 7.44 -6.34 4.14
CA THR A 3 8.24 -7.46 3.57
C THR A 3 9.15 -6.95 2.46
N THR A 4 10.10 -7.75 2.04
CA THR A 4 11.02 -7.31 0.96
C THR A 4 10.70 -8.05 -0.34
N LEU A 5 10.14 -7.38 -1.30
CA LEU A 5 9.81 -8.05 -2.59
C LEU A 5 10.97 -7.91 -3.58
N PRO A 6 11.37 -9.00 -4.19
CA PRO A 6 12.49 -8.98 -5.16
C PRO A 6 12.05 -8.29 -6.46
N ASP A 7 10.82 -8.50 -6.86
CA ASP A 7 10.33 -7.86 -8.12
C ASP A 7 8.82 -7.72 -8.10
N GLY A 8 8.25 -7.37 -9.21
CA GLY A 8 6.77 -7.21 -9.28
C GLY A 8 6.09 -8.57 -9.09
N ALA A 9 6.72 -9.62 -9.52
CA ALA A 9 6.12 -10.97 -9.37
C ALA A 9 5.74 -11.23 -7.90
N ALA A 10 6.40 -10.57 -6.99
CA ALA A 10 6.08 -10.79 -5.55
C ALA A 10 5.00 -9.79 -5.11
N ALA A 11 4.90 -8.67 -5.77
CA ALA A 11 3.86 -7.68 -5.40
C ALA A 11 2.47 -8.23 -5.70
N GLU A 12 2.37 -9.12 -6.64
CA GLU A 12 1.03 -9.70 -6.98
C GLU A 12 0.65 -10.78 -5.96
N SER A 13 1.53 -11.71 -5.71
CA SER A 13 1.20 -12.78 -4.72
C SER A 13 0.85 -12.16 -3.37
N LEU A 14 1.32 -10.97 -3.10
CA LEU A 14 1.00 -10.32 -1.80
C LEU A 14 -0.50 -9.98 -1.73
N VAL A 15 -1.01 -9.31 -2.74
CA VAL A 15 -2.45 -8.95 -2.73
C VAL A 15 -3.31 -10.20 -2.51
N GLU A 16 -3.03 -11.26 -3.22
CA GLU A 16 -3.84 -12.50 -3.05
C GLU A 16 -3.57 -13.13 -1.67
N SER A 17 -2.48 -12.77 -1.05
CA SER A 17 -2.16 -13.35 0.29
C SER A 17 -3.32 -13.10 1.26
N SER A 18 -3.65 -11.86 1.49
CA SER A 18 -4.77 -11.56 2.43
C SER A 18 -5.79 -10.63 1.75
N GLU A 19 -6.73 -10.13 2.51
CA GLU A 19 -7.76 -9.23 1.91
C GLU A 19 -7.15 -7.86 1.63
N VAL A 20 -6.40 -7.33 2.56
CA VAL A 20 -5.78 -5.98 2.34
C VAL A 20 -4.26 -6.08 2.32
N ALA A 21 -3.60 -5.20 1.62
CA ALA A 21 -2.12 -5.24 1.56
C ALA A 21 -1.59 -4.04 0.75
N VAL A 22 -0.53 -3.43 1.19
CA VAL A 22 0.00 -2.26 0.46
C VAL A 22 1.46 -2.50 0.03
N ILE A 23 1.85 -1.97 -1.09
CA ILE A 23 3.25 -2.17 -1.57
C ILE A 23 3.87 -0.81 -1.91
N GLY A 24 4.86 -0.40 -1.16
CA GLY A 24 5.50 0.91 -1.43
C GLY A 24 6.47 0.77 -2.61
N PHE A 25 6.32 1.57 -3.62
CA PHE A 25 7.23 1.49 -4.79
C PHE A 25 8.25 2.63 -4.74
N PHE A 26 9.12 2.62 -3.76
CA PHE A 26 10.12 3.71 -3.65
C PHE A 26 11.43 3.33 -4.34
N LYS A 27 12.04 4.26 -5.01
CA LYS A 27 13.33 3.96 -5.70
C LYS A 27 14.48 3.97 -4.69
N ASP A 28 14.32 4.71 -3.62
CA ASP A 28 15.39 4.77 -2.59
C ASP A 28 14.82 4.35 -1.23
N VAL A 29 14.89 3.07 -0.92
CA VAL A 29 14.36 2.59 0.39
C VAL A 29 15.15 3.20 1.56
N GLU A 30 16.35 3.64 1.31
CA GLU A 30 17.16 4.23 2.40
C GLU A 30 16.88 5.73 2.55
N SER A 31 15.84 6.22 1.94
CA SER A 31 15.52 7.67 2.06
C SER A 31 14.66 7.92 3.30
N ASP A 32 14.04 9.06 3.39
CA ASP A 32 13.19 9.36 4.57
C ASP A 32 11.76 8.84 4.33
N SER A 33 11.23 9.08 3.17
CA SER A 33 9.86 8.60 2.87
C SER A 33 9.77 7.09 3.06
N ALA A 34 10.88 6.41 3.02
CA ALA A 34 10.87 4.94 3.20
C ALA A 34 10.83 4.59 4.70
N LYS A 35 11.56 5.31 5.50
CA LYS A 35 11.56 5.04 6.95
C LYS A 35 10.15 5.16 7.52
N GLN A 36 9.41 6.14 7.08
CA GLN A 36 8.02 6.31 7.59
C GLN A 36 7.17 5.10 7.21
N PHE A 37 7.29 4.64 5.99
CA PHE A 37 6.49 3.46 5.55
C PHE A 37 6.63 2.31 6.56
N LEU A 38 7.83 1.91 6.84
CA LEU A 38 8.04 0.80 7.81
C LEU A 38 7.39 1.15 9.14
N GLN A 39 7.69 2.30 9.67
CA GLN A 39 7.09 2.72 10.98
C GLN A 39 5.57 2.55 10.94
N ALA A 40 4.95 2.98 9.86
CA ALA A 40 3.47 2.85 9.76
C ALA A 40 3.08 1.37 9.61
N ALA A 41 3.91 0.60 8.94
CA ALA A 41 3.58 -0.84 8.75
C ALA A 41 3.54 -1.56 10.11
N GLU A 42 4.31 -1.10 11.05
CA GLU A 42 4.31 -1.74 12.39
C GLU A 42 3.23 -1.12 13.28
N ALA A 43 2.82 0.08 12.98
CA ALA A 43 1.77 0.75 13.81
C ALA A 43 0.39 0.57 13.18
N ILE A 44 0.26 -0.32 12.23
CA ILE A 44 -1.06 -0.52 11.58
C ILE A 44 -1.71 -1.81 12.10
N ASP A 45 -2.93 -2.09 11.71
CA ASP A 45 -3.61 -3.32 12.18
C ASP A 45 -2.96 -4.55 11.55
N ASP A 46 -1.72 -4.77 11.87
CA ASP A 46 -0.97 -5.94 11.33
C ASP A 46 -1.29 -6.20 9.86
N ILE A 47 -1.20 -5.18 9.04
CA ILE A 47 -1.49 -5.34 7.59
C ILE A 47 -0.21 -5.74 6.86
N PRO A 48 -0.36 -6.56 5.84
CA PRO A 48 0.82 -7.02 5.06
C PRO A 48 1.42 -5.86 4.26
N PHE A 49 2.50 -5.30 4.76
CA PHE A 49 3.16 -4.16 4.05
C PHE A 49 4.33 -4.68 3.22
N GLY A 50 4.47 -4.21 2.01
CA GLY A 50 5.61 -4.66 1.16
C GLY A 50 6.33 -3.45 0.59
N ILE A 51 7.63 -3.51 0.46
CA ILE A 51 8.37 -2.35 -0.09
C ILE A 51 9.51 -2.82 -1.01
N THR A 52 9.67 -2.18 -2.13
CA THR A 52 10.75 -2.59 -3.08
C THR A 52 11.18 -1.41 -3.93
N SER A 53 12.37 -1.47 -4.44
CA SER A 53 12.88 -0.39 -5.31
C SER A 53 13.29 -0.97 -6.66
N ASN A 54 13.09 -2.26 -6.86
CA ASN A 54 13.46 -2.89 -8.15
C ASN A 54 12.62 -2.30 -9.30
N SER A 55 13.27 -1.75 -10.29
CA SER A 55 12.50 -1.16 -11.43
C SER A 55 11.51 -2.19 -12.00
N ASP A 56 11.83 -3.45 -11.88
CA ASP A 56 10.90 -4.50 -12.40
C ASP A 56 9.50 -4.29 -11.79
N VAL A 57 9.44 -3.80 -10.59
CA VAL A 57 8.11 -3.56 -9.96
C VAL A 57 7.55 -2.23 -10.44
N PHE A 58 8.41 -1.32 -10.83
CA PHE A 58 7.94 -0.01 -11.33
C PHE A 58 7.40 -0.16 -12.75
N SER A 59 8.18 -0.73 -13.63
CA SER A 59 7.72 -0.91 -15.03
C SER A 59 6.41 -1.69 -15.06
N LYS A 60 6.13 -2.43 -14.03
CA LYS A 60 4.86 -3.22 -13.98
C LYS A 60 3.68 -2.25 -13.85
N TYR A 61 3.77 -1.32 -12.93
CA TYR A 61 2.67 -0.35 -12.74
C TYR A 61 2.99 0.96 -13.49
N GLN A 62 4.13 1.03 -14.14
CA GLN A 62 4.49 2.27 -14.89
C GLN A 62 4.41 3.50 -13.98
N LEU A 63 5.31 3.62 -13.05
CA LEU A 63 5.28 4.79 -12.14
C LEU A 63 6.40 5.78 -12.52
N ASP A 64 6.07 7.03 -12.69
CA ASP A 64 7.11 8.04 -13.05
C ASP A 64 8.19 8.11 -11.97
N LYS A 65 7.92 7.59 -10.79
CA LYS A 65 8.92 7.63 -9.70
C LYS A 65 8.40 6.86 -8.49
N ASP A 66 8.70 7.30 -7.30
CA ASP A 66 8.21 6.58 -6.09
C ASP A 66 6.68 6.45 -6.17
N GLY A 67 6.13 5.42 -5.57
CA GLY A 67 4.65 5.26 -5.63
C GLY A 67 4.15 4.51 -4.39
N VAL A 68 3.15 5.03 -3.73
CA VAL A 68 2.61 4.35 -2.53
C VAL A 68 1.16 3.94 -2.78
N VAL A 69 0.95 2.84 -3.46
CA VAL A 69 -0.45 2.40 -3.73
C VAL A 69 -0.80 1.20 -2.86
N LEU A 70 -2.06 0.93 -2.65
CA LEU A 70 -2.46 -0.24 -1.81
C LEU A 70 -3.22 -1.26 -2.66
N PHE A 71 -3.36 -2.47 -2.18
CA PHE A 71 -4.06 -3.49 -2.98
C PHE A 71 -5.15 -4.18 -2.15
N LYS A 72 -6.33 -4.31 -2.67
CA LYS A 72 -7.43 -4.97 -1.91
C LYS A 72 -8.27 -5.84 -2.85
N LYS A 73 -9.05 -6.74 -2.30
CA LYS A 73 -9.88 -7.62 -3.15
C LYS A 73 -11.17 -6.90 -3.54
N PHE A 74 -11.64 -6.02 -2.70
CA PHE A 74 -12.90 -5.27 -3.01
C PHE A 74 -12.59 -3.97 -3.75
N ASP A 75 -13.60 -3.17 -3.99
CA ASP A 75 -13.40 -1.88 -4.70
C ASP A 75 -12.61 -2.09 -5.99
N GLU A 76 -12.02 -1.04 -6.49
CA GLU A 76 -11.23 -1.15 -7.75
C GLU A 76 -10.08 -2.16 -7.57
N GLY A 77 -9.59 -2.32 -6.37
CA GLY A 77 -8.49 -3.27 -6.14
C GLY A 77 -7.19 -2.50 -5.88
N ARG A 78 -7.07 -1.32 -6.42
CA ARG A 78 -5.83 -0.53 -6.21
C ARG A 78 -6.16 0.90 -5.76
N ASN A 79 -5.16 1.70 -5.54
CA ASN A 79 -5.39 3.11 -5.09
C ASN A 79 -4.37 4.03 -5.76
N ASN A 80 -4.05 5.13 -5.12
CA ASN A 80 -3.06 6.07 -5.70
C ASN A 80 -2.69 7.15 -4.69
N PHE A 81 -1.83 6.85 -3.76
CA PHE A 81 -1.43 7.86 -2.75
C PHE A 81 -0.79 9.08 -3.44
N GLU A 82 -1.05 10.25 -2.94
CA GLU A 82 -0.46 11.47 -3.55
C GLU A 82 -0.17 12.51 -2.47
N GLY A 83 1.02 13.04 -2.46
CA GLY A 83 1.39 14.05 -1.44
C GLY A 83 2.60 13.56 -0.65
N GLU A 84 2.96 14.26 0.40
CA GLU A 84 4.13 13.84 1.21
C GLU A 84 3.83 12.51 1.92
N VAL A 85 4.58 11.48 1.60
CA VAL A 85 4.34 10.16 2.25
C VAL A 85 4.85 10.19 3.70
N THR A 86 3.98 10.00 4.65
CA THR A 86 4.41 10.02 6.08
C THR A 86 3.53 9.09 6.92
N LYS A 87 4.03 8.64 8.04
CA LYS A 87 3.23 7.74 8.91
C LYS A 87 1.83 8.31 9.15
N GLU A 88 1.76 9.54 9.59
CA GLU A 88 0.43 10.17 9.83
C GLU A 88 -0.44 10.11 8.57
N ASN A 89 0.17 10.25 7.42
CA ASN A 89 -0.60 10.22 6.15
C ASN A 89 -0.95 8.77 5.78
N LEU A 90 0.04 7.90 5.75
CA LEU A 90 -0.21 6.49 5.39
C LEU A 90 -1.34 5.91 6.26
N LEU A 91 -1.18 5.97 7.56
CA LEU A 91 -2.23 5.41 8.46
C LEU A 91 -3.60 5.97 8.09
N ASP A 92 -3.64 7.12 7.47
CA ASP A 92 -4.96 7.71 7.08
C ASP A 92 -5.43 7.13 5.74
N PHE A 93 -4.52 6.98 4.80
CA PHE A 93 -4.92 6.42 3.48
C PHE A 93 -5.41 4.98 3.63
N ILE A 94 -4.60 4.11 4.17
CA ILE A 94 -5.02 2.70 4.32
C ILE A 94 -6.37 2.62 5.05
N LYS A 95 -6.51 3.33 6.13
CA LYS A 95 -7.80 3.31 6.89
C LYS A 95 -8.94 3.75 5.98
N HIS A 96 -8.65 4.46 4.93
CA HIS A 96 -9.73 4.92 4.02
C HIS A 96 -9.98 3.88 2.91
N ASN A 97 -9.03 3.01 2.68
CA ASN A 97 -9.23 1.98 1.62
C ASN A 97 -9.77 0.69 2.23
N GLN A 98 -9.16 0.20 3.28
CA GLN A 98 -9.64 -1.06 3.90
C GLN A 98 -11.10 -0.91 4.33
N LEU A 99 -11.58 0.29 4.47
CA LEU A 99 -12.99 0.48 4.90
C LEU A 99 -13.83 1.01 3.73
N PRO A 100 -14.44 0.10 3.00
CA PRO A 100 -15.29 0.50 1.86
C PRO A 100 -16.59 1.15 2.35
N LEU A 101 -17.31 1.78 1.46
CA LEU A 101 -18.58 2.44 1.89
C LEU A 101 -19.79 1.60 1.47
N VAL A 102 -19.81 0.35 1.84
CA VAL A 102 -20.96 -0.53 1.47
C VAL A 102 -21.61 -1.11 2.73
N ILE A 103 -22.09 -0.28 3.60
CA ILE A 103 -22.73 -0.78 4.85
C ILE A 103 -24.25 -0.79 4.70
N GLU A 104 -24.75 -0.75 3.50
CA GLU A 104 -26.23 -0.75 3.30
C GLU A 104 -26.89 0.34 4.15
N PHE A 105 -26.19 1.41 4.39
CA PHE A 105 -26.77 2.51 5.21
C PHE A 105 -25.89 3.75 5.14
N THR A 106 -25.70 4.29 3.97
CA THR A 106 -24.85 5.51 3.82
C THR A 106 -25.58 6.58 3.03
N GLU A 107 -25.30 7.83 3.26
CA GLU A 107 -25.98 8.92 2.52
C GLU A 107 -24.98 9.66 1.63
N GLN A 108 -25.18 9.63 0.34
CA GLN A 108 -24.24 10.33 -0.58
C GLN A 108 -24.95 11.52 -1.26
N THR A 109 -25.84 11.24 -2.16
CA THR A 109 -26.56 12.35 -2.86
C THR A 109 -27.62 12.96 -1.93
N ALA A 110 -27.61 14.25 -1.77
CA ALA A 110 -28.62 14.90 -0.88
C ALA A 110 -29.97 14.99 -1.60
N ALA A 1 8.30 -4.79 10.44
CA ALA A 1 8.53 -3.92 9.24
C ALA A 1 7.73 -4.43 8.05
N ALA A 2 7.92 -3.85 6.90
CA ALA A 2 7.16 -4.31 5.70
C ALA A 2 7.82 -5.55 5.10
N THR A 3 7.26 -6.07 4.04
CA THR A 3 7.86 -7.28 3.40
C THR A 3 8.65 -6.89 2.16
N THR A 4 9.89 -7.28 2.09
CA THR A 4 10.73 -6.93 0.90
C THR A 4 10.37 -7.83 -0.28
N LEU A 5 10.05 -7.25 -1.40
CA LEU A 5 9.69 -8.08 -2.59
C LEU A 5 10.87 -8.12 -3.58
N PRO A 6 11.13 -9.28 -4.12
CA PRO A 6 12.24 -9.44 -5.09
C PRO A 6 11.89 -8.78 -6.43
N ASP A 7 10.62 -8.70 -6.74
CA ASP A 7 10.22 -8.07 -8.03
C ASP A 7 8.70 -7.91 -8.12
N GLY A 8 8.21 -7.56 -9.27
CA GLY A 8 6.75 -7.37 -9.45
C GLY A 8 6.03 -8.69 -9.17
N ALA A 9 6.64 -9.79 -9.52
CA ALA A 9 5.98 -11.11 -9.29
C ALA A 9 5.51 -11.22 -7.84
N ALA A 10 6.17 -10.55 -6.93
CA ALA A 10 5.75 -10.63 -5.50
C ALA A 10 4.65 -9.59 -5.22
N ALA A 11 4.74 -8.44 -5.82
CA ALA A 11 3.70 -7.40 -5.59
C ALA A 11 2.31 -7.96 -5.88
N GLU A 12 2.22 -8.90 -6.78
CA GLU A 12 0.88 -9.50 -7.10
C GLU A 12 0.51 -10.57 -6.07
N SER A 13 1.44 -11.44 -5.75
CA SER A 13 1.14 -12.51 -4.76
C SER A 13 0.69 -11.87 -3.44
N LEU A 14 1.21 -10.73 -3.10
CA LEU A 14 0.82 -10.06 -1.83
C LEU A 14 -0.68 -9.76 -1.84
N VAL A 15 -1.17 -9.17 -2.91
CA VAL A 15 -2.63 -8.85 -2.97
C VAL A 15 -3.45 -10.11 -2.71
N GLU A 16 -3.05 -11.22 -3.25
CA GLU A 16 -3.81 -12.48 -3.04
C GLU A 16 -3.43 -13.14 -1.70
N SER A 17 -2.57 -12.51 -0.93
CA SER A 17 -2.17 -13.10 0.38
C SER A 17 -3.30 -12.94 1.40
N SER A 18 -3.92 -11.79 1.43
CA SER A 18 -5.03 -11.57 2.40
C SER A 18 -6.08 -10.63 1.79
N GLU A 19 -7.04 -10.22 2.57
CA GLU A 19 -8.09 -9.31 2.05
C GLU A 19 -7.51 -7.92 1.79
N VAL A 20 -6.73 -7.41 2.71
CA VAL A 20 -6.13 -6.06 2.50
C VAL A 20 -4.61 -6.17 2.43
N ALA A 21 -3.96 -5.28 1.72
CA ALA A 21 -2.49 -5.33 1.60
C ALA A 21 -1.97 -4.08 0.88
N VAL A 22 -0.82 -3.60 1.24
CA VAL A 22 -0.28 -2.38 0.57
C VAL A 22 1.14 -2.62 0.08
N ILE A 23 1.61 -1.77 -0.79
CA ILE A 23 2.99 -1.92 -1.32
C ILE A 23 3.58 -0.55 -1.67
N GLY A 24 4.59 -0.13 -0.98
CA GLY A 24 5.22 1.20 -1.29
C GLY A 24 6.28 1.01 -2.37
N PHE A 25 6.27 1.84 -3.38
CA PHE A 25 7.27 1.70 -4.46
C PHE A 25 8.42 2.69 -4.25
N PHE A 26 9.31 2.40 -3.35
CA PHE A 26 10.44 3.33 -3.09
C PHE A 26 11.68 2.91 -3.88
N LYS A 27 12.40 3.88 -4.35
CA LYS A 27 13.64 3.59 -5.12
C LYS A 27 14.82 3.52 -4.16
N ASP A 28 14.71 4.18 -3.04
CA ASP A 28 15.80 4.17 -2.02
C ASP A 28 15.18 4.02 -0.63
N VAL A 29 14.80 2.82 -0.27
CA VAL A 29 14.18 2.58 1.07
C VAL A 29 14.96 3.30 2.18
N GLU A 30 16.22 3.54 1.98
CA GLU A 30 17.04 4.21 3.01
C GLU A 30 16.90 5.74 2.89
N SER A 31 15.99 6.22 2.09
CA SER A 31 15.82 7.69 1.94
C SER A 31 14.99 8.25 3.11
N ASP A 32 14.42 9.40 2.93
CA ASP A 32 13.60 10.00 4.03
C ASP A 32 12.14 9.55 3.90
N SER A 33 11.54 9.75 2.77
CA SER A 33 10.12 9.33 2.59
C SER A 33 9.98 7.82 2.80
N ALA A 34 11.04 7.08 2.64
CA ALA A 34 10.96 5.61 2.84
C ALA A 34 11.05 5.27 4.33
N LYS A 35 11.62 6.14 5.11
CA LYS A 35 11.74 5.87 6.57
C LYS A 35 10.36 5.93 7.23
N GLN A 36 9.55 6.87 6.84
CA GLN A 36 8.19 6.97 7.44
C GLN A 36 7.39 5.69 7.16
N PHE A 37 7.43 5.21 5.94
CA PHE A 37 6.69 3.98 5.61
C PHE A 37 7.04 2.86 6.59
N LEU A 38 8.31 2.55 6.73
CA LEU A 38 8.73 1.49 7.66
C LEU A 38 8.17 1.76 9.06
N GLN A 39 8.46 2.92 9.60
CA GLN A 39 7.94 3.26 10.96
C GLN A 39 6.43 3.05 11.01
N ALA A 40 5.73 3.37 9.96
CA ALA A 40 4.26 3.19 9.95
C ALA A 40 3.91 1.71 9.75
N ALA A 41 4.62 1.05 8.87
CA ALA A 41 4.34 -0.39 8.63
C ALA A 41 4.50 -1.17 9.93
N GLU A 42 5.47 -0.82 10.73
CA GLU A 42 5.69 -1.54 12.01
C GLU A 42 4.50 -1.29 12.95
N ALA A 43 3.86 -0.16 12.82
CA ALA A 43 2.69 0.13 13.70
C ALA A 43 1.61 -0.93 13.52
N ILE A 44 1.24 -1.21 12.29
CA ILE A 44 0.20 -2.24 12.03
C ILE A 44 0.86 -3.60 11.84
N ASP A 45 0.16 -4.67 12.16
CA ASP A 45 0.76 -6.02 12.00
C ASP A 45 -0.17 -6.92 11.17
N ASP A 46 -1.45 -6.83 11.40
CA ASP A 46 -2.40 -7.68 10.63
C ASP A 46 -2.36 -7.32 9.14
N ILE A 47 -1.80 -6.19 8.80
CA ILE A 47 -1.73 -5.81 7.36
C ILE A 47 -0.40 -6.25 6.74
N PRO A 48 -0.46 -6.95 5.63
CA PRO A 48 0.76 -7.43 4.96
C PRO A 48 1.45 -6.28 4.21
N PHE A 49 2.22 -5.48 4.89
CA PHE A 49 2.92 -4.34 4.21
C PHE A 49 4.03 -4.87 3.32
N GLY A 50 4.17 -4.34 2.14
CA GLY A 50 5.25 -4.81 1.22
C GLY A 50 6.04 -3.60 0.71
N ILE A 51 7.32 -3.76 0.52
CA ILE A 51 8.16 -2.62 0.03
C ILE A 51 9.28 -3.13 -0.87
N THR A 52 9.53 -2.46 -1.96
CA THR A 52 10.62 -2.90 -2.89
C THR A 52 11.07 -1.76 -3.78
N SER A 53 12.26 -1.85 -4.26
CA SER A 53 12.80 -0.81 -5.17
C SER A 53 13.19 -1.44 -6.51
N ASN A 54 12.95 -2.72 -6.67
CA ASN A 54 13.33 -3.39 -7.95
C ASN A 54 12.65 -2.70 -9.13
N SER A 55 13.41 -2.31 -10.13
CA SER A 55 12.80 -1.64 -11.31
C SER A 55 11.67 -2.50 -11.89
N ASP A 56 11.82 -3.79 -11.84
CA ASP A 56 10.74 -4.67 -12.39
C ASP A 56 9.40 -4.31 -11.75
N VAL A 57 9.42 -3.85 -10.53
CA VAL A 57 8.17 -3.46 -9.85
C VAL A 57 7.75 -2.05 -10.30
N PHE A 58 8.70 -1.25 -10.70
CA PHE A 58 8.36 0.13 -11.16
C PHE A 58 7.82 0.06 -12.59
N SER A 59 8.54 -0.57 -13.48
CA SER A 59 8.06 -0.67 -14.88
C SER A 59 6.70 -1.39 -14.92
N LYS A 60 6.37 -2.10 -13.87
CA LYS A 60 5.06 -2.83 -13.84
C LYS A 60 3.93 -1.81 -13.69
N TYR A 61 4.00 -0.97 -12.70
CA TYR A 61 2.94 0.05 -12.51
C TYR A 61 3.30 1.35 -13.24
N GLN A 62 4.39 1.34 -13.98
CA GLN A 62 4.80 2.57 -14.72
C GLN A 62 4.81 3.79 -13.79
N LEU A 63 5.68 3.78 -12.82
CA LEU A 63 5.76 4.94 -11.88
C LEU A 63 6.96 5.82 -12.24
N ASP A 64 6.73 7.08 -12.52
CA ASP A 64 7.85 8.00 -12.86
C ASP A 64 8.82 8.12 -11.69
N LYS A 65 8.38 7.78 -10.50
CA LYS A 65 9.28 7.89 -9.31
C LYS A 65 8.71 7.08 -8.15
N ASP A 66 8.94 7.51 -6.94
CA ASP A 66 8.40 6.77 -5.77
C ASP A 66 6.87 6.93 -5.70
N GLY A 67 6.19 5.96 -5.18
CA GLY A 67 4.70 6.07 -5.09
C GLY A 67 4.15 4.94 -4.21
N VAL A 68 3.00 5.13 -3.64
CA VAL A 68 2.41 4.07 -2.78
C VAL A 68 0.98 3.75 -3.23
N VAL A 69 0.61 2.50 -3.20
CA VAL A 69 -0.77 2.11 -3.61
C VAL A 69 -1.28 0.98 -2.72
N LEU A 70 -2.56 0.90 -2.49
CA LEU A 70 -3.08 -0.20 -1.62
C LEU A 70 -3.69 -1.29 -2.51
N PHE A 71 -3.57 -2.53 -2.10
CA PHE A 71 -4.12 -3.63 -2.93
C PHE A 71 -5.13 -4.44 -2.13
N LYS A 72 -6.40 -4.33 -2.46
CA LYS A 72 -7.44 -5.09 -1.72
C LYS A 72 -8.26 -5.93 -2.69
N LYS A 73 -9.14 -6.75 -2.18
CA LYS A 73 -9.99 -7.60 -3.08
C LYS A 73 -11.32 -6.89 -3.36
N PHE A 74 -11.75 -6.06 -2.46
CA PHE A 74 -13.04 -5.34 -2.69
C PHE A 74 -12.81 -4.00 -3.39
N ASP A 75 -13.83 -3.20 -3.48
CA ASP A 75 -13.70 -1.88 -4.15
C ASP A 75 -13.04 -2.03 -5.52
N GLU A 76 -12.51 -0.96 -6.03
CA GLU A 76 -11.84 -1.02 -7.37
C GLU A 76 -10.74 -2.10 -7.37
N GLY A 77 -9.92 -2.11 -6.35
CA GLY A 77 -8.84 -3.13 -6.30
C GLY A 77 -7.49 -2.44 -6.09
N ARG A 78 -7.34 -1.26 -6.64
CA ARG A 78 -6.03 -0.53 -6.47
C ARG A 78 -6.29 0.95 -6.15
N ASN A 79 -5.25 1.67 -5.85
CA ASN A 79 -5.42 3.12 -5.51
C ASN A 79 -4.22 3.91 -6.05
N ASN A 80 -3.94 5.04 -5.46
CA ASN A 80 -2.80 5.86 -5.91
C ASN A 80 -2.52 6.99 -4.92
N PHE A 81 -1.74 6.71 -3.91
CA PHE A 81 -1.43 7.77 -2.89
C PHE A 81 -0.98 9.06 -3.60
N GLU A 82 -1.55 10.18 -3.22
CA GLU A 82 -1.17 11.47 -3.85
C GLU A 82 -0.81 12.49 -2.78
N GLY A 83 0.42 12.91 -2.74
CA GLY A 83 0.84 13.91 -1.72
C GLY A 83 2.15 13.45 -1.08
N GLU A 84 2.44 13.95 0.10
CA GLU A 84 3.70 13.53 0.78
C GLU A 84 3.48 12.22 1.55
N VAL A 85 4.37 11.29 1.39
CA VAL A 85 4.21 9.99 2.11
C VAL A 85 4.71 10.12 3.55
N THR A 86 3.84 9.96 4.52
CA THR A 86 4.26 10.06 5.94
C THR A 86 3.49 9.05 6.80
N LYS A 87 4.00 8.72 7.95
CA LYS A 87 3.29 7.75 8.83
C LYS A 87 1.83 8.15 9.02
N GLU A 88 1.59 9.39 9.36
CA GLU A 88 0.18 9.85 9.56
C GLU A 88 -0.62 9.74 8.26
N ASN A 89 -0.01 10.08 7.15
CA ASN A 89 -0.73 10.00 5.85
C ASN A 89 -0.97 8.54 5.46
N LEU A 90 0.04 7.72 5.52
CA LEU A 90 -0.11 6.29 5.15
C LEU A 90 -1.22 5.65 5.99
N LEU A 91 -1.18 5.82 7.28
CA LEU A 91 -2.23 5.22 8.15
C LEU A 91 -3.61 5.74 7.76
N ASP A 92 -3.68 6.91 7.20
CA ASP A 92 -5.00 7.48 6.80
C ASP A 92 -5.46 6.86 5.48
N PHE A 93 -4.58 6.76 4.52
CA PHE A 93 -4.97 6.15 3.21
C PHE A 93 -5.60 4.78 3.42
N ILE A 94 -4.86 3.86 3.99
CA ILE A 94 -5.41 2.49 4.22
C ILE A 94 -6.75 2.57 4.95
N LYS A 95 -6.84 3.36 5.98
CA LYS A 95 -8.11 3.48 6.75
C LYS A 95 -9.26 3.90 5.83
N HIS A 96 -8.96 4.46 4.68
CA HIS A 96 -10.04 4.90 3.76
C HIS A 96 -10.33 3.83 2.70
N ASN A 97 -9.37 2.99 2.40
CA ASN A 97 -9.59 1.94 1.38
C ASN A 97 -10.17 0.67 1.99
N GLN A 98 -9.60 0.19 3.05
CA GLN A 98 -10.14 -1.06 3.68
C GLN A 98 -11.61 -0.88 4.05
N LEU A 99 -12.05 0.35 4.19
CA LEU A 99 -13.47 0.59 4.55
C LEU A 99 -14.24 1.10 3.32
N PRO A 100 -15.32 0.41 2.99
CA PRO A 100 -16.12 0.82 1.81
C PRO A 100 -16.91 2.10 2.12
N LEU A 101 -17.72 2.54 1.20
CA LEU A 101 -18.51 3.78 1.43
C LEU A 101 -20.00 3.45 1.42
N VAL A 102 -20.73 3.92 2.40
CA VAL A 102 -22.18 3.63 2.46
C VAL A 102 -22.97 4.72 1.71
N ILE A 103 -22.69 4.89 0.45
CA ILE A 103 -23.41 5.94 -0.34
C ILE A 103 -24.33 5.27 -1.37
N GLU A 104 -25.19 4.40 -0.94
CA GLU A 104 -26.10 3.72 -1.92
C GLU A 104 -27.29 3.11 -1.18
N PHE A 105 -28.46 3.16 -1.78
CA PHE A 105 -29.66 2.58 -1.12
C PHE A 105 -30.66 2.09 -2.18
N THR A 106 -30.18 1.37 -3.17
CA THR A 106 -31.10 0.87 -4.23
C THR A 106 -31.87 2.02 -4.85
N GLU A 107 -31.20 3.08 -5.23
CA GLU A 107 -31.91 4.24 -5.84
C GLU A 107 -33.06 4.70 -4.94
N GLN A 108 -33.93 5.53 -5.46
CA GLN A 108 -35.08 6.00 -4.63
C GLN A 108 -34.58 6.60 -3.31
N THR A 109 -34.32 7.87 -3.29
CA THR A 109 -33.83 8.52 -2.05
C THR A 109 -32.55 7.83 -1.56
N ALA A 110 -31.89 8.40 -0.59
CA ALA A 110 -30.64 7.77 -0.07
C ALA A 110 -30.14 8.52 1.17
N ALA A 1 6.40 -5.23 10.82
CA ALA A 1 7.32 -4.77 9.74
C ALA A 1 6.77 -5.15 8.37
N ALA A 2 7.24 -4.52 7.33
CA ALA A 2 6.74 -4.84 5.98
C ALA A 2 7.61 -5.94 5.34
N THR A 3 7.24 -6.41 4.17
CA THR A 3 8.05 -7.47 3.51
C THR A 3 8.91 -6.88 2.40
N THR A 4 9.80 -7.66 1.85
CA THR A 4 10.68 -7.14 0.76
C THR A 4 10.36 -7.85 -0.56
N LEU A 5 9.67 -7.21 -1.44
CA LEU A 5 9.32 -7.86 -2.74
C LEU A 5 10.53 -7.78 -3.70
N PRO A 6 11.12 -8.92 -3.99
CA PRO A 6 12.29 -8.95 -4.90
C PRO A 6 11.88 -8.63 -6.34
N ASP A 7 10.62 -8.79 -6.67
CA ASP A 7 10.17 -8.48 -8.05
C ASP A 7 8.65 -8.33 -8.12
N GLY A 8 8.13 -8.27 -9.30
CA GLY A 8 6.65 -8.13 -9.47
C GLY A 8 5.96 -9.41 -9.01
N ALA A 9 6.52 -10.55 -9.31
CA ALA A 9 5.90 -11.83 -8.88
C ALA A 9 5.63 -11.81 -7.37
N ALA A 10 6.34 -10.99 -6.65
CA ALA A 10 6.11 -10.92 -5.18
C ALA A 10 5.03 -9.88 -4.89
N ALA A 11 4.84 -8.95 -5.78
CA ALA A 11 3.79 -7.90 -5.57
C ALA A 11 2.42 -8.43 -6.03
N GLU A 12 2.41 -9.44 -6.86
CA GLU A 12 1.12 -10.00 -7.34
C GLU A 12 0.60 -11.06 -6.36
N SER A 13 1.48 -11.84 -5.80
CA SER A 13 1.04 -12.89 -4.84
C SER A 13 0.68 -12.25 -3.49
N LEU A 14 1.35 -11.18 -3.15
CA LEU A 14 1.05 -10.50 -1.86
C LEU A 14 -0.43 -10.12 -1.80
N VAL A 15 -0.89 -9.32 -2.72
CA VAL A 15 -2.32 -8.91 -2.71
C VAL A 15 -3.23 -10.14 -2.67
N GLU A 16 -2.85 -11.19 -3.32
CA GLU A 16 -3.71 -12.42 -3.32
C GLU A 16 -3.57 -13.17 -1.99
N SER A 17 -2.52 -12.92 -1.26
CA SER A 17 -2.33 -13.62 0.04
C SER A 17 -3.38 -13.15 1.06
N SER A 18 -3.43 -11.87 1.32
CA SER A 18 -4.43 -11.35 2.29
C SER A 18 -5.48 -10.50 1.57
N GLU A 19 -6.57 -10.22 2.22
CA GLU A 19 -7.63 -9.38 1.58
C GLU A 19 -7.09 -7.96 1.32
N VAL A 20 -6.36 -7.42 2.25
CA VAL A 20 -5.81 -6.05 2.06
C VAL A 20 -4.29 -6.09 2.16
N ALA A 21 -3.62 -5.23 1.44
CA ALA A 21 -2.13 -5.20 1.48
C ALA A 21 -1.60 -4.02 0.67
N VAL A 22 -0.67 -3.28 1.21
CA VAL A 22 -0.12 -2.10 0.47
C VAL A 22 1.34 -2.38 0.10
N ILE A 23 1.78 -1.82 -1.00
CA ILE A 23 3.19 -2.04 -1.41
C ILE A 23 3.86 -0.70 -1.76
N GLY A 24 4.79 -0.26 -0.97
CA GLY A 24 5.47 1.03 -1.26
C GLY A 24 6.49 0.82 -2.38
N PHE A 25 6.50 1.69 -3.36
CA PHE A 25 7.47 1.55 -4.47
C PHE A 25 8.58 2.59 -4.33
N PHE A 26 9.40 2.47 -3.31
CA PHE A 26 10.49 3.46 -3.12
C PHE A 26 11.77 3.00 -3.80
N LYS A 27 12.35 3.88 -4.57
CA LYS A 27 13.62 3.54 -5.27
C LYS A 27 14.78 3.68 -4.28
N ASP A 28 14.64 4.57 -3.35
CA ASP A 28 15.69 4.79 -2.32
C ASP A 28 15.10 4.60 -0.93
N VAL A 29 14.77 3.39 -0.57
CA VAL A 29 14.18 3.13 0.77
C VAL A 29 15.00 3.81 1.88
N GLU A 30 16.25 4.06 1.63
CA GLU A 30 17.10 4.71 2.65
C GLU A 30 16.84 6.22 2.71
N SER A 31 15.91 6.72 1.93
CA SER A 31 15.61 8.18 1.95
C SER A 31 14.72 8.51 3.14
N ASP A 32 14.06 9.65 3.11
CA ASP A 32 13.17 10.04 4.23
C ASP A 32 11.74 9.54 3.99
N SER A 33 11.19 9.81 2.84
CA SER A 33 9.80 9.37 2.55
C SER A 33 9.67 7.86 2.79
N ALA A 34 10.74 7.13 2.70
CA ALA A 34 10.67 5.66 2.93
C ALA A 34 10.83 5.34 4.41
N LYS A 35 11.58 6.13 5.12
CA LYS A 35 11.75 5.88 6.57
C LYS A 35 10.41 5.93 7.28
N GLN A 36 9.57 6.88 6.94
CA GLN A 36 8.25 6.98 7.59
C GLN A 36 7.39 5.76 7.23
N PHE A 37 7.50 5.28 6.02
CA PHE A 37 6.70 4.09 5.61
C PHE A 37 6.89 2.95 6.61
N LEU A 38 8.10 2.54 6.82
CA LEU A 38 8.37 1.43 7.79
C LEU A 38 7.72 1.76 9.14
N GLN A 39 7.96 2.93 9.66
CA GLN A 39 7.36 3.31 10.97
C GLN A 39 5.84 3.08 10.93
N ALA A 40 5.21 3.42 9.86
CA ALA A 40 3.73 3.23 9.76
C ALA A 40 3.42 1.73 9.58
N ALA A 41 4.25 1.03 8.87
CA ALA A 41 4.01 -0.43 8.66
C ALA A 41 4.10 -1.17 10.00
N GLU A 42 5.07 -0.84 10.80
CA GLU A 42 5.21 -1.52 12.12
C GLU A 42 3.95 -1.29 12.97
N ALA A 43 3.36 -0.14 12.87
CA ALA A 43 2.13 0.15 13.66
C ALA A 43 1.01 -0.79 13.25
N ILE A 44 0.79 -0.95 11.97
CA ILE A 44 -0.29 -1.86 11.50
C ILE A 44 0.25 -3.27 11.31
N ASP A 45 -0.06 -4.17 12.21
CA ASP A 45 0.45 -5.57 12.07
C ASP A 45 -0.58 -6.44 11.35
N ASP A 46 -1.82 -6.03 11.34
CA ASP A 46 -2.87 -6.83 10.64
C ASP A 46 -2.78 -6.66 9.13
N ILE A 47 -1.93 -5.79 8.65
CA ILE A 47 -1.82 -5.58 7.18
C ILE A 47 -0.42 -5.98 6.70
N PRO A 48 -0.35 -6.79 5.67
CA PRO A 48 0.96 -7.23 5.13
C PRO A 48 1.62 -6.10 4.34
N PHE A 49 2.26 -5.19 5.01
CA PHE A 49 2.93 -4.07 4.29
C PHE A 49 4.13 -4.58 3.50
N GLY A 50 4.24 -4.20 2.25
CA GLY A 50 5.39 -4.67 1.44
C GLY A 50 6.11 -3.45 0.83
N ILE A 51 7.38 -3.60 0.55
CA ILE A 51 8.14 -2.45 -0.04
C ILE A 51 9.23 -2.95 -0.96
N THR A 52 9.53 -2.22 -2.00
CA THR A 52 10.61 -2.66 -2.94
C THR A 52 11.06 -1.50 -3.82
N SER A 53 12.24 -1.61 -4.33
CA SER A 53 12.79 -0.55 -5.22
C SER A 53 13.13 -1.17 -6.58
N ASN A 54 12.89 -2.45 -6.74
CA ASN A 54 13.21 -3.10 -8.04
C ASN A 54 12.50 -2.39 -9.20
N SER A 55 13.25 -1.87 -10.14
CA SER A 55 12.61 -1.17 -11.29
C SER A 55 11.57 -2.07 -11.95
N ASP A 56 11.80 -3.36 -11.94
CA ASP A 56 10.81 -4.28 -12.56
C ASP A 56 9.43 -4.07 -11.92
N VAL A 57 9.41 -3.97 -10.62
CA VAL A 57 8.10 -3.74 -9.93
C VAL A 57 7.59 -2.33 -10.25
N PHE A 58 8.49 -1.41 -10.48
CA PHE A 58 8.08 -0.02 -10.81
C PHE A 58 7.42 0.01 -12.18
N SER A 59 8.13 -0.37 -13.20
CA SER A 59 7.56 -0.38 -14.58
C SER A 59 6.23 -1.13 -14.60
N LYS A 60 6.11 -2.19 -13.83
CA LYS A 60 4.84 -2.96 -13.82
C LYS A 60 3.64 -2.03 -13.65
N TYR A 61 3.63 -1.24 -12.61
CA TYR A 61 2.49 -0.31 -12.40
C TYR A 61 2.74 1.02 -13.09
N GLN A 62 3.65 1.06 -14.03
CA GLN A 62 3.93 2.35 -14.74
C GLN A 62 4.21 3.46 -13.73
N LEU A 63 5.27 3.36 -12.99
CA LEU A 63 5.60 4.42 -11.99
C LEU A 63 6.88 5.17 -12.41
N ASP A 64 6.75 6.24 -13.13
CA ASP A 64 7.96 7.01 -13.55
C ASP A 64 8.83 7.30 -12.32
N LYS A 65 8.21 7.38 -11.16
CA LYS A 65 8.96 7.64 -9.91
C LYS A 65 8.41 6.75 -8.80
N ASP A 66 8.99 6.80 -7.63
CA ASP A 66 8.48 5.94 -6.52
C ASP A 66 7.01 6.24 -6.25
N GLY A 67 6.46 5.66 -5.22
CA GLY A 67 5.03 5.92 -4.90
C GLY A 67 4.53 4.88 -3.90
N VAL A 68 3.34 5.06 -3.39
CA VAL A 68 2.79 4.06 -2.41
C VAL A 68 1.29 3.83 -2.69
N VAL A 69 0.96 2.68 -3.21
CA VAL A 69 -0.48 2.39 -3.52
C VAL A 69 -0.96 1.21 -2.67
N LEU A 70 -2.24 1.06 -2.51
CA LEU A 70 -2.75 -0.09 -1.69
C LEU A 70 -3.44 -1.11 -2.59
N PHE A 71 -3.42 -2.36 -2.22
CA PHE A 71 -4.06 -3.39 -3.07
C PHE A 71 -5.14 -4.14 -2.27
N LYS A 72 -6.33 -4.21 -2.80
CA LYS A 72 -7.43 -4.91 -2.07
C LYS A 72 -8.28 -5.72 -3.06
N LYS A 73 -9.12 -6.59 -2.55
CA LYS A 73 -9.98 -7.40 -3.44
C LYS A 73 -11.31 -6.71 -3.69
N PHE A 74 -11.74 -5.89 -2.79
CA PHE A 74 -13.04 -5.17 -2.98
C PHE A 74 -12.83 -3.82 -3.67
N ASP A 75 -13.88 -3.05 -3.82
CA ASP A 75 -13.76 -1.72 -4.50
C ASP A 75 -13.03 -1.85 -5.82
N GLU A 76 -12.51 -0.76 -6.30
CA GLU A 76 -11.77 -0.79 -7.60
C GLU A 76 -10.67 -1.85 -7.56
N GLY A 77 -9.80 -1.78 -6.59
CA GLY A 77 -8.71 -2.79 -6.49
C GLY A 77 -7.38 -2.09 -6.23
N ARG A 78 -7.26 -0.85 -6.62
CA ARG A 78 -5.98 -0.12 -6.39
C ARG A 78 -6.24 1.33 -5.97
N ASN A 79 -5.19 2.06 -5.68
CA ASN A 79 -5.35 3.47 -5.24
C ASN A 79 -4.22 4.32 -5.84
N ASN A 80 -3.86 5.37 -5.17
CA ASN A 80 -2.75 6.23 -5.68
C ASN A 80 -2.45 7.36 -4.68
N PHE A 81 -1.73 7.05 -3.64
CA PHE A 81 -1.42 8.09 -2.62
C PHE A 81 -0.83 9.33 -3.29
N GLU A 82 -1.47 10.46 -3.14
CA GLU A 82 -0.97 11.71 -3.78
C GLU A 82 -0.66 12.75 -2.70
N GLY A 83 0.58 12.97 -2.40
CA GLY A 83 0.95 13.98 -1.37
C GLY A 83 2.28 13.60 -0.72
N GLU A 84 2.55 14.12 0.45
CA GLU A 84 3.84 13.79 1.13
C GLU A 84 3.71 12.45 1.86
N VAL A 85 4.39 11.44 1.39
CA VAL A 85 4.31 10.11 2.05
C VAL A 85 4.83 10.21 3.50
N THR A 86 3.98 9.96 4.45
CA THR A 86 4.41 10.04 5.88
C THR A 86 3.61 9.06 6.74
N LYS A 87 4.16 8.65 7.85
CA LYS A 87 3.43 7.69 8.73
C LYS A 87 2.03 8.22 9.05
N GLU A 88 1.93 9.43 9.52
CA GLU A 88 0.59 9.98 9.86
C GLU A 88 -0.33 9.93 8.63
N ASN A 89 0.24 9.94 7.46
CA ASN A 89 -0.60 9.90 6.22
C ASN A 89 -0.89 8.45 5.84
N LEU A 90 0.12 7.61 5.85
CA LEU A 90 -0.10 6.18 5.48
C LEU A 90 -1.13 5.55 6.42
N LEU A 91 -0.99 5.75 7.70
CA LEU A 91 -1.96 5.14 8.66
C LEU A 91 -3.39 5.51 8.27
N ASP A 92 -3.58 6.66 7.67
CA ASP A 92 -4.96 7.06 7.26
C ASP A 92 -5.29 6.48 5.88
N PHE A 93 -4.36 6.51 4.97
CA PHE A 93 -4.62 5.95 3.61
C PHE A 93 -5.18 4.53 3.75
N ILE A 94 -4.50 3.69 4.49
CA ILE A 94 -4.97 2.29 4.69
C ILE A 94 -6.45 2.27 5.06
N LYS A 95 -6.76 2.67 6.26
CA LYS A 95 -8.18 2.68 6.74
C LYS A 95 -9.11 3.30 5.68
N HIS A 96 -8.65 4.30 4.98
CA HIS A 96 -9.51 4.95 3.95
C HIS A 96 -9.80 3.98 2.80
N ASN A 97 -8.94 3.01 2.58
CA ASN A 97 -9.17 2.05 1.46
C ASN A 97 -9.71 0.72 1.99
N GLN A 98 -9.33 0.33 3.18
CA GLN A 98 -9.82 -0.96 3.73
C GLN A 98 -11.11 -0.77 4.52
N LEU A 99 -11.87 0.26 4.22
CA LEU A 99 -13.15 0.48 4.95
C LEU A 99 -14.31 0.62 3.96
N PRO A 100 -14.49 -0.39 3.15
CA PRO A 100 -15.58 -0.36 2.13
C PRO A 100 -16.94 -0.55 2.80
N LEU A 101 -17.98 0.00 2.21
CA LEU A 101 -19.34 -0.15 2.79
C LEU A 101 -19.35 0.08 4.30
N VAL A 102 -19.12 1.31 4.72
CA VAL A 102 -19.12 1.61 6.18
C VAL A 102 -20.49 2.09 6.63
N ILE A 103 -20.99 1.57 7.72
CA ILE A 103 -22.34 2.01 8.21
C ILE A 103 -22.21 3.24 9.11
N GLU A 104 -23.30 3.69 9.67
CA GLU A 104 -23.24 4.88 10.55
C GLU A 104 -24.59 5.08 11.26
N PHE A 105 -24.91 6.30 11.61
CA PHE A 105 -26.21 6.56 12.29
C PHE A 105 -26.36 5.66 13.52
N THR A 106 -27.57 5.33 13.88
CA THR A 106 -27.77 4.45 15.08
C THR A 106 -26.88 3.21 14.99
N GLU A 107 -26.57 2.61 16.11
CA GLU A 107 -25.71 1.38 16.09
C GLU A 107 -25.75 0.68 17.45
N GLN A 108 -26.85 0.07 17.77
CA GLN A 108 -26.96 -0.64 19.09
C GLN A 108 -25.91 -1.73 19.18
N THR A 109 -25.89 -2.64 18.23
CA THR A 109 -24.88 -3.74 18.26
C THR A 109 -24.74 -4.37 16.88
N ALA A 110 -23.67 -5.06 16.63
CA ALA A 110 -23.47 -5.69 15.30
C ALA A 110 -22.65 -6.98 15.43
N ALA A 1 7.26 -5.47 10.68
CA ALA A 1 7.76 -4.57 9.60
C ALA A 1 7.30 -5.09 8.22
N ALA A 2 7.39 -4.28 7.22
CA ALA A 2 6.95 -4.71 5.86
C ALA A 2 7.89 -5.80 5.33
N THR A 3 7.55 -6.41 4.23
CA THR A 3 8.42 -7.49 3.67
C THR A 3 9.19 -6.97 2.46
N THR A 4 10.15 -7.70 1.99
CA THR A 4 10.94 -7.24 0.80
C THR A 4 10.58 -8.09 -0.42
N LEU A 5 10.05 -7.47 -1.44
CA LEU A 5 9.66 -8.24 -2.66
C LEU A 5 10.84 -8.28 -3.66
N PRO A 6 11.05 -9.43 -4.25
CA PRO A 6 12.15 -9.58 -5.23
C PRO A 6 11.80 -8.86 -6.54
N ASP A 7 10.56 -8.88 -6.93
CA ASP A 7 10.17 -8.19 -8.21
C ASP A 7 8.65 -8.08 -8.31
N GLY A 8 8.18 -7.68 -9.45
CA GLY A 8 6.71 -7.53 -9.65
C GLY A 8 6.01 -8.86 -9.38
N ALA A 9 6.65 -9.96 -9.68
CA ALA A 9 6.02 -11.29 -9.44
C ALA A 9 5.50 -11.39 -8.01
N ALA A 10 6.10 -10.65 -7.11
CA ALA A 10 5.65 -10.70 -5.68
C ALA A 10 4.53 -9.68 -5.46
N ALA A 11 4.62 -8.53 -6.08
CA ALA A 11 3.56 -7.50 -5.90
C ALA A 11 2.19 -8.10 -6.22
N GLU A 12 2.15 -9.11 -7.04
CA GLU A 12 0.83 -9.74 -7.39
C GLU A 12 0.50 -10.85 -6.38
N SER A 13 1.37 -11.81 -6.24
CA SER A 13 1.10 -12.92 -5.28
C SER A 13 0.93 -12.36 -3.86
N LEU A 14 1.55 -11.25 -3.58
CA LEU A 14 1.41 -10.66 -2.22
C LEU A 14 -0.05 -10.32 -1.93
N VAL A 15 -0.67 -9.57 -2.80
CA VAL A 15 -2.10 -9.20 -2.59
C VAL A 15 -2.96 -10.46 -2.46
N GLU A 16 -2.60 -11.50 -3.16
CA GLU A 16 -3.40 -12.76 -3.09
C GLU A 16 -3.17 -13.46 -1.74
N SER A 17 -2.12 -13.11 -1.04
CA SER A 17 -1.86 -13.77 0.26
C SER A 17 -2.80 -13.22 1.34
N SER A 18 -3.26 -12.00 1.18
CA SER A 18 -4.17 -11.41 2.19
C SER A 18 -5.25 -10.57 1.51
N GLU A 19 -6.31 -10.26 2.21
CA GLU A 19 -7.40 -9.44 1.60
C GLU A 19 -6.87 -8.04 1.24
N VAL A 20 -6.07 -7.48 2.10
CA VAL A 20 -5.52 -6.12 1.83
C VAL A 20 -3.99 -6.13 1.97
N ALA A 21 -3.31 -5.22 1.33
CA ALA A 21 -1.83 -5.18 1.44
C ALA A 21 -1.29 -3.98 0.65
N VAL A 22 -0.33 -3.27 1.18
CA VAL A 22 0.21 -2.10 0.46
C VAL A 22 1.66 -2.36 0.03
N ILE A 23 2.08 -1.75 -1.03
CA ILE A 23 3.48 -1.96 -1.51
C ILE A 23 4.15 -0.61 -1.82
N GLY A 24 5.19 -0.28 -1.11
CA GLY A 24 5.87 1.01 -1.37
C GLY A 24 6.87 0.86 -2.51
N PHE A 25 6.78 1.69 -3.52
CA PHE A 25 7.72 1.59 -4.66
C PHE A 25 8.83 2.65 -4.52
N PHE A 26 9.70 2.48 -3.57
CA PHE A 26 10.79 3.47 -3.38
C PHE A 26 12.06 3.04 -4.12
N LYS A 27 12.76 3.98 -4.70
CA LYS A 27 14.01 3.64 -5.42
C LYS A 27 15.22 3.72 -4.49
N ASP A 28 15.15 4.53 -3.48
CA ASP A 28 16.30 4.67 -2.53
C ASP A 28 16.14 3.68 -1.38
N VAL A 29 14.94 3.52 -0.90
CA VAL A 29 14.66 2.59 0.23
C VAL A 29 15.17 3.17 1.55
N GLU A 30 16.41 3.57 1.59
CA GLU A 30 16.96 4.15 2.86
C GLU A 30 16.76 5.66 2.88
N SER A 31 16.02 6.21 1.94
CA SER A 31 15.80 7.68 1.92
C SER A 31 14.92 8.09 3.11
N ASP A 32 14.36 9.27 3.07
CA ASP A 32 13.49 9.73 4.18
C ASP A 32 12.05 9.29 3.96
N SER A 33 11.57 9.38 2.75
CA SER A 33 10.16 8.95 2.46
C SER A 33 9.97 7.49 2.82
N ALA A 34 11.03 6.72 2.83
CA ALA A 34 10.90 5.27 3.16
C ALA A 34 10.95 5.08 4.69
N LYS A 35 11.76 5.85 5.36
CA LYS A 35 11.85 5.72 6.84
C LYS A 35 10.46 5.79 7.47
N GLN A 36 9.67 6.76 7.07
CA GLN A 36 8.31 6.90 7.63
C GLN A 36 7.47 5.66 7.32
N PHE A 37 7.60 5.11 6.15
CA PHE A 37 6.82 3.91 5.77
C PHE A 37 6.98 2.82 6.84
N LEU A 38 8.20 2.42 7.12
CA LEU A 38 8.43 1.37 8.14
C LEU A 38 7.70 1.71 9.44
N GLN A 39 7.94 2.87 9.97
CA GLN A 39 7.27 3.26 11.24
C GLN A 39 5.75 3.07 11.12
N ALA A 40 5.19 3.41 9.99
CA ALA A 40 3.72 3.24 9.80
C ALA A 40 3.37 1.76 9.72
N ALA A 41 4.07 1.02 8.91
CA ALA A 41 3.78 -0.44 8.79
C ALA A 41 3.87 -1.10 10.16
N GLU A 42 4.78 -0.66 10.99
CA GLU A 42 4.92 -1.27 12.35
C GLU A 42 3.69 -0.92 13.21
N ALA A 43 3.01 0.14 12.88
CA ALA A 43 1.81 0.52 13.68
C ALA A 43 0.74 -0.58 13.61
N ILE A 44 0.32 -0.94 12.44
CA ILE A 44 -0.72 -2.01 12.30
C ILE A 44 -0.05 -3.38 12.19
N ASP A 45 -0.72 -4.41 12.63
CA ASP A 45 -0.12 -5.78 12.54
C ASP A 45 -1.00 -6.69 11.69
N ASP A 46 -2.23 -6.32 11.45
CA ASP A 46 -3.12 -7.19 10.63
C ASP A 46 -3.03 -6.80 9.15
N ILE A 47 -1.97 -6.12 8.76
CA ILE A 47 -1.83 -5.73 7.33
C ILE A 47 -0.42 -6.08 6.83
N PRO A 48 -0.35 -6.83 5.76
CA PRO A 48 0.97 -7.23 5.20
C PRO A 48 1.55 -6.11 4.33
N PHE A 49 2.48 -5.36 4.86
CA PHE A 49 3.09 -4.25 4.06
C PHE A 49 4.35 -4.77 3.35
N GLY A 50 4.56 -4.35 2.12
CA GLY A 50 5.76 -4.82 1.40
C GLY A 50 6.46 -3.62 0.73
N ILE A 51 7.73 -3.73 0.46
CA ILE A 51 8.44 -2.59 -0.17
C ILE A 51 9.53 -3.11 -1.11
N THR A 52 9.85 -2.38 -2.14
CA THR A 52 10.90 -2.82 -3.10
C THR A 52 11.41 -1.66 -3.93
N SER A 53 12.58 -1.83 -4.46
CA SER A 53 13.18 -0.78 -5.33
C SER A 53 13.55 -1.39 -6.68
N ASN A 54 13.26 -2.65 -6.88
CA ASN A 54 13.60 -3.29 -8.18
C ASN A 54 12.75 -2.71 -9.31
N SER A 55 13.36 -2.18 -10.34
CA SER A 55 12.58 -1.59 -11.46
C SER A 55 11.52 -2.59 -11.94
N ASP A 56 11.75 -3.86 -11.75
CA ASP A 56 10.75 -4.87 -12.20
C ASP A 56 9.40 -4.61 -11.51
N VAL A 57 9.44 -4.07 -10.32
CA VAL A 57 8.16 -3.78 -9.60
C VAL A 57 7.65 -2.39 -9.97
N PHE A 58 8.53 -1.54 -10.44
CA PHE A 58 8.10 -0.16 -10.83
C PHE A 58 7.47 -0.20 -12.23
N SER A 59 8.09 -0.90 -13.14
CA SER A 59 7.53 -0.97 -14.52
C SER A 59 6.18 -1.69 -14.51
N LYS A 60 5.96 -2.53 -13.53
CA LYS A 60 4.67 -3.27 -13.46
C LYS A 60 3.50 -2.29 -13.50
N TYR A 61 3.40 -1.41 -12.54
CA TYR A 61 2.28 -0.44 -12.54
C TYR A 61 2.66 0.84 -13.30
N GLN A 62 3.74 0.81 -14.04
CA GLN A 62 4.16 2.00 -14.82
C GLN A 62 4.17 3.25 -13.92
N LEU A 63 4.97 3.25 -12.90
CA LEU A 63 5.03 4.44 -12.00
C LEU A 63 6.13 5.40 -12.47
N ASP A 64 5.79 6.63 -12.73
CA ASP A 64 6.80 7.62 -13.20
C ASP A 64 7.91 7.77 -12.17
N LYS A 65 7.67 7.39 -10.94
CA LYS A 65 8.72 7.52 -9.90
C LYS A 65 8.30 6.77 -8.63
N ASP A 66 8.67 7.25 -7.48
CA ASP A 66 8.29 6.57 -6.21
C ASP A 66 6.82 6.82 -5.90
N GLY A 67 6.17 5.90 -5.25
CA GLY A 67 4.73 6.08 -4.92
C GLY A 67 4.27 4.97 -3.98
N VAL A 68 3.26 5.21 -3.18
CA VAL A 68 2.77 4.16 -2.26
C VAL A 68 1.27 3.95 -2.45
N VAL A 69 0.90 2.87 -3.09
CA VAL A 69 -0.54 2.59 -3.33
C VAL A 69 -0.97 1.37 -2.50
N LEU A 70 -2.24 1.23 -2.21
CA LEU A 70 -2.68 0.06 -1.41
C LEU A 70 -3.41 -0.93 -2.34
N PHE A 71 -3.34 -2.20 -2.08
CA PHE A 71 -4.00 -3.18 -2.98
C PHE A 71 -5.15 -3.89 -2.26
N LYS A 72 -6.31 -3.92 -2.86
CA LYS A 72 -7.47 -4.61 -2.23
C LYS A 72 -8.25 -5.41 -3.28
N LYS A 73 -8.89 -6.46 -2.87
CA LYS A 73 -9.67 -7.28 -3.82
C LYS A 73 -11.06 -6.65 -4.04
N PHE A 74 -11.53 -5.91 -3.08
CA PHE A 74 -12.89 -5.27 -3.23
C PHE A 74 -12.77 -3.88 -3.84
N ASP A 75 -13.88 -3.19 -3.97
CA ASP A 75 -13.85 -1.82 -4.55
C ASP A 75 -13.06 -1.81 -5.86
N GLU A 76 -12.60 -0.66 -6.25
CA GLU A 76 -11.81 -0.55 -7.51
C GLU A 76 -10.72 -1.62 -7.57
N GLY A 77 -9.98 -1.77 -6.51
CA GLY A 77 -8.89 -2.79 -6.49
C GLY A 77 -7.61 -2.18 -5.92
N ARG A 78 -7.39 -0.92 -6.17
CA ARG A 78 -6.15 -0.27 -5.65
C ARG A 78 -6.41 1.20 -5.31
N ASN A 79 -5.37 1.97 -5.13
CA ASN A 79 -5.54 3.40 -4.78
C ASN A 79 -4.45 4.24 -5.47
N ASN A 80 -4.12 5.36 -4.90
CA ASN A 80 -3.06 6.22 -5.50
C ASN A 80 -2.72 7.37 -4.55
N PHE A 81 -1.91 7.10 -3.56
CA PHE A 81 -1.53 8.17 -2.59
C PHE A 81 -0.99 9.39 -3.34
N GLU A 82 -1.62 10.51 -3.20
CA GLU A 82 -1.15 11.74 -3.89
C GLU A 82 -0.83 12.84 -2.87
N GLY A 83 0.38 12.87 -2.39
CA GLY A 83 0.76 13.92 -1.39
C GLY A 83 2.07 13.53 -0.71
N GLU A 84 2.40 14.18 0.37
CA GLU A 84 3.67 13.85 1.08
C GLU A 84 3.53 12.51 1.80
N VAL A 85 4.44 11.59 1.56
CA VAL A 85 4.36 10.26 2.23
C VAL A 85 4.82 10.39 3.68
N THR A 86 3.92 10.26 4.61
CA THR A 86 4.31 10.36 6.04
C THR A 86 3.44 9.42 6.88
N LYS A 87 3.96 8.94 7.99
CA LYS A 87 3.17 8.02 8.84
C LYS A 87 1.77 8.59 9.11
N GLU A 88 1.70 9.81 9.55
CA GLU A 88 0.36 10.43 9.82
C GLU A 88 -0.53 10.32 8.59
N ASN A 89 0.04 10.51 7.42
CA ASN A 89 -0.77 10.42 6.18
C ASN A 89 -1.03 8.95 5.82
N LEU A 90 -0.03 8.13 5.90
CA LEU A 90 -0.21 6.69 5.57
C LEU A 90 -1.36 6.10 6.38
N LEU A 91 -1.40 6.36 7.66
CA LEU A 91 -2.51 5.81 8.50
C LEU A 91 -3.86 6.29 7.97
N ASP A 92 -3.91 7.47 7.41
CA ASP A 92 -5.19 7.99 6.87
C ASP A 92 -5.56 7.24 5.59
N PHE A 93 -4.59 6.75 4.89
CA PHE A 93 -4.88 6.00 3.62
C PHE A 93 -5.64 4.71 3.94
N ILE A 94 -5.00 3.78 4.60
CA ILE A 94 -5.67 2.49 4.94
C ILE A 94 -7.07 2.74 5.51
N LYS A 95 -7.21 3.73 6.36
CA LYS A 95 -8.55 4.02 6.93
C LYS A 95 -9.57 4.27 5.82
N HIS A 96 -9.12 4.67 4.67
CA HIS A 96 -10.05 4.93 3.54
C HIS A 96 -9.84 3.92 2.41
N ASN A 97 -8.97 2.96 2.59
CA ASN A 97 -8.73 1.96 1.51
C ASN A 97 -9.65 0.74 1.72
N GLN A 98 -9.50 0.08 2.83
CA GLN A 98 -10.35 -1.12 3.10
C GLN A 98 -11.70 -0.70 3.71
N LEU A 99 -12.22 -1.48 4.62
CA LEU A 99 -13.53 -1.12 5.25
C LEU A 99 -14.60 -0.91 4.16
N PRO A 100 -14.81 -1.94 3.37
CA PRO A 100 -15.82 -1.86 2.29
C PRO A 100 -17.24 -1.89 2.88
N LEU A 101 -17.95 -0.81 2.78
CA LEU A 101 -19.34 -0.78 3.33
C LEU A 101 -19.34 -1.28 4.78
N VAL A 102 -19.23 -0.39 5.72
CA VAL A 102 -19.22 -0.80 7.15
C VAL A 102 -20.65 -0.80 7.71
N ILE A 103 -21.60 -1.27 6.95
CA ILE A 103 -23.01 -1.30 7.45
C ILE A 103 -23.70 -2.58 7.00
N GLU A 104 -22.95 -3.63 6.80
CA GLU A 104 -23.55 -4.92 6.35
C GLU A 104 -22.97 -6.09 7.15
N PHE A 105 -23.10 -6.07 8.44
CA PHE A 105 -22.56 -7.18 9.27
C PHE A 105 -23.68 -7.88 10.03
N THR A 106 -24.01 -9.09 9.65
CA THR A 106 -25.11 -9.82 10.34
C THR A 106 -24.82 -11.33 10.35
N GLU A 107 -24.24 -11.82 11.42
CA GLU A 107 -23.94 -13.28 11.48
C GLU A 107 -24.94 -13.98 12.42
N GLN A 108 -25.49 -13.26 13.35
CA GLN A 108 -26.46 -13.88 14.29
C GLN A 108 -27.74 -14.27 13.54
N THR A 109 -27.95 -15.54 13.32
CA THR A 109 -29.17 -15.97 12.59
C THR A 109 -29.78 -17.21 13.28
N ALA A 110 -31.08 -17.34 13.22
CA ALA A 110 -31.73 -18.52 13.87
C ALA A 110 -33.01 -18.89 13.13
N ALA A 1 7.07 -5.84 10.70
CA ALA A 1 7.44 -4.80 9.69
C ALA A 1 6.93 -5.20 8.30
N ALA A 2 7.41 -4.57 7.27
CA ALA A 2 6.95 -4.91 5.90
C ALA A 2 7.73 -6.12 5.36
N THR A 3 7.64 -6.37 4.08
CA THR A 3 8.38 -7.53 3.49
C THR A 3 9.26 -7.05 2.33
N THR A 4 10.08 -7.92 1.82
CA THR A 4 10.98 -7.52 0.69
C THR A 4 10.53 -8.21 -0.60
N LEU A 5 9.97 -7.46 -1.51
CA LEU A 5 9.51 -8.06 -2.79
C LEU A 5 10.68 -8.16 -3.78
N PRO A 6 10.92 -9.35 -4.28
CA PRO A 6 12.03 -9.54 -5.25
C PRO A 6 11.69 -8.90 -6.59
N ASP A 7 10.48 -9.07 -7.05
CA ASP A 7 10.09 -8.47 -8.37
C ASP A 7 8.58 -8.19 -8.41
N GLY A 8 8.09 -7.85 -9.57
CA GLY A 8 6.64 -7.55 -9.70
C GLY A 8 5.83 -8.81 -9.35
N ALA A 9 6.41 -9.97 -9.52
CA ALA A 9 5.66 -11.22 -9.21
C ALA A 9 5.11 -11.17 -7.78
N ALA A 10 5.82 -10.56 -6.88
CA ALA A 10 5.34 -10.47 -5.47
C ALA A 10 4.29 -9.37 -5.34
N ALA A 11 4.42 -8.32 -6.10
CA ALA A 11 3.42 -7.21 -6.02
C ALA A 11 2.01 -7.76 -6.28
N GLU A 12 1.89 -8.76 -7.11
CA GLU A 12 0.55 -9.34 -7.40
C GLU A 12 0.21 -10.45 -6.41
N SER A 13 1.16 -11.29 -6.09
CA SER A 13 0.90 -12.40 -5.14
C SER A 13 0.52 -11.83 -3.76
N LEU A 14 1.10 -10.73 -3.39
CA LEU A 14 0.78 -10.12 -2.06
C LEU A 14 -0.71 -9.76 -2.00
N VAL A 15 -1.22 -9.16 -3.03
CA VAL A 15 -2.68 -8.78 -3.03
C VAL A 15 -3.55 -10.00 -2.77
N GLU A 16 -3.23 -11.11 -3.37
CA GLU A 16 -4.07 -12.33 -3.16
C GLU A 16 -3.62 -13.08 -1.90
N SER A 17 -2.43 -12.83 -1.45
CA SER A 17 -1.93 -13.52 -0.22
C SER A 17 -2.91 -13.30 0.94
N SER A 18 -3.48 -12.12 1.03
CA SER A 18 -4.43 -11.86 2.14
C SER A 18 -5.56 -10.92 1.65
N GLU A 19 -6.46 -10.58 2.53
CA GLU A 19 -7.58 -9.67 2.12
C GLU A 19 -7.07 -8.23 1.99
N VAL A 20 -6.08 -7.86 2.75
CA VAL A 20 -5.54 -6.48 2.67
C VAL A 20 -4.01 -6.51 2.56
N ALA A 21 -3.44 -5.60 1.82
CA ALA A 21 -1.96 -5.58 1.67
C ALA A 21 -1.52 -4.35 0.87
N VAL A 22 -0.48 -3.69 1.30
CA VAL A 22 -0.01 -2.49 0.55
C VAL A 22 1.45 -2.67 0.16
N ILE A 23 1.87 -2.07 -0.92
CA ILE A 23 3.28 -2.19 -1.36
C ILE A 23 3.86 -0.81 -1.68
N GLY A 24 4.85 -0.39 -0.94
CA GLY A 24 5.46 0.95 -1.21
C GLY A 24 6.56 0.80 -2.26
N PHE A 25 6.44 1.49 -3.36
CA PHE A 25 7.48 1.39 -4.42
C PHE A 25 8.44 2.58 -4.31
N PHE A 26 9.57 2.40 -3.69
CA PHE A 26 10.52 3.54 -3.54
C PHE A 26 11.82 3.27 -4.29
N LYS A 27 12.42 4.30 -4.80
CA LYS A 27 13.72 4.14 -5.53
C LYS A 27 14.87 4.30 -4.54
N ASP A 28 14.66 5.05 -3.50
CA ASP A 28 15.72 5.27 -2.48
C ASP A 28 15.17 4.92 -1.09
N VAL A 29 14.98 3.66 -0.82
CA VAL A 29 14.44 3.26 0.52
C VAL A 29 15.31 3.82 1.64
N GLU A 30 16.53 4.19 1.35
CA GLU A 30 17.42 4.76 2.41
C GLU A 30 17.04 6.21 2.73
N SER A 31 16.02 6.74 2.10
CA SER A 31 15.61 8.14 2.38
C SER A 31 14.62 8.17 3.54
N ASP A 32 14.02 9.29 3.79
CA ASP A 32 13.03 9.39 4.91
C ASP A 32 11.67 8.85 4.46
N SER A 33 11.36 8.99 3.20
CA SER A 33 10.04 8.49 2.70
C SER A 33 9.90 6.99 3.00
N ALA A 34 11.00 6.29 3.06
CA ALA A 34 10.92 4.82 3.36
C ALA A 34 10.84 4.60 4.86
N LYS A 35 11.62 5.32 5.62
CA LYS A 35 11.58 5.15 7.11
C LYS A 35 10.15 5.28 7.63
N GLN A 36 9.49 6.35 7.28
CA GLN A 36 8.08 6.54 7.74
C GLN A 36 7.23 5.35 7.31
N PHE A 37 7.39 4.90 6.09
CA PHE A 37 6.59 3.75 5.61
C PHE A 37 6.73 2.57 6.57
N LEU A 38 7.94 2.12 6.81
CA LEU A 38 8.14 0.98 7.73
C LEU A 38 7.47 1.25 9.08
N GLN A 39 7.79 2.36 9.70
CA GLN A 39 7.17 2.69 11.01
C GLN A 39 5.65 2.56 10.94
N ALA A 40 5.07 2.82 9.80
CA ALA A 40 3.60 2.70 9.67
C ALA A 40 3.18 1.23 9.55
N ALA A 41 4.01 0.42 8.94
CA ALA A 41 3.68 -1.02 8.79
C ALA A 41 3.49 -1.66 10.18
N GLU A 42 4.38 -1.37 11.10
CA GLU A 42 4.26 -1.94 12.46
C GLU A 42 3.21 -1.17 13.28
N ALA A 43 3.06 0.10 13.00
CA ALA A 43 2.06 0.90 13.76
C ALA A 43 0.64 0.66 13.23
N ILE A 44 0.50 -0.06 12.14
CA ILE A 44 -0.85 -0.32 11.58
C ILE A 44 -1.42 -1.62 12.16
N ASP A 45 -2.61 -1.99 11.77
CA ASP A 45 -3.21 -3.26 12.29
C ASP A 45 -2.48 -4.47 11.73
N ASP A 46 -1.21 -4.58 12.03
CA ASP A 46 -0.39 -5.74 11.53
C ASP A 46 -0.73 -6.08 10.08
N ILE A 47 -0.70 -5.10 9.21
CA ILE A 47 -1.02 -5.35 7.78
C ILE A 47 0.24 -5.76 7.02
N PRO A 48 0.08 -6.64 6.05
CA PRO A 48 1.24 -7.11 5.26
C PRO A 48 1.80 -5.98 4.38
N PHE A 49 2.74 -5.24 4.88
CA PHE A 49 3.33 -4.13 4.08
C PHE A 49 4.50 -4.64 3.24
N GLY A 50 4.56 -4.29 1.99
CA GLY A 50 5.69 -4.77 1.14
C GLY A 50 6.42 -3.56 0.55
N ILE A 51 7.70 -3.69 0.30
CA ILE A 51 8.47 -2.55 -0.27
C ILE A 51 9.62 -3.05 -1.15
N THR A 52 9.88 -2.38 -2.24
CA THR A 52 11.00 -2.81 -3.13
C THR A 52 11.45 -1.66 -4.02
N SER A 53 12.67 -1.74 -4.45
CA SER A 53 13.23 -0.68 -5.34
C SER A 53 13.55 -1.28 -6.71
N ASN A 54 13.30 -2.55 -6.90
CA ASN A 54 13.60 -3.18 -8.22
C ASN A 54 12.86 -2.45 -9.34
N SER A 55 13.56 -2.05 -10.37
CA SER A 55 12.90 -1.33 -11.49
C SER A 55 11.81 -2.21 -12.10
N ASP A 56 11.95 -3.50 -12.03
CA ASP A 56 10.90 -4.40 -12.60
C ASP A 56 9.54 -4.06 -12.01
N VAL A 57 9.47 -3.88 -10.71
CA VAL A 57 8.17 -3.53 -10.08
C VAL A 57 7.75 -2.13 -10.51
N PHE A 58 8.70 -1.27 -10.79
CA PHE A 58 8.37 0.11 -11.22
C PHE A 58 7.93 0.08 -12.69
N SER A 59 8.64 -0.65 -13.50
CA SER A 59 8.25 -0.73 -14.94
C SER A 59 6.97 -1.56 -15.12
N LYS A 60 6.48 -2.15 -14.06
CA LYS A 60 5.23 -2.96 -14.17
C LYS A 60 4.03 -2.04 -13.95
N TYR A 61 4.08 -1.24 -12.93
CA TYR A 61 2.97 -0.30 -12.65
C TYR A 61 3.21 1.03 -13.37
N GLN A 62 4.20 1.11 -14.22
CA GLN A 62 4.49 2.38 -14.94
C GLN A 62 4.63 3.54 -13.96
N LEU A 63 5.66 3.53 -13.16
CA LEU A 63 5.86 4.64 -12.18
C LEU A 63 7.16 5.38 -12.50
N ASP A 64 7.07 6.57 -13.02
CA ASP A 64 8.31 7.34 -13.34
C ASP A 64 9.16 7.50 -12.09
N LYS A 65 8.58 7.33 -10.93
CA LYS A 65 9.36 7.48 -9.66
C LYS A 65 8.73 6.60 -8.58
N ASP A 66 9.08 6.82 -7.35
CA ASP A 66 8.50 5.99 -6.25
C ASP A 66 6.97 6.17 -6.21
N GLY A 67 6.27 5.30 -5.55
CA GLY A 67 4.79 5.45 -5.48
C GLY A 67 4.24 4.69 -4.27
N VAL A 68 3.12 5.10 -3.76
CA VAL A 68 2.54 4.41 -2.58
C VAL A 68 1.06 4.07 -2.85
N VAL A 69 0.79 2.85 -3.23
CA VAL A 69 -0.63 2.46 -3.51
C VAL A 69 -1.05 1.32 -2.60
N LEU A 70 -2.33 1.14 -2.39
CA LEU A 70 -2.79 0.03 -1.51
C LEU A 70 -3.45 -1.05 -2.35
N PHE A 71 -3.39 -2.28 -1.93
CA PHE A 71 -4.00 -3.37 -2.72
C PHE A 71 -5.00 -4.15 -1.87
N LYS A 72 -6.22 -4.24 -2.33
CA LYS A 72 -7.25 -5.00 -1.55
C LYS A 72 -8.03 -5.93 -2.48
N LYS A 73 -8.89 -6.74 -1.94
CA LYS A 73 -9.68 -7.67 -2.80
C LYS A 73 -11.04 -7.05 -3.15
N PHE A 74 -11.60 -6.29 -2.25
CA PHE A 74 -12.92 -5.65 -2.53
C PHE A 74 -12.72 -4.27 -3.15
N ASP A 75 -13.79 -3.53 -3.27
CA ASP A 75 -13.72 -2.16 -3.85
C ASP A 75 -13.06 -2.20 -5.23
N GLU A 76 -12.57 -1.09 -5.68
CA GLU A 76 -11.91 -1.04 -7.02
C GLU A 76 -10.79 -2.08 -7.09
N GLY A 77 -9.89 -2.06 -6.15
CA GLY A 77 -8.77 -3.04 -6.17
C GLY A 77 -7.44 -2.32 -5.99
N ARG A 78 -7.38 -1.06 -6.35
CA ARG A 78 -6.09 -0.30 -6.19
C ARG A 78 -6.37 1.14 -5.80
N ASN A 79 -5.33 1.92 -5.61
CA ASN A 79 -5.51 3.35 -5.22
C ASN A 79 -4.39 4.19 -5.81
N ASN A 80 -4.09 5.31 -5.21
CA ASN A 80 -3.00 6.18 -5.72
C ASN A 80 -2.68 7.28 -4.71
N PHE A 81 -1.83 6.99 -3.75
CA PHE A 81 -1.48 8.02 -2.72
C PHE A 81 -0.91 9.26 -3.39
N GLU A 82 -1.51 10.41 -3.18
CA GLU A 82 -1.01 11.65 -3.80
C GLU A 82 -0.70 12.70 -2.73
N GLY A 83 0.55 12.91 -2.42
CA GLY A 83 0.90 13.92 -1.37
C GLY A 83 2.19 13.49 -0.67
N GLU A 84 2.50 14.11 0.44
CA GLU A 84 3.74 13.73 1.18
C GLU A 84 3.59 12.35 1.81
N VAL A 85 4.58 11.51 1.69
CA VAL A 85 4.49 10.15 2.27
C VAL A 85 4.93 10.16 3.74
N THR A 86 4.01 9.96 4.64
CA THR A 86 4.37 9.96 6.09
C THR A 86 3.44 9.01 6.86
N LYS A 87 3.90 8.48 7.96
CA LYS A 87 3.06 7.55 8.76
C LYS A 87 1.64 8.12 8.96
N GLU A 88 1.54 9.30 9.47
CA GLU A 88 0.21 9.91 9.71
C GLU A 88 -0.62 9.91 8.41
N ASN A 89 0.00 10.22 7.31
CA ASN A 89 -0.73 10.24 6.02
C ASN A 89 -1.08 8.82 5.57
N LEU A 90 -0.16 7.90 5.69
CA LEU A 90 -0.43 6.51 5.26
C LEU A 90 -1.62 5.92 6.04
N LEU A 91 -1.58 6.00 7.34
CA LEU A 91 -2.70 5.45 8.15
C LEU A 91 -4.05 6.05 7.69
N ASP A 92 -4.04 7.28 7.26
CA ASP A 92 -5.30 7.92 6.81
C ASP A 92 -5.75 7.32 5.47
N PHE A 93 -4.85 7.22 4.53
CA PHE A 93 -5.22 6.64 3.20
C PHE A 93 -5.78 5.23 3.37
N ILE A 94 -5.04 4.36 4.00
CA ILE A 94 -5.53 2.97 4.20
C ILE A 94 -6.90 2.96 4.88
N LYS A 95 -7.01 3.65 5.99
CA LYS A 95 -8.31 3.68 6.73
C LYS A 95 -9.48 4.00 5.78
N HIS A 96 -9.21 4.64 4.66
CA HIS A 96 -10.31 4.98 3.73
C HIS A 96 -10.49 3.88 2.68
N ASN A 97 -9.48 3.07 2.47
CA ASN A 97 -9.59 2.00 1.45
C ASN A 97 -10.07 0.68 2.07
N GLN A 98 -9.41 0.22 3.10
CA GLN A 98 -9.80 -1.08 3.72
C GLN A 98 -10.92 -0.87 4.75
N LEU A 99 -11.92 -0.07 4.44
CA LEU A 99 -13.02 0.16 5.42
C LEU A 99 -14.30 0.56 4.68
N PRO A 100 -14.73 -0.27 3.77
CA PRO A 100 -15.96 0.02 3.00
C PRO A 100 -17.20 -0.12 3.88
N LEU A 101 -17.50 0.87 4.67
CA LEU A 101 -18.70 0.80 5.56
C LEU A 101 -18.69 -0.49 6.38
N VAL A 102 -17.79 -0.61 7.31
CA VAL A 102 -17.73 -1.84 8.14
C VAL A 102 -18.58 -1.66 9.41
N ILE A 103 -19.86 -1.88 9.29
CA ILE A 103 -20.74 -1.73 10.49
C ILE A 103 -21.25 -3.10 10.96
N GLU A 104 -22.06 -3.12 11.98
CA GLU A 104 -22.59 -4.42 12.48
C GLU A 104 -23.71 -4.18 13.51
N PHE A 105 -24.81 -3.62 13.10
CA PHE A 105 -25.92 -3.37 14.05
C PHE A 105 -26.28 -4.67 14.80
N THR A 106 -26.22 -5.79 14.13
CA THR A 106 -26.56 -7.07 14.80
C THR A 106 -25.80 -8.23 14.15
N GLU A 107 -25.68 -9.33 14.82
CA GLU A 107 -24.95 -10.50 14.23
C GLU A 107 -25.92 -11.61 13.87
N GLN A 108 -26.53 -12.21 14.86
CA GLN A 108 -27.50 -13.32 14.57
C GLN A 108 -28.84 -12.74 14.12
N THR A 109 -28.97 -12.45 12.85
CA THR A 109 -30.25 -11.88 12.35
C THR A 109 -31.21 -13.01 11.93
N ALA A 110 -32.49 -12.79 12.04
CA ALA A 110 -33.46 -13.85 11.66
C ALA A 110 -33.40 -14.11 10.15
N ALA A 1 7.04 -4.18 10.47
CA ALA A 1 7.82 -3.73 9.27
C ALA A 1 7.21 -4.31 7.99
N ALA A 2 7.80 -4.04 6.87
CA ALA A 2 7.25 -4.57 5.58
C ALA A 2 8.13 -5.70 5.05
N THR A 3 7.63 -6.46 4.12
CA THR A 3 8.44 -7.59 3.56
C THR A 3 9.25 -7.09 2.36
N THR A 4 10.16 -7.90 1.87
CA THR A 4 10.98 -7.49 0.70
C THR A 4 10.57 -8.27 -0.55
N LEU A 5 9.85 -7.66 -1.45
CA LEU A 5 9.42 -8.37 -2.67
C LEU A 5 10.59 -8.48 -3.66
N PRO A 6 10.71 -9.61 -4.30
CA PRO A 6 11.80 -9.83 -5.28
C PRO A 6 11.54 -9.01 -6.55
N ASP A 7 10.30 -8.88 -6.94
CA ASP A 7 10.00 -8.10 -8.18
C ASP A 7 8.51 -7.78 -8.26
N GLY A 8 8.09 -7.27 -9.39
CA GLY A 8 6.66 -6.91 -9.57
C GLY A 8 5.81 -8.18 -9.55
N ALA A 9 6.30 -9.25 -10.15
CA ALA A 9 5.52 -10.50 -10.17
C ALA A 9 5.05 -10.88 -8.76
N ALA A 10 5.83 -10.57 -7.77
CA ALA A 10 5.44 -10.90 -6.37
C ALA A 10 4.48 -9.83 -5.83
N ALA A 11 4.63 -8.61 -6.25
CA ALA A 11 3.72 -7.53 -5.75
C ALA A 11 2.26 -7.92 -6.00
N GLU A 12 2.02 -8.76 -6.98
CA GLU A 12 0.62 -9.19 -7.25
C GLU A 12 0.29 -10.45 -6.43
N SER A 13 1.20 -11.39 -6.39
CA SER A 13 0.95 -12.63 -5.60
C SER A 13 0.75 -12.26 -4.13
N LEU A 14 1.35 -11.18 -3.69
CA LEU A 14 1.20 -10.77 -2.27
C LEU A 14 -0.26 -10.38 -1.98
N VAL A 15 -0.75 -9.38 -2.66
CA VAL A 15 -2.16 -8.95 -2.44
C VAL A 15 -3.11 -10.15 -2.54
N GLU A 16 -2.77 -11.12 -3.34
CA GLU A 16 -3.65 -12.32 -3.49
C GLU A 16 -3.58 -13.20 -2.23
N SER A 17 -2.62 -12.95 -1.37
CA SER A 17 -2.50 -13.77 -0.13
C SER A 17 -3.58 -13.37 0.88
N SER A 18 -4.10 -12.19 0.76
CA SER A 18 -5.15 -11.74 1.71
C SER A 18 -6.10 -10.75 1.04
N GLU A 19 -7.19 -10.43 1.69
CA GLU A 19 -8.15 -9.46 1.10
C GLU A 19 -7.56 -8.05 1.16
N VAL A 20 -6.59 -7.83 2.01
CA VAL A 20 -5.98 -6.49 2.13
C VAL A 20 -4.45 -6.58 2.04
N ALA A 21 -3.82 -5.64 1.40
CA ALA A 21 -2.33 -5.69 1.28
C ALA A 21 -1.82 -4.43 0.57
N VAL A 22 -0.76 -3.84 1.05
CA VAL A 22 -0.23 -2.62 0.39
C VAL A 22 1.24 -2.82 -0.01
N ILE A 23 1.67 -2.17 -1.05
CA ILE A 23 3.09 -2.32 -1.49
C ILE A 23 3.71 -0.95 -1.76
N GLY A 24 4.62 -0.53 -0.93
CA GLY A 24 5.26 0.81 -1.14
C GLY A 24 6.28 0.70 -2.27
N PHE A 25 6.15 1.52 -3.28
CA PHE A 25 7.11 1.45 -4.41
C PHE A 25 8.23 2.47 -4.20
N PHE A 26 9.21 2.14 -3.39
CA PHE A 26 10.32 3.10 -3.15
C PHE A 26 11.58 2.67 -3.88
N LYS A 27 12.28 3.61 -4.41
CA LYS A 27 13.54 3.31 -5.12
C LYS A 27 14.71 3.40 -4.13
N ASP A 28 14.63 4.32 -3.22
CA ASP A 28 15.72 4.47 -2.20
C ASP A 28 15.12 4.35 -0.79
N VAL A 29 14.89 3.14 -0.35
CA VAL A 29 14.31 2.95 1.01
C VAL A 29 15.17 3.64 2.07
N GLU A 30 16.39 3.95 1.77
CA GLU A 30 17.26 4.63 2.75
C GLU A 30 17.06 6.15 2.71
N SER A 31 16.03 6.61 2.05
CA SER A 31 15.78 8.08 1.97
C SER A 31 14.93 8.52 3.17
N ASP A 32 14.36 9.69 3.10
CA ASP A 32 13.51 10.17 4.23
C ASP A 32 12.05 9.74 4.03
N SER A 33 11.56 9.86 2.82
CA SER A 33 10.15 9.46 2.56
C SER A 33 9.94 7.97 2.84
N ALA A 34 10.97 7.17 2.69
CA ALA A 34 10.83 5.72 2.96
C ALA A 34 10.89 5.44 4.46
N LYS A 35 11.54 6.30 5.21
CA LYS A 35 11.62 6.07 6.67
C LYS A 35 10.23 6.12 7.30
N GLN A 36 9.42 7.07 6.92
CA GLN A 36 8.06 7.16 7.50
C GLN A 36 7.25 5.92 7.13
N PHE A 37 7.38 5.44 5.92
CA PHE A 37 6.63 4.22 5.51
C PHE A 37 6.83 3.11 6.53
N LEU A 38 8.06 2.76 6.80
CA LEU A 38 8.33 1.68 7.79
C LEU A 38 7.60 1.96 9.11
N GLN A 39 7.84 3.11 9.69
CA GLN A 39 7.16 3.45 10.97
C GLN A 39 5.64 3.28 10.83
N ALA A 40 5.07 3.84 9.79
CA ALA A 40 3.60 3.70 9.60
C ALA A 40 3.20 2.23 9.55
N ALA A 41 3.93 1.44 8.81
CA ALA A 41 3.59 -0.01 8.71
C ALA A 41 3.77 -0.68 10.08
N GLU A 42 4.70 -0.20 10.86
CA GLU A 42 4.93 -0.81 12.20
C GLU A 42 3.69 -0.59 13.09
N ALA A 43 2.99 0.48 12.89
CA ALA A 43 1.78 0.75 13.72
C ALA A 43 0.77 -0.38 13.55
N ILE A 44 0.59 -0.86 12.35
CA ILE A 44 -0.38 -1.97 12.12
C ILE A 44 0.35 -3.31 12.02
N ASP A 45 -0.21 -4.34 12.59
CA ASP A 45 0.46 -5.68 12.53
C ASP A 45 -0.47 -6.71 11.89
N ASP A 46 -1.50 -6.27 11.22
CA ASP A 46 -2.44 -7.24 10.57
C ASP A 46 -2.48 -7.00 9.06
N ILE A 47 -1.50 -6.34 8.52
CA ILE A 47 -1.48 -6.09 7.05
C ILE A 47 -0.14 -6.52 6.44
N PRO A 48 -0.21 -7.26 5.35
CA PRO A 48 1.03 -7.73 4.69
C PRO A 48 1.73 -6.57 4.00
N PHE A 49 2.29 -5.66 4.75
CA PHE A 49 3.00 -4.50 4.13
C PHE A 49 4.22 -4.99 3.35
N GLY A 50 4.32 -4.64 2.10
CA GLY A 50 5.49 -5.08 1.29
C GLY A 50 6.18 -3.87 0.67
N ILE A 51 7.46 -3.94 0.47
CA ILE A 51 8.18 -2.78 -0.14
C ILE A 51 9.35 -3.28 -0.99
N THR A 52 9.62 -2.60 -2.08
CA THR A 52 10.76 -3.02 -2.96
C THR A 52 11.23 -1.86 -3.82
N SER A 53 12.44 -1.95 -4.26
CA SER A 53 13.01 -0.89 -5.12
C SER A 53 13.51 -1.51 -6.43
N ASN A 54 13.31 -2.80 -6.61
CA ASN A 54 13.78 -3.45 -7.86
C ASN A 54 13.09 -2.83 -9.08
N SER A 55 13.85 -2.45 -10.07
CA SER A 55 13.25 -1.84 -11.28
C SER A 55 12.15 -2.74 -11.84
N ASP A 56 12.28 -4.03 -11.65
CA ASP A 56 11.24 -4.96 -12.16
C ASP A 56 9.87 -4.57 -11.60
N VAL A 57 9.86 -3.94 -10.46
CA VAL A 57 8.56 -3.52 -9.85
C VAL A 57 8.17 -2.15 -10.39
N PHE A 58 9.13 -1.38 -10.82
CA PHE A 58 8.84 -0.02 -11.36
C PHE A 58 8.36 -0.15 -12.81
N SER A 59 9.06 -0.90 -13.61
CA SER A 59 8.66 -1.08 -15.04
C SER A 59 7.38 -1.94 -15.13
N LYS A 60 6.98 -2.56 -14.05
CA LYS A 60 5.75 -3.41 -14.09
C LYS A 60 4.52 -2.53 -13.86
N TYR A 61 4.55 -1.74 -12.82
CA TYR A 61 3.39 -0.87 -12.52
C TYR A 61 3.56 0.48 -13.23
N GLN A 62 4.48 0.57 -14.16
CA GLN A 62 4.69 1.86 -14.89
C GLN A 62 4.83 3.02 -13.90
N LEU A 63 5.87 3.01 -13.11
CA LEU A 63 6.06 4.12 -12.12
C LEU A 63 7.36 4.87 -12.41
N ASP A 64 7.28 6.06 -12.94
CA ASP A 64 8.51 6.83 -13.24
C ASP A 64 9.28 7.10 -11.94
N LYS A 65 8.59 7.21 -10.85
CA LYS A 65 9.27 7.46 -9.54
C LYS A 65 8.70 6.53 -8.47
N ASP A 66 8.67 6.96 -7.24
CA ASP A 66 8.12 6.08 -6.17
C ASP A 66 6.59 6.12 -6.20
N GLY A 67 5.93 5.35 -5.38
CA GLY A 67 4.45 5.35 -5.40
C GLY A 67 3.90 4.61 -4.17
N VAL A 68 2.87 5.12 -3.57
CA VAL A 68 2.29 4.44 -2.37
C VAL A 68 0.82 4.10 -2.63
N VAL A 69 0.57 2.97 -3.24
CA VAL A 69 -0.84 2.58 -3.54
C VAL A 69 -1.26 1.40 -2.65
N LEU A 70 -2.54 1.19 -2.50
CA LEU A 70 -3.01 0.05 -1.65
C LEU A 70 -3.70 -0.98 -2.53
N PHE A 71 -3.60 -2.24 -2.21
CA PHE A 71 -4.25 -3.28 -3.05
C PHE A 71 -5.30 -4.05 -2.24
N LYS A 72 -6.52 -4.09 -2.73
CA LYS A 72 -7.58 -4.84 -1.99
C LYS A 72 -8.46 -5.59 -2.98
N LYS A 73 -9.21 -6.55 -2.52
CA LYS A 73 -10.07 -7.34 -3.43
C LYS A 73 -11.43 -6.65 -3.59
N PHE A 74 -11.80 -5.82 -2.67
CA PHE A 74 -13.11 -5.12 -2.76
C PHE A 74 -12.97 -3.79 -3.51
N ASP A 75 -14.07 -3.08 -3.67
CA ASP A 75 -14.04 -1.77 -4.38
C ASP A 75 -13.20 -1.86 -5.65
N GLU A 76 -12.72 -0.75 -6.12
CA GLU A 76 -11.90 -0.73 -7.37
C GLU A 76 -10.76 -1.76 -7.25
N GLY A 77 -10.12 -1.80 -6.12
CA GLY A 77 -9.01 -2.78 -5.94
C GLY A 77 -7.67 -2.04 -5.82
N ARG A 78 -7.61 -0.83 -6.30
CA ARG A 78 -6.33 -0.07 -6.22
C ARG A 78 -6.59 1.38 -5.81
N ASN A 79 -5.54 2.13 -5.59
CA ASN A 79 -5.69 3.56 -5.19
C ASN A 79 -4.57 4.40 -5.80
N ASN A 80 -4.21 5.48 -5.18
CA ASN A 80 -3.11 6.33 -5.72
C ASN A 80 -2.77 7.45 -4.73
N PHE A 81 -2.06 7.12 -3.69
CA PHE A 81 -1.68 8.18 -2.70
C PHE A 81 -0.98 9.33 -3.40
N GLU A 82 -1.45 10.53 -3.24
CA GLU A 82 -0.80 11.69 -3.91
C GLU A 82 -0.61 12.83 -2.90
N GLY A 83 -0.36 12.51 -1.66
CA GLY A 83 -0.16 13.56 -0.64
C GLY A 83 1.25 13.45 -0.06
N GLU A 84 1.63 14.36 0.79
CA GLU A 84 2.99 14.31 1.39
C GLU A 84 3.24 12.95 2.03
N VAL A 85 4.26 12.26 1.61
CA VAL A 85 4.55 10.92 2.20
C VAL A 85 4.91 11.06 3.68
N THR A 86 4.00 10.75 4.55
CA THR A 86 4.30 10.87 6.01
C THR A 86 3.48 9.84 6.79
N LYS A 87 3.99 9.41 7.92
CA LYS A 87 3.24 8.40 8.74
C LYS A 87 1.79 8.86 8.95
N GLU A 88 1.59 10.08 9.39
CA GLU A 88 0.21 10.58 9.61
C GLU A 88 -0.64 10.37 8.35
N ASN A 89 -0.05 10.52 7.20
CA ASN A 89 -0.84 10.34 5.94
C ASN A 89 -1.00 8.84 5.64
N LEU A 90 0.05 8.09 5.73
CA LEU A 90 -0.04 6.62 5.45
C LEU A 90 -0.99 5.96 6.46
N LEU A 91 -1.05 6.47 7.65
CA LEU A 91 -1.97 5.86 8.67
C LEU A 91 -3.42 6.13 8.31
N ASP A 92 -3.68 7.19 7.59
CA ASP A 92 -5.09 7.50 7.21
C ASP A 92 -5.45 6.78 5.90
N PHE A 93 -4.59 6.86 4.92
CA PHE A 93 -4.87 6.17 3.62
C PHE A 93 -5.26 4.71 3.88
N ILE A 94 -4.48 4.01 4.65
CA ILE A 94 -4.80 2.58 4.95
C ILE A 94 -6.20 2.46 5.54
N LYS A 95 -6.38 2.96 6.74
CA LYS A 95 -7.72 2.89 7.40
C LYS A 95 -8.83 3.29 6.42
N HIS A 96 -8.58 4.26 5.58
CA HIS A 96 -9.64 4.68 4.61
C HIS A 96 -9.98 3.54 3.67
N ASN A 97 -8.99 2.81 3.23
CA ASN A 97 -9.25 1.68 2.29
C ASN A 97 -9.51 0.39 3.07
N GLN A 98 -8.70 0.13 4.07
CA GLN A 98 -8.86 -1.11 4.88
C GLN A 98 -10.33 -1.43 5.18
N LEU A 99 -10.94 -0.68 6.05
CA LEU A 99 -12.35 -1.00 6.40
C LEU A 99 -13.28 0.12 5.90
N PRO A 100 -13.84 -0.09 4.73
CA PRO A 100 -14.76 0.91 4.14
C PRO A 100 -16.12 0.85 4.85
N LEU A 101 -16.46 1.86 5.60
CA LEU A 101 -17.77 1.86 6.31
C LEU A 101 -18.76 2.78 5.58
N VAL A 102 -19.92 2.28 5.28
CA VAL A 102 -20.93 3.12 4.58
C VAL A 102 -22.25 3.12 5.36
N ILE A 103 -22.17 3.01 6.66
CA ILE A 103 -23.41 3.00 7.48
C ILE A 103 -23.34 4.06 8.58
N GLU A 104 -24.46 4.65 8.92
CA GLU A 104 -24.46 5.70 9.98
C GLU A 104 -24.86 5.08 11.33
N PHE A 105 -25.66 4.06 11.31
CA PHE A 105 -26.08 3.42 12.59
C PHE A 105 -24.86 3.01 13.41
N THR A 106 -23.83 2.53 12.77
CA THR A 106 -22.61 2.10 13.51
C THR A 106 -22.98 1.14 14.64
N GLU A 107 -23.06 -0.13 14.36
CA GLU A 107 -23.41 -1.12 15.41
C GLU A 107 -22.81 -2.48 15.10
N GLN A 108 -21.68 -2.80 15.68
CA GLN A 108 -21.05 -4.12 15.40
C GLN A 108 -21.80 -5.24 16.13
N THR A 109 -21.56 -6.47 15.77
CA THR A 109 -22.27 -7.60 16.44
C THR A 109 -21.43 -8.87 16.34
N ALA A 110 -20.21 -8.84 16.81
CA ALA A 110 -19.35 -10.05 16.75
C ALA A 110 -18.45 -10.12 17.97
N ALA A 1 8.59 -4.06 10.41
CA ALA A 1 9.03 -3.57 9.07
C ALA A 1 8.08 -4.09 7.98
N ALA A 2 8.33 -3.73 6.75
CA ALA A 2 7.45 -4.21 5.64
C ALA A 2 7.95 -5.55 5.10
N THR A 3 7.34 -6.02 4.05
CA THR A 3 7.77 -7.32 3.46
C THR A 3 8.57 -7.08 2.17
N THR A 4 9.82 -7.46 2.16
CA THR A 4 10.65 -7.24 0.94
C THR A 4 10.17 -8.16 -0.19
N LEU A 5 10.16 -7.68 -1.41
CA LEU A 5 9.71 -8.53 -2.55
C LEU A 5 10.80 -8.60 -3.61
N PRO A 6 10.91 -9.75 -4.24
CA PRO A 6 11.94 -9.93 -5.30
C PRO A 6 11.55 -9.16 -6.57
N ASP A 7 10.28 -9.12 -6.88
CA ASP A 7 9.84 -8.39 -8.11
C ASP A 7 8.31 -8.33 -8.19
N GLY A 8 7.81 -7.89 -9.30
CA GLY A 8 6.33 -7.81 -9.46
C GLY A 8 5.72 -9.20 -9.28
N ALA A 9 6.45 -10.23 -9.60
CA ALA A 9 5.91 -11.61 -9.44
C ALA A 9 5.37 -11.82 -8.04
N ALA A 10 5.99 -11.23 -7.05
CA ALA A 10 5.52 -11.39 -5.64
C ALA A 10 4.38 -10.41 -5.36
N ALA A 11 4.46 -9.21 -5.87
CA ALA A 11 3.38 -8.22 -5.63
C ALA A 11 2.02 -8.80 -6.05
N GLU A 12 2.03 -9.74 -6.96
CA GLU A 12 0.75 -10.34 -7.40
C GLU A 12 0.23 -11.34 -6.36
N SER A 13 0.96 -12.40 -6.14
CA SER A 13 0.52 -13.41 -5.13
C SER A 13 0.25 -12.74 -3.79
N LEU A 14 0.85 -11.59 -3.56
CA LEU A 14 0.64 -10.88 -2.27
C LEU A 14 -0.82 -10.44 -2.16
N VAL A 15 -1.29 -9.64 -3.08
CA VAL A 15 -2.70 -9.18 -3.04
C VAL A 15 -3.65 -10.36 -2.86
N GLU A 16 -3.40 -11.44 -3.54
CA GLU A 16 -4.29 -12.64 -3.42
C GLU A 16 -3.97 -13.43 -2.16
N SER A 17 -3.03 -12.98 -1.36
CA SER A 17 -2.68 -13.73 -0.12
C SER A 17 -3.65 -13.36 1.00
N SER A 18 -4.20 -12.18 0.95
CA SER A 18 -5.16 -11.76 2.01
C SER A 18 -6.20 -10.79 1.44
N GLU A 19 -7.21 -10.48 2.20
CA GLU A 19 -8.24 -9.53 1.69
C GLU A 19 -7.63 -8.12 1.58
N VAL A 20 -6.55 -7.87 2.26
CA VAL A 20 -5.91 -6.53 2.19
C VAL A 20 -4.40 -6.67 2.03
N ALA A 21 -3.77 -5.75 1.36
CA ALA A 21 -2.29 -5.82 1.18
C ALA A 21 -1.77 -4.55 0.50
N VAL A 22 -0.65 -4.04 0.96
CA VAL A 22 -0.10 -2.80 0.36
C VAL A 22 1.35 -3.02 -0.09
N ILE A 23 1.80 -2.29 -1.07
CA ILE A 23 3.20 -2.45 -1.53
C ILE A 23 3.83 -1.07 -1.79
N GLY A 24 4.82 -0.71 -1.02
CA GLY A 24 5.47 0.62 -1.23
C GLY A 24 6.42 0.55 -2.42
N PHE A 25 6.41 1.55 -3.26
CA PHE A 25 7.32 1.53 -4.44
C PHE A 25 8.37 2.65 -4.30
N PHE A 26 9.32 2.48 -3.43
CA PHE A 26 10.35 3.54 -3.25
C PHE A 26 11.65 3.15 -3.94
N LYS A 27 12.31 4.11 -4.52
CA LYS A 27 13.60 3.82 -5.21
C LYS A 27 14.74 3.89 -4.19
N ASP A 28 14.57 4.67 -3.16
CA ASP A 28 15.62 4.80 -2.12
C ASP A 28 15.02 4.50 -0.75
N VAL A 29 14.66 3.27 -0.50
CA VAL A 29 14.06 2.91 0.82
C VAL A 29 14.91 3.46 1.98
N GLU A 30 16.18 3.69 1.74
CA GLU A 30 17.06 4.21 2.81
C GLU A 30 16.97 5.74 2.92
N SER A 31 16.33 6.39 1.98
CA SER A 31 16.23 7.88 2.05
C SER A 31 15.31 8.30 3.19
N ASP A 32 14.80 9.49 3.13
CA ASP A 32 13.89 9.97 4.22
C ASP A 32 12.44 9.63 3.89
N SER A 33 12.03 9.89 2.68
CA SER A 33 10.62 9.59 2.28
C SER A 33 10.27 8.13 2.62
N ALA A 34 11.25 7.27 2.59
CA ALA A 34 10.98 5.83 2.92
C ALA A 34 11.00 5.63 4.43
N LYS A 35 11.84 6.35 5.13
CA LYS A 35 11.90 6.19 6.62
C LYS A 35 10.50 6.29 7.22
N GLN A 36 9.68 7.17 6.72
CA GLN A 36 8.31 7.31 7.25
C GLN A 36 7.50 6.04 6.95
N PHE A 37 7.60 5.54 5.74
CA PHE A 37 6.84 4.31 5.38
C PHE A 37 7.03 3.22 6.44
N LEU A 38 8.26 2.88 6.74
CA LEU A 38 8.51 1.83 7.77
C LEU A 38 7.71 2.10 9.04
N GLN A 39 7.84 3.27 9.60
CA GLN A 39 7.08 3.61 10.84
C GLN A 39 5.60 3.32 10.63
N ALA A 40 5.01 3.84 9.58
CA ALA A 40 3.57 3.59 9.33
C ALA A 40 3.32 2.09 9.18
N ALA A 41 4.22 1.40 8.52
CA ALA A 41 4.04 -0.08 8.35
C ALA A 41 4.21 -0.79 9.69
N GLU A 42 5.04 -0.27 10.55
CA GLU A 42 5.25 -0.92 11.87
C GLU A 42 4.12 -0.54 12.83
N ALA A 43 3.55 0.63 12.66
CA ALA A 43 2.45 1.06 13.57
C ALA A 43 1.34 0.00 13.60
N ILE A 44 0.86 -0.40 12.46
CA ILE A 44 -0.22 -1.42 12.43
C ILE A 44 0.39 -2.83 12.37
N ASP A 45 -0.29 -3.82 12.92
CA ASP A 45 0.27 -5.19 12.89
C ASP A 45 -0.79 -6.20 12.43
N ASP A 46 -1.65 -5.81 11.53
CA ASP A 46 -2.70 -6.74 11.04
C ASP A 46 -2.82 -6.67 9.52
N ILE A 47 -1.82 -6.14 8.86
CA ILE A 47 -1.87 -6.03 7.37
C ILE A 47 -0.53 -6.47 6.77
N PRO A 48 -0.60 -7.07 5.61
CA PRO A 48 0.63 -7.54 4.93
C PRO A 48 1.26 -6.40 4.14
N PHE A 49 2.15 -5.68 4.75
CA PHE A 49 2.82 -4.54 4.03
C PHE A 49 4.03 -5.03 3.25
N GLY A 50 4.13 -4.67 1.99
CA GLY A 50 5.28 -5.12 1.18
C GLY A 50 6.07 -3.90 0.68
N ILE A 51 7.34 -4.07 0.43
CA ILE A 51 8.16 -2.92 -0.06
C ILE A 51 9.26 -3.42 -1.00
N THR A 52 9.59 -2.66 -2.01
CA THR A 52 10.65 -3.09 -2.96
C THR A 52 11.15 -1.90 -3.77
N SER A 53 12.33 -2.03 -4.28
CA SER A 53 12.92 -0.95 -5.11
C SER A 53 13.30 -1.50 -6.49
N ASN A 54 13.03 -2.77 -6.72
CA ASN A 54 13.38 -3.36 -8.04
C ASN A 54 12.66 -2.61 -9.17
N SER A 55 13.39 -2.06 -10.10
CA SER A 55 12.75 -1.33 -11.22
C SER A 55 11.66 -2.19 -11.88
N ASP A 56 11.83 -3.48 -11.86
CA ASP A 56 10.81 -4.37 -12.48
C ASP A 56 9.45 -4.16 -11.80
N VAL A 57 9.46 -3.90 -10.53
CA VAL A 57 8.16 -3.67 -9.81
C VAL A 57 7.65 -2.27 -10.11
N PHE A 58 8.54 -1.35 -10.42
CA PHE A 58 8.10 0.04 -10.73
C PHE A 58 7.58 0.11 -12.16
N SER A 59 8.35 -0.34 -13.12
CA SER A 59 7.89 -0.30 -14.54
C SER A 59 6.59 -1.11 -14.68
N LYS A 60 6.37 -2.06 -13.82
CA LYS A 60 5.13 -2.87 -13.91
C LYS A 60 3.89 -1.97 -13.77
N TYR A 61 3.84 -1.18 -12.72
CA TYR A 61 2.68 -0.29 -12.52
C TYR A 61 2.96 1.09 -13.13
N GLN A 62 3.94 1.19 -13.98
CA GLN A 62 4.26 2.50 -14.61
C GLN A 62 4.47 3.58 -13.54
N LEU A 63 5.53 3.48 -12.80
CA LEU A 63 5.80 4.51 -11.75
C LEU A 63 7.07 5.30 -12.08
N ASP A 64 6.97 6.60 -12.19
CA ASP A 64 8.17 7.41 -12.51
C ASP A 64 8.93 7.77 -11.23
N LYS A 65 8.27 7.71 -10.11
CA LYS A 65 8.96 8.03 -8.82
C LYS A 65 8.35 7.21 -7.68
N ASP A 66 8.63 7.58 -6.45
CA ASP A 66 8.06 6.81 -5.31
C ASP A 66 6.54 6.73 -5.45
N GLY A 67 5.94 5.70 -4.91
CA GLY A 67 4.46 5.56 -5.03
C GLY A 67 3.93 4.66 -3.91
N VAL A 68 2.91 5.08 -3.22
CA VAL A 68 2.35 4.25 -2.13
C VAL A 68 0.92 3.82 -2.50
N VAL A 69 0.78 2.75 -3.22
CA VAL A 69 -0.57 2.28 -3.63
C VAL A 69 -1.00 1.09 -2.76
N LEU A 70 -2.28 0.94 -2.53
CA LEU A 70 -2.74 -0.21 -1.70
C LEU A 70 -3.38 -1.27 -2.60
N PHE A 71 -3.32 -2.52 -2.22
CA PHE A 71 -3.91 -3.57 -3.08
C PHE A 71 -5.01 -4.32 -2.31
N LYS A 72 -6.22 -4.31 -2.82
CA LYS A 72 -7.32 -5.03 -2.12
C LYS A 72 -8.16 -5.82 -3.14
N LYS A 73 -8.92 -6.78 -2.67
CA LYS A 73 -9.76 -7.57 -3.59
C LYS A 73 -11.09 -6.89 -3.84
N PHE A 74 -11.50 -6.03 -2.94
CA PHE A 74 -12.81 -5.33 -3.12
C PHE A 74 -12.61 -4.01 -3.87
N ASP A 75 -13.67 -3.25 -4.03
CA ASP A 75 -13.58 -1.95 -4.74
C ASP A 75 -12.79 -2.11 -6.04
N GLU A 76 -12.26 -1.04 -6.54
CA GLU A 76 -11.48 -1.10 -7.82
C GLU A 76 -10.37 -2.14 -7.68
N GLY A 77 -9.53 -2.01 -6.69
CA GLY A 77 -8.43 -3.00 -6.52
C GLY A 77 -7.13 -2.26 -6.22
N ARG A 78 -6.96 -1.08 -6.76
CA ARG A 78 -5.70 -0.31 -6.49
C ARG A 78 -6.02 1.13 -6.08
N ASN A 79 -5.02 1.87 -5.68
CA ASN A 79 -5.24 3.28 -5.26
C ASN A 79 -4.13 4.17 -5.82
N ASN A 80 -3.82 5.23 -5.14
CA ASN A 80 -2.74 6.14 -5.63
C ASN A 80 -2.50 7.25 -4.60
N PHE A 81 -1.81 6.94 -3.53
CA PHE A 81 -1.52 7.97 -2.49
C PHE A 81 -0.99 9.25 -3.12
N GLU A 82 -1.38 10.38 -2.59
CA GLU A 82 -0.89 11.67 -3.14
C GLU A 82 -0.83 12.72 -2.02
N GLY A 83 0.24 13.46 -1.97
CA GLY A 83 0.38 14.50 -0.91
C GLY A 83 1.68 14.27 -0.14
N GLU A 84 1.94 15.07 0.85
CA GLU A 84 3.20 14.90 1.63
C GLU A 84 3.29 13.48 2.18
N VAL A 85 4.32 12.76 1.83
CA VAL A 85 4.46 11.36 2.33
C VAL A 85 4.88 11.37 3.80
N THR A 86 3.96 11.12 4.68
CA THR A 86 4.29 11.10 6.13
C THR A 86 3.61 9.90 6.80
N LYS A 87 4.25 9.31 7.78
CA LYS A 87 3.65 8.13 8.47
C LYS A 87 2.20 8.42 8.86
N GLU A 88 1.94 9.55 9.45
CA GLU A 88 0.55 9.88 9.86
C GLU A 88 -0.38 9.89 8.64
N ASN A 89 0.08 10.41 7.54
CA ASN A 89 -0.78 10.45 6.32
C ASN A 89 -1.02 9.03 5.79
N LEU A 90 -0.02 8.20 5.83
CA LEU A 90 -0.18 6.81 5.32
C LEU A 90 -1.21 6.05 6.17
N LEU A 91 -1.03 6.04 7.46
CA LEU A 91 -2.00 5.31 8.35
C LEU A 91 -3.43 5.75 8.04
N ASP A 92 -3.60 6.92 7.50
CA ASP A 92 -4.98 7.40 7.17
C ASP A 92 -5.43 6.83 5.82
N PHE A 93 -4.60 6.93 4.82
CA PHE A 93 -4.98 6.40 3.48
C PHE A 93 -5.40 4.93 3.59
N ILE A 94 -4.54 4.09 4.11
CA ILE A 94 -4.89 2.64 4.24
C ILE A 94 -6.26 2.47 4.91
N LYS A 95 -6.44 3.06 6.06
CA LYS A 95 -7.74 2.94 6.76
C LYS A 95 -8.90 3.28 5.83
N HIS A 96 -8.66 4.12 4.87
CA HIS A 96 -9.75 4.50 3.91
C HIS A 96 -9.89 3.45 2.82
N ASN A 97 -8.93 2.58 2.65
CA ASN A 97 -9.03 1.55 1.59
C ASN A 97 -9.35 0.17 2.20
N GLN A 98 -8.83 -0.11 3.36
CA GLN A 98 -9.11 -1.43 4.00
C GLN A 98 -10.49 -1.46 4.64
N LEU A 99 -11.15 -0.33 4.71
CA LEU A 99 -12.51 -0.31 5.35
C LEU A 99 -13.48 0.55 4.52
N PRO A 100 -13.82 0.08 3.35
CA PRO A 100 -14.74 0.83 2.47
C PRO A 100 -16.17 0.72 2.98
N LEU A 101 -16.61 1.66 3.77
CA LEU A 101 -18.00 1.65 4.32
C LEU A 101 -18.41 0.24 4.77
N VAL A 102 -17.93 -0.19 5.90
CA VAL A 102 -18.30 -1.54 6.40
C VAL A 102 -19.52 -1.47 7.31
N ILE A 103 -20.50 -2.29 7.09
CA ILE A 103 -21.72 -2.27 7.96
C ILE A 103 -22.13 -3.68 8.35
N GLU A 104 -22.91 -3.82 9.39
CA GLU A 104 -23.35 -5.18 9.83
C GLU A 104 -24.86 -5.18 10.07
N PHE A 105 -25.30 -4.66 11.17
CA PHE A 105 -26.77 -4.63 11.45
C PHE A 105 -27.35 -3.25 11.13
N THR A 106 -27.50 -2.95 9.87
CA THR A 106 -28.06 -1.62 9.48
C THR A 106 -29.33 -1.79 8.66
N GLU A 107 -29.91 -0.71 8.20
CA GLU A 107 -31.15 -0.81 7.39
C GLU A 107 -30.94 -0.15 6.02
N GLN A 108 -31.69 -0.56 5.04
CA GLN A 108 -31.54 0.05 3.69
C GLN A 108 -32.71 0.98 3.39
N THR A 109 -32.46 2.26 3.29
CA THR A 109 -33.57 3.22 2.99
C THR A 109 -33.10 4.26 1.97
N ALA A 110 -32.62 3.83 0.84
CA ALA A 110 -32.15 4.81 -0.19
C ALA A 110 -33.03 4.73 -1.43
N ALA A 1 6.55 -6.05 10.54
CA ALA A 1 7.14 -4.99 9.69
C ALA A 1 6.80 -5.24 8.22
N ALA A 2 7.43 -4.53 7.32
CA ALA A 2 7.13 -4.73 5.87
C ALA A 2 8.18 -5.66 5.24
N THR A 3 8.20 -5.77 3.94
CA THR A 3 9.19 -6.65 3.29
C THR A 3 9.63 -6.05 1.95
N THR A 4 10.83 -6.35 1.51
CA THR A 4 11.30 -5.79 0.21
C THR A 4 10.84 -6.68 -0.94
N LEU A 5 10.16 -6.14 -1.92
CA LEU A 5 9.71 -7.00 -3.06
C LEU A 5 10.78 -7.07 -4.14
N PRO A 6 11.10 -8.27 -4.57
CA PRO A 6 12.14 -8.45 -5.62
C PRO A 6 11.61 -7.98 -6.98
N ASP A 7 10.47 -8.47 -7.38
CA ASP A 7 9.90 -8.06 -8.71
C ASP A 7 8.39 -7.89 -8.62
N GLY A 8 7.75 -7.75 -9.75
CA GLY A 8 6.27 -7.57 -9.75
C GLY A 8 5.62 -8.90 -9.37
N ALA A 9 6.27 -10.00 -9.64
CA ALA A 9 5.69 -11.32 -9.30
C ALA A 9 5.41 -11.41 -7.79
N ALA A 10 6.16 -10.69 -7.00
CA ALA A 10 5.94 -10.72 -5.53
C ALA A 10 4.92 -9.65 -5.11
N ALA A 11 4.75 -8.65 -5.94
CA ALA A 11 3.77 -7.57 -5.59
C ALA A 11 2.34 -8.04 -5.87
N GLU A 12 2.18 -9.01 -6.71
CA GLU A 12 0.82 -9.52 -7.03
C GLU A 12 0.46 -10.66 -6.05
N SER A 13 1.38 -11.52 -5.75
CA SER A 13 1.07 -12.64 -4.83
C SER A 13 0.58 -12.11 -3.48
N LEU A 14 1.06 -10.96 -3.09
CA LEU A 14 0.61 -10.38 -1.78
C LEU A 14 -0.86 -9.96 -1.84
N VAL A 15 -1.25 -9.33 -2.92
CA VAL A 15 -2.67 -8.89 -3.03
C VAL A 15 -3.62 -10.06 -2.77
N GLU A 16 -3.45 -11.15 -3.46
CA GLU A 16 -4.34 -12.32 -3.25
C GLU A 16 -3.99 -13.04 -1.95
N SER A 17 -2.81 -12.80 -1.42
CA SER A 17 -2.42 -13.49 -0.16
C SER A 17 -3.47 -13.26 0.93
N SER A 18 -4.04 -12.08 0.98
CA SER A 18 -5.08 -11.80 2.01
C SER A 18 -6.12 -10.81 1.46
N GLU A 19 -7.01 -10.36 2.29
CA GLU A 19 -8.05 -9.40 1.83
C GLU A 19 -7.44 -8.01 1.61
N VAL A 20 -6.64 -7.55 2.53
CA VAL A 20 -6.02 -6.20 2.39
C VAL A 20 -4.49 -6.33 2.32
N ALA A 21 -3.86 -5.41 1.65
CA ALA A 21 -2.37 -5.46 1.54
C ALA A 21 -1.85 -4.22 0.81
N VAL A 22 -0.92 -3.52 1.40
CA VAL A 22 -0.38 -2.30 0.73
C VAL A 22 1.06 -2.55 0.28
N ILE A 23 1.50 -1.86 -0.73
CA ILE A 23 2.90 -2.05 -1.21
C ILE A 23 3.52 -0.70 -1.60
N GLY A 24 4.53 -0.28 -0.88
CA GLY A 24 5.18 1.01 -1.22
C GLY A 24 6.20 0.80 -2.34
N PHE A 25 6.16 1.64 -3.35
CA PHE A 25 7.13 1.48 -4.47
C PHE A 25 8.28 2.49 -4.31
N PHE A 26 9.35 2.09 -3.67
CA PHE A 26 10.48 3.03 -3.48
C PHE A 26 11.73 2.58 -4.23
N LYS A 27 12.50 3.52 -4.69
CA LYS A 27 13.76 3.16 -5.41
C LYS A 27 14.91 3.08 -4.43
N ASP A 28 14.82 3.80 -3.34
CA ASP A 28 15.90 3.76 -2.31
C ASP A 28 15.28 3.74 -0.91
N VAL A 29 14.81 2.60 -0.49
CA VAL A 29 14.19 2.51 0.87
C VAL A 29 15.10 3.13 1.93
N GLU A 30 16.38 3.19 1.67
CA GLU A 30 17.31 3.79 2.67
C GLU A 30 17.14 5.31 2.73
N SER A 31 16.31 5.88 1.91
CA SER A 31 16.11 7.36 1.95
C SER A 31 15.21 7.74 3.12
N ASP A 32 14.69 8.94 3.10
CA ASP A 32 13.80 9.39 4.22
C ASP A 32 12.34 9.06 3.89
N SER A 33 11.90 9.38 2.71
CA SER A 33 10.49 9.10 2.33
C SER A 33 10.14 7.64 2.61
N ALA A 34 11.10 6.77 2.58
CA ALA A 34 10.83 5.33 2.85
C ALA A 34 10.74 5.08 4.36
N LYS A 35 11.61 5.70 5.11
CA LYS A 35 11.58 5.51 6.59
C LYS A 35 10.17 5.74 7.13
N GLN A 36 9.53 6.80 6.72
CA GLN A 36 8.14 7.07 7.20
C GLN A 36 7.26 5.85 6.94
N PHE A 37 7.52 5.15 5.87
CA PHE A 37 6.72 3.93 5.56
C PHE A 37 6.98 2.85 6.60
N LEU A 38 8.23 2.48 6.76
CA LEU A 38 8.58 1.42 7.76
C LEU A 38 7.89 1.70 9.10
N GLN A 39 8.10 2.86 9.66
CA GLN A 39 7.46 3.20 10.95
C GLN A 39 5.95 2.93 10.89
N ALA A 40 5.31 3.37 9.84
CA ALA A 40 3.83 3.13 9.73
C ALA A 40 3.56 1.63 9.59
N ALA A 41 4.31 0.96 8.76
CA ALA A 41 4.09 -0.51 8.59
C ALA A 41 4.22 -1.22 9.94
N GLU A 42 5.14 -0.78 10.76
CA GLU A 42 5.31 -1.42 12.10
C GLU A 42 4.19 -0.99 13.03
N ALA A 43 3.65 0.17 12.82
CA ALA A 43 2.54 0.66 13.71
C ALA A 43 1.39 -0.34 13.71
N ILE A 44 1.05 -0.89 12.58
CA ILE A 44 -0.07 -1.86 12.51
C ILE A 44 0.48 -3.30 12.56
N ASP A 45 -0.29 -4.22 13.06
CA ASP A 45 0.18 -5.64 13.13
C ASP A 45 -0.88 -6.59 12.57
N ASP A 46 -1.85 -6.07 11.86
CA ASP A 46 -2.91 -6.96 11.29
C ASP A 46 -3.00 -6.77 9.77
N ILE A 47 -2.00 -6.18 9.17
CA ILE A 47 -2.04 -5.98 7.69
C ILE A 47 -0.71 -6.41 7.07
N PRO A 48 -0.78 -6.94 5.87
CA PRO A 48 0.43 -7.41 5.16
C PRO A 48 1.12 -6.24 4.45
N PHE A 49 1.84 -5.43 5.16
CA PHE A 49 2.54 -4.28 4.53
C PHE A 49 3.79 -4.75 3.78
N GLY A 50 4.01 -4.28 2.58
CA GLY A 50 5.22 -4.72 1.84
C GLY A 50 5.87 -3.51 1.17
N ILE A 51 7.15 -3.56 0.94
CA ILE A 51 7.84 -2.41 0.29
C ILE A 51 8.69 -2.92 -0.86
N THR A 52 8.90 -2.11 -1.86
CA THR A 52 9.69 -2.55 -3.03
C THR A 52 10.92 -1.67 -3.22
N SER A 53 12.00 -2.26 -3.65
CA SER A 53 13.25 -1.47 -3.87
C SER A 53 13.82 -1.78 -5.26
N ASN A 54 13.06 -2.44 -6.10
CA ASN A 54 13.57 -2.78 -7.46
C ASN A 54 12.82 -2.00 -8.55
N SER A 55 13.39 -1.89 -9.71
CA SER A 55 12.71 -1.15 -10.82
C SER A 55 11.72 -2.07 -11.53
N ASP A 56 11.97 -3.35 -11.53
CA ASP A 56 11.01 -4.28 -12.19
C ASP A 56 9.61 -4.06 -11.65
N VAL A 57 9.50 -3.68 -10.41
CA VAL A 57 8.16 -3.41 -9.82
C VAL A 57 7.67 -2.06 -10.31
N PHE A 58 8.58 -1.14 -10.54
CA PHE A 58 8.17 0.20 -11.04
C PHE A 58 7.69 0.07 -12.48
N SER A 59 8.54 -0.40 -13.35
CA SER A 59 8.12 -0.57 -14.77
C SER A 59 6.83 -1.39 -14.83
N LYS A 60 6.57 -2.18 -13.82
CA LYS A 60 5.34 -3.00 -13.80
C LYS A 60 4.10 -2.10 -13.83
N TYR A 61 3.95 -1.27 -12.84
CA TYR A 61 2.78 -0.37 -12.79
C TYR A 61 3.09 0.96 -13.51
N GLN A 62 4.21 1.04 -14.17
CA GLN A 62 4.56 2.31 -14.88
C GLN A 62 4.45 3.50 -13.94
N LEU A 63 5.25 3.53 -12.91
CA LEU A 63 5.19 4.68 -11.96
C LEU A 63 6.22 5.74 -12.36
N ASP A 64 5.83 6.99 -12.37
CA ASP A 64 6.79 8.07 -12.74
C ASP A 64 7.80 8.30 -11.62
N LYS A 65 7.58 7.72 -10.47
CA LYS A 65 8.55 7.92 -9.34
C LYS A 65 8.14 7.05 -8.14
N ASP A 66 8.69 7.32 -6.99
CA ASP A 66 8.33 6.52 -5.78
C ASP A 66 6.89 6.84 -5.36
N GLY A 67 6.23 5.91 -4.72
CA GLY A 67 4.83 6.18 -4.29
C GLY A 67 4.30 4.96 -3.53
N VAL A 68 3.20 5.11 -2.84
CA VAL A 68 2.64 3.96 -2.07
C VAL A 68 1.19 3.72 -2.47
N VAL A 69 0.88 2.55 -2.94
CA VAL A 69 -0.52 2.22 -3.34
C VAL A 69 -1.05 1.08 -2.49
N LEU A 70 -2.35 0.93 -2.38
CA LEU A 70 -2.90 -0.18 -1.55
C LEU A 70 -3.48 -1.27 -2.47
N PHE A 71 -3.28 -2.50 -2.13
CA PHE A 71 -3.80 -3.60 -2.99
C PHE A 71 -4.82 -4.44 -2.21
N LYS A 72 -6.08 -4.36 -2.59
CA LYS A 72 -7.11 -5.16 -1.88
C LYS A 72 -7.87 -6.03 -2.88
N LYS A 73 -8.92 -6.68 -2.45
CA LYS A 73 -9.69 -7.55 -3.37
C LYS A 73 -11.03 -6.90 -3.73
N PHE A 74 -11.53 -6.06 -2.86
CA PHE A 74 -12.84 -5.39 -3.14
C PHE A 74 -12.62 -4.07 -3.87
N ASP A 75 -13.68 -3.34 -4.11
CA ASP A 75 -13.56 -2.02 -4.81
C ASP A 75 -12.70 -2.15 -6.06
N GLU A 76 -12.17 -1.06 -6.53
CA GLU A 76 -11.32 -1.10 -7.75
C GLU A 76 -10.20 -2.13 -7.59
N GLY A 77 -9.58 -2.18 -6.44
CA GLY A 77 -8.48 -3.16 -6.23
C GLY A 77 -7.15 -2.42 -6.06
N ARG A 78 -7.03 -1.25 -6.63
CA ARG A 78 -5.76 -0.49 -6.51
C ARG A 78 -6.06 0.99 -6.21
N ASN A 79 -5.07 1.72 -5.75
CA ASN A 79 -5.28 3.16 -5.44
C ASN A 79 -4.10 3.99 -5.96
N ASN A 80 -3.85 5.11 -5.36
CA ASN A 80 -2.73 5.96 -5.82
C ASN A 80 -2.51 7.13 -4.84
N PHE A 81 -1.85 6.88 -3.74
CA PHE A 81 -1.60 7.98 -2.76
C PHE A 81 -1.07 9.23 -3.45
N GLU A 82 -1.78 10.32 -3.36
CA GLU A 82 -1.32 11.58 -4.01
C GLU A 82 -0.96 12.63 -2.96
N GLY A 83 0.26 12.66 -2.52
CA GLY A 83 0.66 13.67 -1.50
C GLY A 83 2.00 13.25 -0.89
N GLU A 84 2.37 13.84 0.23
CA GLU A 84 3.66 13.49 0.87
C GLU A 84 3.55 12.12 1.56
N VAL A 85 4.33 11.17 1.13
CA VAL A 85 4.27 9.82 1.77
C VAL A 85 4.78 9.89 3.21
N THR A 86 3.93 10.28 4.13
CA THR A 86 4.38 10.37 5.55
C THR A 86 3.52 9.47 6.44
N LYS A 87 4.05 9.02 7.54
CA LYS A 87 3.28 8.13 8.46
C LYS A 87 1.87 8.69 8.69
N GLU A 88 1.79 9.91 9.13
CA GLU A 88 0.45 10.52 9.38
C GLU A 88 -0.42 10.44 8.12
N ASN A 89 0.20 10.48 6.96
CA ASN A 89 -0.59 10.40 5.71
C ASN A 89 -0.82 8.95 5.31
N LEU A 90 0.02 8.06 5.77
CA LEU A 90 -0.14 6.63 5.42
C LEU A 90 -1.28 6.00 6.23
N LEU A 91 -1.24 6.13 7.53
CA LEU A 91 -2.32 5.53 8.36
C LEU A 91 -3.69 6.08 7.94
N ASP A 92 -3.73 7.20 7.29
CA ASP A 92 -5.03 7.78 6.86
C ASP A 92 -5.50 7.11 5.56
N PHE A 93 -4.68 7.11 4.56
CA PHE A 93 -5.07 6.48 3.27
C PHE A 93 -5.37 4.99 3.46
N ILE A 94 -4.43 4.25 3.99
CA ILE A 94 -4.66 2.79 4.20
C ILE A 94 -5.97 2.54 4.95
N LYS A 95 -6.26 3.33 5.95
CA LYS A 95 -7.53 3.13 6.71
C LYS A 95 -8.74 3.52 5.86
N HIS A 96 -8.53 4.21 4.77
CA HIS A 96 -9.68 4.60 3.91
C HIS A 96 -9.95 3.54 2.83
N ASN A 97 -9.01 2.67 2.59
CA ASN A 97 -9.21 1.62 1.55
C ASN A 97 -9.52 0.27 2.20
N GLN A 98 -8.86 -0.06 3.27
CA GLN A 98 -9.12 -1.37 3.93
C GLN A 98 -10.56 -1.43 4.47
N LEU A 99 -11.20 -0.30 4.61
CA LEU A 99 -12.60 -0.30 5.13
C LEU A 99 -13.55 0.30 4.08
N PRO A 100 -14.14 -0.56 3.27
CA PRO A 100 -15.08 -0.09 2.22
C PRO A 100 -16.40 0.35 2.86
N LEU A 101 -17.26 0.96 2.08
CA LEU A 101 -18.58 1.41 2.63
C LEU A 101 -18.37 2.22 3.91
N VAL A 102 -18.34 3.52 3.80
CA VAL A 102 -18.15 4.37 5.01
C VAL A 102 -19.47 5.03 5.42
N ILE A 103 -20.55 4.29 5.38
CA ILE A 103 -21.87 4.87 5.76
C ILE A 103 -22.83 3.76 6.21
N GLU A 104 -22.99 3.61 7.49
CA GLU A 104 -23.92 2.55 8.00
C GLU A 104 -23.58 1.20 7.39
N PHE A 105 -24.41 0.21 7.58
CA PHE A 105 -24.14 -1.13 7.00
C PHE A 105 -25.46 -1.82 6.62
N THR A 106 -25.40 -3.08 6.28
CA THR A 106 -26.66 -3.80 5.89
C THR A 106 -26.45 -5.31 5.99
N GLU A 107 -27.44 -6.08 5.62
CA GLU A 107 -27.30 -7.56 5.70
C GLU A 107 -27.40 -8.18 4.31
N GLN A 108 -27.67 -9.46 4.22
CA GLN A 108 -27.79 -10.10 2.89
C GLN A 108 -26.55 -9.82 2.04
N THR A 109 -25.39 -9.93 2.63
CA THR A 109 -24.13 -9.67 1.85
C THR A 109 -23.16 -10.84 2.01
N ALA A 110 -22.19 -10.94 1.14
CA ALA A 110 -21.21 -12.05 1.23
C ALA A 110 -21.94 -13.39 1.29
N ALA A 1 5.38 -5.42 10.29
CA ALA A 1 6.25 -4.50 9.49
C ALA A 1 6.08 -4.78 8.00
N ALA A 2 6.73 -4.02 7.16
CA ALA A 2 6.60 -4.25 5.70
C ALA A 2 7.58 -5.35 5.25
N THR A 3 7.20 -6.13 4.28
CA THR A 3 8.10 -7.21 3.80
C THR A 3 8.97 -6.72 2.64
N THR A 4 10.02 -7.43 2.32
CA THR A 4 10.89 -6.99 1.19
C THR A 4 10.59 -7.82 -0.06
N LEU A 5 9.84 -7.26 -0.98
CA LEU A 5 9.51 -8.02 -2.22
C LEU A 5 10.72 -8.02 -3.17
N PRO A 6 11.06 -9.19 -3.67
CA PRO A 6 12.21 -9.31 -4.60
C PRO A 6 11.88 -8.70 -5.96
N ASP A 7 10.66 -8.86 -6.42
CA ASP A 7 10.26 -8.29 -7.74
C ASP A 7 8.76 -8.23 -7.89
N GLY A 8 8.31 -7.94 -9.08
CA GLY A 8 6.85 -7.85 -9.34
C GLY A 8 6.20 -9.20 -9.02
N ALA A 9 6.93 -10.27 -9.14
CA ALA A 9 6.35 -11.61 -8.86
C ALA A 9 5.76 -11.64 -7.44
N ALA A 10 6.30 -10.86 -6.55
CA ALA A 10 5.75 -10.85 -5.16
C ALA A 10 4.66 -9.78 -5.03
N ALA A 11 4.71 -8.77 -5.85
CA ALA A 11 3.67 -7.70 -5.76
C ALA A 11 2.30 -8.27 -6.13
N GLU A 12 2.27 -9.32 -6.91
CA GLU A 12 0.97 -9.93 -7.31
C GLU A 12 0.59 -11.01 -6.29
N SER A 13 1.54 -11.79 -5.86
CA SER A 13 1.24 -12.86 -4.87
C SER A 13 0.82 -12.23 -3.53
N LEU A 14 1.22 -11.01 -3.29
CA LEU A 14 0.86 -10.35 -2.00
C LEU A 14 -0.64 -10.03 -1.96
N VAL A 15 -1.16 -9.41 -2.99
CA VAL A 15 -2.61 -9.07 -3.00
C VAL A 15 -3.45 -10.35 -2.87
N GLU A 16 -3.02 -11.42 -3.49
CA GLU A 16 -3.80 -12.69 -3.40
C GLU A 16 -3.55 -13.36 -2.04
N SER A 17 -2.51 -12.99 -1.35
CA SER A 17 -2.21 -13.62 -0.04
C SER A 17 -3.33 -13.30 0.96
N SER A 18 -3.77 -12.09 1.01
CA SER A 18 -4.86 -11.72 1.97
C SER A 18 -5.87 -10.79 1.29
N GLU A 19 -6.81 -10.28 2.04
CA GLU A 19 -7.82 -9.37 1.43
C GLU A 19 -7.17 -8.04 1.03
N VAL A 20 -6.35 -7.49 1.88
CA VAL A 20 -5.69 -6.20 1.54
C VAL A 20 -4.16 -6.37 1.55
N ALA A 21 -3.45 -5.43 0.97
CA ALA A 21 -1.96 -5.53 0.94
C ALA A 21 -1.38 -4.28 0.27
N VAL A 22 -0.49 -3.59 0.93
CA VAL A 22 0.09 -2.36 0.34
C VAL A 22 1.56 -2.57 0.02
N ILE A 23 2.01 -2.06 -1.10
CA ILE A 23 3.44 -2.20 -1.47
C ILE A 23 4.00 -0.85 -1.89
N GLY A 24 4.92 -0.31 -1.14
CA GLY A 24 5.49 1.01 -1.49
C GLY A 24 6.49 0.86 -2.65
N PHE A 25 6.43 1.75 -3.61
CA PHE A 25 7.37 1.66 -4.76
C PHE A 25 8.44 2.75 -4.63
N PHE A 26 9.32 2.62 -3.67
CA PHE A 26 10.38 3.65 -3.50
C PHE A 26 11.66 3.23 -4.21
N LYS A 27 12.38 4.18 -4.74
CA LYS A 27 13.66 3.84 -5.44
C LYS A 27 14.81 3.78 -4.42
N ASP A 28 14.67 4.51 -3.34
CA ASP A 28 15.73 4.51 -2.30
C ASP A 28 15.08 4.39 -0.91
N VAL A 29 14.69 3.20 -0.53
CA VAL A 29 14.04 3.02 0.80
C VAL A 29 14.90 3.64 1.91
N GLU A 30 16.18 3.80 1.67
CA GLU A 30 17.06 4.42 2.71
C GLU A 30 16.87 5.94 2.76
N SER A 31 16.00 6.48 1.96
CA SER A 31 15.78 7.96 1.97
C SER A 31 14.97 8.36 3.20
N ASP A 32 14.45 9.56 3.21
CA ASP A 32 13.64 10.02 4.37
C ASP A 32 12.16 9.69 4.17
N SER A 33 11.69 9.73 2.96
CA SER A 33 10.26 9.42 2.70
C SER A 33 9.98 7.94 2.95
N ALA A 34 10.97 7.10 2.79
CA ALA A 34 10.76 5.65 3.02
C ALA A 34 10.78 5.35 4.52
N LYS A 35 11.57 6.08 5.26
CA LYS A 35 11.64 5.85 6.74
C LYS A 35 10.24 5.91 7.34
N GLN A 36 9.52 6.98 7.07
CA GLN A 36 8.15 7.09 7.62
C GLN A 36 7.32 5.87 7.24
N PHE A 37 7.57 5.33 6.08
CA PHE A 37 6.81 4.12 5.64
C PHE A 37 7.03 2.98 6.64
N LEU A 38 8.27 2.60 6.84
CA LEU A 38 8.59 1.50 7.79
C LEU A 38 7.81 1.68 9.10
N GLN A 39 7.99 2.80 9.75
CA GLN A 39 7.27 3.04 11.04
C GLN A 39 5.77 2.82 10.84
N ALA A 40 5.18 3.45 9.87
CA ALA A 40 3.73 3.26 9.62
C ALA A 40 3.42 1.78 9.36
N ALA A 41 4.29 1.11 8.65
CA ALA A 41 4.06 -0.34 8.37
C ALA A 41 4.18 -1.15 9.66
N GLU A 42 5.03 -0.71 10.55
CA GLU A 42 5.19 -1.45 11.83
C GLU A 42 4.07 -1.08 12.80
N ALA A 43 3.47 0.07 12.63
CA ALA A 43 2.37 0.49 13.54
C ALA A 43 1.21 -0.50 13.44
N ILE A 44 0.90 -0.95 12.25
CA ILE A 44 -0.22 -1.91 12.08
C ILE A 44 0.31 -3.35 12.19
N ASP A 45 -0.52 -4.25 12.64
CA ASP A 45 -0.06 -5.67 12.78
C ASP A 45 -1.07 -6.63 12.16
N ASP A 46 -1.96 -6.13 11.34
CA ASP A 46 -2.97 -7.03 10.71
C ASP A 46 -2.95 -6.88 9.19
N ILE A 47 -1.93 -6.26 8.64
CA ILE A 47 -1.86 -6.09 7.17
C ILE A 47 -0.45 -6.42 6.66
N PRO A 48 -0.39 -7.17 5.58
CA PRO A 48 0.93 -7.56 5.01
C PRO A 48 1.55 -6.40 4.22
N PHE A 49 2.18 -5.48 4.89
CA PHE A 49 2.80 -4.33 4.16
C PHE A 49 4.04 -4.82 3.40
N GLY A 50 4.30 -4.26 2.24
CA GLY A 50 5.49 -4.71 1.46
C GLY A 50 6.23 -3.50 0.88
N ILE A 51 7.47 -3.65 0.53
CA ILE A 51 8.23 -2.50 -0.04
C ILE A 51 9.32 -3.02 -0.99
N THR A 52 9.66 -2.26 -2.00
CA THR A 52 10.71 -2.69 -2.96
C THR A 52 11.13 -1.55 -3.87
N SER A 53 12.29 -1.66 -4.40
CA SER A 53 12.81 -0.62 -5.34
C SER A 53 13.23 -1.28 -6.66
N ASN A 54 13.03 -2.57 -6.77
CA ASN A 54 13.43 -3.27 -8.03
C ASN A 54 12.65 -2.71 -9.22
N SER A 55 13.33 -2.24 -10.23
CA SER A 55 12.63 -1.69 -11.42
C SER A 55 11.53 -2.65 -11.90
N ASP A 56 11.73 -3.92 -11.73
CA ASP A 56 10.71 -4.90 -12.18
C ASP A 56 9.35 -4.55 -11.57
N VAL A 57 9.32 -4.17 -10.33
CA VAL A 57 8.02 -3.80 -9.68
C VAL A 57 7.58 -2.42 -10.16
N PHE A 58 8.51 -1.61 -10.59
CA PHE A 58 8.14 -0.24 -11.08
C PHE A 58 7.53 -0.33 -12.48
N SER A 59 8.24 -0.94 -13.40
CA SER A 59 7.71 -1.07 -14.78
C SER A 59 6.38 -1.84 -14.77
N LYS A 60 6.13 -2.60 -13.74
CA LYS A 60 4.86 -3.37 -13.67
C LYS A 60 3.67 -2.40 -13.62
N TYR A 61 3.63 -1.55 -12.63
CA TYR A 61 2.50 -0.59 -12.52
C TYR A 61 2.87 0.75 -13.17
N GLN A 62 3.72 0.70 -14.19
CA GLN A 62 4.17 1.94 -14.93
C GLN A 62 4.18 3.19 -14.04
N LEU A 63 4.99 3.19 -13.01
CA LEU A 63 5.05 4.39 -12.12
C LEU A 63 6.12 5.36 -12.62
N ASP A 64 5.76 6.61 -12.80
CA ASP A 64 6.75 7.60 -13.29
C ASP A 64 7.76 7.95 -12.19
N LYS A 65 7.59 7.43 -11.00
CA LYS A 65 8.54 7.74 -9.90
C LYS A 65 8.20 6.91 -8.66
N ASP A 66 8.43 7.45 -7.49
CA ASP A 66 8.10 6.68 -6.25
C ASP A 66 6.66 6.96 -5.83
N GLY A 67 6.03 6.01 -5.19
CA GLY A 67 4.61 6.22 -4.77
C GLY A 67 4.11 4.97 -4.03
N VAL A 68 3.40 5.14 -2.96
CA VAL A 68 2.88 3.96 -2.21
C VAL A 68 1.41 3.73 -2.53
N VAL A 69 1.09 2.58 -3.08
CA VAL A 69 -0.34 2.30 -3.42
C VAL A 69 -0.80 1.04 -2.69
N LEU A 70 -2.07 0.95 -2.38
CA LEU A 70 -2.56 -0.27 -1.67
C LEU A 70 -3.37 -1.11 -2.66
N PHE A 71 -3.30 -2.41 -2.55
CA PHE A 71 -4.04 -3.26 -3.51
C PHE A 71 -5.05 -4.14 -2.77
N LYS A 72 -6.31 -4.04 -3.11
CA LYS A 72 -7.33 -4.88 -2.42
C LYS A 72 -8.22 -5.58 -3.46
N LYS A 73 -8.97 -6.57 -3.05
CA LYS A 73 -9.84 -7.28 -4.00
C LYS A 73 -11.17 -6.54 -4.18
N PHE A 74 -11.63 -5.92 -3.14
CA PHE A 74 -12.93 -5.16 -3.23
C PHE A 74 -12.66 -3.71 -3.63
N ASP A 75 -13.69 -2.89 -3.63
CA ASP A 75 -13.51 -1.46 -4.02
C ASP A 75 -12.89 -1.37 -5.41
N GLU A 76 -12.21 -0.30 -5.67
CA GLU A 76 -11.57 -0.12 -7.01
C GLU A 76 -10.37 -1.06 -7.17
N GLY A 77 -9.78 -1.47 -6.07
CA GLY A 77 -8.61 -2.38 -6.15
C GLY A 77 -7.32 -1.58 -5.91
N ARG A 78 -7.30 -0.33 -6.28
CA ARG A 78 -6.07 0.48 -6.06
C ARG A 78 -6.41 1.80 -5.37
N ASN A 79 -5.41 2.58 -5.04
CA ASN A 79 -5.69 3.89 -4.36
C ASN A 79 -4.77 4.98 -4.90
N ASN A 80 -3.51 4.67 -5.07
CA ASN A 80 -2.53 5.68 -5.59
C ASN A 80 -2.41 6.84 -4.61
N PHE A 81 -1.54 6.72 -3.64
CA PHE A 81 -1.37 7.82 -2.64
C PHE A 81 -1.01 9.13 -3.33
N GLU A 82 -1.64 10.21 -2.95
CA GLU A 82 -1.34 11.52 -3.58
C GLU A 82 -1.10 12.57 -2.49
N GLY A 83 0.09 13.08 -2.42
CA GLY A 83 0.40 14.11 -1.38
C GLY A 83 1.79 13.85 -0.80
N GLU A 84 1.90 13.78 0.50
CA GLU A 84 3.22 13.53 1.13
C GLU A 84 3.21 12.20 1.86
N VAL A 85 4.14 11.33 1.55
CA VAL A 85 4.19 10.01 2.24
C VAL A 85 4.73 10.17 3.66
N THR A 86 3.89 10.06 4.64
CA THR A 86 4.35 10.21 6.05
C THR A 86 3.51 9.32 6.98
N LYS A 87 4.03 9.00 8.13
CA LYS A 87 3.26 8.14 9.08
C LYS A 87 1.84 8.67 9.26
N GLU A 88 1.70 9.92 9.58
CA GLU A 88 0.34 10.49 9.78
C GLU A 88 -0.51 10.31 8.53
N ASN A 89 0.09 10.43 7.37
CA ASN A 89 -0.68 10.27 6.10
C ASN A 89 -0.84 8.79 5.76
N LEU A 90 0.20 8.02 5.91
CA LEU A 90 0.12 6.57 5.59
C LEU A 90 -0.98 5.91 6.42
N LEU A 91 -0.92 6.05 7.72
CA LEU A 91 -1.97 5.43 8.58
C LEU A 91 -3.35 5.90 8.12
N ASP A 92 -3.44 7.06 7.55
CA ASP A 92 -4.76 7.56 7.07
C ASP A 92 -5.13 6.87 5.76
N PHE A 93 -4.19 6.74 4.87
CA PHE A 93 -4.48 6.07 3.57
C PHE A 93 -4.89 4.61 3.81
N ILE A 94 -4.03 3.83 4.42
CA ILE A 94 -4.37 2.41 4.69
C ILE A 94 -5.73 2.30 5.38
N LYS A 95 -6.02 3.19 6.29
CA LYS A 95 -7.34 3.14 6.99
C LYS A 95 -8.47 3.43 6.00
N HIS A 96 -8.21 4.26 5.01
CA HIS A 96 -9.28 4.58 4.02
C HIS A 96 -9.23 3.60 2.83
N ASN A 97 -8.44 2.56 2.92
CA ASN A 97 -8.37 1.58 1.80
C ASN A 97 -9.31 0.40 2.07
N GLN A 98 -9.07 -0.32 3.12
CA GLN A 98 -9.94 -1.50 3.44
C GLN A 98 -11.33 -1.02 3.90
N LEU A 99 -12.04 -0.34 3.05
CA LEU A 99 -13.40 0.15 3.44
C LEU A 99 -14.38 -0.05 2.28
N PRO A 100 -15.13 -1.13 2.34
CA PRO A 100 -16.11 -1.43 1.28
C PRO A 100 -17.29 -0.46 1.36
N LEU A 101 -17.30 0.57 0.56
CA LEU A 101 -18.42 1.54 0.60
C LEU A 101 -19.64 1.00 -0.18
N VAL A 102 -20.11 -0.16 0.19
CA VAL A 102 -21.28 -0.74 -0.52
C VAL A 102 -22.57 -0.43 0.24
N ILE A 103 -22.84 0.83 0.48
CA ILE A 103 -24.09 1.19 1.22
C ILE A 103 -25.32 0.93 0.36
N GLU A 104 -25.91 -0.23 0.49
CA GLU A 104 -27.12 -0.55 -0.32
C GLU A 104 -28.15 -1.28 0.53
N PHE A 105 -28.12 -1.06 1.82
CA PHE A 105 -29.11 -1.74 2.71
C PHE A 105 -30.49 -1.09 2.58
N THR A 106 -31.43 -1.51 3.37
CA THR A 106 -32.79 -0.91 3.28
C THR A 106 -33.05 0.00 4.48
N GLU A 107 -32.03 0.66 4.96
CA GLU A 107 -32.22 1.57 6.13
C GLU A 107 -32.22 3.03 5.66
N GLN A 108 -31.23 3.42 4.90
CA GLN A 108 -31.18 4.83 4.41
C GLN A 108 -31.28 5.80 5.60
N THR A 109 -30.38 5.71 6.54
CA THR A 109 -30.43 6.63 7.71
C THR A 109 -29.03 7.11 8.06
N ALA A 110 -28.09 6.22 8.23
CA ALA A 110 -26.71 6.63 8.57
C ALA A 110 -25.87 6.77 7.30
N ALA A 1 8.14 -4.19 9.31
CA ALA A 1 7.28 -3.17 8.66
C ALA A 1 6.57 -3.78 7.44
N ALA A 2 7.29 -4.00 6.38
CA ALA A 2 6.67 -4.59 5.16
C ALA A 2 7.49 -5.80 4.69
N THR A 3 6.94 -6.59 3.80
CA THR A 3 7.70 -7.78 3.31
C THR A 3 8.66 -7.36 2.20
N THR A 4 9.63 -8.18 1.91
CA THR A 4 10.60 -7.82 0.83
C THR A 4 10.20 -8.50 -0.48
N LEU A 5 9.94 -7.74 -1.50
CA LEU A 5 9.54 -8.34 -2.80
C LEU A 5 10.70 -8.24 -3.80
N PRO A 6 10.98 -9.34 -4.49
CA PRO A 6 12.07 -9.33 -5.48
C PRO A 6 11.66 -8.57 -6.73
N ASP A 7 10.42 -8.71 -7.14
CA ASP A 7 9.94 -7.99 -8.35
C ASP A 7 8.42 -7.88 -8.35
N GLY A 8 7.88 -7.46 -9.45
CA GLY A 8 6.41 -7.31 -9.56
C GLY A 8 5.74 -8.69 -9.38
N ALA A 9 6.47 -9.74 -9.62
CA ALA A 9 5.86 -11.10 -9.48
C ALA A 9 5.33 -11.30 -8.06
N ALA A 10 5.91 -10.62 -7.09
CA ALA A 10 5.42 -10.78 -5.69
C ALA A 10 4.29 -9.78 -5.41
N ALA A 11 4.34 -8.63 -6.03
CA ALA A 11 3.27 -7.62 -5.81
C ALA A 11 1.89 -8.24 -6.10
N GLU A 12 1.86 -9.29 -6.88
CA GLU A 12 0.57 -9.94 -7.19
C GLU A 12 0.28 -11.01 -6.12
N SER A 13 1.28 -11.68 -5.65
CA SER A 13 1.06 -12.72 -4.61
C SER A 13 0.65 -12.07 -3.29
N LEU A 14 1.01 -10.83 -3.10
CA LEU A 14 0.64 -10.12 -1.83
C LEU A 14 -0.86 -9.80 -1.84
N VAL A 15 -1.36 -9.24 -2.90
CA VAL A 15 -2.81 -8.90 -2.97
C VAL A 15 -3.65 -10.13 -2.63
N GLU A 16 -3.30 -11.27 -3.16
CA GLU A 16 -4.09 -12.50 -2.87
C GLU A 16 -3.71 -13.07 -1.51
N SER A 17 -2.57 -12.71 -1.00
CA SER A 17 -2.14 -13.24 0.33
C SER A 17 -3.20 -12.89 1.39
N SER A 18 -3.51 -11.63 1.55
CA SER A 18 -4.53 -11.23 2.56
C SER A 18 -5.58 -10.33 1.92
N GLU A 19 -6.68 -10.13 2.60
CA GLU A 19 -7.76 -9.26 2.03
C GLU A 19 -7.21 -7.86 1.73
N VAL A 20 -6.40 -7.35 2.62
CA VAL A 20 -5.82 -5.99 2.39
C VAL A 20 -4.28 -6.05 2.44
N ALA A 21 -3.63 -5.26 1.64
CA ALA A 21 -2.14 -5.26 1.63
C ALA A 21 -1.63 -4.08 0.79
N VAL A 22 -0.53 -3.48 1.17
CA VAL A 22 -0.01 -2.33 0.39
C VAL A 22 1.47 -2.54 0.08
N ILE A 23 1.94 -1.96 -1.00
CA ILE A 23 3.37 -2.12 -1.36
C ILE A 23 3.99 -0.75 -1.67
N GLY A 24 5.03 -0.38 -0.99
CA GLY A 24 5.66 0.95 -1.25
C GLY A 24 6.67 0.81 -2.39
N PHE A 25 6.57 1.66 -3.39
CA PHE A 25 7.53 1.58 -4.52
C PHE A 25 8.61 2.66 -4.37
N PHE A 26 9.58 2.44 -3.54
CA PHE A 26 10.65 3.47 -3.35
C PHE A 26 11.95 3.03 -4.01
N LYS A 27 12.68 3.97 -4.52
CA LYS A 27 13.99 3.65 -5.17
C LYS A 27 15.10 3.71 -4.13
N ASP A 28 14.93 4.51 -3.12
CA ASP A 28 15.95 4.64 -2.06
C ASP A 28 15.28 4.49 -0.69
N VAL A 29 14.90 3.30 -0.33
CA VAL A 29 14.23 3.07 0.98
C VAL A 29 15.03 3.73 2.12
N GLU A 30 16.30 3.96 1.93
CA GLU A 30 17.10 4.59 3.00
C GLU A 30 16.94 6.12 3.00
N SER A 31 16.05 6.63 2.21
CA SER A 31 15.86 8.11 2.18
C SER A 31 15.03 8.57 3.38
N ASP A 32 14.52 9.77 3.31
CA ASP A 32 13.69 10.30 4.44
C ASP A 32 12.22 9.97 4.22
N SER A 33 11.82 9.78 2.99
CA SER A 33 10.39 9.47 2.71
C SER A 33 10.12 7.99 3.01
N ALA A 34 11.09 7.15 2.85
CA ALA A 34 10.89 5.70 3.13
C ALA A 34 11.00 5.43 4.63
N LYS A 35 11.61 6.33 5.36
CA LYS A 35 11.74 6.13 6.82
C LYS A 35 10.35 6.11 7.47
N GLN A 36 9.46 6.94 7.01
CA GLN A 36 8.10 6.96 7.59
C GLN A 36 7.34 5.69 7.20
N PHE A 37 7.46 5.27 5.98
CA PHE A 37 6.76 4.03 5.54
C PHE A 37 7.04 2.87 6.52
N LEU A 38 8.29 2.55 6.71
CA LEU A 38 8.63 1.45 7.64
C LEU A 38 8.08 1.75 9.03
N GLN A 39 8.33 2.92 9.53
CA GLN A 39 7.82 3.30 10.87
C GLN A 39 6.31 3.04 10.96
N ALA A 40 5.55 3.57 10.04
CA ALA A 40 4.08 3.34 10.08
C ALA A 40 3.76 1.88 9.82
N ALA A 41 4.37 1.28 8.85
CA ALA A 41 4.10 -0.16 8.55
C ALA A 41 4.29 -1.00 9.81
N GLU A 42 5.20 -0.61 10.66
CA GLU A 42 5.43 -1.39 11.91
C GLU A 42 4.20 -1.29 12.82
N ALA A 43 3.58 -0.16 12.89
CA ALA A 43 2.38 0.00 13.76
C ALA A 43 1.23 -0.87 13.24
N ILE A 44 1.06 -0.92 11.95
CA ILE A 44 -0.05 -1.76 11.38
C ILE A 44 0.47 -3.16 11.06
N ASP A 45 0.34 -4.07 11.98
CA ASP A 45 0.82 -5.46 11.73
C ASP A 45 -0.31 -6.31 11.12
N ASP A 46 -1.53 -5.98 11.42
CA ASP A 46 -2.68 -6.77 10.86
C ASP A 46 -2.61 -6.76 9.33
N ILE A 47 -2.02 -5.76 8.74
CA ILE A 47 -1.94 -5.71 7.26
C ILE A 47 -0.51 -6.04 6.80
N PRO A 48 -0.39 -7.00 5.91
CA PRO A 48 0.94 -7.40 5.42
C PRO A 48 1.47 -6.40 4.39
N PHE A 49 2.11 -5.34 4.83
CA PHE A 49 2.64 -4.34 3.86
C PHE A 49 3.75 -4.97 3.03
N GLY A 50 4.25 -4.24 2.06
CA GLY A 50 5.35 -4.78 1.22
C GLY A 50 6.22 -3.61 0.73
N ILE A 51 7.48 -3.86 0.48
CA ILE A 51 8.37 -2.75 0.00
C ILE A 51 9.49 -3.32 -0.88
N THR A 52 9.86 -2.60 -1.91
CA THR A 52 10.94 -3.08 -2.81
C THR A 52 11.51 -1.92 -3.62
N SER A 53 12.73 -2.08 -4.05
CA SER A 53 13.38 -1.04 -4.88
C SER A 53 13.67 -1.59 -6.28
N ASN A 54 13.35 -2.84 -6.51
CA ASN A 54 13.60 -3.43 -7.86
C ASN A 54 12.99 -2.54 -8.94
N SER A 55 13.38 -2.74 -10.18
CA SER A 55 12.80 -1.90 -11.28
C SER A 55 11.58 -2.60 -11.88
N ASP A 56 11.58 -3.90 -11.90
CA ASP A 56 10.40 -4.63 -12.47
C ASP A 56 9.14 -4.24 -11.72
N VAL A 57 9.27 -3.85 -10.48
CA VAL A 57 8.08 -3.44 -9.68
C VAL A 57 7.65 -2.03 -10.08
N PHE A 58 8.58 -1.22 -10.50
CA PHE A 58 8.25 0.17 -10.91
C PHE A 58 7.79 0.19 -12.36
N SER A 59 8.57 -0.40 -13.23
CA SER A 59 8.19 -0.43 -14.68
C SER A 59 6.86 -1.19 -14.86
N LYS A 60 6.47 -1.97 -13.90
CA LYS A 60 5.19 -2.72 -14.03
C LYS A 60 4.00 -1.77 -13.84
N TYR A 61 4.00 -1.01 -12.78
CA TYR A 61 2.87 -0.07 -12.55
C TYR A 61 3.15 1.28 -13.22
N GLN A 62 4.13 1.33 -14.10
CA GLN A 62 4.44 2.61 -14.80
C GLN A 62 4.58 3.76 -13.79
N LEU A 63 5.55 3.71 -12.92
CA LEU A 63 5.73 4.81 -11.93
C LEU A 63 7.01 5.58 -12.22
N ASP A 64 6.92 6.72 -12.84
CA ASP A 64 8.14 7.51 -13.15
C ASP A 64 8.89 7.82 -11.85
N LYS A 65 8.23 7.73 -10.72
CA LYS A 65 8.91 8.02 -9.43
C LYS A 65 8.32 7.14 -8.33
N ASP A 66 8.58 7.46 -7.09
CA ASP A 66 8.01 6.63 -5.98
C ASP A 66 6.47 6.65 -6.05
N GLY A 67 5.84 5.67 -5.49
CA GLY A 67 4.35 5.64 -5.53
C GLY A 67 3.81 4.72 -4.43
N VAL A 68 3.05 5.25 -3.52
CA VAL A 68 2.50 4.41 -2.42
C VAL A 68 1.05 4.01 -2.74
N VAL A 69 0.85 2.85 -3.30
CA VAL A 69 -0.53 2.40 -3.63
C VAL A 69 -0.90 1.19 -2.77
N LEU A 70 -2.17 0.99 -2.51
CA LEU A 70 -2.58 -0.17 -1.67
C LEU A 70 -3.27 -1.22 -2.54
N PHE A 71 -3.26 -2.45 -2.13
CA PHE A 71 -3.90 -3.51 -2.96
C PHE A 71 -4.93 -4.28 -2.12
N LYS A 72 -6.13 -4.37 -2.61
CA LYS A 72 -7.19 -5.10 -1.86
C LYS A 72 -7.97 -6.02 -2.80
N LYS A 73 -8.93 -6.74 -2.29
CA LYS A 73 -9.73 -7.65 -3.17
C LYS A 73 -11.09 -7.02 -3.46
N PHE A 74 -11.60 -6.24 -2.56
CA PHE A 74 -12.93 -5.60 -2.79
C PHE A 74 -12.77 -4.23 -3.47
N ASP A 75 -13.85 -3.52 -3.64
CA ASP A 75 -13.78 -2.18 -4.29
C ASP A 75 -12.99 -2.24 -5.59
N GLU A 76 -12.50 -1.13 -6.04
CA GLU A 76 -11.70 -1.10 -7.30
C GLU A 76 -10.59 -2.15 -7.26
N GLY A 77 -9.81 -2.16 -6.22
CA GLY A 77 -8.71 -3.16 -6.12
C GLY A 77 -7.36 -2.45 -5.95
N ARG A 78 -7.29 -1.21 -6.33
CA ARG A 78 -6.01 -0.47 -6.19
C ARG A 78 -6.28 0.98 -5.76
N ASN A 79 -5.24 1.74 -5.55
CA ASN A 79 -5.42 3.16 -5.12
C ASN A 79 -4.37 4.04 -5.80
N ASN A 80 -4.01 5.14 -5.19
CA ASN A 80 -2.98 6.03 -5.80
C ASN A 80 -2.65 7.18 -4.86
N PHE A 81 -1.84 6.93 -3.86
CA PHE A 81 -1.48 8.02 -2.91
C PHE A 81 -0.69 9.10 -3.65
N GLU A 82 -1.21 10.30 -3.70
CA GLU A 82 -0.50 11.39 -4.41
C GLU A 82 -0.25 12.57 -3.47
N GLY A 83 -0.12 12.31 -2.20
CA GLY A 83 0.13 13.41 -1.23
C GLY A 83 1.55 13.30 -0.68
N GLU A 84 1.70 13.20 0.61
CA GLU A 84 3.07 13.08 1.20
C GLU A 84 3.18 11.75 1.96
N VAL A 85 3.79 10.77 1.36
CA VAL A 85 3.93 9.46 2.05
C VAL A 85 4.53 9.63 3.45
N THR A 86 3.70 9.74 4.44
CA THR A 86 4.21 9.91 5.84
C THR A 86 3.44 9.01 6.79
N LYS A 87 3.98 8.75 7.95
CA LYS A 87 3.29 7.87 8.93
C LYS A 87 1.84 8.33 9.15
N GLU A 88 1.64 9.59 9.40
CA GLU A 88 0.26 10.10 9.63
C GLU A 88 -0.59 9.91 8.37
N ASN A 89 -0.04 10.16 7.22
CA ASN A 89 -0.82 9.98 5.96
C ASN A 89 -1.00 8.49 5.66
N LEU A 90 0.01 7.70 5.88
CA LEU A 90 -0.11 6.24 5.61
C LEU A 90 -1.20 5.63 6.50
N LEU A 91 -1.19 5.96 7.77
CA LEU A 91 -2.22 5.39 8.67
C LEU A 91 -3.62 5.79 8.19
N ASP A 92 -3.72 6.89 7.48
CA ASP A 92 -5.05 7.33 6.98
C ASP A 92 -5.36 6.62 5.66
N PHE A 93 -4.41 6.58 4.76
CA PHE A 93 -4.65 5.91 3.45
C PHE A 93 -5.26 4.52 3.67
N ILE A 94 -4.65 3.71 4.50
CA ILE A 94 -5.21 2.36 4.77
C ILE A 94 -6.69 2.46 5.13
N LYS A 95 -6.99 2.99 6.28
CA LYS A 95 -8.42 3.13 6.72
C LYS A 95 -9.28 3.71 5.59
N HIS A 96 -8.72 4.58 4.79
CA HIS A 96 -9.51 5.18 3.68
C HIS A 96 -9.76 4.15 2.57
N ASN A 97 -8.89 3.19 2.43
CA ASN A 97 -9.07 2.16 1.36
C ASN A 97 -9.71 0.90 1.93
N GLN A 98 -9.17 0.35 2.99
CA GLN A 98 -9.75 -0.88 3.58
C GLN A 98 -11.25 -0.71 3.83
N LEU A 99 -11.69 0.51 3.99
CA LEU A 99 -13.14 0.75 4.26
C LEU A 99 -13.68 1.82 3.30
N PRO A 100 -14.38 1.39 2.27
CA PRO A 100 -14.94 2.34 1.28
C PRO A 100 -16.12 3.11 1.91
N LEU A 101 -16.15 4.40 1.70
CA LEU A 101 -17.25 5.22 2.27
C LEU A 101 -18.13 5.79 1.16
N VAL A 102 -18.53 4.98 0.22
CA VAL A 102 -19.38 5.48 -0.90
C VAL A 102 -20.71 4.71 -0.92
N ILE A 103 -21.19 4.29 0.21
CA ILE A 103 -22.47 3.54 0.26
C ILE A 103 -22.91 3.35 1.72
N GLU A 104 -24.10 3.78 2.05
CA GLU A 104 -24.57 3.61 3.45
C GLU A 104 -25.94 2.92 3.47
N PHE A 105 -26.02 1.75 4.04
CA PHE A 105 -27.32 1.03 4.09
C PHE A 105 -27.44 0.25 5.40
N THR A 106 -26.95 0.79 6.49
CA THR A 106 -27.04 0.07 7.78
C THR A 106 -27.80 0.94 8.80
N GLU A 107 -28.80 1.64 8.38
CA GLU A 107 -29.58 2.50 9.31
C GLU A 107 -30.79 1.74 9.85
N GLN A 108 -30.93 1.67 11.15
CA GLN A 108 -32.09 0.94 11.74
C GLN A 108 -32.19 -0.48 11.16
N THR A 109 -31.08 -1.17 11.10
CA THR A 109 -31.12 -2.56 10.54
C THR A 109 -29.93 -3.36 11.07
N ALA A 110 -29.91 -4.65 10.83
CA ALA A 110 -28.78 -5.49 11.32
C ALA A 110 -27.71 -5.62 10.23
N ALA A 1 6.07 -5.95 10.88
CA ALA A 1 6.99 -5.22 9.98
C ALA A 1 6.59 -5.43 8.51
N ALA A 2 7.28 -4.82 7.60
CA ALA A 2 6.93 -4.99 6.16
C ALA A 2 7.74 -6.13 5.54
N THR A 3 7.57 -6.38 4.27
CA THR A 3 8.32 -7.49 3.62
C THR A 3 9.21 -6.93 2.50
N THR A 4 10.19 -7.67 2.08
CA THR A 4 11.08 -7.19 0.99
C THR A 4 10.66 -7.84 -0.33
N LEU A 5 10.12 -7.06 -1.23
CA LEU A 5 9.68 -7.64 -2.55
C LEU A 5 10.84 -7.60 -3.55
N PRO A 6 11.32 -8.77 -3.92
CA PRO A 6 12.45 -8.84 -4.88
C PRO A 6 11.98 -8.45 -6.28
N ASP A 7 10.71 -8.58 -6.55
CA ASP A 7 10.19 -8.21 -7.91
C ASP A 7 8.66 -8.31 -7.94
N GLY A 8 8.10 -8.20 -9.10
CA GLY A 8 6.63 -8.28 -9.23
C GLY A 8 6.14 -9.63 -8.70
N ALA A 9 6.98 -10.63 -8.70
CA ALA A 9 6.57 -11.97 -8.18
C ALA A 9 6.01 -11.84 -6.77
N ALA A 10 6.54 -10.93 -5.98
CA ALA A 10 6.02 -10.77 -4.60
C ALA A 10 4.88 -9.74 -4.57
N ALA A 11 4.98 -8.72 -5.38
CA ALA A 11 3.90 -7.68 -5.40
C ALA A 11 2.57 -8.31 -5.82
N GLU A 12 2.62 -9.46 -6.45
CA GLU A 12 1.34 -10.11 -6.87
C GLU A 12 0.82 -11.02 -5.76
N SER A 13 1.59 -12.00 -5.36
CA SER A 13 1.13 -12.91 -4.27
C SER A 13 0.75 -12.12 -3.03
N LEU A 14 1.26 -10.92 -2.90
CA LEU A 14 0.92 -10.08 -1.71
C LEU A 14 -0.54 -9.64 -1.77
N VAL A 15 -0.96 -9.12 -2.90
CA VAL A 15 -2.37 -8.67 -3.03
C VAL A 15 -3.33 -9.87 -2.93
N GLU A 16 -2.95 -10.99 -3.49
CA GLU A 16 -3.85 -12.18 -3.43
C GLU A 16 -3.66 -12.93 -2.10
N SER A 17 -2.88 -12.40 -1.20
CA SER A 17 -2.67 -13.10 0.11
C SER A 17 -3.71 -12.64 1.13
N SER A 18 -4.21 -11.44 1.00
CA SER A 18 -5.23 -10.95 1.96
C SER A 18 -6.18 -9.96 1.27
N GLU A 19 -7.30 -9.67 1.90
CA GLU A 19 -8.25 -8.70 1.29
C GLU A 19 -7.61 -7.32 1.22
N VAL A 20 -6.58 -7.08 1.99
CA VAL A 20 -5.92 -5.74 1.96
C VAL A 20 -4.40 -5.90 1.96
N ALA A 21 -3.69 -5.00 1.35
CA ALA A 21 -2.21 -5.09 1.33
C ALA A 21 -1.63 -3.84 0.66
N VAL A 22 -0.52 -3.35 1.14
CA VAL A 22 0.06 -2.13 0.50
C VAL A 22 1.49 -2.38 0.05
N ILE A 23 1.94 -1.59 -0.87
CA ILE A 23 3.34 -1.74 -1.39
C ILE A 23 3.88 -0.37 -1.79
N GLY A 24 4.74 0.21 -1.00
CA GLY A 24 5.31 1.55 -1.35
C GLY A 24 6.34 1.39 -2.46
N PHE A 25 6.20 2.15 -3.52
CA PHE A 25 7.18 2.05 -4.63
C PHE A 25 8.21 3.17 -4.51
N PHE A 26 9.23 2.98 -3.73
CA PHE A 26 10.25 4.05 -3.57
C PHE A 26 11.54 3.72 -4.32
N LYS A 27 12.14 4.71 -4.92
CA LYS A 27 13.42 4.47 -5.65
C LYS A 27 14.60 4.52 -4.69
N ASP A 28 14.49 5.28 -3.64
CA ASP A 28 15.60 5.37 -2.65
C ASP A 28 15.10 4.92 -1.26
N VAL A 29 15.16 3.65 -0.99
CA VAL A 29 14.69 3.14 0.33
C VAL A 29 15.49 3.78 1.47
N GLU A 30 16.67 4.27 1.19
CA GLU A 30 17.50 4.89 2.24
C GLU A 30 17.07 6.35 2.50
N SER A 31 16.08 6.83 1.81
CA SER A 31 15.63 8.23 2.02
C SER A 31 14.72 8.32 3.25
N ASP A 32 14.07 9.43 3.42
CA ASP A 32 13.16 9.59 4.59
C ASP A 32 11.74 9.13 4.22
N SER A 33 11.45 9.04 2.96
CA SER A 33 10.08 8.59 2.55
C SER A 33 9.90 7.10 2.83
N ALA A 34 10.95 6.33 2.73
CA ALA A 34 10.84 4.87 3.00
C ALA A 34 10.90 4.61 4.51
N LYS A 35 11.71 5.34 5.22
CA LYS A 35 11.80 5.14 6.69
C LYS A 35 10.42 5.27 7.33
N GLN A 36 9.64 6.21 6.88
CA GLN A 36 8.28 6.39 7.46
C GLN A 36 7.42 5.17 7.18
N PHE A 37 7.49 4.63 5.99
CA PHE A 37 6.69 3.44 5.64
C PHE A 37 6.90 2.34 6.70
N LEU A 38 8.13 1.95 6.92
CA LEU A 38 8.40 0.89 7.92
C LEU A 38 7.79 1.26 9.28
N GLN A 39 8.13 2.42 9.79
CA GLN A 39 7.56 2.85 11.10
C GLN A 39 6.03 2.72 11.08
N ALA A 40 5.39 3.24 10.08
CA ALA A 40 3.91 3.13 10.01
C ALA A 40 3.50 1.67 9.89
N ALA A 41 4.26 0.88 9.18
CA ALA A 41 3.91 -0.56 9.03
C ALA A 41 4.11 -1.28 10.36
N GLU A 42 5.02 -0.81 11.17
CA GLU A 42 5.26 -1.46 12.49
C GLU A 42 4.05 -1.26 13.40
N ALA A 43 3.47 -0.09 13.37
CA ALA A 43 2.28 0.16 14.24
C ALA A 43 1.22 -0.90 14.01
N ILE A 44 0.87 -1.15 12.77
CA ILE A 44 -0.15 -2.18 12.47
C ILE A 44 0.53 -3.50 12.10
N ASP A 45 -0.19 -4.59 12.12
CA ASP A 45 0.44 -5.90 11.78
C ASP A 45 -0.50 -6.72 10.87
N ASP A 46 -1.77 -6.70 11.14
CA ASP A 46 -2.72 -7.48 10.30
C ASP A 46 -2.58 -7.08 8.82
N ILE A 47 -2.11 -5.90 8.55
CA ILE A 47 -1.96 -5.47 7.13
C ILE A 47 -0.55 -5.78 6.63
N PRO A 48 -0.47 -6.43 5.49
CA PRO A 48 0.85 -6.78 4.91
C PRO A 48 1.47 -5.56 4.22
N PHE A 49 2.60 -5.11 4.69
CA PHE A 49 3.26 -3.94 4.06
C PHE A 49 4.49 -4.39 3.28
N GLY A 50 4.57 -4.09 2.01
CA GLY A 50 5.76 -4.52 1.22
C GLY A 50 6.47 -3.30 0.64
N ILE A 51 7.73 -3.41 0.37
CA ILE A 51 8.47 -2.24 -0.20
C ILE A 51 9.62 -2.70 -1.09
N THR A 52 9.84 -2.02 -2.18
CA THR A 52 10.96 -2.40 -3.09
C THR A 52 11.43 -1.21 -3.91
N SER A 53 12.64 -1.27 -4.37
CA SER A 53 13.18 -0.16 -5.20
C SER A 53 13.56 -0.69 -6.57
N ASN A 54 13.36 -1.95 -6.82
CA ASN A 54 13.72 -2.51 -8.16
C ASN A 54 12.80 -1.93 -9.23
N SER A 55 13.28 -1.83 -10.44
CA SER A 55 12.44 -1.26 -11.54
C SER A 55 11.43 -2.29 -12.05
N ASP A 56 11.67 -3.54 -11.78
CA ASP A 56 10.72 -4.59 -12.26
C ASP A 56 9.33 -4.35 -11.67
N VAL A 57 9.25 -3.95 -10.43
CA VAL A 57 7.92 -3.70 -9.81
C VAL A 57 7.39 -2.34 -10.24
N PHE A 58 8.28 -1.44 -10.62
CA PHE A 58 7.84 -0.09 -11.05
C PHE A 58 7.25 -0.16 -12.45
N SER A 59 7.96 -0.77 -13.37
CA SER A 59 7.45 -0.87 -14.76
C SER A 59 6.23 -1.81 -14.82
N LYS A 60 6.06 -2.63 -13.83
CA LYS A 60 4.89 -3.56 -13.84
C LYS A 60 3.58 -2.77 -13.81
N TYR A 61 3.40 -1.92 -12.83
CA TYR A 61 2.16 -1.11 -12.75
C TYR A 61 2.34 0.23 -13.45
N GLN A 62 3.24 0.30 -14.39
CA GLN A 62 3.48 1.58 -15.11
C GLN A 62 3.84 2.70 -14.13
N LEU A 63 4.97 2.58 -13.49
CA LEU A 63 5.40 3.64 -12.53
C LEU A 63 6.79 4.17 -12.90
N ASP A 64 6.85 5.34 -13.49
CA ASP A 64 8.17 5.91 -13.87
C ASP A 64 8.73 6.73 -12.72
N LYS A 65 8.19 6.58 -11.54
CA LYS A 65 8.70 7.35 -10.36
C LYS A 65 8.20 6.68 -9.07
N ASP A 66 8.29 7.36 -7.96
CA ASP A 66 7.81 6.74 -6.69
C ASP A 66 6.30 6.91 -6.57
N GLY A 67 5.66 6.09 -5.77
CA GLY A 67 4.18 6.21 -5.61
C GLY A 67 3.68 5.13 -4.66
N VAL A 68 3.05 5.51 -3.59
CA VAL A 68 2.52 4.50 -2.63
C VAL A 68 1.07 4.15 -2.97
N VAL A 69 0.80 2.90 -3.23
CA VAL A 69 -0.60 2.50 -3.57
C VAL A 69 -1.02 1.32 -2.69
N LEU A 70 -2.28 1.20 -2.38
CA LEU A 70 -2.74 0.05 -1.56
C LEU A 70 -3.44 -0.95 -2.46
N PHE A 71 -3.10 -2.20 -2.37
CA PHE A 71 -3.73 -3.21 -3.25
C PHE A 71 -4.79 -4.01 -2.50
N LYS A 72 -6.00 -3.98 -2.98
CA LYS A 72 -7.09 -4.73 -2.30
C LYS A 72 -7.88 -5.56 -3.32
N LYS A 73 -8.71 -6.46 -2.86
CA LYS A 73 -9.50 -7.29 -3.79
C LYS A 73 -10.84 -6.62 -4.11
N PHE A 74 -11.29 -5.77 -3.23
CA PHE A 74 -12.60 -5.08 -3.48
C PHE A 74 -12.38 -3.75 -4.21
N ASP A 75 -13.43 -3.00 -4.41
CA ASP A 75 -13.31 -1.69 -5.12
C ASP A 75 -12.47 -1.84 -6.38
N GLU A 76 -11.94 -0.75 -6.86
CA GLU A 76 -11.12 -0.81 -8.10
C GLU A 76 -9.92 -1.73 -7.90
N GLY A 77 -9.25 -1.63 -6.78
CA GLY A 77 -8.08 -2.51 -6.53
C GLY A 77 -6.88 -1.65 -6.09
N ARG A 78 -6.79 -0.45 -6.58
CA ARG A 78 -5.63 0.42 -6.20
C ARG A 78 -6.14 1.78 -5.67
N ASN A 79 -5.25 2.57 -5.14
CA ASN A 79 -5.68 3.89 -4.59
C ASN A 79 -4.77 5.02 -5.10
N ASN A 80 -3.49 4.75 -5.26
CA ASN A 80 -2.55 5.80 -5.74
C ASN A 80 -2.46 6.93 -4.69
N PHE A 81 -1.61 6.76 -3.72
CA PHE A 81 -1.46 7.82 -2.67
C PHE A 81 -0.97 9.13 -3.29
N GLU A 82 -1.75 10.17 -3.19
CA GLU A 82 -1.34 11.48 -3.78
C GLU A 82 -1.10 12.51 -2.67
N GLY A 83 0.14 12.76 -2.34
CA GLY A 83 0.45 13.75 -1.27
C GLY A 83 1.82 13.47 -0.68
N GLU A 84 1.96 13.59 0.60
CA GLU A 84 3.30 13.33 1.23
C GLU A 84 3.25 12.01 2.02
N VAL A 85 3.97 11.02 1.57
CA VAL A 85 3.98 9.71 2.29
C VAL A 85 4.56 9.87 3.69
N THR A 86 3.75 9.75 4.70
CA THR A 86 4.26 9.90 6.09
C THR A 86 3.55 8.92 7.03
N LYS A 87 4.17 8.59 8.14
CA LYS A 87 3.54 7.64 9.09
C LYS A 87 2.11 8.07 9.42
N GLU A 88 1.93 9.31 9.77
CA GLU A 88 0.56 9.80 10.10
C GLU A 88 -0.36 9.65 8.89
N ASN A 89 0.16 9.83 7.70
CA ASN A 89 -0.68 9.69 6.48
C ASN A 89 -0.87 8.22 6.15
N LEU A 90 0.18 7.45 6.14
CA LEU A 90 0.05 6.00 5.83
C LEU A 90 -1.02 5.36 6.72
N LEU A 91 -1.09 5.77 7.96
CA LEU A 91 -2.11 5.18 8.87
C LEU A 91 -3.51 5.68 8.49
N ASP A 92 -3.58 6.80 7.82
CA ASP A 92 -4.90 7.34 7.40
C ASP A 92 -5.28 6.78 6.03
N PHE A 93 -4.37 6.79 5.10
CA PHE A 93 -4.68 6.25 3.74
C PHE A 93 -5.31 4.86 3.86
N ILE A 94 -4.70 3.99 4.62
CA ILE A 94 -5.25 2.62 4.82
C ILE A 94 -6.73 2.69 5.22
N LYS A 95 -6.98 3.09 6.44
CA LYS A 95 -8.39 3.19 6.92
C LYS A 95 -9.29 3.89 5.90
N HIS A 96 -8.72 4.73 5.07
CA HIS A 96 -9.54 5.44 4.06
C HIS A 96 -9.90 4.51 2.90
N ASN A 97 -9.13 3.48 2.69
CA ASN A 97 -9.44 2.54 1.57
C ASN A 97 -10.12 1.27 2.09
N GLN A 98 -9.48 0.57 2.99
CA GLN A 98 -10.10 -0.69 3.52
C GLN A 98 -11.55 -0.42 4.00
N LEU A 99 -12.22 -1.44 4.46
CA LEU A 99 -13.62 -1.24 4.94
C LEU A 99 -14.47 -0.57 3.86
N PRO A 100 -14.78 -1.31 2.83
CA PRO A 100 -15.61 -0.76 1.72
C PRO A 100 -17.06 -0.58 2.18
N LEU A 101 -17.86 0.10 1.41
CA LEU A 101 -19.29 0.30 1.80
C LEU A 101 -20.20 -0.50 0.87
N VAL A 102 -21.49 -0.25 0.94
CA VAL A 102 -22.44 -0.99 0.07
C VAL A 102 -22.93 -0.08 -1.06
N ILE A 103 -22.95 -0.58 -2.27
CA ILE A 103 -23.42 0.25 -3.42
C ILE A 103 -24.81 -0.19 -3.85
N GLU A 104 -25.83 0.20 -3.13
CA GLU A 104 -27.20 -0.19 -3.50
C GLU A 104 -27.95 0.99 -4.14
N PHE A 105 -27.23 1.83 -4.85
CA PHE A 105 -27.90 3.00 -5.49
C PHE A 105 -27.12 3.43 -6.74
N THR A 106 -27.81 3.88 -7.75
CA THR A 106 -27.12 4.31 -9.00
C THR A 106 -27.68 5.64 -9.49
N GLU A 107 -26.87 6.64 -9.64
CA GLU A 107 -27.37 7.95 -10.11
C GLU A 107 -27.33 8.03 -11.64
N GLN A 108 -27.73 9.13 -12.21
CA GLN A 108 -27.70 9.26 -13.69
C GLN A 108 -26.47 10.05 -14.14
N THR A 109 -26.19 11.14 -13.48
CA THR A 109 -25.00 11.96 -13.87
C THR A 109 -24.13 12.23 -12.64
N ALA A 110 -23.07 11.49 -12.48
CA ALA A 110 -22.18 11.71 -11.30
C ALA A 110 -22.99 11.67 -10.01
N ALA A 1 7.67 -5.85 10.39
CA ALA A 1 8.10 -4.88 9.33
C ALA A 1 7.55 -5.32 7.97
N ALA A 2 7.54 -4.43 7.01
CA ALA A 2 7.01 -4.80 5.66
C ALA A 2 7.81 -5.96 5.08
N THR A 3 7.50 -6.38 3.88
CA THR A 3 8.25 -7.51 3.27
C THR A 3 9.15 -7.00 2.14
N THR A 4 10.05 -7.81 1.67
CA THR A 4 10.96 -7.37 0.57
C THR A 4 10.62 -8.13 -0.73
N LEU A 5 10.05 -7.44 -1.68
CA LEU A 5 9.70 -8.13 -2.96
C LEU A 5 10.89 -8.10 -3.92
N PRO A 6 11.27 -9.25 -4.41
CA PRO A 6 12.42 -9.33 -5.35
C PRO A 6 12.04 -8.74 -6.71
N ASP A 7 10.76 -8.70 -7.02
CA ASP A 7 10.33 -8.14 -8.34
C ASP A 7 8.81 -8.06 -8.42
N GLY A 8 8.31 -7.77 -9.58
CA GLY A 8 6.84 -7.66 -9.77
C GLY A 8 6.20 -9.01 -9.48
N ALA A 9 6.86 -10.09 -9.83
CA ALA A 9 6.28 -11.44 -9.59
C ALA A 9 5.83 -11.58 -8.12
N ALA A 10 6.42 -10.82 -7.24
CA ALA A 10 6.03 -10.90 -5.81
C ALA A 10 4.89 -9.91 -5.51
N ALA A 11 4.81 -8.84 -6.26
CA ALA A 11 3.73 -7.84 -6.03
C ALA A 11 2.36 -8.46 -6.34
N GLU A 12 2.33 -9.54 -7.08
CA GLU A 12 1.04 -10.18 -7.42
C GLU A 12 0.69 -11.22 -6.34
N SER A 13 1.64 -12.07 -6.00
CA SER A 13 1.36 -13.10 -4.96
C SER A 13 1.07 -12.43 -3.61
N LEU A 14 1.47 -11.20 -3.45
CA LEU A 14 1.21 -10.50 -2.16
C LEU A 14 -0.27 -10.12 -2.04
N VAL A 15 -0.77 -9.35 -2.97
CA VAL A 15 -2.20 -8.94 -2.91
C VAL A 15 -3.10 -10.16 -2.72
N GLU A 16 -2.65 -11.32 -3.12
CA GLU A 16 -3.47 -12.54 -2.95
C GLU A 16 -3.18 -13.19 -1.58
N SER A 17 -2.06 -12.87 -1.00
CA SER A 17 -1.73 -13.48 0.33
C SER A 17 -2.85 -13.23 1.33
N SER A 18 -3.29 -12.01 1.46
CA SER A 18 -4.39 -11.71 2.43
C SER A 18 -5.48 -10.87 1.75
N GLU A 19 -6.44 -10.43 2.51
CA GLU A 19 -7.54 -9.60 1.92
C GLU A 19 -7.04 -8.18 1.68
N VAL A 20 -6.35 -7.60 2.63
CA VAL A 20 -5.84 -6.22 2.45
C VAL A 20 -4.31 -6.22 2.45
N ALA A 21 -3.71 -5.61 1.48
CA ALA A 21 -2.21 -5.58 1.42
C ALA A 21 -1.74 -4.33 0.68
N VAL A 22 -0.60 -3.80 1.05
CA VAL A 22 -0.10 -2.58 0.37
C VAL A 22 1.36 -2.76 -0.04
N ILE A 23 1.76 -2.13 -1.11
CA ILE A 23 3.17 -2.25 -1.58
C ILE A 23 3.74 -0.87 -1.91
N GLY A 24 4.82 -0.49 -1.30
CA GLY A 24 5.42 0.85 -1.58
C GLY A 24 6.42 0.74 -2.74
N PHE A 25 6.32 1.61 -3.71
CA PHE A 25 7.27 1.56 -4.86
C PHE A 25 8.31 2.67 -4.71
N PHE A 26 9.19 2.56 -3.75
CA PHE A 26 10.22 3.61 -3.56
C PHE A 26 11.51 3.25 -4.28
N LYS A 27 12.13 4.21 -4.91
CA LYS A 27 13.41 3.92 -5.62
C LYS A 27 14.56 3.78 -4.61
N ASP A 28 14.46 4.44 -3.50
CA ASP A 28 15.54 4.34 -2.47
C ASP A 28 14.93 3.94 -1.13
N VAL A 29 14.82 2.66 -0.87
CA VAL A 29 14.25 2.21 0.42
C VAL A 29 15.01 2.82 1.60
N GLU A 30 16.22 3.25 1.37
CA GLU A 30 17.02 3.85 2.48
C GLU A 30 16.82 5.36 2.53
N SER A 31 15.77 5.86 1.92
CA SER A 31 15.53 7.33 1.93
C SER A 31 14.73 7.72 3.17
N ASP A 32 14.17 8.90 3.18
CA ASP A 32 13.38 9.34 4.37
C ASP A 32 11.91 8.94 4.20
N SER A 33 11.42 8.96 2.99
CA SER A 33 9.99 8.58 2.75
C SER A 33 9.77 7.12 3.13
N ALA A 34 10.76 6.28 2.96
CA ALA A 34 10.60 4.84 3.31
C ALA A 34 10.65 4.68 4.83
N LYS A 35 11.34 5.55 5.51
CA LYS A 35 11.42 5.44 7.00
C LYS A 35 10.02 5.50 7.61
N GLN A 36 9.25 6.50 7.26
CA GLN A 36 7.89 6.63 7.81
C GLN A 36 7.05 5.40 7.41
N PHE A 37 7.20 4.94 6.19
CA PHE A 37 6.42 3.76 5.73
C PHE A 37 6.49 2.63 6.77
N LEU A 38 7.68 2.23 7.14
CA LEU A 38 7.83 1.15 8.14
C LEU A 38 7.07 1.50 9.43
N GLN A 39 7.34 2.65 9.98
CA GLN A 39 6.64 3.06 11.23
C GLN A 39 5.12 2.88 11.08
N ALA A 40 4.55 3.38 10.02
CA ALA A 40 3.08 3.23 9.83
C ALA A 40 2.73 1.75 9.66
N ALA A 41 3.66 0.96 9.21
CA ALA A 41 3.38 -0.50 9.02
C ALA A 41 3.37 -1.22 10.37
N GLU A 42 4.29 -0.89 11.23
CA GLU A 42 4.34 -1.55 12.56
C GLU A 42 3.24 -1.02 13.49
N ALA A 43 2.56 0.03 13.10
CA ALA A 43 1.48 0.58 13.98
C ALA A 43 0.13 0.49 13.26
N ILE A 44 -0.04 -0.45 12.38
CA ILE A 44 -1.35 -0.57 11.67
C ILE A 44 -2.06 -1.88 12.08
N ASP A 45 -3.25 -2.10 11.58
CA ASP A 45 -3.99 -3.34 11.94
C ASP A 45 -3.32 -4.57 11.33
N ASP A 46 -2.11 -4.83 11.74
CA ASP A 46 -1.34 -6.01 11.21
C ASP A 46 -1.55 -6.19 9.69
N ILE A 47 -1.36 -5.14 8.95
CA ILE A 47 -1.52 -5.23 7.46
C ILE A 47 -0.18 -5.64 6.84
N PRO A 48 -0.24 -6.35 5.73
CA PRO A 48 0.99 -6.81 5.06
C PRO A 48 1.59 -5.69 4.21
N PHE A 49 2.59 -5.02 4.73
CA PHE A 49 3.23 -3.91 3.96
C PHE A 49 4.41 -4.46 3.15
N GLY A 50 4.48 -4.13 1.90
CA GLY A 50 5.63 -4.62 1.07
C GLY A 50 6.37 -3.42 0.49
N ILE A 51 7.66 -3.50 0.37
CA ILE A 51 8.44 -2.36 -0.18
C ILE A 51 9.56 -2.85 -1.09
N THR A 52 9.72 -2.22 -2.22
CA THR A 52 10.81 -2.62 -3.16
C THR A 52 11.26 -1.44 -4.00
N SER A 53 12.46 -1.52 -4.47
CA SER A 53 13.00 -0.42 -5.32
C SER A 53 13.49 -1.02 -6.64
N ASN A 54 13.29 -2.29 -6.84
CA ASN A 54 13.76 -2.92 -8.12
C ASN A 54 12.99 -2.36 -9.31
N SER A 55 13.68 -1.98 -10.36
CA SER A 55 12.99 -1.42 -11.55
C SER A 55 11.92 -2.39 -12.04
N ASP A 56 12.12 -3.67 -11.82
CA ASP A 56 11.10 -4.66 -12.27
C ASP A 56 9.73 -4.29 -11.69
N VAL A 57 9.70 -3.78 -10.50
CA VAL A 57 8.39 -3.39 -9.89
C VAL A 57 7.92 -2.05 -10.47
N PHE A 58 8.85 -1.24 -10.92
CA PHE A 58 8.45 0.07 -11.52
C PHE A 58 7.96 -0.13 -12.95
N SER A 59 8.71 -0.83 -13.75
CA SER A 59 8.26 -1.07 -15.15
C SER A 59 6.93 -1.82 -15.17
N LYS A 60 6.58 -2.47 -14.09
CA LYS A 60 5.30 -3.21 -14.04
C LYS A 60 4.14 -2.23 -13.91
N TYR A 61 4.22 -1.34 -12.96
CA TYR A 61 3.13 -0.34 -12.79
C TYR A 61 3.44 0.94 -13.57
N GLN A 62 4.61 1.03 -14.15
CA GLN A 62 4.98 2.23 -14.94
C GLN A 62 4.89 3.50 -14.08
N LEU A 63 5.69 3.59 -13.05
CA LEU A 63 5.65 4.82 -12.19
C LEU A 63 6.83 5.72 -12.53
N ASP A 64 6.58 6.92 -12.96
CA ASP A 64 7.69 7.85 -13.30
C ASP A 64 8.50 8.19 -12.03
N LYS A 65 7.99 7.86 -10.87
CA LYS A 65 8.73 8.17 -9.61
C LYS A 65 8.27 7.21 -8.51
N ASP A 66 8.59 7.51 -7.28
CA ASP A 66 8.15 6.61 -6.17
C ASP A 66 6.63 6.57 -6.12
N GLY A 67 6.06 5.61 -5.44
CA GLY A 67 4.58 5.54 -5.36
C GLY A 67 4.14 4.67 -4.18
N VAL A 68 3.00 4.95 -3.62
CA VAL A 68 2.51 4.14 -2.47
C VAL A 68 1.04 3.76 -2.70
N VAL A 69 0.81 2.70 -3.42
CA VAL A 69 -0.59 2.28 -3.70
C VAL A 69 -1.00 1.13 -2.77
N LEU A 70 -2.27 0.92 -2.60
CA LEU A 70 -2.73 -0.20 -1.72
C LEU A 70 -3.51 -1.22 -2.55
N PHE A 71 -3.57 -2.45 -2.12
CA PHE A 71 -4.28 -3.47 -2.91
C PHE A 71 -5.35 -4.17 -2.05
N LYS A 72 -6.56 -4.20 -2.51
CA LYS A 72 -7.64 -4.87 -1.73
C LYS A 72 -8.58 -5.64 -2.66
N LYS A 73 -9.41 -6.48 -2.11
CA LYS A 73 -10.34 -7.27 -2.96
C LYS A 73 -11.67 -6.51 -3.12
N PHE A 74 -11.97 -5.62 -2.21
CA PHE A 74 -13.26 -4.86 -2.30
C PHE A 74 -13.06 -3.56 -3.08
N ASP A 75 -14.10 -2.76 -3.17
CA ASP A 75 -14.00 -1.46 -3.91
C ASP A 75 -13.34 -1.66 -5.27
N GLU A 76 -12.75 -0.63 -5.78
CA GLU A 76 -12.08 -0.73 -7.12
C GLU A 76 -11.02 -1.84 -7.10
N GLY A 77 -10.11 -1.78 -6.18
CA GLY A 77 -9.04 -2.84 -6.12
C GLY A 77 -7.67 -2.17 -5.96
N ARG A 78 -7.54 -0.94 -6.37
CA ARG A 78 -6.22 -0.25 -6.24
C ARG A 78 -6.42 1.20 -5.81
N ASN A 79 -5.34 1.91 -5.58
CA ASN A 79 -5.46 3.33 -5.15
C ASN A 79 -4.31 4.15 -5.74
N ASN A 80 -3.96 5.24 -5.11
CA ASN A 80 -2.85 6.08 -5.63
C ASN A 80 -2.49 7.16 -4.62
N PHE A 81 -1.71 6.82 -3.63
CA PHE A 81 -1.31 7.83 -2.60
C PHE A 81 -0.48 8.94 -3.24
N GLU A 82 -0.87 10.17 -3.05
CA GLU A 82 -0.08 11.29 -3.64
C GLU A 82 -0.03 12.46 -2.65
N GLY A 83 1.14 12.90 -2.32
CA GLY A 83 1.28 14.03 -1.37
C GLY A 83 2.48 13.78 -0.44
N GLU A 84 2.59 14.54 0.61
CA GLU A 84 3.73 14.35 1.55
C GLU A 84 3.66 12.96 2.19
N VAL A 85 4.56 12.09 1.82
CA VAL A 85 4.54 10.71 2.41
C VAL A 85 4.86 10.78 3.91
N THR A 86 3.91 10.47 4.74
CA THR A 86 4.16 10.51 6.20
C THR A 86 3.28 9.48 6.93
N LYS A 87 3.72 9.00 8.05
CA LYS A 87 2.91 7.99 8.81
C LYS A 87 1.47 8.48 8.97
N GLU A 88 1.29 9.68 9.47
CA GLU A 88 -0.09 10.21 9.66
C GLU A 88 -0.86 10.16 8.33
N ASN A 89 -0.18 10.31 7.24
CA ASN A 89 -0.86 10.26 5.91
C ASN A 89 -1.01 8.81 5.45
N LEU A 90 0.01 8.01 5.64
CA LEU A 90 -0.07 6.59 5.23
C LEU A 90 -1.11 5.85 6.06
N LEU A 91 -1.15 6.11 7.34
CA LEU A 91 -2.15 5.42 8.20
C LEU A 91 -3.56 5.93 7.88
N ASP A 92 -3.66 7.09 7.30
CA ASP A 92 -5.01 7.63 6.95
C ASP A 92 -5.48 7.06 5.61
N PHE A 93 -4.71 7.25 4.58
CA PHE A 93 -5.10 6.71 3.23
C PHE A 93 -5.46 5.23 3.35
N ILE A 94 -4.59 4.44 3.90
CA ILE A 94 -4.87 2.99 4.04
C ILE A 94 -6.22 2.79 4.74
N LYS A 95 -6.39 3.30 5.93
CA LYS A 95 -7.67 3.14 6.66
C LYS A 95 -8.84 3.52 5.74
N HIS A 96 -8.67 4.54 4.95
CA HIS A 96 -9.76 4.96 4.02
C HIS A 96 -10.04 3.84 3.01
N ASN A 97 -9.09 2.98 2.79
CA ASN A 97 -9.29 1.87 1.83
C ASN A 97 -9.71 0.60 2.56
N GLN A 98 -9.09 0.30 3.67
CA GLN A 98 -9.47 -0.93 4.42
C GLN A 98 -10.66 -0.65 5.34
N LEU A 99 -11.06 -1.62 6.12
CA LEU A 99 -12.21 -1.41 7.04
C LEU A 99 -13.42 -0.86 6.27
N PRO A 100 -13.99 -1.69 5.44
CA PRO A 100 -15.16 -1.27 4.63
C PRO A 100 -16.41 -1.18 5.52
N LEU A 101 -17.34 -0.35 5.17
CA LEU A 101 -18.58 -0.21 5.99
C LEU A 101 -19.78 -0.75 5.22
N VAL A 102 -20.90 -0.87 5.88
CA VAL A 102 -22.12 -1.39 5.20
C VAL A 102 -23.08 -0.25 4.88
N ILE A 103 -22.57 0.89 4.48
CA ILE A 103 -23.46 2.03 4.15
C ILE A 103 -24.39 2.33 5.32
N GLU A 104 -24.06 3.30 6.14
CA GLU A 104 -24.94 3.64 7.30
C GLU A 104 -26.31 4.10 6.80
N PHE A 105 -27.32 3.98 7.61
CA PHE A 105 -28.68 4.42 7.17
C PHE A 105 -29.32 5.32 8.24
N THR A 106 -29.84 6.44 7.85
CA THR A 106 -30.49 7.36 8.84
C THR A 106 -31.70 8.04 8.20
N GLU A 107 -32.48 7.30 7.46
CA GLU A 107 -33.69 7.90 6.81
C GLU A 107 -33.29 9.11 5.97
N GLN A 108 -33.29 10.29 6.53
CA GLN A 108 -32.90 11.50 5.75
C GLN A 108 -33.01 12.76 6.62
N THR A 109 -34.20 13.08 7.06
CA THR A 109 -34.38 14.29 7.92
C THR A 109 -33.78 14.04 9.31
N ALA A 110 -32.52 14.32 9.49
CA ALA A 110 -31.88 14.11 10.82
C ALA A 110 -30.48 14.72 10.85
N ALA A 1 7.43 -5.39 10.17
CA ALA A 1 7.13 -4.07 9.52
C ALA A 1 6.60 -4.30 8.10
N ALA A 2 7.40 -4.89 7.25
CA ALA A 2 6.93 -5.14 5.85
C ALA A 2 7.71 -6.30 5.24
N THR A 3 7.23 -6.82 4.13
CA THR A 3 7.94 -7.96 3.48
C THR A 3 8.85 -7.46 2.36
N THR A 4 9.66 -8.31 1.81
CA THR A 4 10.58 -7.88 0.71
C THR A 4 10.16 -8.54 -0.61
N LEU A 5 9.67 -7.78 -1.54
CA LEU A 5 9.25 -8.36 -2.84
C LEU A 5 10.39 -8.26 -3.87
N PRO A 6 10.69 -9.37 -4.52
CA PRO A 6 11.78 -9.38 -5.53
C PRO A 6 11.38 -8.57 -6.77
N ASP A 7 10.26 -8.88 -7.36
CA ASP A 7 9.84 -8.13 -8.58
C ASP A 7 8.32 -7.98 -8.64
N GLY A 8 7.83 -7.52 -9.75
CA GLY A 8 6.37 -7.33 -9.92
C GLY A 8 5.64 -8.65 -9.69
N ALA A 9 6.19 -9.74 -10.17
CA ALA A 9 5.53 -11.06 -9.98
C ALA A 9 5.13 -11.27 -8.52
N ALA A 10 5.80 -10.62 -7.61
CA ALA A 10 5.46 -10.79 -6.17
C ALA A 10 4.42 -9.75 -5.76
N ALA A 11 4.49 -8.57 -6.31
CA ALA A 11 3.51 -7.52 -5.95
C ALA A 11 2.08 -8.02 -6.21
N GLU A 12 1.93 -8.96 -7.11
CA GLU A 12 0.57 -9.49 -7.41
C GLU A 12 0.18 -10.57 -6.41
N SER A 13 1.00 -11.58 -6.26
CA SER A 13 0.69 -12.68 -5.30
C SER A 13 0.38 -12.09 -3.91
N LEU A 14 0.91 -10.95 -3.61
CA LEU A 14 0.65 -10.32 -2.28
C LEU A 14 -0.79 -9.85 -2.18
N VAL A 15 -1.28 -9.18 -3.19
CA VAL A 15 -2.68 -8.68 -3.16
C VAL A 15 -3.66 -9.84 -2.93
N GLU A 16 -3.41 -10.97 -3.52
CA GLU A 16 -4.33 -12.12 -3.35
C GLU A 16 -3.98 -12.90 -2.08
N SER A 17 -2.80 -12.69 -1.54
CA SER A 17 -2.42 -13.44 -0.30
C SER A 17 -3.45 -13.20 0.81
N SER A 18 -3.85 -11.97 1.00
CA SER A 18 -4.85 -11.66 2.07
C SER A 18 -5.94 -10.74 1.52
N GLU A 19 -6.85 -10.31 2.37
CA GLU A 19 -7.93 -9.41 1.90
C GLU A 19 -7.39 -7.99 1.68
N VAL A 20 -6.45 -7.58 2.48
CA VAL A 20 -5.88 -6.21 2.31
C VAL A 20 -4.34 -6.28 2.28
N ALA A 21 -3.72 -5.42 1.53
CA ALA A 21 -2.22 -5.43 1.46
C ALA A 21 -1.72 -4.23 0.65
N VAL A 22 -0.73 -3.55 1.13
CA VAL A 22 -0.21 -2.37 0.39
C VAL A 22 1.27 -2.58 0.04
N ILE A 23 1.70 -2.04 -1.07
CA ILE A 23 3.13 -2.20 -1.47
C ILE A 23 3.74 -0.83 -1.74
N GLY A 24 4.68 -0.41 -0.94
CA GLY A 24 5.31 0.92 -1.16
C GLY A 24 6.37 0.81 -2.25
N PHE A 25 6.22 1.56 -3.32
CA PHE A 25 7.22 1.51 -4.42
C PHE A 25 8.30 2.56 -4.18
N PHE A 26 9.26 2.27 -3.35
CA PHE A 26 10.33 3.27 -3.08
C PHE A 26 11.59 2.96 -3.87
N LYS A 27 12.23 3.96 -4.38
CA LYS A 27 13.49 3.75 -5.16
C LYS A 27 14.69 3.83 -4.21
N ASP A 28 14.55 4.57 -3.15
CA ASP A 28 15.65 4.70 -2.16
C ASP A 28 15.07 4.52 -0.76
N VAL A 29 14.65 3.32 -0.45
CA VAL A 29 14.05 3.06 0.89
C VAL A 29 14.92 3.63 2.02
N GLU A 30 16.19 3.81 1.78
CA GLU A 30 17.08 4.36 2.84
C GLU A 30 16.92 5.89 2.95
N SER A 31 16.03 6.47 2.19
CA SER A 31 15.84 7.95 2.26
C SER A 31 14.87 8.31 3.38
N ASP A 32 14.35 9.50 3.36
CA ASP A 32 13.39 9.92 4.44
C ASP A 32 11.95 9.58 4.02
N SER A 33 11.56 9.96 2.84
CA SER A 33 10.16 9.66 2.38
C SER A 33 9.83 8.18 2.60
N ALA A 34 10.83 7.33 2.57
CA ALA A 34 10.58 5.88 2.78
C ALA A 34 10.64 5.54 4.27
N LYS A 35 11.42 6.27 5.02
CA LYS A 35 11.53 6.00 6.47
C LYS A 35 10.16 6.17 7.12
N GLN A 36 9.39 7.11 6.66
CA GLN A 36 8.03 7.31 7.25
C GLN A 36 7.24 6.02 7.06
N PHE A 37 7.24 5.50 5.86
CA PHE A 37 6.51 4.22 5.60
C PHE A 37 6.91 3.17 6.63
N LEU A 38 8.19 3.01 6.86
CA LEU A 38 8.67 2.00 7.84
C LEU A 38 7.88 2.12 9.15
N GLN A 39 7.93 3.27 9.77
CA GLN A 39 7.18 3.46 11.04
C GLN A 39 5.68 3.20 10.82
N ALA A 40 5.11 3.81 9.82
CA ALA A 40 3.66 3.59 9.55
C ALA A 40 3.37 2.09 9.42
N ALA A 41 4.21 1.37 8.72
CA ALA A 41 4.00 -0.08 8.55
C ALA A 41 4.24 -0.80 9.88
N GLU A 42 5.03 -0.22 10.74
CA GLU A 42 5.32 -0.87 12.05
C GLU A 42 4.14 -0.68 13.02
N ALA A 43 3.54 0.48 13.02
CA ALA A 43 2.39 0.72 13.93
C ALA A 43 1.30 -0.34 13.71
N ILE A 44 1.06 -0.71 12.47
CA ILE A 44 0.01 -1.74 12.21
C ILE A 44 0.62 -3.14 12.22
N ASP A 45 -0.11 -4.11 12.70
CA ASP A 45 0.44 -5.50 12.75
C ASP A 45 -0.58 -6.49 12.17
N ASP A 46 -1.53 -6.02 11.42
CA ASP A 46 -2.55 -6.93 10.84
C ASP A 46 -2.62 -6.76 9.33
N ILE A 47 -1.59 -6.24 8.73
CA ILE A 47 -1.60 -6.04 7.25
C ILE A 47 -0.25 -6.46 6.65
N PRO A 48 -0.31 -7.22 5.57
CA PRO A 48 0.94 -7.69 4.92
C PRO A 48 1.60 -6.54 4.15
N PHE A 49 2.23 -5.64 4.84
CA PHE A 49 2.90 -4.49 4.15
C PHE A 49 4.10 -4.99 3.34
N GLY A 50 4.23 -4.55 2.12
CA GLY A 50 5.38 -5.00 1.28
C GLY A 50 6.14 -3.77 0.77
N ILE A 51 7.42 -3.90 0.58
CA ILE A 51 8.23 -2.74 0.09
C ILE A 51 9.39 -3.22 -0.78
N THR A 52 9.49 -2.73 -1.98
CA THR A 52 10.61 -3.16 -2.88
C THR A 52 11.13 -1.99 -3.69
N SER A 53 12.35 -2.12 -4.14
CA SER A 53 12.96 -1.06 -4.96
C SER A 53 13.46 -1.66 -6.28
N ASN A 54 13.21 -2.93 -6.51
CA ASN A 54 13.66 -3.56 -7.76
C ASN A 54 12.97 -2.92 -8.97
N SER A 55 13.73 -2.49 -9.95
CA SER A 55 13.11 -1.85 -11.14
C SER A 55 11.98 -2.72 -11.70
N ASP A 56 12.08 -4.01 -11.58
CA ASP A 56 11.01 -4.89 -12.10
C ASP A 56 9.66 -4.48 -11.49
N VAL A 57 9.67 -3.98 -10.29
CA VAL A 57 8.40 -3.54 -9.65
C VAL A 57 7.99 -2.18 -10.19
N PHE A 58 8.95 -1.39 -10.62
CA PHE A 58 8.62 -0.05 -11.17
C PHE A 58 8.25 -0.19 -12.65
N SER A 59 8.95 -1.03 -13.36
CA SER A 59 8.63 -1.23 -14.80
C SER A 59 7.33 -2.05 -14.95
N LYS A 60 6.77 -2.50 -13.85
CA LYS A 60 5.51 -3.28 -13.93
C LYS A 60 4.32 -2.34 -13.85
N TYR A 61 4.31 -1.50 -12.84
CA TYR A 61 3.20 -0.53 -12.69
C TYR A 61 3.52 0.78 -13.42
N GLN A 62 4.62 0.83 -14.13
CA GLN A 62 4.97 2.08 -14.87
C GLN A 62 4.97 3.28 -13.92
N LEU A 63 5.79 3.25 -12.90
CA LEU A 63 5.83 4.40 -11.94
C LEU A 63 7.07 5.26 -12.22
N ASP A 64 6.88 6.39 -12.86
CA ASP A 64 8.05 7.28 -13.15
C ASP A 64 8.80 7.58 -11.86
N LYS A 65 8.14 7.53 -10.75
CA LYS A 65 8.82 7.81 -9.45
C LYS A 65 8.29 6.87 -8.36
N ASP A 66 8.71 7.04 -7.14
CA ASP A 66 8.23 6.15 -6.05
C ASP A 66 6.77 6.49 -5.71
N GLY A 67 6.10 5.63 -5.00
CA GLY A 67 4.68 5.89 -4.64
C GLY A 67 4.19 4.84 -3.66
N VAL A 68 3.13 5.13 -2.94
CA VAL A 68 2.60 4.15 -1.96
C VAL A 68 1.13 3.84 -2.26
N VAL A 69 0.87 2.78 -2.96
CA VAL A 69 -0.54 2.41 -3.29
C VAL A 69 -0.97 1.18 -2.49
N LEU A 70 -2.25 1.02 -2.26
CA LEU A 70 -2.71 -0.17 -1.48
C LEU A 70 -3.40 -1.16 -2.43
N PHE A 71 -3.50 -2.40 -2.04
CA PHE A 71 -4.14 -3.40 -2.91
C PHE A 71 -5.20 -4.20 -2.14
N LYS A 72 -6.42 -4.16 -2.59
CA LYS A 72 -7.50 -4.91 -1.88
C LYS A 72 -8.34 -5.70 -2.88
N LYS A 73 -9.11 -6.64 -2.42
CA LYS A 73 -9.95 -7.45 -3.34
C LYS A 73 -11.25 -6.72 -3.67
N PHE A 74 -11.69 -5.86 -2.80
CA PHE A 74 -12.97 -5.12 -3.07
C PHE A 74 -12.69 -3.81 -3.80
N ASP A 75 -13.72 -3.04 -4.04
CA ASP A 75 -13.54 -1.73 -4.74
C ASP A 75 -12.67 -1.89 -5.99
N GLU A 76 -12.11 -0.82 -6.45
CA GLU A 76 -11.25 -0.88 -7.67
C GLU A 76 -10.12 -1.89 -7.47
N GLY A 77 -9.69 -2.07 -6.26
CA GLY A 77 -8.59 -3.04 -5.98
C GLY A 77 -7.25 -2.30 -5.93
N ARG A 78 -7.19 -1.09 -6.42
CA ARG A 78 -5.90 -0.34 -6.39
C ARG A 78 -6.15 1.13 -6.00
N ASN A 79 -5.17 1.78 -5.44
CA ASN A 79 -5.34 3.21 -5.04
C ASN A 79 -4.25 4.06 -5.67
N ASN A 80 -3.93 5.16 -5.06
CA ASN A 80 -2.86 6.06 -5.59
C ASN A 80 -2.66 7.26 -4.66
N PHE A 81 -1.98 7.06 -3.58
CA PHE A 81 -1.74 8.19 -2.62
C PHE A 81 -1.30 9.45 -3.34
N GLU A 82 -1.75 10.60 -2.90
CA GLU A 82 -1.37 11.87 -3.55
C GLU A 82 -1.13 12.95 -2.49
N GLY A 83 0.04 13.54 -2.49
CA GLY A 83 0.34 14.59 -1.49
C GLY A 83 1.72 14.34 -0.87
N GLU A 84 1.78 14.18 0.42
CA GLU A 84 3.10 13.93 1.08
C GLU A 84 3.07 12.58 1.82
N VAL A 85 3.70 11.59 1.27
CA VAL A 85 3.71 10.25 1.93
C VAL A 85 4.32 10.37 3.33
N THR A 86 3.51 10.60 4.33
CA THR A 86 4.06 10.72 5.72
C THR A 86 3.32 9.75 6.64
N LYS A 87 3.90 9.44 7.77
CA LYS A 87 3.24 8.50 8.73
C LYS A 87 1.79 8.94 8.99
N GLU A 88 1.58 10.19 9.26
CA GLU A 88 0.19 10.68 9.53
C GLU A 88 -0.70 10.50 8.30
N ASN A 89 -0.18 10.79 7.13
CA ASN A 89 -1.00 10.64 5.90
C ASN A 89 -1.06 9.18 5.47
N LEU A 90 -0.07 8.41 5.82
CA LEU A 90 -0.05 6.96 5.43
C LEU A 90 -1.06 6.18 6.26
N LEU A 91 -0.91 6.19 7.56
CA LEU A 91 -1.85 5.42 8.43
C LEU A 91 -3.31 5.74 8.07
N ASP A 92 -3.61 6.98 7.77
CA ASP A 92 -5.01 7.34 7.41
C ASP A 92 -5.39 6.72 6.07
N PHE A 93 -4.53 6.82 5.10
CA PHE A 93 -4.86 6.24 3.77
C PHE A 93 -5.14 4.73 3.87
N ILE A 94 -4.24 3.99 4.44
CA ILE A 94 -4.47 2.51 4.57
C ILE A 94 -5.75 2.24 5.34
N LYS A 95 -5.91 2.89 6.45
CA LYS A 95 -7.14 2.68 7.28
C LYS A 95 -8.39 3.01 6.46
N HIS A 96 -8.26 3.78 5.42
CA HIS A 96 -9.45 4.13 4.58
C HIS A 96 -9.64 3.11 3.46
N ASN A 97 -8.58 2.46 3.05
CA ASN A 97 -8.69 1.47 1.96
C ASN A 97 -8.97 0.08 2.51
N GLN A 98 -8.36 -0.28 3.61
CA GLN A 98 -8.58 -1.63 4.19
C GLN A 98 -10.07 -1.84 4.51
N LEU A 99 -10.78 -0.79 4.81
CA LEU A 99 -12.23 -0.94 5.14
C LEU A 99 -13.07 0.14 4.45
N PRO A 100 -13.60 -0.19 3.29
CA PRO A 100 -14.42 0.76 2.53
C PRO A 100 -15.80 0.91 3.19
N LEU A 101 -16.08 2.06 3.75
CA LEU A 101 -17.40 2.26 4.42
C LEU A 101 -18.38 2.91 3.44
N VAL A 102 -18.60 2.31 2.30
CA VAL A 102 -19.54 2.89 1.31
C VAL A 102 -20.78 2.00 1.18
N ILE A 103 -21.14 1.31 2.24
CA ILE A 103 -22.34 0.43 2.17
C ILE A 103 -23.29 0.74 3.32
N GLU A 104 -22.75 0.94 4.48
CA GLU A 104 -23.60 1.24 5.67
C GLU A 104 -23.91 2.74 5.72
N PHE A 105 -25.15 3.10 5.93
CA PHE A 105 -25.52 4.54 5.99
C PHE A 105 -25.36 5.07 7.42
N THR A 106 -25.84 4.34 8.39
CA THR A 106 -25.73 4.80 9.80
C THR A 106 -24.25 5.02 10.16
N GLU A 107 -23.96 6.12 10.81
CA GLU A 107 -22.54 6.39 11.18
C GLU A 107 -22.39 6.43 12.71
N GLN A 108 -22.44 5.29 13.34
CA GLN A 108 -22.30 5.25 14.83
C GLN A 108 -21.99 3.83 15.30
N THR A 109 -20.85 3.32 14.95
CA THR A 109 -20.49 1.92 15.38
C THR A 109 -19.27 1.95 16.29
N ALA A 110 -19.34 1.30 17.42
CA ALA A 110 -18.18 1.29 18.35
C ALA A 110 -17.72 2.72 18.64
N ALA A 1 7.37 -5.22 10.21
CA ALA A 1 7.62 -4.25 9.10
C ALA A 1 7.06 -4.79 7.79
N ALA A 2 7.37 -4.16 6.68
CA ALA A 2 6.86 -4.64 5.38
C ALA A 2 7.73 -5.79 4.85
N THR A 3 7.23 -6.55 3.93
CA THR A 3 8.02 -7.69 3.38
C THR A 3 8.92 -7.20 2.24
N THR A 4 9.84 -8.02 1.81
CA THR A 4 10.75 -7.61 0.70
C THR A 4 10.39 -8.36 -0.59
N LEU A 5 9.76 -7.70 -1.51
CA LEU A 5 9.38 -8.38 -2.79
C LEU A 5 10.60 -8.41 -3.74
N PRO A 6 10.84 -9.57 -4.32
CA PRO A 6 11.99 -9.70 -5.26
C PRO A 6 11.72 -8.95 -6.57
N ASP A 7 10.49 -8.93 -7.01
CA ASP A 7 10.17 -8.22 -8.28
C ASP A 7 8.67 -8.05 -8.48
N GLY A 8 8.29 -7.61 -9.63
CA GLY A 8 6.86 -7.41 -9.94
C GLY A 8 6.11 -8.74 -9.76
N ALA A 9 6.76 -9.84 -10.02
CA ALA A 9 6.09 -11.16 -9.86
C ALA A 9 5.51 -11.30 -8.46
N ALA A 10 6.11 -10.66 -7.49
CA ALA A 10 5.60 -10.75 -6.10
C ALA A 10 4.46 -9.74 -5.89
N ALA A 11 4.55 -8.60 -6.50
CA ALA A 11 3.48 -7.58 -6.34
C ALA A 11 2.12 -8.20 -6.67
N GLU A 12 2.09 -9.17 -7.53
CA GLU A 12 0.80 -9.82 -7.89
C GLU A 12 0.52 -11.00 -6.96
N SER A 13 1.55 -11.64 -6.46
CA SER A 13 1.34 -12.80 -5.55
C SER A 13 1.08 -12.31 -4.12
N LEU A 14 1.70 -11.23 -3.73
CA LEU A 14 1.48 -10.71 -2.35
C LEU A 14 -0.01 -10.36 -2.17
N VAL A 15 -0.52 -9.49 -3.00
CA VAL A 15 -1.96 -9.10 -2.88
C VAL A 15 -2.83 -10.35 -2.86
N GLU A 16 -2.36 -11.44 -3.41
CA GLU A 16 -3.17 -12.69 -3.43
C GLU A 16 -3.02 -13.43 -2.09
N SER A 17 -1.97 -13.17 -1.37
CA SER A 17 -1.77 -13.86 -0.07
C SER A 17 -3.01 -13.69 0.82
N SER A 18 -3.38 -12.48 1.11
CA SER A 18 -4.58 -12.26 1.96
C SER A 18 -5.62 -11.40 1.22
N GLU A 19 -6.72 -11.10 1.86
CA GLU A 19 -7.76 -10.27 1.18
C GLU A 19 -7.27 -8.83 1.02
N VAL A 20 -6.59 -8.31 2.02
CA VAL A 20 -6.08 -6.92 1.93
C VAL A 20 -4.55 -6.90 2.00
N ALA A 21 -3.92 -6.03 1.25
CA ALA A 21 -2.43 -5.97 1.28
C ALA A 21 -1.95 -4.67 0.62
N VAL A 22 -0.85 -4.13 1.08
CA VAL A 22 -0.34 -2.87 0.49
C VAL A 22 1.11 -3.03 0.07
N ILE A 23 1.52 -2.32 -0.94
CA ILE A 23 2.94 -2.42 -1.40
C ILE A 23 3.43 -1.04 -1.86
N GLY A 24 4.46 -0.53 -1.24
CA GLY A 24 4.98 0.80 -1.66
C GLY A 24 5.96 0.63 -2.81
N PHE A 25 6.30 1.71 -3.46
CA PHE A 25 7.26 1.63 -4.59
C PHE A 25 8.36 2.68 -4.42
N PHE A 26 9.31 2.42 -3.55
CA PHE A 26 10.40 3.42 -3.34
C PHE A 26 11.68 2.97 -4.01
N LYS A 27 12.43 3.90 -4.50
CA LYS A 27 13.71 3.58 -5.17
C LYS A 27 14.84 3.60 -4.13
N ASP A 28 14.68 4.37 -3.10
CA ASP A 28 15.71 4.43 -2.03
C ASP A 28 15.04 4.28 -0.67
N VAL A 29 14.60 3.09 -0.35
CA VAL A 29 13.92 2.86 0.97
C VAL A 29 14.74 3.48 2.11
N GLU A 30 16.02 3.64 1.94
CA GLU A 30 16.86 4.24 3.02
C GLU A 30 16.80 5.76 2.97
N SER A 31 15.98 6.33 2.12
CA SER A 31 15.91 7.81 2.04
C SER A 31 15.12 8.36 3.24
N ASP A 32 14.73 9.60 3.17
CA ASP A 32 13.96 10.21 4.29
C ASP A 32 12.45 10.01 4.06
N SER A 33 12.05 9.75 2.85
CA SER A 33 10.60 9.55 2.57
C SER A 33 10.20 8.11 2.90
N ALA A 34 11.10 7.18 2.74
CA ALA A 34 10.77 5.76 3.06
C ALA A 34 10.87 5.52 4.57
N LYS A 35 11.57 6.37 5.27
CA LYS A 35 11.69 6.19 6.74
C LYS A 35 10.32 6.29 7.39
N GLN A 36 9.50 7.18 6.91
CA GLN A 36 8.13 7.32 7.49
C GLN A 36 7.31 6.06 7.18
N PHE A 37 7.44 5.55 5.99
CA PHE A 37 6.68 4.32 5.61
C PHE A 37 6.85 3.23 6.67
N LEU A 38 8.06 2.86 6.96
CA LEU A 38 8.29 1.81 7.99
C LEU A 38 7.60 2.19 9.31
N GLN A 39 7.90 3.35 9.81
CA GLN A 39 7.26 3.78 11.09
C GLN A 39 5.73 3.69 10.99
N ALA A 40 5.18 4.19 9.92
CA ALA A 40 3.69 4.13 9.76
C ALA A 40 3.22 2.68 9.65
N ALA A 41 3.89 1.89 8.85
CA ALA A 41 3.48 0.46 8.70
C ALA A 41 3.61 -0.28 10.04
N GLU A 42 4.55 0.11 10.87
CA GLU A 42 4.72 -0.57 12.18
C GLU A 42 3.47 -0.38 13.05
N ALA A 43 2.78 0.71 12.87
CA ALA A 43 1.55 0.97 13.68
C ALA A 43 0.55 -0.19 13.50
N ILE A 44 0.29 -0.57 12.29
CA ILE A 44 -0.67 -1.68 12.03
C ILE A 44 0.08 -3.02 11.99
N ASP A 45 -0.60 -4.11 12.22
CA ASP A 45 0.08 -5.43 12.19
C ASP A 45 -0.88 -6.52 11.67
N ASP A 46 -1.92 -6.13 11.00
CA ASP A 46 -2.88 -7.15 10.47
C ASP A 46 -2.90 -7.12 8.93
N ILE A 47 -1.91 -6.51 8.32
CA ILE A 47 -1.89 -6.45 6.83
C ILE A 47 -0.48 -6.79 6.32
N PRO A 48 -0.43 -7.53 5.25
CA PRO A 48 0.89 -7.92 4.67
C PRO A 48 1.54 -6.74 3.95
N PHE A 49 2.14 -5.84 4.69
CA PHE A 49 2.78 -4.66 4.05
C PHE A 49 4.02 -5.11 3.26
N GLY A 50 4.19 -4.61 2.06
CA GLY A 50 5.37 -5.02 1.25
C GLY A 50 6.08 -3.78 0.69
N ILE A 51 7.36 -3.88 0.46
CA ILE A 51 8.11 -2.72 -0.09
C ILE A 51 9.30 -3.21 -0.93
N THR A 52 9.56 -2.57 -2.03
CA THR A 52 10.70 -3.00 -2.89
C THR A 52 11.24 -1.84 -3.71
N SER A 53 12.46 -1.97 -4.13
CA SER A 53 13.09 -0.91 -4.96
C SER A 53 13.49 -1.51 -6.32
N ASN A 54 13.22 -2.77 -6.54
CA ASN A 54 13.58 -3.39 -7.85
C ASN A 54 12.87 -2.68 -9.00
N SER A 55 13.51 -2.57 -10.13
CA SER A 55 12.86 -1.88 -11.29
C SER A 55 11.72 -2.72 -11.83
N ASP A 56 11.80 -4.01 -11.74
CA ASP A 56 10.69 -4.88 -12.26
C ASP A 56 9.37 -4.45 -11.64
N VAL A 57 9.36 -4.15 -10.37
CA VAL A 57 8.10 -3.72 -9.71
C VAL A 57 7.70 -2.32 -10.22
N PHE A 58 8.68 -1.53 -10.57
CA PHE A 58 8.36 -0.15 -11.08
C PHE A 58 7.97 -0.24 -12.55
N SER A 59 8.65 -1.05 -13.32
CA SER A 59 8.31 -1.18 -14.76
C SER A 59 6.98 -1.92 -14.94
N LYS A 60 6.42 -2.43 -13.87
CA LYS A 60 5.12 -3.16 -13.99
C LYS A 60 3.97 -2.16 -13.81
N TYR A 61 4.07 -1.32 -12.83
CA TYR A 61 3.00 -0.32 -12.59
C TYR A 61 3.30 0.99 -13.34
N GLN A 62 4.38 1.05 -14.07
CA GLN A 62 4.71 2.28 -14.82
C GLN A 62 4.72 3.50 -13.89
N LEU A 63 5.65 3.54 -12.97
CA LEU A 63 5.72 4.72 -12.04
C LEU A 63 6.92 5.60 -12.39
N ASP A 64 6.67 6.80 -12.83
CA ASP A 64 7.80 7.70 -13.18
C ASP A 64 8.67 7.98 -11.95
N LYS A 65 8.15 7.73 -10.78
CA LYS A 65 8.95 7.98 -9.53
C LYS A 65 8.40 7.13 -8.38
N ASP A 66 8.80 7.42 -7.17
CA ASP A 66 8.30 6.62 -6.01
C ASP A 66 6.78 6.80 -5.88
N GLY A 67 6.13 5.92 -5.14
CA GLY A 67 4.66 6.05 -4.98
C GLY A 67 4.15 4.98 -4.01
N VAL A 68 3.06 5.25 -3.34
CA VAL A 68 2.50 4.24 -2.39
C VAL A 68 1.08 3.85 -2.83
N VAL A 69 0.79 2.59 -2.83
CA VAL A 69 -0.57 2.14 -3.26
C VAL A 69 -1.04 0.97 -2.40
N LEU A 70 -2.32 0.91 -2.12
CA LEU A 70 -2.84 -0.22 -1.31
C LEU A 70 -3.58 -1.19 -2.24
N PHE A 71 -3.55 -2.46 -1.96
CA PHE A 71 -4.24 -3.42 -2.87
C PHE A 71 -5.33 -4.17 -2.13
N LYS A 72 -6.52 -4.16 -2.66
CA LYS A 72 -7.65 -4.89 -1.99
C LYS A 72 -8.49 -5.63 -3.03
N LYS A 73 -9.23 -6.63 -2.61
CA LYS A 73 -10.06 -7.39 -3.57
C LYS A 73 -11.42 -6.68 -3.77
N PHE A 74 -11.81 -5.86 -2.84
CA PHE A 74 -13.11 -5.14 -2.99
C PHE A 74 -12.92 -3.80 -3.70
N ASP A 75 -13.99 -3.05 -3.83
CA ASP A 75 -13.90 -1.72 -4.51
C ASP A 75 -13.14 -1.84 -5.83
N GLU A 76 -12.63 -0.75 -6.31
CA GLU A 76 -11.87 -0.78 -7.60
C GLU A 76 -10.74 -1.80 -7.53
N GLY A 77 -9.89 -1.69 -6.54
CA GLY A 77 -8.76 -2.65 -6.42
C GLY A 77 -7.49 -1.89 -6.02
N ARG A 78 -7.36 -0.66 -6.45
CA ARG A 78 -6.15 0.13 -6.11
C ARG A 78 -6.55 1.50 -5.56
N ASN A 79 -5.61 2.27 -5.09
CA ASN A 79 -5.94 3.61 -4.53
C ASN A 79 -4.99 4.69 -5.06
N ASN A 80 -3.72 4.37 -5.16
CA ASN A 80 -2.71 5.37 -5.66
C ASN A 80 -2.63 6.55 -4.69
N PHE A 81 -1.69 6.51 -3.77
CA PHE A 81 -1.54 7.62 -2.79
C PHE A 81 -0.59 8.69 -3.35
N GLU A 82 -0.94 9.94 -3.19
CA GLU A 82 -0.05 11.03 -3.71
C GLU A 82 0.38 11.94 -2.56
N GLY A 83 0.56 13.21 -2.82
CA GLY A 83 0.97 14.13 -1.73
C GLY A 83 2.29 13.66 -1.10
N GLU A 84 2.32 13.53 0.19
CA GLU A 84 3.58 13.07 0.86
C GLU A 84 3.31 11.78 1.65
N VAL A 85 4.14 10.78 1.47
CA VAL A 85 3.95 9.51 2.20
C VAL A 85 4.44 9.65 3.63
N THR A 86 3.87 10.55 4.36
CA THR A 86 4.31 10.76 5.77
C THR A 86 3.42 9.96 6.72
N LYS A 87 3.91 9.63 7.88
CA LYS A 87 3.10 8.84 8.86
C LYS A 87 1.69 9.44 9.01
N GLU A 88 1.62 10.73 9.20
CA GLU A 88 0.28 11.38 9.35
C GLU A 88 -0.62 11.04 8.16
N ASN A 89 -0.08 11.04 6.97
CA ASN A 89 -0.90 10.71 5.78
C ASN A 89 -1.00 9.20 5.60
N LEU A 90 0.00 8.48 6.05
CA LEU A 90 -0.03 7.01 5.91
C LEU A 90 -1.06 6.40 6.87
N LEU A 91 -1.02 6.79 8.11
CA LEU A 91 -2.00 6.23 9.09
C LEU A 91 -3.42 6.43 8.56
N ASP A 92 -3.69 7.54 7.95
CA ASP A 92 -5.06 7.80 7.41
C ASP A 92 -5.28 6.95 6.15
N PHE A 93 -4.36 7.00 5.22
CA PHE A 93 -4.50 6.20 3.97
C PHE A 93 -4.90 4.76 4.29
N ILE A 94 -4.10 4.06 5.06
CA ILE A 94 -4.43 2.65 5.40
C ILE A 94 -5.85 2.56 5.97
N LYS A 95 -6.19 3.42 6.90
CA LYS A 95 -7.56 3.39 7.48
C LYS A 95 -8.59 3.78 6.42
N HIS A 96 -8.29 4.76 5.62
CA HIS A 96 -9.24 5.19 4.56
C HIS A 96 -9.48 4.04 3.57
N ASN A 97 -8.57 3.09 3.53
CA ASN A 97 -8.75 1.94 2.60
C ASN A 97 -9.55 0.83 3.29
N GLN A 98 -9.04 0.31 4.37
CA GLN A 98 -9.75 -0.76 5.10
C GLN A 98 -11.23 -0.42 5.29
N LEU A 99 -12.05 -1.42 5.46
CA LEU A 99 -13.50 -1.16 5.67
C LEU A 99 -14.06 -0.31 4.51
N PRO A 100 -14.57 -0.98 3.51
CA PRO A 100 -15.14 -0.26 2.33
C PRO A 100 -16.45 0.41 2.72
N LEU A 101 -16.39 1.49 3.47
CA LEU A 101 -17.63 2.19 3.87
C LEU A 101 -17.55 3.67 3.49
N VAL A 102 -17.55 3.97 2.22
CA VAL A 102 -17.46 5.40 1.78
C VAL A 102 -18.69 5.77 0.95
N ILE A 103 -19.80 6.00 1.58
CA ILE A 103 -21.03 6.38 0.82
C ILE A 103 -22.03 7.08 1.76
N GLU A 104 -22.44 8.27 1.40
CA GLU A 104 -23.41 9.01 2.27
C GLU A 104 -24.30 9.91 1.41
N PHE A 105 -23.71 10.80 0.67
CA PHE A 105 -24.51 11.71 -0.19
C PHE A 105 -23.99 11.69 -1.63
N THR A 106 -22.72 11.90 -1.81
CA THR A 106 -22.15 11.89 -3.19
C THR A 106 -21.61 10.48 -3.52
N GLU A 107 -21.60 10.14 -4.78
CA GLU A 107 -21.10 8.79 -5.17
C GLU A 107 -19.86 8.93 -6.06
N GLN A 108 -19.06 9.93 -5.83
CA GLN A 108 -17.84 10.12 -6.65
C GLN A 108 -18.19 10.14 -8.14
N THR A 109 -18.87 11.17 -8.58
CA THR A 109 -19.26 11.24 -10.02
C THR A 109 -18.00 11.25 -10.91
N ALA A 110 -16.90 11.72 -10.40
CA ALA A 110 -15.65 11.75 -11.20
C ALA A 110 -14.89 10.44 -11.05
N ALA A 1 7.26 -4.96 10.62
CA ALA A 1 7.98 -4.29 9.50
C ALA A 1 7.43 -4.77 8.15
N ALA A 2 7.75 -4.07 7.09
CA ALA A 2 7.24 -4.48 5.75
C ALA A 2 8.07 -5.63 5.19
N THR A 3 7.60 -6.27 4.15
CA THR A 3 8.37 -7.39 3.56
C THR A 3 9.20 -6.90 2.38
N THR A 4 10.09 -7.72 1.88
CA THR A 4 10.93 -7.30 0.72
C THR A 4 10.51 -8.05 -0.55
N LEU A 5 9.87 -7.38 -1.46
CA LEU A 5 9.45 -8.05 -2.71
C LEU A 5 10.59 -8.04 -3.74
N PRO A 6 10.90 -9.20 -4.29
CA PRO A 6 11.99 -9.29 -5.28
C PRO A 6 11.55 -8.65 -6.61
N ASP A 7 10.36 -8.93 -7.04
CA ASP A 7 9.87 -8.33 -8.33
C ASP A 7 8.36 -8.31 -8.40
N GLY A 8 7.85 -8.00 -9.55
CA GLY A 8 6.38 -7.95 -9.73
C GLY A 8 5.78 -9.32 -9.39
N ALA A 9 6.54 -10.36 -9.57
CA ALA A 9 6.01 -11.73 -9.25
C ALA A 9 5.48 -11.77 -7.82
N ALA A 10 6.07 -11.02 -6.94
CA ALA A 10 5.59 -11.02 -5.52
C ALA A 10 4.46 -9.99 -5.35
N ALA A 11 4.53 -8.89 -6.05
CA ALA A 11 3.47 -7.86 -5.93
C ALA A 11 2.11 -8.46 -6.31
N GLU A 12 2.11 -9.52 -7.07
CA GLU A 12 0.83 -10.16 -7.48
C GLU A 12 0.36 -11.12 -6.39
N SER A 13 1.16 -12.10 -6.06
CA SER A 13 0.75 -13.07 -5.00
C SER A 13 0.53 -12.36 -3.67
N LEU A 14 1.04 -11.17 -3.53
CA LEU A 14 0.85 -10.42 -2.25
C LEU A 14 -0.61 -9.97 -2.13
N VAL A 15 -1.13 -9.36 -3.16
CA VAL A 15 -2.55 -8.89 -3.11
C VAL A 15 -3.49 -10.09 -3.00
N GLU A 16 -3.10 -11.22 -3.52
CA GLU A 16 -3.99 -12.41 -3.45
C GLU A 16 -3.72 -13.22 -2.16
N SER A 17 -2.78 -12.79 -1.35
CA SER A 17 -2.49 -13.56 -0.10
C SER A 17 -3.43 -13.10 1.03
N SER A 18 -3.96 -11.91 0.93
CA SER A 18 -4.87 -11.42 2.00
C SER A 18 -5.92 -10.49 1.40
N GLU A 19 -7.01 -10.29 2.11
CA GLU A 19 -8.06 -9.37 1.59
C GLU A 19 -7.47 -7.97 1.38
N VAL A 20 -6.40 -7.66 2.06
CA VAL A 20 -5.78 -6.33 1.91
C VAL A 20 -4.26 -6.45 1.85
N ALA A 21 -3.60 -5.53 1.20
CA ALA A 21 -2.12 -5.58 1.12
C ALA A 21 -1.59 -4.31 0.44
N VAL A 22 -0.57 -3.71 0.98
CA VAL A 22 -0.02 -2.47 0.37
C VAL A 22 1.44 -2.68 -0.01
N ILE A 23 1.90 -2.00 -1.04
CA ILE A 23 3.33 -2.14 -1.45
C ILE A 23 3.93 -0.76 -1.74
N GLY A 24 4.92 -0.38 -0.99
CA GLY A 24 5.56 0.95 -1.24
C GLY A 24 6.58 0.83 -2.35
N PHE A 25 6.47 1.66 -3.36
CA PHE A 25 7.44 1.58 -4.49
C PHE A 25 8.49 2.68 -4.35
N PHE A 26 9.46 2.50 -3.51
CA PHE A 26 10.51 3.54 -3.34
C PHE A 26 11.81 3.13 -4.03
N LYS A 27 12.52 4.08 -4.55
CA LYS A 27 13.81 3.77 -5.23
C LYS A 27 14.95 3.78 -4.22
N ASP A 28 14.80 4.55 -3.17
CA ASP A 28 15.87 4.62 -2.14
C ASP A 28 15.24 4.42 -0.75
N VAL A 29 14.87 3.22 -0.43
CA VAL A 29 14.23 2.95 0.90
C VAL A 29 15.10 3.50 2.04
N GLU A 30 16.37 3.69 1.79
CA GLU A 30 17.26 4.21 2.86
C GLU A 30 17.17 5.74 2.96
N SER A 31 16.25 6.34 2.25
CA SER A 31 16.11 7.83 2.31
C SER A 31 15.27 8.25 3.50
N ASP A 32 14.76 9.46 3.49
CA ASP A 32 13.91 9.92 4.63
C ASP A 32 12.44 9.60 4.35
N SER A 33 12.08 9.41 3.12
CA SER A 33 10.67 9.10 2.78
C SER A 33 10.32 7.68 3.23
N ALA A 34 11.23 6.76 3.09
CA ALA A 34 10.94 5.36 3.52
C ALA A 34 10.94 5.27 5.04
N LYS A 35 11.67 6.14 5.69
CA LYS A 35 11.71 6.10 7.18
C LYS A 35 10.30 6.16 7.74
N GLN A 36 9.51 7.10 7.29
CA GLN A 36 8.12 7.20 7.79
C GLN A 36 7.32 5.96 7.39
N PHE A 37 7.54 5.48 6.20
CA PHE A 37 6.81 4.26 5.74
C PHE A 37 6.96 3.13 6.77
N LEU A 38 8.17 2.79 7.10
CA LEU A 38 8.40 1.70 8.10
C LEU A 38 7.65 2.01 9.39
N GLN A 39 7.91 3.14 9.98
CA GLN A 39 7.22 3.52 11.24
C GLN A 39 5.70 3.33 11.09
N ALA A 40 5.10 4.00 10.14
CA ALA A 40 3.63 3.84 9.94
C ALA A 40 3.29 2.37 9.71
N ALA A 41 4.13 1.66 9.02
CA ALA A 41 3.85 0.22 8.76
C ALA A 41 3.95 -0.58 10.06
N GLU A 42 4.79 -0.16 10.96
CA GLU A 42 4.92 -0.89 12.26
C GLU A 42 3.64 -0.71 13.08
N ALA A 43 2.98 0.42 12.95
CA ALA A 43 1.73 0.64 13.72
C ALA A 43 0.74 -0.49 13.45
N ILE A 44 0.75 -1.03 12.27
CA ILE A 44 -0.19 -2.14 11.93
C ILE A 44 0.55 -3.47 11.96
N ASP A 45 -0.07 -4.50 12.49
CA ASP A 45 0.59 -5.83 12.54
C ASP A 45 -0.29 -6.90 11.89
N ASP A 46 -1.29 -6.50 11.13
CA ASP A 46 -2.17 -7.50 10.48
C ASP A 46 -2.13 -7.34 8.96
N ILE A 47 -1.52 -6.30 8.46
CA ILE A 47 -1.45 -6.11 6.98
C ILE A 47 -0.06 -6.51 6.47
N PRO A 48 -0.03 -7.05 5.27
CA PRO A 48 1.25 -7.48 4.66
C PRO A 48 1.93 -6.31 3.95
N PHE A 49 2.46 -5.38 4.70
CA PHE A 49 3.14 -4.21 4.07
C PHE A 49 4.38 -4.68 3.30
N GLY A 50 4.47 -4.36 2.04
CA GLY A 50 5.65 -4.78 1.24
C GLY A 50 6.36 -3.55 0.66
N ILE A 51 7.64 -3.66 0.42
CA ILE A 51 8.39 -2.50 -0.14
C ILE A 51 9.56 -2.99 -1.00
N THR A 52 9.77 -2.38 -2.13
CA THR A 52 10.91 -2.82 -3.01
C THR A 52 11.38 -1.67 -3.89
N SER A 53 12.59 -1.76 -4.33
CA SER A 53 13.16 -0.71 -5.21
C SER A 53 13.45 -1.31 -6.59
N ASN A 54 13.22 -2.59 -6.76
CA ASN A 54 13.49 -3.22 -8.09
C ASN A 54 12.65 -2.54 -9.18
N SER A 55 13.30 -1.95 -10.15
CA SER A 55 12.55 -1.27 -11.24
C SER A 55 11.48 -2.20 -11.82
N ASP A 56 11.73 -3.48 -11.84
CA ASP A 56 10.72 -4.43 -12.38
C ASP A 56 9.37 -4.22 -11.68
N VAL A 57 9.40 -3.91 -10.42
CA VAL A 57 8.12 -3.68 -9.68
C VAL A 57 7.59 -2.29 -9.99
N PHE A 58 8.45 -1.38 -10.36
CA PHE A 58 7.99 0.01 -10.69
C PHE A 58 7.44 0.04 -12.11
N SER A 59 8.13 -0.55 -13.04
CA SER A 59 7.64 -0.54 -14.45
C SER A 59 6.38 -1.40 -14.57
N LYS A 60 6.18 -2.32 -13.65
CA LYS A 60 4.97 -3.18 -13.70
C LYS A 60 3.70 -2.31 -13.81
N TYR A 61 3.50 -1.43 -12.86
CA TYR A 61 2.30 -0.55 -12.91
C TYR A 61 2.60 0.73 -13.69
N GLN A 62 3.69 0.77 -14.41
CA GLN A 62 4.03 2.00 -15.18
C GLN A 62 3.99 3.23 -14.27
N LEU A 63 4.81 3.27 -13.26
CA LEU A 63 4.82 4.44 -12.34
C LEU A 63 5.92 5.41 -12.74
N ASP A 64 6.94 4.91 -13.35
CA ASP A 64 8.08 5.78 -13.78
C ASP A 64 8.61 6.60 -12.61
N LYS A 65 8.34 6.19 -11.39
CA LYS A 65 8.82 6.95 -10.21
C LYS A 65 8.41 6.23 -8.92
N ASP A 66 8.46 6.91 -7.80
CA ASP A 66 8.05 6.26 -6.53
C ASP A 66 6.55 6.47 -6.29
N GLY A 67 5.91 5.58 -5.57
CA GLY A 67 4.45 5.76 -5.33
C GLY A 67 4.00 4.84 -4.19
N VAL A 68 3.01 5.26 -3.44
CA VAL A 68 2.51 4.41 -2.33
C VAL A 68 1.05 4.02 -2.60
N VAL A 69 0.83 2.88 -3.18
CA VAL A 69 -0.57 2.46 -3.48
C VAL A 69 -0.96 1.24 -2.65
N LEU A 70 -2.23 1.04 -2.42
CA LEU A 70 -2.68 -0.13 -1.63
C LEU A 70 -3.36 -1.15 -2.56
N PHE A 71 -3.42 -2.39 -2.18
CA PHE A 71 -4.05 -3.41 -3.05
C PHE A 71 -5.07 -4.23 -2.28
N LYS A 72 -6.28 -4.28 -2.75
CA LYS A 72 -7.34 -5.08 -2.05
C LYS A 72 -8.11 -5.93 -3.06
N LYS A 73 -9.05 -6.70 -2.61
CA LYS A 73 -9.82 -7.57 -3.54
C LYS A 73 -11.13 -6.88 -3.95
N PHE A 74 -11.68 -6.07 -3.09
CA PHE A 74 -12.96 -5.38 -3.44
C PHE A 74 -12.69 -4.02 -4.10
N ASP A 75 -13.74 -3.27 -4.29
CA ASP A 75 -13.59 -1.92 -4.93
C ASP A 75 -12.75 -2.01 -6.19
N GLU A 76 -12.14 -0.92 -6.57
CA GLU A 76 -11.28 -0.91 -7.78
C GLU A 76 -10.09 -1.85 -7.60
N GLY A 77 -9.68 -2.08 -6.38
CA GLY A 77 -8.53 -2.99 -6.14
C GLY A 77 -7.27 -2.17 -5.88
N ARG A 78 -7.12 -1.05 -6.54
CA ARG A 78 -5.89 -0.22 -6.33
C ARG A 78 -6.28 1.20 -5.86
N ASN A 79 -5.29 1.97 -5.49
CA ASN A 79 -5.56 3.36 -5.02
C ASN A 79 -4.49 4.30 -5.58
N ASN A 80 -4.15 5.33 -4.85
CA ASN A 80 -3.12 6.28 -5.33
C ASN A 80 -2.80 7.33 -4.27
N PHE A 81 -1.94 7.01 -3.34
CA PHE A 81 -1.60 7.99 -2.26
C PHE A 81 -1.22 9.34 -2.87
N GLU A 82 -1.95 10.38 -2.53
CA GLU A 82 -1.65 11.72 -3.08
C GLU A 82 -1.27 12.68 -1.96
N GLY A 83 0.01 12.85 -1.71
CA GLY A 83 0.43 13.78 -0.62
C GLY A 83 1.82 13.38 -0.13
N GLU A 84 2.34 14.07 0.85
CA GLU A 84 3.68 13.72 1.38
C GLU A 84 3.62 12.42 2.17
N VAL A 85 4.37 11.42 1.75
CA VAL A 85 4.35 10.13 2.47
C VAL A 85 4.80 10.32 3.91
N THR A 86 3.90 10.23 4.85
CA THR A 86 4.28 10.41 6.27
C THR A 86 3.40 9.53 7.18
N LYS A 87 3.86 9.22 8.35
CA LYS A 87 3.05 8.36 9.27
C LYS A 87 1.63 8.94 9.43
N GLU A 88 1.52 10.20 9.69
CA GLU A 88 0.16 10.80 9.86
C GLU A 88 -0.64 10.71 8.55
N ASN A 89 0.03 10.63 7.43
CA ASN A 89 -0.69 10.54 6.14
C ASN A 89 -0.94 9.07 5.77
N LEU A 90 0.05 8.23 5.93
CA LEU A 90 -0.14 6.79 5.59
C LEU A 90 -1.28 6.20 6.42
N LEU A 91 -1.19 6.29 7.72
CA LEU A 91 -2.27 5.73 8.58
C LEU A 91 -3.64 6.30 8.16
N ASP A 92 -3.64 7.45 7.54
CA ASP A 92 -4.92 8.06 7.10
C ASP A 92 -5.39 7.42 5.79
N PHE A 93 -4.59 7.50 4.77
CA PHE A 93 -4.99 6.89 3.47
C PHE A 93 -5.34 5.42 3.67
N ILE A 94 -4.46 4.65 4.24
CA ILE A 94 -4.74 3.20 4.47
C ILE A 94 -6.11 3.03 5.13
N LYS A 95 -6.33 3.67 6.25
CA LYS A 95 -7.65 3.55 6.95
C LYS A 95 -8.79 3.77 5.96
N HIS A 96 -8.58 4.58 4.95
CA HIS A 96 -9.66 4.85 3.95
C HIS A 96 -9.62 3.79 2.83
N ASN A 97 -8.62 2.95 2.81
CA ASN A 97 -8.54 1.92 1.74
C ASN A 97 -9.28 0.65 2.18
N GLN A 98 -8.73 -0.06 3.13
CA GLN A 98 -9.41 -1.30 3.61
C GLN A 98 -10.81 -0.95 4.13
N LEU A 99 -11.68 -1.92 4.25
CA LEU A 99 -13.05 -1.64 4.75
C LEU A 99 -13.70 -0.52 3.93
N PRO A 100 -14.53 -0.91 2.98
CA PRO A 100 -15.22 0.09 2.14
C PRO A 100 -16.26 0.87 2.96
N LEU A 101 -16.02 2.14 3.18
CA LEU A 101 -16.99 2.95 3.99
C LEU A 101 -17.97 3.67 3.06
N VAL A 102 -19.23 3.34 3.14
CA VAL A 102 -20.24 4.01 2.27
C VAL A 102 -21.00 5.06 3.07
N ILE A 103 -20.31 6.04 3.59
CA ILE A 103 -20.99 7.10 4.39
C ILE A 103 -21.43 8.26 3.48
N GLU A 104 -21.48 8.04 2.20
CA GLU A 104 -21.90 9.14 1.27
C GLU A 104 -22.61 8.56 0.05
N PHE A 105 -23.19 7.40 0.19
CA PHE A 105 -23.90 6.76 -0.97
C PHE A 105 -22.93 6.55 -2.13
N THR A 106 -23.25 5.63 -3.01
CA THR A 106 -22.35 5.36 -4.16
C THR A 106 -23.17 5.20 -5.44
N GLU A 107 -23.14 6.18 -6.31
CA GLU A 107 -23.93 6.08 -7.58
C GLU A 107 -23.52 4.82 -8.36
N GLN A 108 -24.47 4.01 -8.72
CA GLN A 108 -24.14 2.77 -9.48
C GLN A 108 -25.26 2.45 -10.48
N THR A 109 -24.90 2.28 -11.72
CA THR A 109 -25.94 1.96 -12.75
C THR A 109 -25.38 1.00 -13.80
N ALA A 110 -26.22 0.20 -14.40
CA ALA A 110 -25.74 -0.75 -15.44
C ALA A 110 -25.80 -0.10 -16.83
#